data_9E0D
#
_entry.id   9E0D
#
_cell.length_a   100.286
_cell.length_b   101.515
_cell.length_c   125.584
_cell.angle_alpha   90.00
_cell.angle_beta   106.38
_cell.angle_gamma   90.00
#
_symmetry.space_group_name_H-M   'P 1 21 1'
#
loop_
_entity.id
_entity.type
_entity.pdbx_description
1 polymer 'Bifunctional protein PutA'
2 non-polymer 'FLAVIN-ADENINE DINUCLEOTIDE'
3 non-polymer 'TRIETHYLENE GLYCOL'
4 non-polymer 'FORMIC ACID'
5 non-polymer (2H-1,3-benzodioxol-5-yl)methanol
6 non-polymer NICOTINAMIDE-ADENINE-DINUCLEOTIDE
7 non-polymer 'SULFATE ION'
8 non-polymer 'MAGNESIUM ION'
9 non-polymer 'PENTAETHYLENE GLYCOL'
10 non-polymer DI(HYDROXYETHYL)ETHER
11 water water
#
_entity_poly.entity_id   1
_entity_poly.type   'polypeptide(L)'
_entity_poly.pdbx_seq_one_letter_code
;SMMSPNPLQKPAIDAAPAPFADFAPPVRPQSTLRRAITAAYRRPETECLPPLVEAATQSKEIRDAAASTARKLIEALRGK
HSGSGVEGLVQEYSLSSQEGVALMCLAEALLRIPDTATRDALIRDKIADGNWKSHLGGSRSLFVNAATWGLVVTGKLTST
VNDRSLAAALTRLISRCGEPVIRRGVDMAMRMMGEQFVTGETIREALKRSKELEEKGFSYSYDMLGEAATTAADAERYYR
DYESAIHAIGKASAGRGIYEGPGISIKLSALHPRYSRAQAARVMGELLPRVKALALLAKNYDIGLNIDAEEADRLELSLD
LLEVLCLDGDLSGWNGMGFVVQAYGKRCPFVLDFIIDLARRSGRRIMVRLVKGAYWDAEIKRAQLDGLADFPVFTRKIHT
DVSYIACAAKLLAATDVVFPQFATHNAQTLAAIYHMAGKDFHVGKYEFQCLHGMGEPLYEEVVGRGKLDRPCRIYAPVGT
HETLLAYLVRRLLENGANSSFVHRINDPKVSIDELIADPVEVVRAMPVVGAKHDRIALPAELFGDARTNSAGLDLSNEET
LASLTEALRESAAMKWTALPQLATGPAAGETRTVLNPGDHRDVVGSVTETSEEDARRAVRLAADAAPDWAAVPPSERAAC
LDRAAELMQARMPTLLGLIIREAGKSALNAIAEVREAIDFLRYYAEQTRRTLGPGHGPLGPIVCISPWNFPLAIFTGQIA
AALVAGNPVLAKPAEETPLIAAEGVRILREAGIPASALQLLPGDGRVGAALVAAAETAGVMFTGSTEVARLIQAQLADRL
SPAGRPIPLIAETGGQNAMIVDSSALAEQVVGDVITSAFDSAGQRCSALRVLCLQEDVADRILTMLKGALHELHIGRTDR
LSVDVGPVITSEAKDNIEKHIERMRGLGRKVEQIGLASETGVGTFVPPTIIELEKLSDLQREVFGPVLHVIRYRRDDLDR
LVDDVNATGYGLTFGLHTRLDETIAHVTSRIKAGNLYINRNIIGAVVGVQPFGGRGLSGTGPKAGGPLYLGRLVTTAPVP
PQHSSVHTDPVLLDFAKWLDGKGARAEAEAARNAGSSSALGLDLELPGPVGERNLYTLHARGRILLVPATESGLYHQLAA
ALATGNSVAIDAASGLQASLKNLPQTVGLRVSWSKDWAADGPFAGALVEGDAERIRAVNKAIAALPGPLLLVQAASSGEI
ARNPDAYCLNWLVEEVSASINTAAAGGNASLMAIG
;
_entity_poly.pdbx_strand_id   A,B
#
loop_
_chem_comp.id
_chem_comp.type
_chem_comp.name
_chem_comp.formula
1PE non-polymer 'PENTAETHYLENE GLYCOL' 'C10 H22 O6'
A1BDV non-polymer (2H-1,3-benzodioxol-5-yl)methanol 'C8 H8 O3'
FAD non-polymer 'FLAVIN-ADENINE DINUCLEOTIDE' 'C27 H33 N9 O15 P2'
FMT non-polymer 'FORMIC ACID' 'C H2 O2'
MG non-polymer 'MAGNESIUM ION' 'Mg 2'
NAD non-polymer NICOTINAMIDE-ADENINE-DINUCLEOTIDE 'C21 H27 N7 O14 P2'
PEG non-polymer DI(HYDROXYETHYL)ETHER 'C4 H10 O3'
PGE non-polymer 'TRIETHYLENE GLYCOL' 'C6 H14 O4'
SO4 non-polymer 'SULFATE ION' 'O4 S -2'
#
# COMPACT_ATOMS: atom_id res chain seq x y z
N ALA A 16 10.06 47.26 -36.39
CA ALA A 16 9.58 45.97 -35.92
C ALA A 16 10.72 44.95 -35.88
N PRO A 17 11.07 44.49 -34.69
CA PRO A 17 12.22 43.57 -34.58
C PRO A 17 11.91 42.24 -35.25
N ALA A 18 12.93 41.68 -35.90
CA ALA A 18 12.75 40.44 -36.63
C ALA A 18 12.42 39.32 -35.66
N PRO A 19 11.57 38.38 -36.05
CA PRO A 19 11.18 37.30 -35.12
C PRO A 19 12.37 36.45 -34.74
N PHE A 20 12.53 36.23 -33.43
CA PHE A 20 13.56 35.38 -32.85
C PHE A 20 14.97 35.91 -33.05
N ALA A 21 15.12 37.16 -33.49
CA ALA A 21 16.45 37.72 -33.67
C ALA A 21 17.21 37.87 -32.36
N ASP A 22 16.51 37.91 -31.25
CA ASP A 22 17.11 38.06 -29.94
C ASP A 22 16.59 36.99 -29.00
N PHE A 23 16.39 35.79 -29.54
CA PHE A 23 15.69 34.75 -28.78
C PHE A 23 16.44 34.41 -27.49
N ALA A 24 17.70 34.00 -27.61
CA ALA A 24 18.43 33.55 -26.43
C ALA A 24 19.93 33.65 -26.64
N PRO A 25 20.44 34.83 -26.96
CA PRO A 25 21.88 34.96 -27.20
C PRO A 25 22.64 34.63 -25.93
N PRO A 26 23.73 33.88 -26.03
CA PRO A 26 24.51 33.55 -24.84
C PRO A 26 25.15 34.79 -24.25
N VAL A 27 25.48 34.69 -22.96
CA VAL A 27 26.19 35.77 -22.28
C VAL A 27 27.47 36.13 -23.02
N ARG A 28 28.20 35.12 -23.46
CA ARG A 28 29.45 35.34 -24.19
C ARG A 28 29.59 34.24 -25.22
N PRO A 29 30.41 34.44 -26.25
CA PRO A 29 30.70 33.34 -27.18
C PRO A 29 31.29 32.17 -26.41
N GLN A 30 30.86 30.97 -26.79
CA GLN A 30 31.24 29.78 -26.03
C GLN A 30 32.63 29.32 -26.45
N SER A 31 33.58 29.36 -25.53
CA SER A 31 34.93 28.88 -25.81
C SER A 31 34.93 27.37 -26.00
N THR A 32 36.05 26.86 -26.52
CA THR A 32 36.23 25.42 -26.63
C THR A 32 35.98 24.73 -25.30
N LEU A 33 36.52 25.29 -24.22
CA LEU A 33 36.33 24.69 -22.91
C LEU A 33 34.87 24.76 -22.47
N ARG A 34 34.19 25.88 -22.74
CA ARG A 34 32.78 25.96 -22.37
C ARG A 34 31.95 24.99 -23.21
N ARG A 35 32.29 24.85 -24.49
CA ARG A 35 31.54 23.94 -25.34
C ARG A 35 31.72 22.49 -24.89
N ALA A 36 32.90 22.14 -24.37
CA ALA A 36 33.10 20.78 -23.88
C ALA A 36 32.24 20.51 -22.66
N ILE A 37 32.02 21.52 -21.83
CA ILE A 37 31.10 21.38 -20.71
C ILE A 37 29.70 21.07 -21.23
N THR A 38 29.19 21.92 -22.12
CA THR A 38 27.83 21.75 -22.61
C THR A 38 27.66 20.40 -23.28
N ALA A 39 28.68 19.95 -24.01
CA ALA A 39 28.57 18.67 -24.70
C ALA A 39 28.39 17.48 -23.75
N ALA A 40 28.83 17.61 -22.50
CA ALA A 40 28.74 16.51 -21.54
C ALA A 40 27.45 16.57 -20.73
N TYR A 41 26.62 17.58 -20.94
CA TYR A 41 25.49 17.86 -20.04
C TYR A 41 24.68 16.61 -19.73
N ARG A 42 24.28 15.87 -20.76
CA ARG A 42 23.46 14.68 -20.55
C ARG A 42 24.08 13.48 -21.25
N ARG A 43 25.40 13.43 -21.26
CA ARG A 43 26.12 12.36 -21.92
C ARG A 43 25.73 11.02 -21.31
N PRO A 44 25.56 9.98 -22.12
CA PRO A 44 25.21 8.67 -21.56
C PRO A 44 26.20 8.25 -20.48
N GLU A 45 25.66 7.64 -19.44
CA GLU A 45 26.47 7.27 -18.28
C GLU A 45 27.58 6.30 -18.65
N THR A 46 27.33 5.38 -19.60
CA THR A 46 28.36 4.45 -20.04
C THR A 46 29.51 5.15 -20.74
N GLU A 47 29.29 6.35 -21.27
CA GLU A 47 30.37 7.11 -21.90
C GLU A 47 31.13 7.96 -20.90
N CYS A 48 30.49 8.34 -19.79
CA CYS A 48 31.15 9.18 -18.80
C CYS A 48 32.15 8.40 -17.96
N LEU A 49 31.81 7.15 -17.62
CA LEU A 49 32.57 6.44 -16.58
C LEU A 49 33.99 6.03 -16.95
N PRO A 50 34.26 5.49 -18.14
CA PRO A 50 35.62 4.97 -18.43
C PRO A 50 36.72 5.99 -18.23
N PRO A 51 36.61 7.23 -18.74
CA PRO A 51 37.68 8.19 -18.47
C PRO A 51 37.82 8.52 -17.00
N LEU A 52 36.71 8.47 -16.24
CA LEU A 52 36.78 8.72 -14.80
C LEU A 52 37.47 7.57 -14.08
N VAL A 53 37.14 6.33 -14.47
CA VAL A 53 37.84 5.18 -13.92
C VAL A 53 39.34 5.29 -14.16
N GLU A 54 39.73 5.66 -15.38
CA GLU A 54 41.15 5.78 -15.67
C GLU A 54 41.80 6.88 -14.83
N ALA A 55 41.16 8.04 -14.74
CA ALA A 55 41.75 9.16 -14.01
C ALA A 55 41.83 8.86 -12.52
N ALA A 56 40.91 8.06 -12.00
CA ALA A 56 40.85 7.75 -10.59
C ALA A 56 41.69 6.53 -10.21
N THR A 57 42.32 5.89 -11.18
CA THR A 57 43.08 4.68 -10.88
C THR A 57 44.33 5.05 -10.07
N GLN A 58 44.61 4.25 -9.05
CA GLN A 58 45.82 4.44 -8.26
C GLN A 58 46.53 3.10 -8.13
N SER A 59 47.78 3.15 -7.68
CA SER A 59 48.59 1.96 -7.59
C SER A 59 48.02 1.03 -6.53
N LYS A 60 48.37 -0.26 -6.65
CA LYS A 60 47.98 -1.23 -5.64
C LYS A 60 48.49 -0.82 -4.27
N GLU A 61 49.72 -0.32 -4.19
CA GLU A 61 50.26 0.11 -2.90
C GLU A 61 49.41 1.23 -2.31
N ILE A 62 49.02 2.19 -3.13
CA ILE A 62 48.16 3.27 -2.64
C ILE A 62 46.80 2.72 -2.23
N ARG A 63 46.23 1.85 -3.06
CA ARG A 63 44.90 1.33 -2.75
C ARG A 63 44.88 0.57 -1.43
N ASP A 64 45.93 -0.20 -1.15
CA ASP A 64 46.02 -0.88 0.14
C ASP A 64 46.19 0.11 1.28
N ALA A 65 47.03 1.14 1.07
CA ALA A 65 47.22 2.15 2.10
C ALA A 65 45.94 2.93 2.35
N ALA A 66 45.21 3.26 1.28
CA ALA A 66 43.95 3.96 1.44
C ALA A 66 42.94 3.10 2.18
N ALA A 67 42.87 1.80 1.84
CA ALA A 67 41.95 0.92 2.54
C ALA A 67 42.30 0.82 4.02
N SER A 68 43.60 0.75 4.33
CA SER A 68 44.02 0.71 5.73
C SER A 68 43.63 1.99 6.45
N THR A 69 43.90 3.14 5.83
CA THR A 69 43.54 4.41 6.43
C THR A 69 42.03 4.52 6.63
N ALA A 70 41.25 4.14 5.62
CA ALA A 70 39.80 4.21 5.75
C ALA A 70 39.30 3.32 6.88
N ARG A 71 39.83 2.10 6.98
CA ARG A 71 39.43 1.20 8.05
C ARG A 71 39.76 1.79 9.41
N LYS A 72 40.95 2.38 9.53
CA LYS A 72 41.35 3.03 10.78
C LYS A 72 40.42 4.17 11.14
N LEU A 73 40.05 5.00 10.16
CA LEU A 73 39.09 6.08 10.40
C LEU A 73 37.73 5.51 10.81
N ILE A 74 37.27 4.48 10.13
CA ILE A 74 35.96 3.93 10.40
C ILE A 74 35.93 3.25 11.76
N GLU A 75 37.00 2.53 12.11
CA GLU A 75 37.07 1.92 13.43
C GLU A 75 37.03 2.98 14.52
N ALA A 76 37.75 4.10 14.32
CA ALA A 76 37.68 5.20 15.27
C ALA A 76 36.27 5.78 15.34
N LEU A 77 35.61 5.95 14.19
CA LEU A 77 34.24 6.48 14.19
C LEU A 77 33.30 5.56 14.97
N ARG A 78 33.32 4.27 14.63
CA ARG A 78 32.40 3.33 15.29
C ARG A 78 32.77 3.10 16.75
N GLY A 79 34.03 3.27 17.11
CA GLY A 79 34.46 3.10 18.47
C GLY A 79 34.10 4.23 19.41
N LYS A 80 33.49 5.30 18.90
CA LYS A 80 33.10 6.43 19.73
C LYS A 80 31.68 6.90 19.45
N HIS A 81 30.88 6.12 18.73
CA HIS A 81 29.54 6.52 18.31
C HIS A 81 28.65 6.97 19.47
N SER A 84 22.26 10.24 18.98
CA SER A 84 22.23 9.55 20.27
C SER A 84 21.41 10.33 21.28
N GLY A 85 21.39 11.67 21.15
CA GLY A 85 20.59 12.50 22.01
C GLY A 85 19.11 12.14 21.92
N VAL A 86 18.55 12.24 20.71
CA VAL A 86 17.16 11.85 20.50
C VAL A 86 16.97 10.38 20.82
N GLU A 87 17.94 9.53 20.44
CA GLU A 87 17.84 8.10 20.71
C GLU A 87 17.78 7.83 22.21
N GLY A 88 18.58 8.53 22.99
CA GLY A 88 18.55 8.33 24.43
C GLY A 88 17.28 8.82 25.07
N LEU A 89 16.70 9.90 24.53
CA LEU A 89 15.42 10.39 25.03
C LEU A 89 14.33 9.39 24.74
N VAL A 90 14.27 8.91 23.49
CA VAL A 90 13.30 7.89 23.11
C VAL A 90 13.42 6.67 24.01
N GLN A 91 14.66 6.25 24.29
CA GLN A 91 14.86 5.09 25.15
C GLN A 91 14.43 5.36 26.59
N GLU A 92 14.81 6.52 27.13
CA GLU A 92 14.54 6.80 28.54
C GLU A 92 13.05 6.82 28.83
N TYR A 93 12.26 7.40 27.93
CA TYR A 93 10.82 7.53 28.14
C TYR A 93 10.01 6.50 27.37
N SER A 94 10.66 5.50 26.78
CA SER A 94 10.00 4.44 26.03
C SER A 94 9.04 5.01 24.99
N LEU A 95 9.53 5.99 24.24
CA LEU A 95 8.72 6.66 23.26
C LEU A 95 8.60 5.83 22.00
N SER A 96 7.40 5.82 21.42
CA SER A 96 7.28 5.34 20.06
C SER A 96 7.91 6.37 19.12
N SER A 97 8.10 5.96 17.86
CA SER A 97 8.62 6.92 16.87
C SER A 97 7.70 8.12 16.75
N GLN A 98 6.40 7.90 16.65
CA GLN A 98 5.50 9.04 16.54
C GLN A 98 5.55 9.92 17.79
N GLU A 99 5.69 9.30 18.97
CA GLU A 99 5.84 10.11 20.18
C GLU A 99 7.11 10.94 20.13
N GLY A 100 8.21 10.34 19.68
CA GLY A 100 9.44 11.11 19.54
C GLY A 100 9.26 12.29 18.61
N VAL A 101 8.66 12.06 17.45
CA VAL A 101 8.44 13.15 16.50
C VAL A 101 7.54 14.20 17.11
N ALA A 102 6.42 13.78 17.71
CA ALA A 102 5.48 14.74 18.28
C ALA A 102 6.14 15.55 19.39
N LEU A 103 6.94 14.89 20.21
CA LEU A 103 7.66 15.60 21.27
C LEU A 103 8.58 16.66 20.70
N MET A 104 9.32 16.34 19.64
CA MET A 104 10.21 17.34 19.07
C MET A 104 9.43 18.49 18.44
N CYS A 105 8.27 18.21 17.86
CA CYS A 105 7.45 19.30 17.34
C CYS A 105 6.96 20.19 18.47
N LEU A 106 6.53 19.58 19.58
CA LEU A 106 6.14 20.37 20.73
C LEU A 106 7.30 21.20 21.22
N ALA A 107 8.48 20.59 21.33
CA ALA A 107 9.65 21.34 21.79
C ALA A 107 9.94 22.50 20.85
N GLU A 108 9.88 22.25 19.54
CA GLU A 108 10.07 23.32 18.56
C GLU A 108 9.09 24.47 18.81
N ALA A 109 7.82 24.14 19.04
CA ALA A 109 6.82 25.18 19.26
C ALA A 109 7.08 25.93 20.56
N LEU A 110 7.46 25.20 21.61
CA LEU A 110 7.75 25.83 22.88
C LEU A 110 8.95 26.76 22.77
N LEU A 111 9.89 26.45 21.89
CA LEU A 111 11.06 27.30 21.67
C LEU A 111 10.73 28.55 20.87
N ARG A 112 9.55 28.59 20.24
CA ARG A 112 9.10 29.84 19.62
C ARG A 112 8.63 30.85 20.65
N ILE A 113 8.38 30.42 21.88
CA ILE A 113 8.13 31.33 23.00
C ILE A 113 9.46 31.95 23.41
N PRO A 114 9.64 33.26 23.26
CA PRO A 114 10.97 33.84 23.45
C PRO A 114 11.47 33.85 24.89
N ASP A 115 10.61 34.15 25.86
CA ASP A 115 11.04 34.28 27.24
C ASP A 115 11.06 32.92 27.94
N THR A 116 12.20 32.59 28.53
CA THR A 116 12.38 31.27 29.15
C THR A 116 11.44 31.06 30.32
N ALA A 117 11.24 32.09 31.15
CA ALA A 117 10.33 31.94 32.29
C ALA A 117 8.89 31.72 31.82
N THR A 118 8.47 32.45 30.79
CA THR A 118 7.12 32.25 30.26
C THR A 118 6.96 30.84 29.70
N ARG A 119 7.98 30.36 29.00
CA ARG A 119 7.93 29.00 28.45
C ARG A 119 7.85 27.97 29.56
N ASP A 120 8.72 28.10 30.57
CA ASP A 120 8.74 27.12 31.66
C ASP A 120 7.42 27.14 32.43
N ALA A 121 6.83 28.32 32.59
CA ALA A 121 5.54 28.40 33.26
C ALA A 121 4.44 27.72 32.45
N LEU A 122 4.43 27.96 31.14
CA LEU A 122 3.46 27.28 30.29
C LEU A 122 3.64 25.78 30.35
N ILE A 123 4.89 25.31 30.37
CA ILE A 123 5.16 23.87 30.46
C ILE A 123 4.63 23.32 31.78
N ARG A 124 5.05 23.93 32.89
CA ARG A 124 4.72 23.39 34.20
C ARG A 124 3.23 23.49 34.50
N ASP A 125 2.60 24.60 34.15
CA ASP A 125 1.24 24.86 34.59
C ASP A 125 0.19 24.39 33.59
N LYS A 126 0.46 24.52 32.30
CA LYS A 126 -0.54 24.29 31.26
C LYS A 126 -0.25 23.06 30.40
N ILE A 127 0.94 22.98 29.80
CA ILE A 127 1.24 21.88 28.89
C ILE A 127 1.24 20.54 29.63
N ALA A 128 2.01 20.46 30.72
CA ALA A 128 2.21 19.17 31.38
C ALA A 128 0.92 18.66 32.00
N ASP A 129 0.07 19.56 32.50
CA ASP A 129 -1.13 19.19 33.23
C ASP A 129 -2.31 18.85 32.33
N GLY A 130 -2.11 18.77 31.02
CA GLY A 130 -3.19 18.31 30.16
C GLY A 130 -3.21 18.86 28.75
N ASN A 131 -4.24 19.63 28.45
CA ASN A 131 -4.52 20.07 27.09
C ASN A 131 -3.42 20.96 26.53
N TRP A 132 -2.46 20.35 25.83
CA TRP A 132 -1.48 21.15 25.09
C TRP A 132 -2.13 21.85 23.90
N LYS A 133 -3.22 21.29 23.38
CA LYS A 133 -3.87 21.87 22.21
C LYS A 133 -4.43 23.25 22.54
N SER A 134 -4.91 23.43 23.77
CA SER A 134 -5.53 24.71 24.15
C SER A 134 -4.54 25.86 24.09
N HIS A 135 -3.27 25.61 24.38
CA HIS A 135 -2.29 26.68 24.53
C HIS A 135 -1.34 26.82 23.35
N LEU A 136 -1.28 25.85 22.45
CA LEU A 136 -0.39 25.93 21.30
C LEU A 136 -1.04 25.41 20.03
N SER A 139 -3.52 28.45 15.28
CA SER A 139 -3.38 29.05 13.95
C SER A 139 -2.40 28.28 13.07
N ARG A 140 -1.45 27.61 13.72
CA ARG A 140 -0.42 26.83 13.04
C ARG A 140 -0.31 25.49 13.73
N SER A 141 -0.41 24.41 12.97
CA SER A 141 -0.25 23.09 13.55
C SER A 141 1.10 22.97 14.23
N LEU A 142 1.11 22.34 15.40
CA LEU A 142 2.38 22.02 16.04
C LEU A 142 3.29 21.20 15.14
N PHE A 143 2.72 20.52 14.14
CA PHE A 143 3.40 19.46 13.43
C PHE A 143 3.82 19.88 12.03
N VAL A 144 3.87 21.19 11.76
CA VAL A 144 4.19 21.65 10.41
CA VAL A 144 4.21 21.69 10.42
C VAL A 144 5.54 21.11 9.94
N ASN A 145 6.52 21.01 10.84
CA ASN A 145 7.84 20.51 10.46
C ASN A 145 8.04 19.06 10.87
N ALA A 146 6.96 18.31 11.08
CA ALA A 146 7.12 16.95 11.56
C ALA A 146 7.84 16.05 10.57
N ALA A 147 7.79 16.36 9.26
CA ALA A 147 8.56 15.55 8.32
C ALA A 147 10.05 15.65 8.62
N THR A 148 10.51 16.84 8.99
CA THR A 148 11.91 17.02 9.35
C THR A 148 12.22 16.27 10.64
N TRP A 149 11.40 16.48 11.67
CA TRP A 149 11.65 15.75 12.90
C TRP A 149 11.53 14.25 12.70
N GLY A 150 10.64 13.81 11.80
CA GLY A 150 10.57 12.40 11.47
C GLY A 150 11.88 11.88 10.92
N LEU A 151 12.53 12.67 10.07
CA LEU A 151 13.84 12.28 9.57
C LEU A 151 14.85 12.20 10.72
N VAL A 152 14.80 13.16 11.64
CA VAL A 152 15.69 13.15 12.80
C VAL A 152 15.47 11.92 13.67
N VAL A 153 14.20 11.59 13.93
CA VAL A 153 13.90 10.53 14.88
C VAL A 153 14.04 9.16 14.25
N THR A 154 13.53 8.99 13.03
CA THR A 154 13.42 7.67 12.43
C THR A 154 14.41 7.43 11.31
N GLY A 155 15.07 8.47 10.79
CA GLY A 155 15.88 8.33 9.61
C GLY A 155 15.11 8.19 8.32
N LYS A 156 13.78 8.23 8.38
CA LYS A 156 12.92 8.05 7.23
C LYS A 156 12.20 9.36 6.93
N LEU A 157 12.04 9.65 5.64
CA LEU A 157 11.37 10.86 5.20
C LEU A 157 9.96 10.51 4.77
N THR A 158 8.99 11.25 5.29
CA THR A 158 7.62 11.23 4.81
C THR A 158 7.31 12.58 4.21
N SER A 159 6.58 12.60 3.10
CA SER A 159 6.32 13.86 2.42
C SER A 159 5.29 14.71 3.16
N THR A 160 4.28 14.08 3.73
CA THR A 160 3.26 14.78 4.49
C THR A 160 3.22 14.19 5.90
N VAL A 161 2.48 14.87 6.76
CA VAL A 161 2.53 14.65 8.20
C VAL A 161 1.20 14.07 8.61
N ASN A 162 1.22 12.93 9.31
CA ASN A 162 -0.02 12.42 9.89
C ASN A 162 -0.22 13.16 11.21
N ASP A 163 -0.87 14.32 11.09
CA ASP A 163 -1.00 15.20 12.25
C ASP A 163 -1.94 14.63 13.30
N ARG A 164 -2.90 13.79 12.89
CA ARG A 164 -3.77 13.19 13.89
CA ARG A 164 -3.77 13.18 13.88
C ARG A 164 -3.03 12.11 14.68
N SER A 165 -2.15 11.37 14.01
CA SER A 165 -1.32 10.41 14.73
C SER A 165 -0.38 11.12 15.70
N LEU A 166 0.23 12.22 15.24
CA LEU A 166 1.12 12.97 16.11
C LEU A 166 0.39 13.59 17.27
N ALA A 167 -0.82 14.11 17.03
CA ALA A 167 -1.57 14.69 18.14
C ALA A 167 -1.92 13.63 19.17
N ALA A 168 -2.36 12.45 18.71
CA ALA A 168 -2.63 11.36 19.63
C ALA A 168 -1.37 10.99 20.41
N ALA A 169 -0.23 10.94 19.72
CA ALA A 169 1.00 10.53 20.36
C ALA A 169 1.46 11.56 21.38
N LEU A 170 1.28 12.84 21.06
CA LEU A 170 1.66 13.89 21.99
C LEU A 170 0.80 13.84 23.25
N THR A 171 -0.51 13.71 23.08
CA THR A 171 -1.39 13.57 24.23
C THR A 171 -0.97 12.37 25.06
N ARG A 172 -0.71 11.24 24.40
CA ARG A 172 -0.36 10.02 25.11
C ARG A 172 0.93 10.19 25.90
N LEU A 173 1.95 10.78 25.29
CA LEU A 173 3.24 10.84 25.98
C LEU A 173 3.21 11.85 27.12
N ILE A 174 2.49 12.95 26.94
CA ILE A 174 2.37 13.93 28.02
C ILE A 174 1.57 13.34 29.17
N SER A 175 0.46 12.66 28.85
CA SER A 175 -0.34 12.09 29.92
C SER A 175 0.39 10.96 30.64
N ARG A 176 1.33 10.32 29.96
CA ARG A 176 2.06 9.22 30.59
C ARG A 176 3.27 9.72 31.37
N CYS A 177 4.03 10.66 30.81
CA CYS A 177 5.31 11.06 31.36
C CYS A 177 5.38 12.50 31.87
N GLY A 178 4.46 13.37 31.46
CA GLY A 178 4.36 14.66 32.12
C GLY A 178 5.49 15.62 31.83
N GLU A 179 5.63 16.58 32.73
CA GLU A 179 6.64 17.63 32.58
C GLU A 179 8.06 17.11 32.32
N PRO A 180 8.54 16.07 33.00
CA PRO A 180 9.93 15.64 32.74
C PRO A 180 10.22 15.36 31.28
N VAL A 181 9.32 14.70 30.55
CA VAL A 181 9.60 14.41 29.15
C VAL A 181 9.55 15.67 28.31
N ILE A 182 8.69 16.62 28.66
CA ILE A 182 8.60 17.88 27.92
C ILE A 182 9.90 18.67 28.12
N ARG A 183 10.35 18.74 29.36
CA ARG A 183 11.60 19.42 29.67
CA ARG A 183 11.60 19.41 29.69
C ARG A 183 12.75 18.83 28.87
N ARG A 184 12.85 17.50 28.84
CA ARG A 184 13.93 16.86 28.12
C ARG A 184 13.82 17.12 26.62
N GLY A 185 12.59 17.08 26.09
CA GLY A 185 12.40 17.39 24.68
C GLY A 185 12.81 18.81 24.34
N VAL A 186 12.37 19.77 25.16
CA VAL A 186 12.74 21.18 24.95
C VAL A 186 14.25 21.35 24.96
N ASP A 187 14.92 20.76 25.94
CA ASP A 187 16.37 20.93 26.04
C ASP A 187 17.07 20.28 24.85
N MET A 188 16.58 19.12 24.41
CA MET A 188 17.14 18.46 23.25
C MET A 188 16.95 19.30 21.99
N ALA A 189 15.72 19.78 21.76
CA ALA A 189 15.47 20.59 20.57
C ALA A 189 16.28 21.87 20.60
N MET A 190 16.41 22.48 21.77
CA MET A 190 17.19 23.71 21.87
C MET A 190 18.64 23.47 21.50
N ARG A 191 19.20 22.35 21.97
CA ARG A 191 20.58 22.02 21.60
C ARG A 191 20.69 21.71 20.13
N MET A 192 19.78 20.92 19.58
CA MET A 192 19.89 20.56 18.19
C MET A 192 19.72 21.77 17.29
N MET A 193 18.70 22.59 17.55
CA MET A 193 18.41 23.70 16.66
C MET A 193 19.37 24.87 16.84
N GLY A 194 20.00 24.99 18.00
CA GLY A 194 20.87 26.12 18.24
C GLY A 194 22.35 25.81 18.13
N GLU A 195 22.72 24.52 18.19
CA GLU A 195 24.11 24.11 18.25
C GLU A 195 24.51 23.01 17.29
N GLN A 196 23.58 22.20 16.80
CA GLN A 196 23.94 21.10 15.90
C GLN A 196 23.56 21.39 14.46
N PHE A 197 22.31 21.76 14.21
CA PHE A 197 21.90 22.08 12.85
C PHE A 197 22.51 23.38 12.37
N VAL A 198 22.89 24.25 13.31
CA VAL A 198 23.59 25.48 12.99
C VAL A 198 24.74 25.60 13.98
N THR A 199 25.79 26.27 13.54
CA THR A 199 26.87 26.58 14.47
C THR A 199 26.42 27.65 15.45
N GLY A 200 25.56 28.55 15.01
CA GLY A 200 25.01 29.56 15.90
C GLY A 200 23.82 30.21 15.27
N GLU A 201 23.03 30.89 16.11
CA GLU A 201 21.85 31.57 15.60
C GLU A 201 22.22 32.80 14.80
N THR A 202 23.32 33.46 15.18
CA THR A 202 23.81 34.66 14.51
C THR A 202 25.27 34.44 14.20
N ILE A 203 25.78 35.27 13.29
CA ILE A 203 27.18 35.12 12.91
C ILE A 203 28.10 35.34 14.10
N ARG A 204 27.74 36.28 15.00
CA ARG A 204 28.56 36.53 16.17
C ARG A 204 28.62 35.31 17.07
N GLU A 205 27.46 34.69 17.32
CA GLU A 205 27.45 33.47 18.11
C GLU A 205 28.25 32.36 17.43
N ALA A 206 28.06 32.19 16.12
CA ALA A 206 28.82 31.17 15.40
C ALA A 206 30.32 31.41 15.50
N LEU A 207 30.74 32.67 15.37
CA LEU A 207 32.16 32.97 15.44
C LEU A 207 32.72 32.67 16.83
N LYS A 208 31.97 33.02 17.88
CA LYS A 208 32.43 32.69 19.23
C LYS A 208 32.61 31.19 19.40
N ARG A 209 31.68 30.41 18.88
CA ARG A 209 31.74 28.96 19.01
C ARG A 209 32.77 28.30 18.10
N SER A 210 33.35 29.05 17.16
CA SER A 210 34.30 28.45 16.23
C SER A 210 35.70 28.39 16.80
N LYS A 211 35.98 29.13 17.87
CA LYS A 211 37.35 29.23 18.37
C LYS A 211 37.88 27.88 18.81
N GLU A 212 37.01 27.05 19.40
CA GLU A 212 37.45 25.76 19.94
C GLU A 212 38.09 24.89 18.87
N LEU A 213 37.39 24.69 17.75
CA LEU A 213 37.93 23.83 16.71
C LEU A 213 38.98 24.55 15.86
N GLU A 214 38.91 25.88 15.76
CA GLU A 214 40.00 26.58 15.08
C GLU A 214 41.32 26.36 15.80
N GLU A 215 41.29 26.33 17.13
CA GLU A 215 42.50 26.11 17.90
C GLU A 215 43.07 24.71 17.68
N LYS A 216 42.25 23.77 17.23
CA LYS A 216 42.69 22.42 16.92
C LYS A 216 43.15 22.26 15.48
N GLY A 217 42.96 23.26 14.63
CA GLY A 217 43.40 23.21 13.25
C GLY A 217 42.29 23.22 12.22
N PHE A 218 41.03 23.28 12.63
CA PHE A 218 39.96 23.43 11.67
C PHE A 218 39.84 24.89 11.25
N SER A 219 39.17 25.09 10.13
CA SER A 219 38.73 26.43 9.71
C SER A 219 37.24 26.35 9.45
N TYR A 220 36.66 27.48 9.06
CA TYR A 220 35.22 27.60 8.90
C TYR A 220 34.86 28.31 7.60
N SER A 221 33.71 27.94 7.05
CA SER A 221 33.06 28.70 6.00
C SER A 221 31.60 28.86 6.43
N TYR A 222 31.15 30.09 6.61
CA TYR A 222 29.83 30.30 7.18
C TYR A 222 28.78 30.45 6.10
N ASP A 223 27.63 29.83 6.36
CA ASP A 223 26.48 29.84 5.46
C ASP A 223 25.33 30.52 6.18
N MET A 224 24.97 31.71 5.73
CA MET A 224 23.86 32.48 6.31
C MET A 224 22.49 31.97 5.86
N LEU A 225 22.47 30.86 5.13
CA LEU A 225 21.27 30.08 4.82
C LEU A 225 20.36 30.76 3.80
N GLY A 226 20.80 31.85 3.18
CA GLY A 226 20.02 32.43 2.09
C GLY A 226 20.02 31.53 0.87
N GLU A 227 18.87 31.46 0.22
CA GLU A 227 18.72 30.59 -0.94
C GLU A 227 17.36 30.88 -1.56
N ALA A 228 17.30 30.79 -2.88
CA ALA A 228 16.03 30.82 -3.62
C ALA A 228 15.18 32.04 -3.26
N ALA A 229 15.77 33.22 -3.44
CA ALA A 229 15.02 34.46 -3.31
C ALA A 229 13.79 34.43 -4.23
N THR A 230 12.65 34.81 -3.68
CA THR A 230 11.41 34.89 -4.44
C THR A 230 11.10 36.30 -4.89
N THR A 231 11.61 37.30 -4.18
CA THR A 231 11.29 38.69 -4.47
C THR A 231 12.57 39.49 -4.41
N ALA A 232 12.51 40.69 -4.97
CA ALA A 232 13.62 41.62 -4.82
C ALA A 232 13.93 41.87 -3.35
N ALA A 233 12.89 42.01 -2.52
CA ALA A 233 13.13 42.26 -1.10
C ALA A 233 13.86 41.10 -0.44
N ASP A 234 13.50 39.86 -0.80
CA ASP A 234 14.23 38.70 -0.29
C ASP A 234 15.68 38.78 -0.68
N ALA A 235 15.95 39.06 -1.96
CA ALA A 235 17.31 39.11 -2.44
C ALA A 235 18.10 40.19 -1.73
N GLU A 236 17.46 41.33 -1.46
CA GLU A 236 18.14 42.39 -0.72
C GLU A 236 18.41 41.96 0.71
N ARG A 237 17.47 41.25 1.34
CA ARG A 237 17.70 40.77 2.71
C ARG A 237 18.87 39.79 2.74
N TYR A 238 18.90 38.86 1.79
CA TYR A 238 20.01 37.91 1.79
C TYR A 238 21.31 38.62 1.50
N TYR A 239 21.29 39.63 0.63
CA TYR A 239 22.50 40.40 0.38
C TYR A 239 23.01 41.04 1.65
N ARG A 240 22.13 41.74 2.37
CA ARG A 240 22.61 42.43 3.56
C ARG A 240 23.03 41.45 4.64
N ASP A 241 22.43 40.26 4.68
CA ASP A 241 22.89 39.22 5.58
C ASP A 241 24.31 38.79 5.23
N TYR A 242 24.59 38.59 3.94
CA TYR A 242 25.93 38.20 3.54
C TYR A 242 26.92 39.32 3.83
N GLU A 243 26.54 40.56 3.54
CA GLU A 243 27.44 41.67 3.74
C GLU A 243 27.76 41.82 5.22
N SER A 244 26.74 41.74 6.08
CA SER A 244 26.98 41.84 7.51
C SER A 244 27.81 40.68 8.01
N ALA A 245 27.59 39.47 7.47
CA ALA A 245 28.41 38.33 7.87
C ALA A 245 29.86 38.50 7.44
N ILE A 246 30.09 39.00 6.22
CA ILE A 246 31.46 39.22 5.77
C ILE A 246 32.20 40.15 6.73
N HIS A 247 31.53 41.22 7.17
CA HIS A 247 32.18 42.11 8.12
C HIS A 247 32.54 41.38 9.40
N ALA A 248 31.61 40.60 9.94
CA ALA A 248 31.88 39.92 11.20
C ALA A 248 32.97 38.88 11.02
N ILE A 249 32.92 38.12 9.92
CA ILE A 249 33.93 37.11 9.66
C ILE A 249 35.28 37.76 9.39
N GLY A 250 35.29 38.84 8.62
CA GLY A 250 36.54 39.52 8.33
C GLY A 250 37.15 40.14 9.57
N LYS A 251 36.32 40.73 10.43
CA LYS A 251 36.84 41.28 11.69
C LYS A 251 37.46 40.18 12.53
N ALA A 252 36.82 39.01 12.57
CA ALA A 252 37.32 37.90 13.36
C ALA A 252 38.51 37.24 12.72
N SER A 253 38.52 37.16 11.38
CA SER A 253 39.68 36.59 10.70
C SER A 253 40.94 37.31 11.11
N ALA A 254 40.87 38.64 11.18
CA ALA A 254 41.94 39.48 11.70
C ALA A 254 43.26 39.18 11.01
N GLY A 255 43.21 39.10 9.68
CA GLY A 255 44.43 38.93 8.92
C GLY A 255 44.95 37.51 8.81
N ARG A 256 44.19 36.51 9.26
CA ARG A 256 44.65 35.13 9.10
C ARG A 256 44.69 34.68 7.66
N GLY A 257 44.00 35.37 6.76
CA GLY A 257 44.03 35.03 5.36
C GLY A 257 43.04 33.94 4.99
N ILE A 258 43.10 33.55 3.71
CA ILE A 258 42.01 32.76 3.16
C ILE A 258 42.13 31.28 3.48
N TYR A 259 43.30 30.79 3.87
CA TYR A 259 43.45 29.37 4.13
C TYR A 259 43.31 29.05 5.61
N GLU A 260 44.02 29.76 6.47
CA GLU A 260 43.87 29.53 7.91
C GLU A 260 42.59 30.16 8.45
N GLY A 261 42.17 31.28 7.89
CA GLY A 261 41.07 32.02 8.45
C GLY A 261 39.74 31.64 7.84
N PRO A 262 38.68 32.11 8.49
CA PRO A 262 37.33 31.73 8.07
C PRO A 262 36.93 32.44 6.79
N GLY A 263 35.92 31.87 6.13
CA GLY A 263 35.36 32.48 4.95
C GLY A 263 33.84 32.40 4.98
N ILE A 264 33.22 32.74 3.87
CA ILE A 264 31.77 32.72 3.75
C ILE A 264 31.43 31.93 2.50
N SER A 265 30.25 31.34 2.50
CA SER A 265 29.69 30.69 1.32
C SER A 265 28.37 31.37 0.99
N ILE A 266 28.13 31.59 -0.29
CA ILE A 266 26.92 32.24 -0.76
C ILE A 266 26.26 31.35 -1.80
N LYS A 267 24.96 31.57 -2.00
CA LYS A 267 24.23 30.94 -3.09
C LYS A 267 23.74 32.03 -4.01
N LEU A 268 24.07 31.90 -5.29
CA LEU A 268 23.63 32.91 -6.25
C LEU A 268 22.11 33.04 -6.26
N SER A 269 21.39 31.95 -6.02
CA SER A 269 19.93 32.04 -6.03
C SER A 269 19.40 32.90 -4.90
N ALA A 270 20.20 33.13 -3.86
CA ALA A 270 19.77 34.03 -2.80
C ALA A 270 19.83 35.49 -3.22
N LEU A 271 20.60 35.81 -4.25
CA LEU A 271 20.92 37.19 -4.57
C LEU A 271 20.11 37.76 -5.71
N HIS A 272 19.24 36.96 -6.31
CA HIS A 272 18.38 37.53 -7.32
C HIS A 272 17.17 36.63 -7.42
N PRO A 273 15.96 37.17 -7.53
CA PRO A 273 14.78 36.32 -7.63
C PRO A 273 14.60 35.65 -8.97
N ARG A 274 15.37 36.01 -9.99
CA ARG A 274 15.25 35.41 -11.31
C ARG A 274 16.60 34.89 -11.78
N TYR A 275 17.21 34.06 -10.96
CA TYR A 275 18.52 33.50 -11.28
C TYR A 275 18.27 32.26 -12.13
N SER A 276 18.31 32.46 -13.44
CA SER A 276 18.08 31.38 -14.38
C SER A 276 18.68 31.77 -15.71
N ARG A 277 18.96 30.76 -16.52
CA ARG A 277 19.47 31.00 -17.87
C ARG A 277 18.49 31.84 -18.69
N ALA A 278 17.19 31.63 -18.49
CA ALA A 278 16.22 32.41 -19.26
C ALA A 278 16.33 33.89 -18.97
N GLN A 279 16.80 34.25 -17.78
CA GLN A 279 16.96 35.63 -17.37
C GLN A 279 18.43 36.02 -17.29
N ALA A 280 19.26 35.42 -18.15
CA ALA A 280 20.70 35.62 -18.08
C ALA A 280 21.07 37.10 -18.12
N ALA A 281 20.39 37.89 -18.95
CA ALA A 281 20.75 39.30 -19.03
C ALA A 281 20.51 40.00 -17.70
N ARG A 282 19.40 39.72 -17.04
CA ARG A 282 19.18 40.29 -15.72
C ARG A 282 20.20 39.77 -14.72
N VAL A 283 20.57 38.49 -14.83
CA VAL A 283 21.56 37.93 -13.94
C VAL A 283 22.88 38.67 -14.07
N MET A 284 23.35 38.87 -15.30
CA MET A 284 24.64 39.55 -15.48
C MET A 284 24.53 41.02 -15.13
N GLY A 285 23.37 41.64 -15.34
CA GLY A 285 23.24 43.06 -15.08
C GLY A 285 22.97 43.39 -13.64
N GLU A 286 22.30 42.50 -12.92
CA GLU A 286 21.79 42.80 -11.59
C GLU A 286 22.37 41.91 -10.51
N LEU A 287 22.54 40.62 -10.78
CA LEU A 287 23.12 39.73 -9.77
CA LEU A 287 23.11 39.73 -9.78
C LEU A 287 24.63 39.90 -9.70
N LEU A 288 25.29 39.89 -10.85
CA LEU A 288 26.75 40.02 -10.88
C LEU A 288 27.27 41.19 -10.05
N PRO A 289 26.75 42.42 -10.19
CA PRO A 289 27.29 43.51 -9.36
C PRO A 289 27.15 43.28 -7.88
N ARG A 290 26.10 42.56 -7.47
CA ARG A 290 25.95 42.23 -6.06
C ARG A 290 27.02 41.27 -5.60
N VAL A 291 27.30 40.22 -6.38
CA VAL A 291 28.39 39.33 -6.02
C VAL A 291 29.70 40.09 -6.00
N LYS A 292 29.92 40.96 -6.97
CA LYS A 292 31.15 41.72 -7.00
C LYS A 292 31.29 42.57 -5.74
N ALA A 293 30.22 43.23 -5.31
CA ALA A 293 30.30 44.04 -4.11
C ALA A 293 30.66 43.19 -2.89
N LEU A 294 30.06 42.01 -2.77
CA LEU A 294 30.43 41.14 -1.66
C LEU A 294 31.86 40.67 -1.79
N ALA A 295 32.27 40.33 -3.01
CA ALA A 295 33.65 39.87 -3.22
C ALA A 295 34.65 40.97 -2.89
N LEU A 296 34.32 42.22 -3.21
CA LEU A 296 35.23 43.32 -2.88
C LEU A 296 35.41 43.43 -1.37
N LEU A 297 34.35 43.21 -0.61
CA LEU A 297 34.48 43.24 0.84
C LEU A 297 35.29 42.07 1.35
N ALA A 298 35.05 40.87 0.79
CA ALA A 298 35.86 39.72 1.17
C ALA A 298 37.33 39.95 0.84
N LYS A 299 37.60 40.58 -0.32
CA LYS A 299 38.97 40.94 -0.66
CA LYS A 299 38.97 40.94 -0.66
C LYS A 299 39.57 41.86 0.38
N ASN A 300 38.82 42.86 0.83
CA ASN A 300 39.41 43.80 1.78
C ASN A 300 39.79 43.12 3.08
N TYR A 301 38.97 42.20 3.56
CA TYR A 301 39.30 41.46 4.77
C TYR A 301 40.19 40.26 4.51
N ASP A 302 40.41 39.92 3.24
CA ASP A 302 41.17 38.75 2.83
C ASP A 302 40.60 37.47 3.42
N ILE A 303 39.32 37.24 3.14
CA ILE A 303 38.64 36.01 3.51
C ILE A 303 38.16 35.30 2.25
N GLY A 304 37.87 34.01 2.41
CA GLY A 304 37.31 33.26 1.30
C GLY A 304 35.85 33.63 1.08
N LEU A 305 35.44 33.64 -0.18
CA LEU A 305 34.03 33.78 -0.55
C LEU A 305 33.74 32.70 -1.57
N ASN A 306 32.93 31.73 -1.19
CA ASN A 306 32.67 30.55 -2.00
C ASN A 306 31.28 30.66 -2.60
N ILE A 307 31.17 30.36 -3.88
CA ILE A 307 29.87 30.24 -4.55
C ILE A 307 29.43 28.79 -4.49
N ASP A 308 28.39 28.51 -3.70
CA ASP A 308 27.84 27.16 -3.61
C ASP A 308 27.22 26.77 -4.93
N ALA A 309 27.23 25.47 -5.23
CA ALA A 309 26.61 24.96 -6.43
C ALA A 309 25.18 24.53 -6.17
N GLU A 310 24.31 24.83 -7.14
CA GLU A 310 22.89 24.57 -6.96
C GLU A 310 22.38 23.61 -8.02
N GLU A 311 21.24 23.88 -8.61
CA GLU A 311 20.68 22.93 -9.55
C GLU A 311 21.50 22.86 -10.82
N ALA A 312 21.36 21.74 -11.53
CA ALA A 312 22.18 21.53 -12.71
C ALA A 312 21.95 22.59 -13.79
N ASP A 313 20.73 23.13 -13.87
CA ASP A 313 20.47 24.14 -14.91
C ASP A 313 21.02 25.51 -14.56
N ARG A 314 21.68 25.64 -13.41
CA ARG A 314 22.35 26.88 -13.06
C ARG A 314 23.86 26.77 -13.14
N LEU A 315 24.40 25.57 -13.38
CA LEU A 315 25.85 25.40 -13.38
C LEU A 315 26.50 26.32 -14.40
N GLU A 316 26.11 26.19 -15.66
CA GLU A 316 26.85 26.92 -16.69
C GLU A 316 26.65 28.42 -16.58
N LEU A 317 25.44 28.85 -16.19
CA LEU A 317 25.21 30.26 -15.94
C LEU A 317 26.15 30.79 -14.87
N SER A 318 26.35 30.02 -13.80
CA SER A 318 27.23 30.46 -12.73
C SER A 318 28.65 30.64 -13.23
N LEU A 319 29.06 29.84 -14.23
CA LEU A 319 30.39 30.01 -14.80
C LEU A 319 30.55 31.37 -15.47
N ASP A 320 29.49 31.92 -16.03
CA ASP A 320 29.61 33.25 -16.61
C ASP A 320 29.89 34.29 -15.54
N LEU A 321 29.33 34.11 -14.35
CA LEU A 321 29.62 35.04 -13.27
C LEU A 321 31.03 34.82 -12.76
N LEU A 322 31.43 33.55 -12.60
CA LEU A 322 32.80 33.28 -12.15
C LEU A 322 33.81 33.88 -13.09
N GLU A 323 33.57 33.77 -14.40
CA GLU A 323 34.49 34.30 -15.39
C GLU A 323 34.64 35.80 -15.24
N VAL A 324 33.52 36.53 -15.19
CA VAL A 324 33.59 37.98 -15.09
C VAL A 324 34.29 38.40 -13.80
N LEU A 325 33.95 37.74 -12.69
CA LEU A 325 34.56 38.12 -11.42
C LEU A 325 36.05 37.88 -11.43
N CYS A 326 36.47 36.74 -11.97
CA CYS A 326 37.90 36.42 -11.96
C CYS A 326 38.70 37.30 -12.90
N LEU A 327 38.05 37.87 -13.91
CA LEU A 327 38.72 38.77 -14.84
C LEU A 327 38.57 40.23 -14.44
N ASP A 328 37.85 40.51 -13.37
CA ASP A 328 37.59 41.90 -12.97
C ASP A 328 38.78 42.40 -12.16
N GLY A 329 39.49 43.38 -12.70
CA GLY A 329 40.68 43.87 -12.06
C GLY A 329 40.44 44.47 -10.68
N ASP A 330 39.21 44.90 -10.39
CA ASP A 330 38.94 45.46 -9.07
C ASP A 330 39.09 44.42 -7.98
N LEU A 331 39.04 43.14 -8.33
CA LEU A 331 39.18 42.05 -7.37
C LEU A 331 40.57 41.47 -7.36
N SER A 332 41.50 42.05 -8.12
CA SER A 332 42.83 41.47 -8.22
C SER A 332 43.57 41.59 -6.90
N GLY A 333 44.49 40.66 -6.68
CA GLY A 333 45.23 40.62 -5.44
C GLY A 333 44.63 39.72 -4.39
N TRP A 334 43.44 39.18 -4.63
CA TRP A 334 42.73 38.37 -3.67
C TRP A 334 42.48 37.02 -4.30
N ASN A 335 42.85 35.96 -3.58
CA ASN A 335 42.68 34.59 -4.05
C ASN A 335 41.55 33.88 -3.32
N GLY A 336 40.68 34.64 -2.67
CA GLY A 336 39.62 34.05 -1.88
C GLY A 336 38.38 33.64 -2.63
N MET A 337 38.25 33.95 -3.92
CA MET A 337 37.07 33.50 -4.65
CA MET A 337 37.06 33.51 -4.63
C MET A 337 37.05 31.99 -4.75
N GLY A 338 35.93 31.40 -4.36
CA GLY A 338 35.78 29.96 -4.37
C GLY A 338 34.54 29.56 -5.14
N PHE A 339 34.54 28.31 -5.59
CA PHE A 339 33.48 27.84 -6.45
C PHE A 339 33.34 26.34 -6.27
N VAL A 340 32.10 25.88 -6.08
CA VAL A 340 31.82 24.47 -5.88
C VAL A 340 31.57 23.80 -7.21
N VAL A 341 32.09 22.59 -7.36
CA VAL A 341 31.74 21.73 -8.47
CA VAL A 341 31.74 21.73 -8.47
C VAL A 341 31.23 20.41 -7.92
N GLN A 342 30.16 19.90 -8.53
CA GLN A 342 29.44 18.72 -8.04
C GLN A 342 29.86 17.50 -8.84
N ALA A 343 30.55 16.57 -8.18
CA ALA A 343 31.04 15.38 -8.84
C ALA A 343 29.92 14.43 -9.25
N TYR A 344 28.72 14.58 -8.70
CA TYR A 344 27.64 13.77 -9.23
C TYR A 344 27.20 14.22 -10.61
N GLY A 345 27.73 15.33 -11.11
CA GLY A 345 27.33 15.85 -12.40
C GLY A 345 28.27 15.39 -13.51
N LYS A 346 27.69 15.08 -14.66
CA LYS A 346 28.45 14.55 -15.77
C LYS A 346 29.43 15.57 -16.35
N ARG A 347 29.18 16.85 -16.12
CA ARG A 347 30.05 17.89 -16.63
C ARG A 347 31.24 18.18 -15.73
N CYS A 348 31.29 17.62 -14.53
CA CYS A 348 32.27 17.97 -13.52
C CYS A 348 33.71 18.08 -14.03
N PRO A 349 34.28 17.05 -14.64
CA PRO A 349 35.70 17.19 -15.06
C PRO A 349 35.91 18.29 -16.09
N PHE A 350 34.92 18.52 -16.94
CA PHE A 350 35.02 19.57 -17.95
C PHE A 350 34.85 20.93 -17.33
N VAL A 351 34.01 21.04 -16.31
CA VAL A 351 33.93 22.27 -15.54
C VAL A 351 35.26 22.56 -14.88
N LEU A 352 35.88 21.53 -14.29
CA LEU A 352 37.18 21.70 -13.67
C LEU A 352 38.23 22.14 -14.69
N ASP A 353 38.22 21.55 -15.90
CA ASP A 353 39.14 22.03 -16.94
C ASP A 353 38.93 23.51 -17.20
N PHE A 354 37.66 23.94 -17.31
CA PHE A 354 37.38 25.34 -17.53
C PHE A 354 37.88 26.20 -16.38
N ILE A 355 37.62 25.77 -15.14
CA ILE A 355 38.02 26.57 -13.99
C ILE A 355 39.53 26.66 -13.86
N ILE A 356 40.22 25.53 -14.05
CA ILE A 356 41.67 25.55 -13.96
C ILE A 356 42.24 26.49 -15.02
N ASP A 357 41.67 26.46 -16.22
CA ASP A 357 42.12 27.38 -17.25
C ASP A 357 41.79 28.82 -16.90
N LEU A 358 40.61 29.07 -16.34
CA LEU A 358 40.28 30.42 -15.90
C LEU A 358 41.25 30.89 -14.82
N ALA A 359 41.61 30.00 -13.91
CA ALA A 359 42.59 30.36 -12.89
C ALA A 359 43.91 30.75 -13.53
N ARG A 360 44.33 30.00 -14.54
CA ARG A 360 45.57 30.32 -15.24
C ARG A 360 45.48 31.68 -15.93
N ARG A 361 44.39 31.90 -16.68
CA ARG A 361 44.23 33.15 -17.42
C ARG A 361 44.14 34.35 -16.50
N SER A 362 43.39 34.22 -15.41
CA SER A 362 43.19 35.33 -14.52
C SER A 362 44.32 35.51 -13.52
N GLY A 363 45.12 34.48 -13.30
CA GLY A 363 46.09 34.52 -12.24
C GLY A 363 45.53 34.42 -10.85
N ARG A 364 44.25 34.07 -10.70
CA ARG A 364 43.61 33.90 -9.40
C ARG A 364 43.66 32.43 -9.03
N ARG A 365 44.10 32.14 -7.81
CA ARG A 365 44.15 30.74 -7.38
C ARG A 365 42.75 30.39 -6.87
N ILE A 366 41.90 29.94 -7.79
CA ILE A 366 40.50 29.73 -7.45
C ILE A 366 40.40 28.62 -6.42
N MET A 367 39.60 28.86 -5.38
CA MET A 367 39.33 27.83 -4.39
C MET A 367 38.22 26.96 -4.94
N VAL A 368 38.48 25.69 -5.13
CA VAL A 368 37.53 24.82 -5.77
C VAL A 368 37.08 23.80 -4.75
N ARG A 369 35.81 23.88 -4.34
CA ARG A 369 35.26 22.90 -3.44
C ARG A 369 34.66 21.77 -4.27
N LEU A 370 35.22 20.59 -4.13
CA LEU A 370 34.69 19.42 -4.81
C LEU A 370 33.71 18.76 -3.85
N VAL A 371 32.46 18.62 -4.29
CA VAL A 371 31.42 17.98 -3.51
C VAL A 371 30.85 16.89 -4.39
N LYS A 372 30.03 16.04 -3.79
CA LYS A 372 29.28 15.10 -4.64
C LYS A 372 28.04 15.78 -5.23
N GLY A 373 27.12 16.24 -4.38
CA GLY A 373 26.03 17.06 -4.88
C GLY A 373 24.78 16.82 -4.04
N ALA A 374 24.00 17.89 -3.87
CA ALA A 374 22.94 17.90 -2.86
C ALA A 374 21.54 17.76 -3.44
N TYR A 375 21.39 17.73 -4.76
CA TYR A 375 20.06 17.84 -5.37
C TYR A 375 19.70 16.59 -6.17
N TRP A 376 20.25 15.45 -5.80
CA TRP A 376 20.18 14.28 -6.67
C TRP A 376 18.75 13.91 -7.02
N ASP A 377 17.89 13.68 -6.01
CA ASP A 377 16.49 13.30 -6.25
CA ASP A 377 16.54 13.26 -6.33
C ASP A 377 15.80 14.31 -7.15
N ALA A 378 16.05 15.60 -6.89
CA ALA A 378 15.37 16.62 -7.65
C ALA A 378 15.83 16.63 -9.09
N GLU A 379 17.10 16.33 -9.35
CA GLU A 379 17.56 16.30 -10.74
C GLU A 379 16.94 15.13 -11.48
N ILE A 380 16.77 13.99 -10.81
CA ILE A 380 16.12 12.87 -11.48
C ILE A 380 14.70 13.24 -11.86
N LYS A 381 13.95 13.81 -10.90
CA LYS A 381 12.57 14.18 -11.17
C LYS A 381 12.48 15.21 -12.29
N ARG A 382 13.36 16.21 -12.26
CA ARG A 382 13.25 17.29 -13.23
C ARG A 382 13.49 16.79 -14.64
N ALA A 383 14.50 15.93 -14.81
CA ALA A 383 14.78 15.41 -16.15
C ALA A 383 13.64 14.58 -16.66
N GLN A 384 13.01 13.81 -15.77
CA GLN A 384 11.86 13.01 -16.17
C GLN A 384 10.69 13.90 -16.55
N LEU A 385 10.39 14.91 -15.72
CA LEU A 385 9.29 15.81 -16.02
C LEU A 385 9.49 16.49 -17.36
N ASP A 386 10.72 16.90 -17.66
CA ASP A 386 11.01 17.68 -18.85
C ASP A 386 11.23 16.81 -20.08
N GLY A 387 11.17 15.50 -19.93
CA GLY A 387 11.31 14.60 -21.08
C GLY A 387 12.66 14.73 -21.77
N LEU A 388 13.72 14.88 -20.99
CA LEU A 388 15.00 15.16 -21.63
C LEU A 388 15.75 13.86 -21.92
N ALA A 389 16.84 14.01 -22.68
CA ALA A 389 17.49 12.84 -23.24
C ALA A 389 18.05 11.93 -22.15
N ASP A 390 18.54 12.51 -21.07
CA ASP A 390 19.22 11.75 -20.03
C ASP A 390 19.32 12.68 -18.83
N PHE A 391 19.90 12.18 -17.78
CA PHE A 391 20.09 12.97 -16.57
C PHE A 391 21.38 13.75 -16.62
N PRO A 392 21.42 14.88 -15.93
CA PRO A 392 22.68 15.64 -15.82
C PRO A 392 23.52 15.18 -14.65
N VAL A 393 23.07 14.13 -13.95
CA VAL A 393 23.80 13.54 -12.84
C VAL A 393 23.87 12.04 -13.07
N PHE A 394 24.83 11.41 -12.40
CA PHE A 394 24.88 9.95 -12.42
C PHE A 394 23.67 9.39 -11.70
N THR A 395 23.38 8.11 -11.99
CA THR A 395 22.25 7.45 -11.37
C THR A 395 22.65 6.32 -10.44
N ARG A 396 23.91 5.93 -10.43
CA ARG A 396 24.43 4.99 -9.46
C ARG A 396 25.39 5.73 -8.55
N LYS A 397 25.19 5.57 -7.24
CA LYS A 397 25.99 6.31 -6.28
C LYS A 397 27.49 6.05 -6.49
N ILE A 398 27.84 4.82 -6.85
CA ILE A 398 29.25 4.49 -7.01
C ILE A 398 29.86 5.28 -8.17
N HIS A 399 29.04 5.68 -9.13
CA HIS A 399 29.54 6.48 -10.24
C HIS A 399 29.96 7.86 -9.74
N THR A 400 29.14 8.45 -8.88
CA THR A 400 29.53 9.71 -8.27
C THR A 400 30.83 9.58 -7.49
N ASP A 401 31.02 8.46 -6.78
CA ASP A 401 32.25 8.28 -6.02
C ASP A 401 33.46 8.22 -6.94
N VAL A 402 33.34 7.49 -8.04
CA VAL A 402 34.44 7.41 -9.00
C VAL A 402 34.69 8.78 -9.61
N SER A 403 33.61 9.46 -10.00
CA SER A 403 33.74 10.80 -10.54
C SER A 403 34.48 11.72 -9.56
N TYR A 404 34.12 11.64 -8.28
CA TYR A 404 34.76 12.47 -7.28
C TYR A 404 36.26 12.21 -7.22
N ILE A 405 36.64 10.92 -7.18
CA ILE A 405 38.06 10.60 -7.08
C ILE A 405 38.80 11.00 -8.36
N ALA A 406 38.17 10.80 -9.51
CA ALA A 406 38.77 11.23 -10.77
C ALA A 406 38.98 12.73 -10.78
N CYS A 407 37.98 13.48 -10.32
CA CYS A 407 38.09 14.93 -10.31
C CYS A 407 39.12 15.40 -9.29
N ALA A 408 39.26 14.68 -8.19
CA ALA A 408 40.31 15.02 -7.23
C ALA A 408 41.69 14.83 -7.83
N ALA A 409 41.86 13.80 -8.64
CA ALA A 409 43.15 13.61 -9.32
C ALA A 409 43.46 14.79 -10.22
N LYS A 410 42.44 15.30 -10.92
CA LYS A 410 42.63 16.46 -11.78
C LYS A 410 42.99 17.70 -10.96
N LEU A 411 42.25 17.92 -9.87
CA LEU A 411 42.55 19.05 -8.99
C LEU A 411 43.94 18.95 -8.37
N LEU A 412 44.33 17.74 -7.92
CA LEU A 412 45.62 17.59 -7.26
C LEU A 412 46.78 17.79 -8.21
N ALA A 413 46.53 17.72 -9.52
CA ALA A 413 47.58 18.03 -10.48
C ALA A 413 47.72 19.52 -10.74
N ALA A 414 46.86 20.35 -10.17
CA ALA A 414 46.79 21.76 -10.50
C ALA A 414 46.82 22.63 -9.24
N THR A 415 47.42 22.13 -8.15
CA THR A 415 47.48 22.89 -6.90
C THR A 415 48.27 24.17 -7.02
N ASP A 416 49.10 24.32 -8.07
CA ASP A 416 49.76 25.59 -8.26
C ASP A 416 48.78 26.68 -8.67
N VAL A 417 47.69 26.34 -9.32
CA VAL A 417 46.78 27.34 -9.85
C VAL A 417 45.39 27.31 -9.23
N VAL A 418 44.97 26.23 -8.58
CA VAL A 418 43.73 26.22 -7.80
C VAL A 418 44.03 25.66 -6.43
N PHE A 419 43.10 25.92 -5.50
CA PHE A 419 43.18 25.40 -4.15
C PHE A 419 42.07 24.38 -3.99
N PRO A 420 42.36 23.09 -4.08
CA PRO A 420 41.29 22.09 -3.96
C PRO A 420 40.81 21.96 -2.53
N GLN A 421 39.50 21.77 -2.40
CA GLN A 421 38.84 21.66 -1.11
C GLN A 421 37.93 20.44 -1.21
N PHE A 422 38.30 19.37 -0.53
CA PHE A 422 37.61 18.09 -0.72
C PHE A 422 36.55 17.93 0.36
N ALA A 423 35.32 18.27 -0.01
CA ALA A 423 34.19 18.21 0.91
C ALA A 423 33.60 16.81 0.85
N THR A 424 33.73 16.06 1.94
CA THR A 424 33.13 14.74 1.98
C THR A 424 33.13 14.25 3.43
N HIS A 425 32.09 13.47 3.76
CA HIS A 425 32.05 12.76 5.02
C HIS A 425 32.39 11.29 4.87
N ASN A 426 32.77 10.88 3.67
CA ASN A 426 32.97 9.46 3.36
C ASN A 426 34.44 9.13 3.61
N ALA A 427 34.69 8.28 4.61
CA ALA A 427 36.05 7.96 5.01
C ALA A 427 36.82 7.27 3.89
N GLN A 428 36.13 6.51 3.04
CA GLN A 428 36.80 5.88 1.91
C GLN A 428 37.25 6.93 0.91
N THR A 429 36.35 7.86 0.59
CA THR A 429 36.71 8.95 -0.32
C THR A 429 37.87 9.76 0.25
N LEU A 430 37.79 10.11 1.53
CA LEU A 430 38.84 10.87 2.18
C LEU A 430 40.17 10.15 2.09
N ALA A 431 40.19 8.86 2.45
CA ALA A 431 41.43 8.10 2.48
C ALA A 431 42.05 8.03 1.09
N ALA A 432 41.23 7.79 0.07
CA ALA A 432 41.73 7.72 -1.30
C ALA A 432 42.43 9.01 -1.70
N ILE A 433 41.86 10.15 -1.31
CA ILE A 433 42.43 11.43 -1.70
C ILE A 433 43.64 11.77 -0.85
N TYR A 434 43.57 11.45 0.45
CA TYR A 434 44.72 11.66 1.32
C TYR A 434 45.97 10.96 0.77
N HIS A 435 45.82 9.72 0.33
CA HIS A 435 46.98 9.02 -0.21
C HIS A 435 47.29 9.46 -1.63
N MET A 436 46.27 9.84 -2.40
CA MET A 436 46.53 10.39 -3.72
C MET A 436 47.36 11.67 -3.65
N ALA A 437 47.09 12.51 -2.65
CA ALA A 437 47.80 13.78 -2.55
C ALA A 437 49.25 13.59 -2.13
N GLY A 438 49.55 12.52 -1.39
CA GLY A 438 50.91 12.21 -1.03
C GLY A 438 51.36 12.86 0.26
N LYS A 439 52.65 12.66 0.54
CA LYS A 439 53.20 13.02 1.84
C LYS A 439 53.63 14.48 1.89
N ASP A 440 53.97 15.08 0.76
CA ASP A 440 54.31 16.50 0.74
C ASP A 440 53.05 17.32 0.98
N PHE A 441 53.01 18.03 2.10
CA PHE A 441 51.87 18.88 2.38
C PHE A 441 52.31 20.17 3.03
N HIS A 442 51.60 21.25 2.68
CA HIS A 442 51.71 22.51 3.38
C HIS A 442 50.33 23.13 3.40
N VAL A 443 50.04 23.91 4.44
CA VAL A 443 48.76 24.62 4.50
C VAL A 443 48.68 25.56 3.31
N GLY A 444 47.55 25.50 2.60
CA GLY A 444 47.38 26.16 1.34
C GLY A 444 47.49 25.27 0.13
N LYS A 445 48.00 24.05 0.28
CA LYS A 445 48.07 23.17 -0.87
C LYS A 445 46.69 22.66 -1.24
N TYR A 446 45.98 22.11 -0.26
CA TYR A 446 44.59 21.69 -0.42
C TYR A 446 44.04 21.56 0.99
N GLU A 447 42.74 21.34 1.09
CA GLU A 447 42.16 21.06 2.39
C GLU A 447 40.99 20.09 2.19
N PHE A 448 40.53 19.52 3.29
CA PHE A 448 39.25 18.83 3.31
C PHE A 448 38.19 19.78 3.83
N GLN A 449 36.93 19.39 3.63
CA GLN A 449 35.83 20.15 4.19
C GLN A 449 34.77 19.20 4.68
N CYS A 450 34.01 19.65 5.66
CA CYS A 450 32.93 18.86 6.22
C CYS A 450 31.82 19.79 6.69
N LEU A 451 30.68 19.20 7.02
CA LEU A 451 29.55 19.96 7.52
C LEU A 451 29.59 20.01 9.05
N HIS A 452 29.28 21.18 9.59
CA HIS A 452 29.14 21.33 11.03
C HIS A 452 28.14 20.33 11.61
N GLY A 453 28.47 19.79 12.77
CA GLY A 453 27.53 18.89 13.45
C GLY A 453 27.27 17.62 12.68
N MET A 454 28.22 17.21 11.84
CA MET A 454 28.08 15.99 11.07
C MET A 454 29.47 15.43 10.79
N GLY A 455 30.38 16.28 10.33
CA GLY A 455 31.68 15.79 9.93
C GLY A 455 32.76 15.81 10.98
N GLU A 456 32.53 16.45 12.13
CA GLU A 456 33.58 16.55 13.14
C GLU A 456 34.09 15.21 13.65
N PRO A 457 33.25 14.21 13.94
CA PRO A 457 33.81 12.93 14.39
C PRO A 457 34.84 12.35 13.44
N LEU A 458 34.57 12.40 12.14
CA LEU A 458 35.54 11.90 11.17
C LEU A 458 36.78 12.77 11.14
N TYR A 459 36.60 14.09 11.06
CA TYR A 459 37.75 14.95 10.85
C TYR A 459 38.56 15.19 12.11
N GLU A 460 38.00 14.91 13.29
CA GLU A 460 38.84 14.85 14.47
C GLU A 460 39.83 13.69 14.43
N GLU A 461 39.63 12.75 13.50
CA GLU A 461 40.62 11.71 13.22
C GLU A 461 41.55 12.10 12.08
N VAL A 462 41.43 13.33 11.56
CA VAL A 462 42.17 13.80 10.40
C VAL A 462 43.04 15.00 10.77
N VAL A 463 42.42 16.04 11.36
CA VAL A 463 43.12 17.28 11.64
C VAL A 463 44.11 17.07 12.78
N GLY A 464 45.26 17.72 12.70
CA GLY A 464 46.19 17.71 13.80
C GLY A 464 47.38 16.80 13.56
N ARG A 465 48.52 17.18 14.14
CA ARG A 465 49.75 16.42 13.93
C ARG A 465 49.65 14.98 14.44
N GLY A 466 48.78 14.75 15.42
CA GLY A 466 48.60 13.40 15.92
C GLY A 466 47.68 12.54 15.08
N LYS A 467 47.11 13.09 14.01
CA LYS A 467 46.20 12.35 13.14
C LYS A 467 46.84 12.30 11.75
N LEU A 468 46.14 12.75 10.72
CA LEU A 468 46.70 12.82 9.38
C LEU A 468 47.32 14.15 9.07
N ASP A 469 47.19 15.13 9.98
CA ASP A 469 47.78 16.46 9.81
C ASP A 469 47.35 17.10 8.51
N ARG A 470 46.05 17.01 8.23
CA ARG A 470 45.46 17.72 7.12
C ARG A 470 44.33 18.59 7.63
N PRO A 471 44.21 19.81 7.11
CA PRO A 471 43.20 20.74 7.62
C PRO A 471 41.82 20.41 7.07
N CYS A 472 40.83 20.86 7.79
CA CYS A 472 39.45 20.68 7.37
C CYS A 472 38.70 21.96 7.64
N ARG A 473 37.95 22.43 6.66
CA ARG A 473 37.11 23.61 6.81
C ARG A 473 35.69 23.15 7.07
N ILE A 474 35.10 23.68 8.13
CA ILE A 474 33.76 23.30 8.56
C ILE A 474 32.76 24.24 7.91
N TYR A 475 31.86 23.68 7.12
CA TYR A 475 30.76 24.46 6.55
C TYR A 475 29.74 24.66 7.66
N ALA A 476 29.53 25.92 8.03
CA ALA A 476 28.85 26.25 9.29
C ALA A 476 27.58 27.01 9.01
N PRO A 477 26.42 26.35 9.03
CA PRO A 477 25.16 27.08 8.87
C PRO A 477 24.95 28.00 10.06
N VAL A 478 24.38 29.16 9.77
CA VAL A 478 24.13 30.18 10.76
C VAL A 478 22.71 30.68 10.54
N GLY A 479 21.88 30.61 11.56
CA GLY A 479 20.57 31.18 11.40
C GLY A 479 19.61 30.70 12.47
N THR A 480 18.42 31.27 12.41
CA THR A 480 17.37 31.00 13.39
C THR A 480 16.71 29.67 13.10
N HIS A 481 15.84 29.26 14.02
CA HIS A 481 15.08 28.02 13.85
C HIS A 481 14.28 28.06 12.56
N GLU A 482 13.59 29.17 12.29
CA GLU A 482 12.77 29.27 11.09
C GLU A 482 13.60 29.08 9.82
N THR A 483 14.79 29.68 9.79
CA THR A 483 15.64 29.59 8.60
C THR A 483 16.23 28.19 8.44
N LEU A 484 16.66 27.58 9.54
CA LEU A 484 17.32 26.28 9.46
C LEU A 484 16.35 25.20 9.02
N LEU A 485 15.10 25.26 9.46
CA LEU A 485 14.14 24.22 9.14
C LEU A 485 13.73 24.23 7.68
N ALA A 486 13.96 25.34 6.96
CA ALA A 486 13.42 25.49 5.62
C ALA A 486 13.91 24.41 4.67
N TYR A 487 15.21 24.13 4.68
CA TYR A 487 15.80 23.13 3.79
C TYR A 487 16.62 22.09 4.55
N LEU A 488 16.27 21.86 5.82
CA LEU A 488 16.98 20.85 6.59
C LEU A 488 16.75 19.44 6.02
N VAL A 489 15.60 19.22 5.37
CA VAL A 489 15.33 17.91 4.79
C VAL A 489 16.39 17.56 3.75
N ARG A 490 16.67 18.50 2.84
CA ARG A 490 17.70 18.24 1.84
C ARG A 490 19.05 17.96 2.51
N ARG A 491 19.39 18.74 3.53
CA ARG A 491 20.70 18.60 4.17
C ARG A 491 20.83 17.26 4.88
N LEU A 492 19.73 16.77 5.46
CA LEU A 492 19.81 15.51 6.21
C LEU A 492 19.95 14.31 5.28
N LEU A 493 19.32 14.35 4.11
CA LEU A 493 19.42 13.25 3.16
C LEU A 493 20.86 13.11 2.66
N GLY A 496 21.94 10.74 4.98
CA GLY A 496 20.92 10.01 5.72
C GLY A 496 20.18 8.96 4.89
N ALA A 497 20.33 9.05 3.57
CA ALA A 497 19.77 8.04 2.68
C ALA A 497 20.51 6.72 2.85
N ASN A 498 19.84 5.62 2.46
CA ASN A 498 20.42 4.30 2.65
C ASN A 498 21.79 4.18 1.98
N SER A 499 22.00 4.91 0.89
CA SER A 499 23.28 4.92 0.18
C SER A 499 24.32 5.82 0.84
N SER A 500 23.93 6.69 1.77
CA SER A 500 24.86 7.66 2.34
C SER A 500 25.84 7.00 3.30
N PHE A 501 27.11 7.42 3.21
CA PHE A 501 28.13 6.92 4.13
C PHE A 501 27.72 7.12 5.58
N VAL A 502 27.15 8.28 5.90
CA VAL A 502 26.83 8.59 7.29
C VAL A 502 25.71 7.69 7.79
N HIS A 503 24.79 7.31 6.92
CA HIS A 503 23.80 6.30 7.30
C HIS A 503 24.46 4.94 7.45
N ARG A 504 25.35 4.58 6.53
CA ARG A 504 25.93 3.25 6.53
C ARG A 504 26.89 3.06 7.69
N ILE A 505 27.65 4.10 8.06
CA ILE A 505 28.56 4.02 9.20
C ILE A 505 27.79 3.62 10.46
N ASN A 506 26.55 4.05 10.59
CA ASN A 506 25.71 3.75 11.74
C ASN A 506 24.88 2.49 11.58
N ASP A 507 24.96 1.82 10.43
CA ASP A 507 24.21 0.58 10.23
C ASP A 507 25.07 -0.58 10.69
N PRO A 508 24.71 -1.27 11.77
CA PRO A 508 25.55 -2.39 12.24
C PRO A 508 25.66 -3.52 11.24
N LYS A 509 24.72 -3.63 10.30
CA LYS A 509 24.75 -4.68 9.29
C LYS A 509 25.72 -4.39 8.15
N VAL A 510 26.31 -3.19 8.11
CA VAL A 510 27.29 -2.83 7.09
C VAL A 510 28.68 -3.02 7.67
N SER A 511 29.46 -3.89 7.06
CA SER A 511 30.80 -4.18 7.56
C SER A 511 31.77 -3.08 7.17
N ILE A 512 32.90 -3.03 7.86
CA ILE A 512 33.95 -2.08 7.52
C ILE A 512 34.55 -2.41 6.16
N ASP A 513 34.70 -3.71 5.85
CA ASP A 513 35.13 -4.11 4.52
C ASP A 513 34.19 -3.56 3.45
N GLU A 514 32.88 -3.57 3.71
CA GLU A 514 31.94 -2.97 2.79
C GLU A 514 32.17 -1.47 2.67
N LEU A 515 32.51 -0.82 3.78
CA LEU A 515 32.67 0.63 3.76
C LEU A 515 33.96 1.06 3.09
N ILE A 516 34.97 0.19 3.08
CA ILE A 516 36.27 0.57 2.52
C ILE A 516 36.40 0.02 1.12
N ALA A 517 35.31 -0.53 0.58
CA ALA A 517 35.31 -1.00 -0.79
C ALA A 517 35.70 0.14 -1.72
N ASP A 518 36.59 -0.14 -2.65
CA ASP A 518 37.10 0.84 -3.57
C ASP A 518 36.13 1.01 -4.74
N PRO A 519 35.43 2.14 -4.82
CA PRO A 519 34.46 2.31 -5.92
C PRO A 519 35.12 2.27 -7.29
N VAL A 520 36.38 2.68 -7.41
CA VAL A 520 37.05 2.67 -8.71
C VAL A 520 37.19 1.26 -9.23
N GLU A 521 37.67 0.35 -8.37
CA GLU A 521 37.83 -1.05 -8.80
C GLU A 521 36.50 -1.76 -8.94
N VAL A 522 35.50 -1.41 -8.13
CA VAL A 522 34.18 -2.02 -8.25
C VAL A 522 33.55 -1.65 -9.60
N VAL A 523 33.61 -0.37 -9.95
CA VAL A 523 33.08 0.05 -11.24
C VAL A 523 33.85 -0.59 -12.38
N ARG A 524 35.19 -0.64 -12.26
CA ARG A 524 36.01 -1.20 -13.33
C ARG A 524 35.63 -2.64 -13.63
N ALA A 525 35.15 -3.38 -12.63
CA ALA A 525 34.86 -4.80 -12.77
C ALA A 525 33.41 -5.09 -13.12
N MET A 526 32.56 -4.06 -13.26
CA MET A 526 31.18 -4.27 -13.65
CA MET A 526 31.19 -4.30 -13.65
C MET A 526 31.12 -4.76 -15.10
N PRO A 527 30.09 -5.55 -15.45
CA PRO A 527 30.02 -6.06 -16.83
C PRO A 527 29.88 -4.96 -17.87
N VAL A 528 29.06 -3.96 -17.59
CA VAL A 528 28.96 -2.76 -18.41
C VAL A 528 29.39 -1.60 -17.53
N VAL A 529 30.56 -1.04 -17.82
CA VAL A 529 31.05 0.08 -17.02
C VAL A 529 30.14 1.28 -17.23
N GLY A 530 29.60 1.81 -16.12
CA GLY A 530 28.80 3.02 -16.20
C GLY A 530 27.37 2.83 -16.61
N ALA A 531 26.81 1.62 -16.49
CA ALA A 531 25.41 1.43 -16.84
C ALA A 531 24.51 2.23 -15.91
N LYS A 532 23.43 2.76 -16.48
CA LYS A 532 22.41 3.47 -15.71
C LYS A 532 21.87 2.56 -14.61
N HIS A 533 21.41 3.18 -13.53
CA HIS A 533 20.72 2.43 -12.49
C HIS A 533 19.53 1.68 -13.08
N ASP A 534 19.40 0.41 -12.73
CA ASP A 534 18.32 -0.42 -13.25
C ASP A 534 16.94 0.11 -12.86
N ARG A 535 16.84 0.78 -11.73
CA ARG A 535 15.53 1.15 -11.19
C ARG A 535 15.18 2.61 -11.45
N ILE A 536 15.93 3.30 -12.30
CA ILE A 536 15.63 4.67 -12.64
C ILE A 536 15.37 4.74 -14.13
N ALA A 537 14.17 5.15 -14.51
CA ALA A 537 13.80 5.21 -15.90
C ALA A 537 14.37 6.46 -16.55
N LEU A 538 14.95 6.30 -17.73
CA LEU A 538 15.20 7.46 -18.56
C LEU A 538 13.86 8.15 -18.85
N PRO A 539 13.86 9.46 -19.05
CA PRO A 539 12.59 10.15 -19.30
C PRO A 539 11.78 9.56 -20.45
N ALA A 540 12.42 9.11 -21.52
CA ALA A 540 11.70 8.52 -22.64
C ALA A 540 10.99 7.24 -22.24
N GLU A 541 11.38 6.61 -21.13
CA GLU A 541 10.90 5.28 -20.79
C GLU A 541 9.96 5.28 -19.59
N LEU A 542 9.43 6.46 -19.22
CA LEU A 542 8.57 6.56 -18.05
C LEU A 542 7.40 5.60 -18.11
N PHE A 543 6.90 5.32 -19.31
CA PHE A 543 5.72 4.49 -19.45
C PHE A 543 6.07 3.08 -19.92
N GLY A 544 7.35 2.75 -19.99
CA GLY A 544 7.74 1.38 -20.30
C GLY A 544 7.22 0.96 -21.66
N ASP A 545 6.67 -0.26 -21.71
CA ASP A 545 6.22 -0.85 -22.97
C ASP A 545 4.95 -0.24 -23.51
N ALA A 546 4.23 0.55 -22.71
CA ALA A 546 2.94 1.07 -23.15
C ALA A 546 3.11 2.06 -24.31
N ARG A 547 4.07 2.97 -24.18
CA ARG A 547 4.31 3.95 -25.22
C ARG A 547 5.57 4.71 -24.87
N THR A 548 6.10 5.41 -25.86
CA THR A 548 7.28 6.22 -25.69
C THR A 548 6.87 7.60 -25.23
N ASN A 549 7.48 8.07 -24.14
CA ASN A 549 7.22 9.41 -23.67
C ASN A 549 7.66 10.42 -24.72
N SER A 550 6.92 11.51 -24.86
CA SER A 550 7.40 12.59 -25.70
C SER A 550 8.66 13.18 -25.10
N ALA A 551 9.50 13.76 -25.95
CA ALA A 551 10.75 14.37 -25.56
C ALA A 551 10.61 15.89 -25.60
N GLY A 552 11.19 16.55 -24.61
CA GLY A 552 11.25 17.99 -24.58
C GLY A 552 12.59 18.50 -25.07
N LEU A 553 12.89 19.74 -24.68
CA LEU A 553 14.12 20.39 -25.10
C LEU A 553 14.65 21.11 -23.87
N ASP A 554 15.97 21.13 -23.72
CA ASP A 554 16.60 21.71 -22.53
C ASP A 554 16.94 23.16 -22.84
N LEU A 555 16.12 24.09 -22.35
CA LEU A 555 16.36 25.49 -22.63
C LEU A 555 17.47 26.09 -21.78
N SER A 556 18.16 25.26 -21.00
CA SER A 556 19.40 25.69 -20.35
C SER A 556 20.63 25.24 -21.10
N ASN A 557 20.48 24.50 -22.19
CA ASN A 557 21.60 23.96 -22.94
C ASN A 557 21.91 24.92 -24.08
N GLU A 558 23.15 25.46 -24.12
CA GLU A 558 23.50 26.44 -25.14
C GLU A 558 23.44 25.86 -26.53
N GLU A 559 23.79 24.58 -26.70
CA GLU A 559 23.67 23.95 -28.01
C GLU A 559 22.21 23.92 -28.43
N THR A 560 21.33 23.52 -27.52
CA THR A 560 19.90 23.50 -27.82
C THR A 560 19.41 24.91 -28.14
N LEU A 561 19.84 25.90 -27.36
CA LEU A 561 19.37 27.25 -27.61
C LEU A 561 19.86 27.77 -28.94
N ALA A 562 21.11 27.43 -29.30
CA ALA A 562 21.63 27.92 -30.58
C ALA A 562 20.91 27.25 -31.74
N SER A 563 20.69 25.95 -31.65
CA SER A 563 19.98 25.25 -32.72
CA SER A 563 19.98 25.27 -32.73
C SER A 563 18.52 25.70 -32.77
N LEU A 564 17.90 25.87 -31.61
CA LEU A 564 16.51 26.32 -31.58
C LEU A 564 16.38 27.72 -32.16
N THR A 565 17.30 28.62 -31.81
CA THR A 565 17.26 29.96 -32.39
C THR A 565 17.16 29.90 -33.90
N GLU A 566 18.01 29.07 -34.52
CA GLU A 566 18.00 28.98 -35.98
C GLU A 566 16.70 28.37 -36.49
N ALA A 567 16.23 27.31 -35.85
CA ALA A 567 15.00 26.67 -36.30
C ALA A 567 13.82 27.61 -36.12
N LEU A 568 13.81 28.38 -35.03
CA LEU A 568 12.72 29.32 -34.80
C LEU A 568 12.72 30.43 -35.83
N ARG A 569 13.90 31.01 -36.09
CA ARG A 569 14.00 32.00 -37.17
C ARG A 569 13.53 31.41 -38.48
N GLU A 570 13.97 30.19 -38.79
CA GLU A 570 13.56 29.57 -40.05
C GLU A 570 12.05 29.39 -40.09
N SER A 571 11.45 29.07 -38.94
CA SER A 571 10.00 28.89 -38.91
C SER A 571 9.27 30.19 -39.20
N ALA A 572 9.84 31.33 -38.83
CA ALA A 572 9.20 32.60 -39.10
C ALA A 572 9.33 33.03 -40.56
N ALA A 573 10.20 32.37 -41.33
CA ALA A 573 10.34 32.62 -42.76
C ALA A 573 9.43 31.73 -43.59
N MET A 574 8.55 30.96 -42.95
CA MET A 574 7.67 30.06 -43.67
C MET A 574 6.35 30.75 -43.97
N LYS A 575 5.77 30.41 -45.13
CA LYS A 575 4.49 30.96 -45.56
C LYS A 575 3.37 30.06 -45.07
N TRP A 576 3.18 30.11 -43.74
CA TRP A 576 2.14 29.32 -43.08
C TRP A 576 0.77 29.70 -43.59
N THR A 577 -0.01 28.69 -43.97
CA THR A 577 -1.39 28.94 -44.37
C THR A 577 -2.29 27.88 -43.77
N ALA A 578 -3.57 28.22 -43.72
CA ALA A 578 -4.61 27.28 -43.31
C ALA A 578 -5.74 27.47 -44.31
N LEU A 579 -6.16 26.37 -44.93
CA LEU A 579 -7.18 26.40 -45.96
C LEU A 579 -8.25 25.39 -45.61
N PRO A 580 -9.46 25.55 -46.14
CA PRO A 580 -10.47 24.50 -46.01
C PRO A 580 -10.01 23.29 -46.80
N GLN A 581 -9.58 22.25 -46.12
CA GLN A 581 -9.02 21.06 -46.76
C GLN A 581 -10.13 20.01 -46.76
N LEU A 582 -10.97 20.08 -47.79
CA LEU A 582 -12.03 19.12 -47.95
C LEU A 582 -11.48 17.81 -48.51
N ALA A 583 -12.32 16.77 -48.49
CA ALA A 583 -11.88 15.49 -49.03
C ALA A 583 -11.45 15.62 -50.47
N THR A 584 -12.07 16.54 -51.21
CA THR A 584 -11.83 16.76 -52.64
C THR A 584 -10.68 17.72 -52.90
N GLY A 585 -10.05 18.26 -51.87
CA GLY A 585 -8.96 19.19 -52.04
C GLY A 585 -9.26 20.53 -51.39
N PRO A 586 -8.26 21.42 -51.36
CA PRO A 586 -8.46 22.74 -50.75
C PRO A 586 -9.57 23.51 -51.47
N ALA A 587 -10.35 24.24 -50.67
CA ALA A 587 -11.48 25.01 -51.18
C ALA A 587 -11.20 26.50 -51.05
N ALA A 588 -11.87 27.29 -51.89
CA ALA A 588 -11.74 28.73 -51.81
C ALA A 588 -12.56 29.29 -50.66
N GLY A 589 -12.22 30.51 -50.25
CA GLY A 589 -12.99 31.17 -49.21
C GLY A 589 -12.42 32.53 -48.93
N GLU A 590 -12.99 33.18 -47.93
CA GLU A 590 -12.50 34.48 -47.50
C GLU A 590 -11.15 34.31 -46.80
N THR A 591 -10.16 35.06 -47.25
CA THR A 591 -8.78 34.93 -46.79
C THR A 591 -8.37 36.17 -46.02
N ARG A 592 -7.71 35.97 -44.89
CA ARG A 592 -7.18 37.07 -44.10
C ARG A 592 -5.86 36.64 -43.48
N THR A 593 -5.09 37.62 -43.06
CA THR A 593 -3.83 37.32 -42.40
C THR A 593 -4.06 36.89 -40.95
N VAL A 594 -3.08 36.16 -40.43
CA VAL A 594 -3.03 35.80 -39.02
C VAL A 594 -1.88 36.60 -38.41
N LEU A 595 -2.19 37.40 -37.40
CA LEU A 595 -1.22 38.32 -36.81
C LEU A 595 -0.75 37.81 -35.47
N ASN A 596 0.52 38.04 -35.16
CA ASN A 596 1.08 37.69 -33.86
C ASN A 596 0.38 38.51 -32.79
N PRO A 597 -0.27 37.88 -31.81
CA PRO A 597 -0.98 38.67 -30.79
C PRO A 597 -0.08 39.56 -29.97
N GLY A 598 1.21 39.26 -29.90
CA GLY A 598 2.16 40.09 -29.20
C GLY A 598 2.71 41.24 -30.00
N ASP A 599 2.41 41.29 -31.29
CA ASP A 599 2.89 42.35 -32.16
C ASP A 599 2.17 42.21 -33.49
N HIS A 600 1.12 43.00 -33.68
CA HIS A 600 0.28 42.86 -34.88
C HIS A 600 1.03 43.17 -36.16
N ARG A 601 2.21 43.78 -36.08
CA ARG A 601 3.03 44.00 -37.26
C ARG A 601 3.66 42.71 -37.77
N ASP A 602 3.71 41.67 -36.93
CA ASP A 602 4.32 40.40 -37.31
C ASP A 602 3.22 39.53 -37.90
N VAL A 603 3.18 39.44 -39.22
CA VAL A 603 2.22 38.59 -39.90
C VAL A 603 2.75 37.16 -39.86
N VAL A 604 1.98 36.26 -39.28
CA VAL A 604 2.40 34.88 -39.12
C VAL A 604 2.00 34.03 -40.31
N GLY A 605 0.83 34.31 -40.89
CA GLY A 605 0.39 33.54 -42.02
C GLY A 605 -0.93 34.04 -42.51
N SER A 606 -1.59 33.19 -43.28
CA SER A 606 -2.88 33.53 -43.87
CA SER A 606 -2.87 33.52 -43.90
C SER A 606 -3.83 32.35 -43.73
N VAL A 607 -5.08 32.66 -43.42
CA VAL A 607 -6.11 31.64 -43.27
C VAL A 607 -7.20 31.91 -44.30
N THR A 608 -7.61 30.86 -44.99
CA THR A 608 -8.77 30.91 -45.84
C THR A 608 -9.88 30.22 -45.08
N GLU A 609 -10.94 30.94 -44.78
CA GLU A 609 -11.99 30.39 -43.93
C GLU A 609 -13.06 29.67 -44.76
N THR A 610 -13.76 28.76 -44.10
CA THR A 610 -14.68 27.85 -44.76
C THR A 610 -16.05 28.49 -44.86
N SER A 611 -16.65 28.43 -46.04
CA SER A 611 -18.03 28.83 -46.17
C SER A 611 -18.93 27.80 -45.48
N GLU A 612 -20.10 28.26 -45.04
CA GLU A 612 -21.02 27.32 -44.42
C GLU A 612 -21.50 26.26 -45.40
N GLU A 613 -21.54 26.60 -46.69
CA GLU A 613 -21.86 25.59 -47.70
C GLU A 613 -20.79 24.51 -47.76
N ASP A 614 -19.51 24.90 -47.71
CA ASP A 614 -18.45 23.91 -47.79
C ASP A 614 -18.33 23.10 -46.51
N ALA A 615 -18.67 23.68 -45.36
CA ALA A 615 -18.71 22.92 -44.12
C ALA A 615 -19.74 21.79 -44.22
N ARG A 616 -20.93 22.11 -44.74
CA ARG A 616 -21.94 21.09 -44.94
C ARG A 616 -21.48 20.05 -45.97
N ARG A 617 -20.82 20.50 -47.03
CA ARG A 617 -20.28 19.57 -48.00
C ARG A 617 -19.25 18.66 -47.36
N ALA A 618 -18.41 19.21 -46.48
CA ALA A 618 -17.39 18.40 -45.83
C ALA A 618 -18.02 17.27 -45.01
N VAL A 619 -19.11 17.56 -44.30
CA VAL A 619 -19.77 16.51 -43.52
C VAL A 619 -20.30 15.43 -44.43
N ARG A 620 -20.89 15.82 -45.57
CA ARG A 620 -21.38 14.81 -46.50
C ARG A 620 -20.25 13.96 -47.05
N LEU A 621 -19.11 14.60 -47.37
CA LEU A 621 -17.94 13.84 -47.81
C LEU A 621 -17.45 12.92 -46.70
N ALA A 622 -17.43 13.39 -45.46
CA ALA A 622 -17.05 12.55 -44.34
C ALA A 622 -17.99 11.36 -44.22
N ALA A 623 -19.29 11.60 -44.35
CA ALA A 623 -20.25 10.50 -44.27
C ALA A 623 -20.01 9.48 -45.37
N ASP A 624 -19.74 9.96 -46.59
CA ASP A 624 -19.44 9.04 -47.69
C ASP A 624 -18.18 8.24 -47.43
N ALA A 625 -17.19 8.87 -46.78
CA ALA A 625 -15.91 8.23 -46.48
C ALA A 625 -15.92 7.40 -45.22
N ALA A 626 -17.00 7.45 -44.44
CA ALA A 626 -17.00 6.75 -43.15
C ALA A 626 -16.74 5.26 -43.27
N PRO A 627 -17.38 4.51 -44.19
CA PRO A 627 -17.10 3.07 -44.25
C PRO A 627 -15.65 2.74 -44.56
N ASP A 628 -15.04 3.48 -45.48
CA ASP A 628 -13.66 3.16 -45.85
C ASP A 628 -12.71 3.37 -44.68
N TRP A 629 -12.93 4.42 -43.90
CA TRP A 629 -12.04 4.67 -42.78
C TRP A 629 -12.30 3.70 -41.63
N ALA A 630 -13.57 3.39 -41.36
CA ALA A 630 -13.89 2.39 -40.36
C ALA A 630 -13.28 1.03 -40.71
N ALA A 631 -13.07 0.76 -42.00
CA ALA A 631 -12.54 -0.52 -42.43
C ALA A 631 -11.03 -0.62 -42.26
N VAL A 632 -10.34 0.49 -42.03
CA VAL A 632 -8.92 0.45 -41.70
C VAL A 632 -8.84 -0.17 -40.31
N PRO A 633 -8.11 -1.28 -40.13
CA PRO A 633 -8.10 -1.94 -38.84
C PRO A 633 -7.61 -1.00 -37.76
N PRO A 634 -8.11 -1.15 -36.54
CA PRO A 634 -7.68 -0.25 -35.45
C PRO A 634 -6.18 -0.17 -35.28
N SER A 635 -5.47 -1.29 -35.42
CA SER A 635 -4.03 -1.27 -35.27
C SER A 635 -3.38 -0.37 -36.31
N GLU A 636 -3.91 -0.36 -37.53
CA GLU A 636 -3.35 0.50 -38.57
C GLU A 636 -3.73 1.95 -38.34
N ARG A 637 -4.95 2.22 -37.88
CA ARG A 637 -5.28 3.58 -37.48
C ARG A 637 -4.34 4.05 -36.38
N ALA A 638 -4.08 3.18 -35.40
CA ALA A 638 -3.16 3.54 -34.32
C ALA A 638 -1.76 3.79 -34.86
N ALA A 639 -1.34 3.02 -35.87
CA ALA A 639 -0.03 3.23 -36.47
C ALA A 639 0.06 4.61 -37.12
N CYS A 640 -1.04 5.11 -37.68
CA CYS A 640 -1.03 6.47 -38.23
C CYS A 640 -0.78 7.48 -37.13
N LEU A 641 -1.47 7.31 -36.00
CA LEU A 641 -1.26 8.20 -34.87
C LEU A 641 0.19 8.16 -34.41
N ASP A 642 0.75 6.96 -34.30
CA ASP A 642 2.14 6.86 -33.87
C ASP A 642 3.09 7.51 -34.87
N ARG A 643 2.82 7.35 -36.16
CA ARG A 643 3.64 8.02 -37.16
C ARG A 643 3.52 9.53 -37.04
N ALA A 644 2.30 10.03 -36.79
CA ALA A 644 2.13 11.47 -36.62
C ALA A 644 2.90 11.95 -35.41
N ALA A 645 2.91 11.15 -34.33
CA ALA A 645 3.68 11.53 -33.15
C ALA A 645 5.16 11.66 -33.48
N GLU A 646 5.70 10.69 -34.22
CA GLU A 646 7.10 10.78 -34.63
C GLU A 646 7.34 12.04 -35.46
N LEU A 647 6.42 12.35 -36.37
CA LEU A 647 6.59 13.53 -37.22
C LEU A 647 6.56 14.80 -36.38
N MET A 648 5.65 14.88 -35.41
CA MET A 648 5.59 16.05 -34.55
C MET A 648 6.83 16.16 -33.68
N GLN A 649 7.33 15.03 -33.19
CA GLN A 649 8.56 15.06 -32.40
C GLN A 649 9.72 15.62 -33.22
N ALA A 650 9.87 15.13 -34.45
CA ALA A 650 10.97 15.58 -35.30
C ALA A 650 10.81 17.04 -35.69
N ARG A 651 9.58 17.49 -35.84
CA ARG A 651 9.28 18.85 -36.28
C ARG A 651 9.10 19.82 -35.12
N MET A 652 9.29 19.34 -33.88
CA MET A 652 9.01 20.19 -32.73
C MET A 652 9.61 21.59 -32.83
N PRO A 653 10.89 21.78 -33.18
CA PRO A 653 11.42 23.15 -33.23
C PRO A 653 10.62 24.06 -34.13
N THR A 654 10.28 23.60 -35.33
CA THR A 654 9.46 24.40 -36.22
C THR A 654 8.08 24.63 -35.64
N LEU A 655 7.48 23.59 -35.05
CA LEU A 655 6.16 23.75 -34.45
C LEU A 655 6.19 24.78 -33.32
N LEU A 656 7.26 24.76 -32.51
CA LEU A 656 7.38 25.75 -31.43
C LEU A 656 7.30 27.15 -31.99
N GLY A 657 8.05 27.42 -33.05
CA GLY A 657 8.10 28.76 -33.59
C GLY A 657 6.73 29.24 -34.02
N LEU A 658 5.94 28.34 -34.63
CA LEU A 658 4.62 28.74 -35.06
C LEU A 658 3.71 29.00 -33.86
N ILE A 659 3.75 28.09 -32.87
CA ILE A 659 2.92 28.26 -31.69
C ILE A 659 3.30 29.54 -30.95
N ILE A 660 4.59 29.80 -30.84
CA ILE A 660 5.06 31.01 -30.16
C ILE A 660 4.46 32.25 -30.81
N ARG A 661 4.51 32.32 -32.14
CA ARG A 661 4.09 33.55 -32.81
C ARG A 661 2.59 33.61 -33.02
N GLU A 662 1.94 32.47 -33.26
CA GLU A 662 0.51 32.50 -33.53
C GLU A 662 -0.31 32.63 -32.24
N ALA A 663 0.14 32.00 -31.16
CA ALA A 663 -0.72 31.84 -29.99
C ALA A 663 -0.22 32.57 -28.74
N GLY A 664 0.83 33.37 -28.86
CA GLY A 664 1.31 34.11 -27.71
C GLY A 664 2.00 33.26 -26.65
N LYS A 665 2.55 32.11 -27.04
CA LYS A 665 3.14 31.20 -26.08
C LYS A 665 4.62 31.45 -25.94
N SER A 666 5.13 31.26 -24.73
CA SER A 666 6.56 31.21 -24.53
C SER A 666 7.10 29.88 -25.07
N ALA A 667 8.43 29.83 -25.23
CA ALA A 667 9.04 28.61 -25.74
C ALA A 667 8.76 27.41 -24.82
N LEU A 668 8.90 27.61 -23.50
CA LEU A 668 8.60 26.52 -22.57
C LEU A 668 7.20 26.02 -22.76
N ASN A 669 6.24 26.93 -22.89
CA ASN A 669 4.85 26.51 -23.03
C ASN A 669 4.58 25.89 -24.39
N ALA A 670 5.30 26.33 -25.43
CA ALA A 670 5.15 25.70 -26.73
C ALA A 670 5.73 24.29 -26.72
N ILE A 671 6.84 24.09 -26.03
CA ILE A 671 7.40 22.74 -25.90
C ILE A 671 6.38 21.83 -25.24
N ALA A 672 5.78 22.29 -24.13
CA ALA A 672 4.77 21.48 -23.45
C ALA A 672 3.59 21.21 -24.37
N GLU A 673 3.21 22.20 -25.18
CA GLU A 673 2.08 22.04 -26.09
C GLU A 673 2.36 20.93 -27.10
N VAL A 674 3.54 20.96 -27.73
CA VAL A 674 3.87 19.93 -28.71
C VAL A 674 4.04 18.58 -28.04
N ARG A 675 4.66 18.54 -26.85
CA ARG A 675 4.76 17.29 -26.14
C ARG A 675 3.38 16.70 -25.87
N GLU A 676 2.44 17.55 -25.46
CA GLU A 676 1.11 17.04 -25.17
C GLU A 676 0.45 16.46 -26.41
N ALA A 677 0.64 17.11 -27.56
CA ALA A 677 0.09 16.57 -28.81
C ALA A 677 0.69 15.20 -29.10
N ILE A 678 2.01 15.08 -28.97
CA ILE A 678 2.68 13.80 -29.19
C ILE A 678 2.13 12.75 -28.24
N ASP A 679 1.96 13.12 -26.98
CA ASP A 679 1.46 12.20 -25.98
C ASP A 679 0.03 11.77 -26.27
N PHE A 680 -0.84 12.70 -26.69
CA PHE A 680 -2.20 12.31 -27.07
C PHE A 680 -2.17 11.27 -28.17
N LEU A 681 -1.39 11.56 -29.22
CA LEU A 681 -1.30 10.63 -30.34
C LEU A 681 -0.87 9.24 -29.86
N ARG A 682 0.20 9.20 -29.07
CA ARG A 682 0.72 7.90 -28.65
C ARG A 682 -0.19 7.23 -27.63
N TYR A 683 -0.83 8.02 -26.76
CA TYR A 683 -1.74 7.45 -25.77
C TYR A 683 -2.98 6.87 -26.43
N TYR A 684 -3.62 7.63 -27.32
CA TYR A 684 -4.81 7.09 -27.95
C TYR A 684 -4.47 5.94 -28.87
N ALA A 685 -3.28 5.94 -29.47
CA ALA A 685 -2.85 4.78 -30.23
C ALA A 685 -2.75 3.55 -29.35
N GLU A 686 -2.11 3.70 -28.19
CA GLU A 686 -1.96 2.54 -27.30
C GLU A 686 -3.31 2.10 -26.74
N GLN A 687 -4.15 3.05 -26.34
CA GLN A 687 -5.47 2.69 -25.85
C GLN A 687 -6.25 1.95 -26.92
N THR A 688 -6.09 2.36 -28.17
CA THR A 688 -6.76 1.64 -29.26
C THR A 688 -6.26 0.21 -29.34
N ARG A 689 -4.95 0.03 -29.33
CA ARG A 689 -4.38 -1.31 -29.40
C ARG A 689 -4.81 -2.16 -28.22
N ARG A 690 -5.14 -1.55 -27.08
CA ARG A 690 -5.62 -2.29 -25.93
C ARG A 690 -7.10 -2.65 -26.03
N THR A 691 -7.89 -1.94 -26.85
CA THR A 691 -9.34 -2.09 -26.71
C THR A 691 -10.14 -2.40 -27.96
N LEU A 692 -9.90 -1.69 -29.07
CA LEU A 692 -10.90 -1.63 -30.13
C LEU A 692 -10.92 -2.88 -30.98
N GLY A 693 -12.12 -3.43 -31.15
CA GLY A 693 -12.33 -4.58 -31.99
C GLY A 693 -13.52 -4.38 -32.92
N PRO A 694 -13.89 -5.43 -33.65
CA PRO A 694 -14.95 -5.29 -34.66
C PRO A 694 -16.29 -4.84 -34.10
N GLY A 695 -16.61 -5.19 -32.85
CA GLY A 695 -17.89 -4.82 -32.27
C GLY A 695 -17.99 -3.41 -31.75
N HIS A 696 -16.90 -2.63 -31.81
CA HIS A 696 -16.92 -1.24 -31.36
C HIS A 696 -16.96 -0.37 -32.61
N GLY A 697 -18.15 -0.26 -33.17
CA GLY A 697 -18.33 0.47 -34.41
C GLY A 697 -18.21 1.96 -34.17
N PRO A 698 -17.64 2.66 -35.14
CA PRO A 698 -17.53 4.12 -35.00
C PRO A 698 -18.91 4.77 -35.04
N LEU A 699 -18.97 5.95 -34.43
CA LEU A 699 -20.20 6.74 -34.50
C LEU A 699 -20.49 7.18 -35.93
N GLY A 700 -19.46 7.63 -36.65
CA GLY A 700 -19.65 8.27 -37.93
C GLY A 700 -18.89 9.58 -37.93
N PRO A 701 -19.26 10.51 -38.80
CA PRO A 701 -18.53 11.78 -38.84
C PRO A 701 -18.59 12.49 -37.50
N ILE A 702 -17.41 12.83 -36.98
CA ILE A 702 -17.31 13.54 -35.71
CA ILE A 702 -17.28 13.53 -35.71
C ILE A 702 -16.80 14.94 -35.98
N VAL A 703 -17.48 15.92 -35.41
CA VAL A 703 -17.09 17.31 -35.52
C VAL A 703 -16.23 17.62 -34.31
N CYS A 704 -14.96 18.00 -34.55
CA CYS A 704 -14.02 18.34 -33.49
C CYS A 704 -13.83 19.84 -33.52
N ILE A 705 -14.28 20.51 -32.46
CA ILE A 705 -14.19 21.95 -32.32
C ILE A 705 -13.28 22.23 -31.15
N SER A 706 -12.26 23.06 -31.38
CA SER A 706 -11.18 23.19 -30.41
C SER A 706 -10.95 24.64 -30.06
N PRO A 707 -10.34 24.91 -28.91
CA PRO A 707 -10.13 26.28 -28.45
C PRO A 707 -8.80 26.81 -28.96
N TRP A 708 -8.64 28.13 -28.84
CA TRP A 708 -7.40 28.72 -29.35
C TRP A 708 -6.22 28.46 -28.43
N ASN A 709 -6.46 28.23 -27.14
CA ASN A 709 -5.39 28.43 -26.17
C ASN A 709 -4.45 27.25 -26.06
N PHE A 710 -4.88 26.06 -26.45
CA PHE A 710 -3.99 24.91 -26.64
C PHE A 710 -4.17 24.53 -28.09
N PRO A 711 -3.63 25.34 -29.01
CA PRO A 711 -4.06 25.26 -30.41
C PRO A 711 -3.55 24.05 -31.15
N LEU A 712 -2.57 23.33 -30.61
CA LEU A 712 -2.13 22.09 -31.20
C LEU A 712 -2.50 20.88 -30.35
N ALA A 713 -2.33 20.97 -29.04
CA ALA A 713 -2.51 19.80 -28.19
C ALA A 713 -3.96 19.35 -28.14
N ILE A 714 -4.87 20.23 -27.74
CA ILE A 714 -6.27 19.82 -27.66
C ILE A 714 -6.82 19.53 -29.04
N PHE A 715 -6.45 20.36 -30.01
CA PHE A 715 -6.83 20.12 -31.39
C PHE A 715 -6.44 18.71 -31.81
N THR A 716 -5.19 18.33 -31.58
CA THR A 716 -4.71 17.01 -32.00
C THR A 716 -5.37 15.91 -31.19
N GLY A 717 -5.51 16.12 -29.88
CA GLY A 717 -6.08 15.08 -29.04
C GLY A 717 -7.47 14.68 -29.49
N GLN A 718 -8.35 15.66 -29.69
CA GLN A 718 -9.72 15.33 -30.07
C GLN A 718 -9.76 14.61 -31.40
N ILE A 719 -9.04 15.14 -32.38
CA ILE A 719 -9.05 14.55 -33.71
C ILE A 719 -8.44 13.16 -33.69
N ALA A 720 -7.33 13.01 -32.99
CA ALA A 720 -6.65 11.72 -32.97
C ALA A 720 -7.55 10.65 -32.37
N ALA A 721 -8.22 11.00 -31.26
CA ALA A 721 -9.13 10.06 -30.62
C ALA A 721 -10.25 9.65 -31.56
N ALA A 722 -10.91 10.64 -32.18
CA ALA A 722 -12.02 10.33 -33.08
C ALA A 722 -11.54 9.49 -34.25
N LEU A 723 -10.42 9.87 -34.86
CA LEU A 723 -9.90 9.13 -36.00
C LEU A 723 -9.54 7.70 -35.62
N VAL A 724 -8.87 7.53 -34.49
CA VAL A 724 -8.38 6.18 -34.18
C VAL A 724 -9.55 5.28 -33.79
N ALA A 725 -10.62 5.85 -33.26
CA ALA A 725 -11.86 5.12 -33.01
C ALA A 725 -12.60 4.76 -34.28
N GLY A 726 -12.08 5.15 -35.46
CA GLY A 726 -12.69 4.79 -36.72
C GLY A 726 -13.65 5.79 -37.29
N ASN A 727 -13.68 7.01 -36.78
CA ASN A 727 -14.58 8.04 -37.29
C ASN A 727 -13.84 9.01 -38.19
N PRO A 728 -14.42 9.37 -39.32
CA PRO A 728 -13.88 10.51 -40.06
C PRO A 728 -14.18 11.79 -39.30
N VAL A 729 -13.30 12.77 -39.46
CA VAL A 729 -13.29 13.95 -38.62
C VAL A 729 -13.44 15.20 -39.46
N LEU A 730 -14.27 16.12 -39.00
CA LEU A 730 -14.32 17.49 -39.48
C LEU A 730 -13.66 18.32 -38.38
N ALA A 731 -12.48 18.86 -38.67
CA ALA A 731 -11.68 19.56 -37.68
C ALA A 731 -11.89 21.06 -37.86
N LYS A 732 -12.52 21.68 -36.86
CA LYS A 732 -12.78 23.11 -36.90
C LYS A 732 -11.93 23.75 -35.81
N PRO A 733 -10.75 24.28 -36.14
CA PRO A 733 -9.91 24.92 -35.13
C PRO A 733 -10.44 26.31 -34.82
N ALA A 734 -10.05 26.80 -33.65
CA ALA A 734 -10.43 28.15 -33.25
C ALA A 734 -9.99 29.15 -34.31
N GLU A 735 -10.81 30.17 -34.50
CA GLU A 735 -10.50 31.17 -35.52
C GLU A 735 -9.19 31.90 -35.23
N GLU A 736 -8.76 31.95 -33.98
CA GLU A 736 -7.55 32.69 -33.66
C GLU A 736 -6.29 31.94 -34.08
N THR A 737 -6.32 30.61 -34.12
CA THR A 737 -5.10 29.81 -34.26
C THR A 737 -5.25 28.72 -35.33
N PRO A 738 -5.57 29.10 -36.57
CA PRO A 738 -5.75 28.07 -37.61
C PRO A 738 -4.45 27.53 -38.18
N LEU A 739 -3.34 28.26 -38.06
CA LEU A 739 -2.13 27.84 -38.77
C LEU A 739 -1.54 26.58 -38.16
N ILE A 740 -1.40 26.54 -36.83
CA ILE A 740 -0.83 25.35 -36.22
C ILE A 740 -1.79 24.18 -36.39
N ALA A 741 -3.08 24.46 -36.42
CA ALA A 741 -4.06 23.40 -36.69
C ALA A 741 -3.86 22.84 -38.08
N ALA A 742 -3.68 23.72 -39.08
CA ALA A 742 -3.47 23.25 -40.43
C ALA A 742 -2.20 22.42 -40.52
N GLU A 743 -1.17 22.82 -39.77
CA GLU A 743 0.06 22.04 -39.77
C GLU A 743 -0.16 20.69 -39.09
N GLY A 744 -0.94 20.65 -38.02
CA GLY A 744 -1.27 19.37 -37.40
C GLY A 744 -2.02 18.45 -38.35
N VAL A 745 -2.98 19.00 -39.09
CA VAL A 745 -3.70 18.20 -40.08
C VAL A 745 -2.76 17.72 -41.18
N ARG A 746 -1.84 18.59 -41.61
CA ARG A 746 -0.88 18.18 -42.63
C ARG A 746 -0.03 17.02 -42.14
N ILE A 747 0.40 17.07 -40.87
CA ILE A 747 1.20 16.00 -40.29
C ILE A 747 0.39 14.71 -40.19
N LEU A 748 -0.85 14.79 -39.70
CA LEU A 748 -1.70 13.60 -39.64
C LEU A 748 -1.91 13.00 -41.02
N ARG A 749 -2.15 13.85 -42.02
CA ARG A 749 -2.30 13.35 -43.38
C ARG A 749 -1.01 12.71 -43.88
N GLU A 750 0.14 13.33 -43.59
CA GLU A 750 1.40 12.73 -43.97
C GLU A 750 1.60 11.38 -43.28
N ALA A 751 1.10 11.24 -42.06
CA ALA A 751 1.24 9.99 -41.32
C ALA A 751 0.32 8.90 -41.84
N GLY A 752 -0.56 9.21 -42.78
CA GLY A 752 -1.39 8.21 -43.43
C GLY A 752 -2.88 8.39 -43.23
N ILE A 753 -3.34 9.37 -42.46
CA ILE A 753 -4.77 9.62 -42.37
C ILE A 753 -5.24 10.10 -43.73
N PRO A 754 -6.18 9.40 -44.39
CA PRO A 754 -6.65 9.84 -45.69
C PRO A 754 -7.33 11.20 -45.61
N ALA A 755 -7.24 11.96 -46.70
CA ALA A 755 -7.89 13.27 -46.76
C ALA A 755 -9.39 13.16 -46.50
N SER A 756 -10.02 12.06 -46.90
CA SER A 756 -11.45 11.91 -46.67
C SER A 756 -11.76 11.70 -45.20
N ALA A 757 -10.81 11.18 -44.44
CA ALA A 757 -11.01 10.91 -43.02
C ALA A 757 -10.70 12.12 -42.15
N LEU A 758 -9.95 13.10 -42.65
CA LEU A 758 -9.57 14.25 -41.83
C LEU A 758 -9.65 15.49 -42.72
N GLN A 759 -10.71 16.28 -42.52
CA GLN A 759 -10.91 17.52 -43.25
C GLN A 759 -10.75 18.68 -42.28
N LEU A 760 -9.95 19.67 -42.69
CA LEU A 760 -9.74 20.86 -41.89
C LEU A 760 -10.67 21.95 -42.40
N LEU A 761 -11.42 22.57 -41.49
CA LEU A 761 -12.40 23.59 -41.83
CA LEU A 761 -12.40 23.59 -41.83
C LEU A 761 -12.12 24.83 -40.99
N PRO A 762 -11.17 25.66 -41.40
CA PRO A 762 -10.89 26.88 -40.65
C PRO A 762 -12.10 27.82 -40.69
N GLY A 763 -12.23 28.62 -39.66
CA GLY A 763 -13.30 29.59 -39.61
C GLY A 763 -13.70 29.85 -38.17
N ASP A 764 -14.73 30.68 -38.02
CA ASP A 764 -15.19 31.09 -36.70
C ASP A 764 -16.30 30.15 -36.21
N GLY A 765 -17.08 30.61 -35.22
CA GLY A 765 -18.12 29.78 -34.65
C GLY A 765 -19.20 29.38 -35.63
N ARG A 766 -19.40 30.18 -36.68
CA ARG A 766 -20.38 29.83 -37.71
C ARG A 766 -20.01 28.52 -38.39
N VAL A 767 -18.72 28.31 -38.63
CA VAL A 767 -18.29 27.05 -39.24
C VAL A 767 -18.51 25.91 -38.27
N GLY A 768 -18.16 26.11 -36.99
CA GLY A 768 -18.46 25.12 -35.99
C GLY A 768 -19.94 24.80 -35.92
N ALA A 769 -20.78 25.84 -35.88
CA ALA A 769 -22.22 25.62 -35.77
C ALA A 769 -22.76 24.91 -37.02
N ALA A 770 -22.26 25.29 -38.20
CA ALA A 770 -22.73 24.64 -39.42
C ALA A 770 -22.36 23.16 -39.41
N LEU A 771 -21.20 22.82 -38.86
CA LEU A 771 -20.81 21.43 -38.76
C LEU A 771 -21.66 20.68 -37.76
N VAL A 772 -21.91 21.30 -36.60
CA VAL A 772 -22.73 20.65 -35.58
C VAL A 772 -24.12 20.38 -36.12
N ALA A 773 -24.70 21.32 -36.86
CA ALA A 773 -26.05 21.20 -37.37
C ALA A 773 -26.16 20.27 -38.57
N ALA A 774 -25.05 19.91 -39.20
CA ALA A 774 -25.11 19.10 -40.42
C ALA A 774 -25.75 17.74 -40.13
N ALA A 775 -26.59 17.28 -41.07
CA ALA A 775 -27.43 16.12 -40.80
C ALA A 775 -26.62 14.87 -40.48
N GLU A 776 -25.46 14.69 -41.11
CA GLU A 776 -24.70 13.46 -40.95
C GLU A 776 -23.73 13.50 -39.78
N THR A 777 -23.68 14.59 -39.04
CA THR A 777 -22.79 14.66 -37.88
C THR A 777 -23.24 13.67 -36.83
N ALA A 778 -22.34 12.75 -36.47
CA ALA A 778 -22.68 11.65 -35.57
C ALA A 778 -22.14 11.83 -34.16
N GLY A 779 -21.29 12.81 -33.94
CA GLY A 779 -20.83 13.11 -32.60
C GLY A 779 -20.06 14.41 -32.65
N VAL A 780 -19.95 15.04 -31.50
CA VAL A 780 -19.29 16.34 -31.40
C VAL A 780 -18.32 16.28 -30.23
N MET A 781 -17.08 16.64 -30.50
CA MET A 781 -16.08 16.82 -29.46
C MET A 781 -15.77 18.31 -29.41
N PHE A 782 -16.10 18.93 -28.28
CA PHE A 782 -15.97 20.36 -28.10
C PHE A 782 -15.10 20.63 -26.88
N THR A 783 -14.09 21.46 -27.07
CA THR A 783 -13.36 22.05 -25.95
C THR A 783 -13.39 23.55 -26.16
N GLY A 784 -13.80 24.28 -25.13
CA GLY A 784 -14.03 25.71 -25.30
C GLY A 784 -14.80 26.23 -24.11
N SER A 785 -15.41 27.39 -24.29
CA SER A 785 -16.11 28.02 -23.18
C SER A 785 -17.41 27.30 -22.86
N THR A 786 -17.81 27.38 -21.60
CA THR A 786 -19.09 26.80 -21.18
C THR A 786 -20.25 27.40 -21.96
N GLU A 787 -20.20 28.71 -22.22
CA GLU A 787 -21.32 29.35 -22.92
C GLU A 787 -21.45 28.83 -24.34
N VAL A 788 -20.34 28.62 -25.04
CA VAL A 788 -20.42 28.07 -26.38
C VAL A 788 -20.89 26.62 -26.35
N ALA A 789 -20.37 25.82 -25.42
CA ALA A 789 -20.84 24.45 -25.28
C ALA A 789 -22.35 24.40 -25.08
N ARG A 790 -22.88 25.36 -24.33
CA ARG A 790 -24.32 25.39 -24.08
C ARG A 790 -25.10 25.64 -25.37
N LEU A 791 -24.56 26.48 -26.26
CA LEU A 791 -25.17 26.68 -27.57
C LEU A 791 -25.13 25.40 -28.39
N ILE A 792 -24.02 24.67 -28.35
CA ILE A 792 -23.92 23.40 -29.06
C ILE A 792 -24.90 22.38 -28.48
N GLN A 793 -24.97 22.31 -27.16
CA GLN A 793 -25.93 21.43 -26.50
C GLN A 793 -27.34 21.72 -26.99
N ALA A 794 -27.69 23.00 -27.13
CA ALA A 794 -29.02 23.35 -27.59
C ALA A 794 -29.21 22.91 -29.04
N GLN A 795 -28.21 23.14 -29.89
CA GLN A 795 -28.27 22.67 -31.28
C GLN A 795 -28.57 21.18 -31.34
N LEU A 796 -27.84 20.38 -30.55
CA LEU A 796 -27.96 18.94 -30.60
C LEU A 796 -29.23 18.43 -29.94
N ALA A 797 -29.88 19.22 -29.09
CA ALA A 797 -31.10 18.77 -28.46
C ALA A 797 -32.21 18.54 -29.49
N ASP A 798 -32.10 19.16 -30.66
CA ASP A 798 -33.03 18.92 -31.77
C ASP A 798 -32.82 17.56 -32.42
N ARG A 799 -31.65 16.96 -32.22
CA ARG A 799 -31.11 15.98 -33.15
C ARG A 799 -31.15 14.58 -32.56
N LEU A 800 -31.37 13.60 -33.44
CA LEU A 800 -31.22 12.20 -33.10
C LEU A 800 -30.42 11.51 -34.19
N SER A 801 -29.71 10.46 -33.81
CA SER A 801 -29.01 9.63 -34.78
C SER A 801 -30.03 8.86 -35.61
N PRO A 802 -29.61 8.25 -36.72
CA PRO A 802 -30.53 7.39 -37.48
C PRO A 802 -31.17 6.30 -36.64
N ALA A 803 -30.49 5.84 -35.58
CA ALA A 803 -31.06 4.90 -34.64
C ALA A 803 -31.99 5.55 -33.62
N GLY A 804 -32.27 6.85 -33.78
CA GLY A 804 -33.11 7.57 -32.83
C GLY A 804 -32.53 7.76 -31.44
N ARG A 805 -31.23 8.05 -31.34
CA ARG A 805 -30.58 8.25 -30.05
C ARG A 805 -29.80 9.56 -30.06
N PRO A 806 -29.53 10.14 -28.89
CA PRO A 806 -28.87 11.45 -28.86
C PRO A 806 -27.48 11.39 -29.48
N ILE A 807 -27.10 12.48 -30.13
CA ILE A 807 -25.77 12.62 -30.72
C ILE A 807 -24.78 12.85 -29.58
N PRO A 808 -23.80 11.97 -29.38
CA PRO A 808 -22.86 12.16 -28.27
C PRO A 808 -22.10 13.49 -28.37
N LEU A 809 -21.99 14.15 -27.22
CA LEU A 809 -21.27 15.40 -27.10
C LEU A 809 -20.28 15.26 -25.94
N ILE A 810 -19.00 15.43 -26.23
CA ILE A 810 -18.01 15.66 -25.20
C ILE A 810 -17.79 17.15 -25.19
N ALA A 811 -18.04 17.79 -24.06
CA ALA A 811 -17.94 19.24 -23.96
C ALA A 811 -17.09 19.53 -22.74
N GLU A 812 -15.84 19.89 -22.98
CA GLU A 812 -14.86 20.15 -21.93
C GLU A 812 -14.69 21.66 -21.86
N THR A 813 -15.07 22.24 -20.72
CA THR A 813 -15.34 23.66 -20.67
C THR A 813 -14.53 24.40 -19.60
N GLY A 814 -15.03 25.54 -19.13
CA GLY A 814 -14.22 26.45 -18.35
C GLY A 814 -14.01 26.00 -16.92
N GLY A 815 -13.22 26.79 -16.20
CA GLY A 815 -12.96 26.52 -14.80
C GLY A 815 -12.99 27.79 -14.01
N GLN A 816 -13.14 27.63 -12.70
CA GLN A 816 -12.98 28.73 -11.74
C GLN A 816 -12.08 28.18 -10.64
N ASN A 817 -10.83 27.93 -11.00
CA ASN A 817 -10.01 26.99 -10.26
C ASN A 817 -9.40 27.65 -9.05
N ALA A 818 -9.47 26.96 -7.92
CA ALA A 818 -8.99 27.45 -6.64
C ALA A 818 -7.77 26.67 -6.19
N MET A 819 -6.95 27.33 -5.38
CA MET A 819 -5.93 26.67 -4.60
C MET A 819 -6.10 27.10 -3.16
N ILE A 820 -6.13 26.14 -2.24
CA ILE A 820 -6.22 26.43 -0.83
C ILE A 820 -4.86 26.21 -0.22
N VAL A 821 -4.41 27.17 0.57
CA VAL A 821 -3.09 27.15 1.18
C VAL A 821 -3.28 27.35 2.67
N ASP A 822 -2.77 26.43 3.47
CA ASP A 822 -2.87 26.60 4.91
C ASP A 822 -1.52 27.05 5.48
N SER A 823 -1.48 27.22 6.80
CA SER A 823 -0.30 27.77 7.44
C SER A 823 0.85 26.78 7.54
N SER A 824 0.66 25.54 7.10
CA SER A 824 1.74 24.57 7.08
C SER A 824 2.51 24.58 5.77
N ALA A 825 1.99 25.25 4.74
CA ALA A 825 2.64 25.24 3.44
C ALA A 825 3.88 26.12 3.48
N LEU A 826 4.84 25.80 2.62
CA LEU A 826 6.06 26.59 2.50
C LEU A 826 5.80 27.74 1.53
N ALA A 827 5.92 28.97 2.03
CA ALA A 827 5.49 30.14 1.25
C ALA A 827 6.20 30.22 -0.09
N GLU A 828 7.52 29.97 -0.12
CA GLU A 828 8.24 30.08 -1.38
C GLU A 828 7.73 29.08 -2.41
N GLN A 829 7.38 27.88 -1.95
CA GLN A 829 6.83 26.85 -2.82
C GLN A 829 5.47 27.28 -3.34
N VAL A 830 4.61 27.75 -2.43
CA VAL A 830 3.30 28.25 -2.81
C VAL A 830 3.42 29.33 -3.87
N VAL A 831 4.28 30.32 -3.62
CA VAL A 831 4.34 31.46 -4.51
C VAL A 831 4.77 31.04 -5.91
N GLY A 832 5.78 30.16 -5.99
CA GLY A 832 6.18 29.66 -7.29
C GLY A 832 5.05 28.95 -8.02
N ASP A 833 4.32 28.10 -7.30
CA ASP A 833 3.23 27.37 -7.93
C ASP A 833 2.07 28.29 -8.28
N VAL A 834 1.86 29.34 -7.49
CA VAL A 834 0.80 30.30 -7.78
C VAL A 834 1.14 31.14 -8.99
N ILE A 835 2.37 31.68 -9.03
CA ILE A 835 2.78 32.50 -10.15
C ILE A 835 2.69 31.70 -11.45
N THR A 836 3.14 30.46 -11.41
CA THR A 836 3.04 29.61 -12.60
C THR A 836 1.59 29.31 -12.94
N SER A 837 0.80 28.88 -11.96
CA SER A 837 -0.56 28.45 -12.25
C SER A 837 -1.43 29.61 -12.71
N ALA A 838 -1.23 30.80 -12.14
CA ALA A 838 -2.11 31.92 -12.45
C ALA A 838 -1.70 32.65 -13.71
N PHE A 839 -0.39 32.78 -13.95
CA PHE A 839 0.07 33.72 -14.97
C PHE A 839 0.81 33.10 -16.14
N ASP A 840 1.23 31.85 -16.05
CA ASP A 840 1.76 31.17 -17.23
C ASP A 840 0.74 31.28 -18.35
N SER A 841 1.24 31.54 -19.56
CA SER A 841 0.37 31.74 -20.72
C SER A 841 -0.62 32.87 -20.49
N ALA A 842 -0.26 33.84 -19.65
CA ALA A 842 -1.13 34.95 -19.30
C ALA A 842 -2.48 34.45 -18.78
N GLY A 843 -2.44 33.36 -18.02
CA GLY A 843 -3.66 32.81 -17.46
C GLY A 843 -4.60 32.19 -18.47
N GLN A 844 -4.13 31.99 -19.70
CA GLN A 844 -4.97 31.45 -20.76
C GLN A 844 -4.82 29.94 -20.87
N ARG A 845 -4.97 29.31 -19.72
CA ARG A 845 -5.11 27.87 -19.59
C ARG A 845 -6.43 27.63 -18.90
N CYS A 846 -7.18 26.63 -19.35
CA CYS A 846 -8.42 26.34 -18.67
C CYS A 846 -8.16 25.93 -17.23
N SER A 847 -6.99 25.38 -16.95
CA SER A 847 -6.58 24.90 -15.65
C SER A 847 -6.02 26.01 -14.77
N ALA A 848 -5.92 27.22 -15.29
CA ALA A 848 -5.19 28.28 -14.59
C ALA A 848 -5.80 28.58 -13.23
N LEU A 849 -4.95 28.94 -12.29
CA LEU A 849 -5.43 29.29 -10.97
C LEU A 849 -6.14 30.63 -11.03
N ARG A 850 -7.42 30.64 -10.61
CA ARG A 850 -8.22 31.85 -10.59
C ARG A 850 -8.43 32.41 -9.20
N VAL A 851 -8.46 31.55 -8.18
CA VAL A 851 -8.79 31.99 -6.82
C VAL A 851 -7.81 31.34 -5.88
N LEU A 852 -6.93 32.13 -5.28
CA LEU A 852 -6.02 31.65 -4.26
C LEU A 852 -6.64 31.93 -2.90
N CYS A 853 -6.69 30.90 -2.06
CA CYS A 853 -7.36 30.99 -0.76
C CYS A 853 -6.30 30.77 0.29
N LEU A 854 -6.02 31.81 1.06
CA LEU A 854 -4.92 31.80 2.01
C LEU A 854 -5.46 31.80 3.43
N GLN A 855 -4.95 30.89 4.24
CA GLN A 855 -5.33 30.89 5.64
C GLN A 855 -4.87 32.21 6.26
N GLU A 856 -5.74 32.78 7.10
CA GLU A 856 -5.59 34.16 7.52
C GLU A 856 -4.23 34.42 8.15
N ASP A 857 -3.72 33.46 8.93
CA ASP A 857 -2.50 33.67 9.70
C ASP A 857 -1.26 33.79 8.83
N VAL A 858 -1.31 33.30 7.58
CA VAL A 858 -0.17 33.39 6.67
C VAL A 858 -0.48 34.25 5.46
N ALA A 859 -1.68 34.83 5.40
CA ALA A 859 -2.12 35.49 4.16
C ALA A 859 -1.26 36.70 3.84
N ASP A 860 -0.97 37.54 4.84
CA ASP A 860 -0.20 38.75 4.59
C ASP A 860 1.20 38.43 4.08
N ARG A 861 1.87 37.47 4.75
CA ARG A 861 3.22 37.13 4.33
C ARG A 861 3.23 36.55 2.92
N ILE A 862 2.30 35.64 2.62
CA ILE A 862 2.29 35.04 1.30
C ILE A 862 1.93 36.08 0.25
N LEU A 863 0.95 36.94 0.56
CA LEU A 863 0.54 37.97 -0.40
C LEU A 863 1.68 38.93 -0.68
N THR A 864 2.43 39.33 0.34
CA THR A 864 3.59 40.17 0.11
C THR A 864 4.59 39.47 -0.81
N MET A 865 4.87 38.20 -0.55
CA MET A 865 5.80 37.48 -1.40
C MET A 865 5.25 37.32 -2.80
N LEU A 866 3.95 37.08 -2.91
CA LEU A 866 3.34 36.90 -4.22
C LEU A 866 3.43 38.18 -5.06
N LYS A 867 3.14 39.33 -4.44
CA LYS A 867 3.23 40.59 -5.17
C LYS A 867 4.67 40.87 -5.58
N GLY A 868 5.63 40.55 -4.72
CA GLY A 868 7.02 40.74 -5.09
C GLY A 868 7.41 39.85 -6.25
N ALA A 869 6.92 38.60 -6.25
CA ALA A 869 7.23 37.71 -7.36
C ALA A 869 6.55 38.18 -8.63
N LEU A 870 5.34 38.72 -8.50
CA LEU A 870 4.62 39.22 -9.66
C LEU A 870 5.45 40.24 -10.41
N HIS A 871 6.12 41.12 -9.69
CA HIS A 871 6.83 42.21 -10.34
C HIS A 871 8.14 41.78 -10.98
N GLU A 872 8.54 40.53 -10.80
CA GLU A 872 9.72 39.99 -11.46
C GLU A 872 9.41 39.35 -12.81
N LEU A 873 8.14 39.35 -13.22
CA LEU A 873 7.77 38.74 -14.49
C LEU A 873 8.02 39.71 -15.63
N HIS A 874 8.51 39.16 -16.74
CA HIS A 874 8.75 39.89 -17.97
C HIS A 874 7.60 39.58 -18.93
N ILE A 875 6.86 40.62 -19.30
CA ILE A 875 5.72 40.51 -20.21
C ILE A 875 6.16 41.09 -21.55
N GLY A 876 5.93 40.34 -22.62
CA GLY A 876 6.26 40.88 -23.94
C GLY A 876 6.02 39.87 -25.03
N ARG A 877 6.39 40.26 -26.24
CA ARG A 877 6.36 39.35 -27.37
C ARG A 877 7.20 38.13 -27.06
N THR A 878 6.65 36.95 -27.33
CA THR A 878 7.18 35.73 -26.75
C THR A 878 8.31 35.10 -27.55
N ASP A 879 8.81 35.76 -28.58
CA ASP A 879 9.97 35.25 -29.31
C ASP A 879 11.30 35.59 -28.63
N ARG A 880 11.28 35.81 -27.32
CA ARG A 880 12.47 35.98 -26.52
C ARG A 880 12.38 35.03 -25.33
N LEU A 881 13.45 34.28 -25.07
CA LEU A 881 13.47 33.36 -23.94
C LEU A 881 13.21 34.06 -22.62
N SER A 882 13.59 35.33 -22.51
CA SER A 882 13.41 36.04 -21.24
C SER A 882 11.96 36.43 -20.97
N VAL A 883 11.04 36.21 -21.90
CA VAL A 883 9.67 36.59 -21.67
C VAL A 883 8.96 35.50 -20.89
N ASP A 884 8.34 35.89 -19.77
CA ASP A 884 7.60 34.95 -18.95
C ASP A 884 6.14 34.88 -19.34
N VAL A 885 5.55 36.02 -19.66
CA VAL A 885 4.11 36.13 -19.87
C VAL A 885 3.90 36.81 -21.20
N GLY A 886 3.17 36.15 -22.09
CA GLY A 886 2.90 36.71 -23.39
C GLY A 886 1.60 37.48 -23.44
N PRO A 887 1.13 37.72 -24.64
CA PRO A 887 -0.07 38.54 -24.82
C PRO A 887 -1.32 37.72 -24.58
N VAL A 888 -2.43 38.45 -24.45
CA VAL A 888 -3.72 37.82 -24.61
C VAL A 888 -4.04 37.73 -26.09
N ILE A 889 -4.94 36.80 -26.44
CA ILE A 889 -5.02 36.36 -27.83
C ILE A 889 -5.56 37.44 -28.76
N THR A 890 -6.49 38.28 -28.29
CA THR A 890 -7.14 39.26 -29.14
C THR A 890 -7.44 40.51 -28.33
N SER A 891 -7.73 41.59 -29.05
CA SER A 891 -8.16 42.83 -28.41
CA SER A 891 -8.15 42.82 -28.40
C SER A 891 -9.48 42.63 -27.66
N GLU A 892 -10.35 41.77 -28.17
CA GLU A 892 -11.62 41.54 -27.50
C GLU A 892 -11.40 40.83 -26.18
N ALA A 893 -10.49 39.84 -26.18
CA ALA A 893 -10.15 39.17 -24.92
C ALA A 893 -9.55 40.17 -23.95
N LYS A 894 -8.65 41.03 -24.43
CA LYS A 894 -8.08 42.07 -23.59
C LYS A 894 -9.17 42.96 -23.01
N ASP A 895 -10.10 43.41 -23.85
CA ASP A 895 -11.17 44.30 -23.38
C ASP A 895 -12.02 43.61 -22.33
N ASN A 896 -12.34 42.33 -22.54
CA ASN A 896 -13.15 41.60 -21.59
C ASN A 896 -12.43 41.46 -20.26
N ILE A 897 -11.14 41.15 -20.29
CA ILE A 897 -10.39 40.98 -19.05
C ILE A 897 -10.28 42.32 -18.33
N GLU A 898 -9.97 43.38 -19.08
CA GLU A 898 -9.81 44.69 -18.44
C GLU A 898 -11.12 45.19 -17.85
N LYS A 899 -12.24 44.88 -18.51
CA LYS A 899 -13.53 45.26 -17.94
C LYS A 899 -13.73 44.61 -16.58
N HIS A 900 -13.34 43.34 -16.45
CA HIS A 900 -13.44 42.68 -15.16
C HIS A 900 -12.55 43.35 -14.13
N ILE A 901 -11.31 43.63 -14.49
CA ILE A 901 -10.38 44.26 -13.55
C ILE A 901 -10.92 45.59 -13.06
N GLU A 902 -11.49 46.39 -13.97
CA GLU A 902 -11.99 47.70 -13.59
C GLU A 902 -13.25 47.60 -12.75
N ARG A 903 -14.11 46.63 -13.05
CA ARG A 903 -15.26 46.37 -12.18
C ARG A 903 -14.79 46.09 -10.76
N MET A 904 -13.86 45.15 -10.60
CA MET A 904 -13.30 44.86 -9.28
C MET A 904 -12.68 46.10 -8.66
N ARG A 905 -11.89 46.83 -9.44
CA ARG A 905 -11.27 48.05 -8.92
C ARG A 905 -12.33 49.06 -8.50
N GLY A 906 -13.43 49.12 -9.25
CA GLY A 906 -14.50 50.04 -8.90
C GLY A 906 -15.24 49.65 -7.62
N LEU A 907 -15.26 48.35 -7.31
CA LEU A 907 -15.87 47.88 -6.07
C LEU A 907 -15.00 48.15 -4.84
N GLY A 908 -13.80 48.69 -5.02
CA GLY A 908 -12.90 48.94 -3.92
C GLY A 908 -11.93 47.82 -3.62
N ARG A 909 -11.86 46.78 -4.45
CA ARG A 909 -10.94 45.69 -4.20
C ARG A 909 -9.52 46.13 -4.53
N LYS A 910 -8.56 45.65 -3.72
CA LYS A 910 -7.16 45.98 -3.97
C LYS A 910 -6.66 45.23 -5.21
N VAL A 911 -6.06 45.99 -6.13
CA VAL A 911 -5.61 45.48 -7.42
C VAL A 911 -4.12 45.78 -7.53
N GLU A 912 -3.31 44.73 -7.73
CA GLU A 912 -1.89 44.84 -7.96
C GLU A 912 -1.62 44.45 -9.41
N GLN A 913 -0.91 45.31 -10.14
CA GLN A 913 -0.62 45.02 -11.54
C GLN A 913 0.83 45.35 -11.85
N ILE A 914 1.45 44.49 -12.65
CA ILE A 914 2.78 44.79 -13.17
C ILE A 914 2.66 45.91 -14.19
N GLY A 915 3.70 46.75 -14.25
CA GLY A 915 3.75 47.77 -15.28
C GLY A 915 4.27 47.16 -16.57
N LEU A 916 3.60 47.48 -17.67
CA LEU A 916 3.95 46.93 -18.96
C LEU A 916 4.93 47.83 -19.69
N ALA A 917 5.85 47.22 -20.42
CA ALA A 917 6.78 47.99 -21.24
C ALA A 917 6.05 48.63 -22.41
N SER A 918 6.62 49.72 -22.92
CA SER A 918 6.02 50.40 -24.06
C SER A 918 5.90 49.49 -25.26
N GLU A 919 6.82 48.51 -25.39
CA GLU A 919 6.81 47.59 -26.52
C GLU A 919 5.54 46.76 -26.61
N THR A 920 4.80 46.64 -25.51
CA THR A 920 3.57 45.87 -25.56
C THR A 920 2.47 46.58 -26.36
N GLY A 921 2.64 47.87 -26.65
CA GLY A 921 1.60 48.62 -27.34
C GLY A 921 1.24 48.06 -28.70
N VAL A 922 2.18 47.38 -29.36
CA VAL A 922 1.92 46.84 -30.69
C VAL A 922 1.15 45.53 -30.66
N GLY A 923 0.95 44.94 -29.48
CA GLY A 923 0.15 43.75 -29.37
C GLY A 923 -0.99 43.94 -28.38
N THR A 924 -1.60 42.84 -27.93
CA THR A 924 -2.72 42.90 -26.98
C THR A 924 -2.30 42.23 -25.69
N PHE A 925 -1.88 43.03 -24.72
CA PHE A 925 -1.37 42.53 -23.46
C PHE A 925 -2.23 42.99 -22.30
N VAL A 926 -2.36 42.12 -21.31
CA VAL A 926 -2.94 42.45 -20.02
C VAL A 926 -1.88 42.14 -18.98
N PRO A 927 -1.54 43.05 -18.09
CA PRO A 927 -0.52 42.76 -17.10
C PRO A 927 -1.05 41.74 -16.11
N PRO A 928 -0.22 40.79 -15.70
CA PRO A 928 -0.56 39.93 -14.56
C PRO A 928 -1.08 40.79 -13.42
N THR A 929 -2.19 40.35 -12.86
CA THR A 929 -2.99 41.15 -11.94
C THR A 929 -3.39 40.29 -10.77
N ILE A 930 -3.29 40.86 -9.56
CA ILE A 930 -3.75 40.21 -8.35
C ILE A 930 -4.87 41.07 -7.78
N ILE A 931 -6.02 40.46 -7.54
CA ILE A 931 -7.20 41.15 -7.02
C ILE A 931 -7.57 40.50 -5.70
N GLU A 932 -7.62 41.28 -4.64
CA GLU A 932 -7.99 40.75 -3.33
C GLU A 932 -9.50 40.85 -3.16
N LEU A 933 -10.15 39.71 -3.01
CA LEU A 933 -11.60 39.65 -2.89
C LEU A 933 -11.99 39.51 -1.42
N GLU A 934 -13.23 39.90 -1.13
CA GLU A 934 -13.84 39.70 0.17
C GLU A 934 -14.48 38.32 0.27
N LYS A 935 -15.24 37.93 -0.75
CA LYS A 935 -15.91 36.64 -0.79
C LYS A 935 -15.70 36.01 -2.15
N LEU A 936 -15.73 34.68 -2.19
CA LEU A 936 -15.64 33.96 -3.46
C LEU A 936 -16.81 34.31 -4.37
N SER A 937 -17.94 34.72 -3.79
CA SER A 937 -19.10 35.13 -4.57
C SER A 937 -18.87 36.43 -5.34
N ASP A 938 -17.78 37.14 -5.06
CA ASP A 938 -17.43 38.30 -5.89
C ASP A 938 -17.18 37.92 -7.34
N LEU A 939 -16.86 36.66 -7.62
CA LEU A 939 -16.64 36.20 -8.97
C LEU A 939 -17.93 35.65 -9.57
N GLN A 940 -18.14 35.94 -10.84
CA GLN A 940 -19.32 35.46 -11.55
C GLN A 940 -18.96 34.29 -12.45
N ARG A 941 -18.25 34.56 -13.55
CA ARG A 941 -17.85 33.54 -14.51
C ARG A 941 -16.34 33.57 -14.70
N GLU A 942 -15.83 32.53 -15.35
CA GLU A 942 -14.41 32.43 -15.66
C GLU A 942 -13.92 33.70 -16.36
N VAL A 943 -12.79 34.22 -15.88
CA VAL A 943 -12.10 35.34 -16.52
C VAL A 943 -10.80 34.76 -17.09
N PHE A 944 -10.75 34.61 -18.41
CA PHE A 944 -9.72 33.81 -19.06
C PHE A 944 -8.55 34.74 -19.40
N GLY A 945 -7.79 35.08 -18.35
CA GLY A 945 -6.70 36.00 -18.50
C GLY A 945 -5.84 35.97 -17.26
N PRO A 946 -4.84 36.85 -17.21
CA PRO A 946 -3.84 36.79 -16.13
C PRO A 946 -4.30 37.52 -14.88
N VAL A 947 -5.38 37.02 -14.29
CA VAL A 947 -6.05 37.70 -13.18
C VAL A 947 -6.22 36.69 -12.06
N LEU A 948 -5.45 36.85 -11.00
CA LEU A 948 -5.53 36.00 -9.84
C LEU A 948 -6.33 36.72 -8.77
N HIS A 949 -7.32 36.04 -8.22
CA HIS A 949 -8.09 36.57 -7.11
C HIS A 949 -7.63 35.89 -5.84
N VAL A 950 -7.59 36.64 -4.74
CA VAL A 950 -7.08 36.16 -3.47
C VAL A 950 -8.16 36.33 -2.43
N ILE A 951 -8.48 35.25 -1.73
CA ILE A 951 -9.43 35.28 -0.62
C ILE A 951 -8.71 34.76 0.61
N ARG A 952 -9.09 35.25 1.78
CA ARG A 952 -8.52 34.80 3.03
C ARG A 952 -9.56 34.02 3.80
N TYR A 953 -9.12 33.01 4.56
CA TYR A 953 -10.07 32.25 5.34
C TYR A 953 -9.46 31.89 6.69
N ARG A 954 -10.34 31.78 7.70
CA ARG A 954 -9.95 31.28 9.00
C ARG A 954 -9.96 29.76 8.98
N ARG A 955 -8.99 29.15 9.68
CA ARG A 955 -8.82 27.71 9.65
C ARG A 955 -10.13 26.97 9.92
N ASP A 956 -10.90 27.41 10.92
CA ASP A 956 -12.12 26.69 11.26
C ASP A 956 -13.14 26.75 10.13
N ASP A 957 -13.00 27.70 9.21
CA ASP A 957 -13.92 27.86 8.09
C ASP A 957 -13.46 27.12 6.83
N LEU A 958 -12.48 26.23 6.96
CA LEU A 958 -11.99 25.52 5.79
C LEU A 958 -13.09 24.75 5.09
N ASP A 959 -13.96 24.09 5.85
CA ASP A 959 -15.00 23.29 5.20
C ASP A 959 -15.99 24.18 4.49
N ARG A 960 -16.36 25.30 5.10
CA ARG A 960 -17.22 26.27 4.43
C ARG A 960 -16.55 26.78 3.16
N LEU A 961 -15.23 27.00 3.21
CA LEU A 961 -14.51 27.48 2.04
C LEU A 961 -14.60 26.47 0.90
N VAL A 962 -14.40 25.19 1.20
CA VAL A 962 -14.53 24.17 0.17
C VAL A 962 -15.94 24.20 -0.42
N ASP A 963 -16.96 24.37 0.43
CA ASP A 963 -18.32 24.57 -0.08
C ASP A 963 -18.37 25.75 -1.03
N ASP A 964 -17.74 26.87 -0.66
CA ASP A 964 -17.78 28.06 -1.50
C ASP A 964 -17.12 27.80 -2.85
N VAL A 965 -15.99 27.08 -2.85
CA VAL A 965 -15.34 26.74 -4.10
C VAL A 965 -16.26 25.88 -4.95
N ASN A 966 -16.86 24.87 -4.33
CA ASN A 966 -17.77 23.99 -5.07
C ASN A 966 -18.99 24.76 -5.57
N ALA A 967 -19.39 25.81 -4.84
CA ALA A 967 -20.65 26.49 -5.14
C ALA A 967 -20.61 27.30 -6.42
N THR A 968 -19.44 27.55 -7.00
CA THR A 968 -19.40 28.22 -8.29
C THR A 968 -20.04 27.38 -9.37
N GLY A 969 -20.10 26.06 -9.18
CA GLY A 969 -20.59 25.17 -10.20
C GLY A 969 -19.51 24.64 -11.11
N TYR A 970 -18.33 25.24 -11.09
CA TYR A 970 -17.22 24.71 -11.86
C TYR A 970 -16.59 23.55 -11.11
N GLY A 971 -15.65 22.88 -11.75
CA GLY A 971 -15.03 21.74 -11.14
C GLY A 971 -13.92 21.17 -11.99
N LEU A 972 -12.99 22.04 -12.38
CA LEU A 972 -11.94 21.62 -13.31
C LEU A 972 -10.67 21.28 -12.53
N THR A 973 -9.82 22.25 -12.25
CA THR A 973 -8.63 21.98 -11.45
C THR A 973 -8.78 22.56 -10.05
N PHE A 974 -8.01 21.99 -9.14
CA PHE A 974 -8.02 22.45 -7.76
C PHE A 974 -6.69 22.08 -7.14
N GLY A 975 -6.12 23.02 -6.38
CA GLY A 975 -4.86 22.79 -5.71
C GLY A 975 -4.99 22.92 -4.22
N LEU A 976 -4.16 22.17 -3.52
CA LEU A 976 -4.08 22.27 -2.07
C LEU A 976 -2.63 22.24 -1.67
N HIS A 977 -2.20 23.23 -0.89
CA HIS A 977 -0.85 23.26 -0.34
C HIS A 977 -0.98 23.11 1.16
N THR A 978 -0.53 21.97 1.66
CA THR A 978 -0.54 21.67 3.08
C THR A 978 0.38 20.50 3.30
N ARG A 979 0.91 20.42 4.49
CA ARG A 979 1.69 19.26 4.89
C ARG A 979 0.88 18.28 5.72
N LEU A 980 -0.37 18.59 6.00
CA LEU A 980 -1.13 17.91 7.05
C LEU A 980 -2.08 16.91 6.43
N ASP A 981 -1.89 15.63 6.77
CA ASP A 981 -2.75 14.59 6.22
C ASP A 981 -4.22 14.82 6.55
N GLU A 982 -4.54 15.31 7.75
CA GLU A 982 -5.95 15.51 8.06
C GLU A 982 -6.56 16.53 7.11
N THR A 983 -5.80 17.56 6.77
CA THR A 983 -6.32 18.59 5.88
C THR A 983 -6.42 18.05 4.46
N ILE A 984 -5.45 17.24 4.03
CA ILE A 984 -5.52 16.63 2.70
C ILE A 984 -6.77 15.76 2.60
N ALA A 985 -6.97 14.92 3.62
CA ALA A 985 -8.10 13.98 3.57
C ALA A 985 -9.42 14.75 3.55
N HIS A 986 -9.54 15.76 4.41
CA HIS A 986 -10.74 16.57 4.47
C HIS A 986 -11.00 17.24 3.14
N VAL A 987 -10.02 18.02 2.67
CA VAL A 987 -10.25 18.84 1.49
C VAL A 987 -10.48 17.98 0.25
N THR A 988 -9.68 16.94 0.06
CA THR A 988 -9.85 16.16 -1.17
C THR A 988 -11.13 15.35 -1.15
N SER A 989 -11.65 15.02 0.03
CA SER A 989 -12.90 14.29 0.09
C SER A 989 -14.09 15.20 -0.18
N ARG A 990 -13.96 16.49 0.09
CA ARG A 990 -15.08 17.42 -0.01
C ARG A 990 -15.07 18.23 -1.30
N ILE A 991 -13.90 18.49 -1.87
CA ILE A 991 -13.83 19.23 -3.13
C ILE A 991 -14.46 18.40 -4.23
N LYS A 992 -15.07 19.08 -5.19
CA LYS A 992 -15.69 18.42 -6.34
C LYS A 992 -15.05 18.99 -7.60
N ALA A 993 -13.92 18.40 -7.99
CA ALA A 993 -13.22 18.84 -9.19
C ALA A 993 -12.53 17.64 -9.82
N GLY A 994 -12.28 17.75 -11.12
CA GLY A 994 -11.79 16.59 -11.85
C GLY A 994 -10.30 16.37 -11.74
N ASN A 995 -9.52 17.43 -11.48
CA ASN A 995 -8.07 17.31 -11.42
C ASN A 995 -7.61 18.01 -10.16
N LEU A 996 -7.09 17.23 -9.23
CA LEU A 996 -6.62 17.76 -7.96
C LEU A 996 -5.10 17.71 -7.95
N TYR A 997 -4.49 18.68 -7.27
CA TYR A 997 -3.04 18.79 -7.23
C TYR A 997 -2.66 19.15 -5.82
N ILE A 998 -1.77 18.38 -5.24
CA ILE A 998 -1.36 18.55 -3.85
CA ILE A 998 -1.35 18.56 -3.85
C ILE A 998 0.11 18.96 -3.84
N ASN A 999 0.38 20.15 -3.30
CA ASN A 999 1.74 20.65 -3.10
C ASN A 999 2.50 20.84 -4.39
N ARG A 1000 1.78 21.27 -5.43
CA ARG A 1000 2.38 21.55 -6.73
C ARG A 1000 1.47 22.53 -7.45
N ASN A 1001 1.87 22.91 -8.67
CA ASN A 1001 1.00 23.77 -9.44
C ASN A 1001 -0.22 22.97 -9.92
N ILE A 1002 -1.17 23.67 -10.51
CA ILE A 1002 -2.43 23.04 -10.90
C ILE A 1002 -2.59 22.98 -12.41
N ILE A 1003 -1.52 23.14 -13.17
N ILE A 1003 -1.48 23.09 -13.16
CA ILE A 1003 -1.65 23.17 -14.61
CA ILE A 1003 -1.50 23.22 -14.61
C ILE A 1003 -1.27 21.83 -15.25
C ILE A 1003 -0.56 22.21 -15.25
N GLY A 1004 -1.16 20.78 -14.44
N GLY A 1004 -0.62 22.13 -16.57
CA GLY A 1004 -0.78 19.47 -14.92
CA GLY A 1004 0.20 21.19 -17.31
C GLY A 1004 -1.85 18.77 -15.72
C GLY A 1004 -0.10 19.73 -17.07
N ALA A 1005 -1.52 18.42 -16.96
N ALA A 1005 -1.37 19.36 -16.99
CA ALA A 1005 -2.43 17.65 -17.79
CA ALA A 1005 -1.73 17.95 -16.84
C ALA A 1005 -1.68 16.57 -18.54
C ALA A 1005 -1.12 17.11 -17.95
N VAL A 1006 -0.66 16.00 -17.89
N VAL A 1006 -0.63 15.94 -17.59
CA VAL A 1006 0.20 15.00 -18.52
CA VAL A 1006 0.10 15.06 -18.49
C VAL A 1006 -0.66 13.83 -18.95
C VAL A 1006 -0.82 13.94 -18.96
N VAL A 1007 -0.79 13.66 -20.27
CA VAL A 1007 -1.66 12.64 -20.84
C VAL A 1007 -1.36 11.29 -20.20
N GLY A 1008 -2.42 10.57 -19.80
CA GLY A 1008 -2.24 9.26 -19.22
C GLY A 1008 -1.65 9.25 -17.84
N VAL A 1009 -1.36 10.42 -17.26
CA VAL A 1009 -0.78 10.55 -15.94
C VAL A 1009 -1.67 11.40 -15.05
N GLN A 1010 -2.08 12.56 -15.54
CA GLN A 1010 -3.22 13.29 -15.00
C GLN A 1010 -4.24 13.39 -16.14
N PRO A 1011 -4.99 12.32 -16.41
CA PRO A 1011 -6.13 12.43 -17.32
C PRO A 1011 -6.92 13.66 -16.92
N PHE A 1012 -7.28 14.48 -17.89
CA PHE A 1012 -7.67 15.84 -17.62
C PHE A 1012 -9.12 16.07 -17.99
N GLY A 1013 -9.85 16.69 -17.10
CA GLY A 1013 -11.21 17.09 -17.40
C GLY A 1013 -12.00 17.16 -16.14
N GLY A 1014 -12.96 18.08 -16.13
CA GLY A 1014 -13.73 18.34 -14.94
C GLY A 1014 -15.20 18.02 -15.04
N ARG A 1015 -15.94 18.56 -14.07
CA ARG A 1015 -17.34 18.24 -13.89
C ARG A 1015 -18.11 19.54 -13.74
N GLY A 1016 -19.42 19.42 -13.58
CA GLY A 1016 -20.23 20.61 -13.46
C GLY A 1016 -20.12 21.47 -14.70
N LEU A 1017 -19.95 22.78 -14.48
CA LEU A 1017 -19.80 23.71 -15.60
C LEU A 1017 -18.50 23.50 -16.35
N SER A 1018 -17.62 22.61 -15.87
CA SER A 1018 -16.32 22.42 -16.48
C SER A 1018 -16.23 21.25 -17.43
N GLY A 1019 -17.26 20.39 -17.51
CA GLY A 1019 -17.12 19.30 -18.44
C GLY A 1019 -18.22 18.27 -18.32
N THR A 1020 -18.45 17.57 -19.42
CA THR A 1020 -19.29 16.38 -19.40
C THR A 1020 -18.47 15.13 -19.15
N GLY A 1021 -17.17 15.19 -19.41
CA GLY A 1021 -16.39 13.99 -19.53
C GLY A 1021 -16.80 13.21 -20.77
N PRO A 1022 -16.15 12.08 -20.99
CA PRO A 1022 -15.02 11.54 -20.21
C PRO A 1022 -13.75 12.37 -20.41
N LYS A 1023 -12.77 12.12 -19.55
CA LYS A 1023 -11.53 12.88 -19.56
C LYS A 1023 -10.71 12.61 -20.81
N ALA A 1024 -10.24 13.69 -21.42
CA ALA A 1024 -9.20 13.56 -22.42
C ALA A 1024 -7.93 13.02 -21.75
N GLY A 1025 -7.18 12.23 -22.51
CA GLY A 1025 -5.97 11.65 -22.00
C GLY A 1025 -6.23 10.63 -20.92
N GLY A 1026 -7.44 10.10 -20.88
CA GLY A 1026 -7.81 9.06 -19.95
C GLY A 1026 -8.43 7.88 -20.67
N PRO A 1027 -8.65 6.81 -19.93
CA PRO A 1027 -8.98 5.53 -20.56
C PRO A 1027 -10.44 5.38 -20.95
N LEU A 1028 -11.31 6.30 -20.56
CA LEU A 1028 -12.72 6.22 -20.95
C LEU A 1028 -13.02 7.01 -22.22
N TYR A 1029 -12.03 7.72 -22.74
CA TYR A 1029 -12.28 8.69 -23.80
C TYR A 1029 -12.67 8.00 -25.09
N LEU A 1030 -11.88 7.03 -25.54
CA LEU A 1030 -12.17 6.43 -26.84
C LEU A 1030 -13.52 5.77 -26.85
N GLY A 1031 -13.95 5.22 -25.72
CA GLY A 1031 -15.21 4.50 -25.66
C GLY A 1031 -16.41 5.36 -25.93
N ARG A 1032 -16.29 6.67 -25.77
CA ARG A 1032 -17.37 7.58 -26.09
C ARG A 1032 -17.52 7.79 -27.59
N LEU A 1033 -16.52 7.41 -28.37
CA LEU A 1033 -16.47 7.70 -29.79
C LEU A 1033 -16.83 6.49 -30.64
N VAL A 1034 -17.37 5.44 -30.02
CA VAL A 1034 -17.85 4.26 -30.70
C VAL A 1034 -19.26 3.99 -30.20
N THR A 1035 -20.00 3.19 -30.96
CA THR A 1035 -21.40 2.95 -30.59
C THR A 1035 -21.53 2.00 -29.40
N THR A 1036 -20.60 1.06 -29.27
CA THR A 1036 -20.55 0.15 -28.12
C THR A 1036 -19.19 0.34 -27.46
N ALA A 1037 -19.19 0.83 -26.23
CA ALA A 1037 -17.94 1.14 -25.56
C ALA A 1037 -17.18 -0.14 -25.21
N PRO A 1038 -15.89 -0.20 -25.46
CA PRO A 1038 -15.09 -1.33 -25.01
C PRO A 1038 -14.84 -1.21 -23.52
N VAL A 1039 -14.26 -2.26 -22.95
CA VAL A 1039 -13.82 -2.25 -21.56
C VAL A 1039 -12.42 -1.64 -21.52
N PRO A 1040 -12.24 -0.49 -20.90
CA PRO A 1040 -10.92 0.14 -20.91
C PRO A 1040 -9.93 -0.70 -20.11
N PRO A 1041 -8.63 -0.54 -20.37
CA PRO A 1041 -7.63 -1.22 -19.55
C PRO A 1041 -7.83 -0.83 -18.09
N GLN A 1042 -7.63 -1.80 -17.19
CA GLN A 1042 -7.67 -1.63 -15.74
C GLN A 1042 -9.02 -1.16 -15.22
N HIS A 1043 -10.06 -1.20 -16.03
CA HIS A 1043 -11.35 -0.61 -15.67
C HIS A 1043 -12.23 -1.70 -15.07
N SER A 1044 -12.24 -1.77 -13.74
CA SER A 1044 -13.11 -2.66 -13.00
C SER A 1044 -13.05 -2.21 -11.55
N SER A 1045 -13.94 -2.77 -10.74
CA SER A 1045 -13.92 -2.49 -9.32
C SER A 1045 -14.49 -3.70 -8.60
N VAL A 1046 -13.83 -4.09 -7.51
CA VAL A 1046 -14.37 -5.16 -6.69
C VAL A 1046 -15.44 -4.69 -5.74
N HIS A 1047 -15.69 -3.38 -5.68
CA HIS A 1047 -16.62 -2.84 -4.72
C HIS A 1047 -18.02 -2.76 -5.29
N THR A 1048 -19.00 -3.06 -4.47
CA THR A 1048 -20.39 -3.01 -4.87
C THR A 1048 -21.09 -1.96 -4.02
N ASP A 1049 -21.79 -1.05 -4.68
CA ASP A 1049 -22.48 -0.01 -3.96
C ASP A 1049 -23.54 -0.64 -3.06
N PRO A 1050 -23.57 -0.28 -1.77
CA PRO A 1050 -24.48 -0.95 -0.85
C PRO A 1050 -25.93 -0.54 -1.04
N VAL A 1051 -26.16 0.66 -1.55
CA VAL A 1051 -27.53 1.08 -1.83
C VAL A 1051 -28.05 0.32 -3.05
N LEU A 1052 -27.21 0.11 -4.06
CA LEU A 1052 -27.57 -0.81 -5.13
C LEU A 1052 -27.97 -2.16 -4.58
N LEU A 1053 -27.17 -2.72 -3.66
CA LEU A 1053 -27.51 -4.03 -3.11
C LEU A 1053 -28.84 -3.99 -2.39
N ASP A 1054 -29.09 -2.92 -1.61
CA ASP A 1054 -30.37 -2.81 -0.92
C ASP A 1054 -31.50 -2.73 -1.93
N PHE A 1055 -31.28 -2.00 -3.02
CA PHE A 1055 -32.30 -1.89 -4.06
C PHE A 1055 -32.57 -3.23 -4.72
N ALA A 1056 -31.51 -3.99 -5.03
CA ALA A 1056 -31.71 -5.32 -5.61
C ALA A 1056 -32.54 -6.21 -4.71
N LYS A 1057 -32.28 -6.17 -3.40
CA LYS A 1057 -33.08 -6.98 -2.47
C LYS A 1057 -34.52 -6.51 -2.44
N TRP A 1058 -34.72 -5.19 -2.45
CA TRP A 1058 -36.07 -4.64 -2.51
C TRP A 1058 -36.79 -5.11 -3.78
N LEU A 1059 -36.10 -5.10 -4.91
CA LEU A 1059 -36.70 -5.54 -6.17
C LEU A 1059 -37.15 -6.98 -6.06
N ASP A 1060 -36.29 -7.84 -5.51
CA ASP A 1060 -36.70 -9.22 -5.29
C ASP A 1060 -37.91 -9.31 -4.37
N GLY A 1061 -37.94 -8.50 -3.32
CA GLY A 1061 -39.09 -8.53 -2.42
C GLY A 1061 -40.37 -8.07 -3.09
N LYS A 1062 -40.26 -7.16 -4.06
CA LYS A 1062 -41.41 -6.72 -4.83
C LYS A 1062 -41.81 -7.70 -5.93
N GLY A 1063 -41.04 -8.77 -6.14
CA GLY A 1063 -41.31 -9.69 -7.22
C GLY A 1063 -40.67 -9.35 -8.56
N ALA A 1064 -39.87 -8.27 -8.62
CA ALA A 1064 -39.25 -7.84 -9.87
C ALA A 1064 -37.93 -8.59 -10.06
N ARG A 1065 -38.07 -9.88 -10.33
CA ARG A 1065 -36.94 -10.79 -10.25
C ARG A 1065 -35.90 -10.49 -11.34
N ALA A 1066 -36.35 -10.29 -12.57
CA ALA A 1066 -35.40 -9.99 -13.64
C ALA A 1066 -34.70 -8.66 -13.38
N GLU A 1067 -35.42 -7.67 -12.85
CA GLU A 1067 -34.80 -6.38 -12.56
C GLU A 1067 -33.80 -6.49 -11.41
N ALA A 1068 -34.12 -7.32 -10.40
CA ALA A 1068 -33.17 -7.54 -9.30
C ALA A 1068 -31.89 -8.16 -9.83
N GLU A 1069 -32.00 -9.11 -10.76
CA GLU A 1069 -30.81 -9.69 -11.37
C GLU A 1069 -30.05 -8.64 -12.16
N ALA A 1070 -30.77 -7.82 -12.93
CA ALA A 1070 -30.10 -6.75 -13.67
C ALA A 1070 -29.44 -5.78 -12.71
N ALA A 1071 -30.06 -5.53 -11.55
CA ALA A 1071 -29.46 -4.64 -10.57
C ALA A 1071 -28.17 -5.23 -10.02
N ARG A 1072 -28.18 -6.52 -9.65
CA ARG A 1072 -26.96 -7.15 -9.19
C ARG A 1072 -25.88 -7.11 -10.26
N ASN A 1073 -26.26 -7.35 -11.52
CA ASN A 1073 -25.28 -7.29 -12.60
C ASN A 1073 -24.69 -5.89 -12.74
N ALA A 1074 -25.54 -4.86 -12.61
CA ALA A 1074 -25.03 -3.50 -12.65
C ALA A 1074 -24.10 -3.24 -11.49
N GLY A 1075 -24.44 -3.77 -10.31
CA GLY A 1075 -23.55 -3.61 -9.17
C GLY A 1075 -22.16 -4.15 -9.43
N SER A 1076 -22.08 -5.32 -10.09
CA SER A 1076 -20.79 -5.92 -10.40
C SER A 1076 -20.11 -5.22 -11.56
N SER A 1077 -20.87 -4.83 -12.57
CA SER A 1077 -20.27 -4.23 -13.76
CA SER A 1077 -20.29 -4.21 -13.76
C SER A 1077 -19.75 -2.82 -13.49
N SER A 1078 -20.33 -2.13 -12.52
CA SER A 1078 -19.90 -0.79 -12.19
C SER A 1078 -18.43 -0.77 -11.82
N ALA A 1079 -17.72 0.24 -12.28
CA ALA A 1079 -16.33 0.44 -11.88
C ALA A 1079 -16.20 1.49 -10.80
N LEU A 1080 -17.31 1.92 -10.21
CA LEU A 1080 -17.26 2.80 -9.05
C LEU A 1080 -16.31 2.22 -8.02
N GLY A 1081 -15.39 3.06 -7.53
CA GLY A 1081 -14.43 2.59 -6.56
C GLY A 1081 -13.08 2.21 -7.14
N LEU A 1082 -12.96 2.16 -8.46
CA LEU A 1082 -11.65 2.01 -9.09
CA LEU A 1082 -11.65 2.01 -9.09
C LEU A 1082 -10.70 3.03 -8.50
N ASP A 1083 -9.49 2.59 -8.17
CA ASP A 1083 -8.54 3.45 -7.49
C ASP A 1083 -7.15 2.99 -7.92
N LEU A 1084 -6.55 3.74 -8.84
CA LEU A 1084 -5.31 3.32 -9.49
C LEU A 1084 -4.24 4.38 -9.29
N GLU A 1085 -3.01 3.92 -9.26
CA GLU A 1085 -1.86 4.81 -9.39
C GLU A 1085 -1.31 4.64 -10.79
N LEU A 1086 -1.19 5.74 -11.51
CA LEU A 1086 -0.72 5.76 -12.89
C LEU A 1086 0.78 5.99 -12.93
N PRO A 1087 1.48 5.27 -13.79
CA PRO A 1087 2.93 5.47 -13.92
C PRO A 1087 3.26 6.90 -14.32
N GLY A 1088 4.30 7.43 -13.69
CA GLY A 1088 4.74 8.77 -14.00
C GLY A 1088 6.13 9.02 -13.46
N PRO A 1089 6.47 10.30 -13.31
CA PRO A 1089 7.79 10.65 -12.83
C PRO A 1089 7.96 10.29 -11.35
N VAL A 1090 9.22 10.12 -10.96
CA VAL A 1090 9.53 9.99 -9.54
C VAL A 1090 9.12 11.26 -8.81
N GLY A 1091 8.94 11.12 -7.50
CA GLY A 1091 8.63 12.27 -6.68
C GLY A 1091 7.23 12.79 -6.86
N GLU A 1092 6.36 11.98 -7.44
CA GLU A 1092 4.97 12.34 -7.64
C GLU A 1092 4.16 11.06 -7.56
N ARG A 1093 2.96 11.16 -6.99
CA ARG A 1093 2.00 10.07 -7.00
C ARG A 1093 0.80 10.56 -7.78
N ASN A 1094 0.47 9.84 -8.85
CA ASN A 1094 -0.60 10.27 -9.74
C ASN A 1094 -1.71 9.23 -9.67
N LEU A 1095 -2.84 9.64 -9.13
CA LEU A 1095 -3.93 8.73 -8.80
C LEU A 1095 -5.12 9.01 -9.69
N TYR A 1096 -5.85 7.94 -9.97
CA TYR A 1096 -7.00 8.00 -10.87
C TYR A 1096 -8.09 7.17 -10.22
N THR A 1097 -9.24 7.79 -9.97
CA THR A 1097 -10.29 7.14 -9.22
C THR A 1097 -11.62 7.40 -9.89
N LEU A 1098 -12.54 6.46 -9.72
CA LEU A 1098 -13.90 6.60 -10.23
C LEU A 1098 -14.87 6.77 -9.07
N HIS A 1099 -15.60 7.87 -9.09
CA HIS A 1099 -16.56 8.23 -8.06
C HIS A 1099 -17.94 8.34 -8.69
N ALA A 1100 -18.93 8.53 -7.83
CA ALA A 1100 -20.25 8.85 -8.35
C ALA A 1100 -20.22 10.22 -9.03
N ARG A 1101 -21.09 10.39 -10.02
CA ARG A 1101 -21.23 11.70 -10.65
CA ARG A 1101 -21.24 11.69 -10.66
C ARG A 1101 -21.99 12.67 -9.76
N GLY A 1102 -23.00 12.20 -9.06
CA GLY A 1102 -23.79 13.08 -8.23
C GLY A 1102 -25.25 12.67 -8.29
N ARG A 1103 -26.11 13.60 -8.68
CA ARG A 1103 -27.53 13.31 -8.78
C ARG A 1103 -27.87 13.18 -10.26
N ILE A 1104 -28.40 12.02 -10.63
CA ILE A 1104 -28.74 11.73 -12.02
C ILE A 1104 -30.23 11.96 -12.19
N LEU A 1105 -30.60 12.72 -13.22
CA LEU A 1105 -32.01 12.87 -13.55
C LEU A 1105 -32.49 11.61 -14.26
N LEU A 1106 -33.52 10.97 -13.73
CA LEU A 1106 -34.11 9.82 -14.38
C LEU A 1106 -35.42 10.23 -15.01
N VAL A 1107 -35.56 9.95 -16.30
CA VAL A 1107 -36.80 10.23 -17.01
C VAL A 1107 -37.31 8.89 -17.54
N PRO A 1108 -38.00 8.11 -16.72
CA PRO A 1108 -38.46 6.79 -17.16
C PRO A 1108 -39.80 6.88 -17.87
N ALA A 1109 -40.13 5.81 -18.58
CA ALA A 1109 -41.44 5.64 -19.20
C ALA A 1109 -42.22 4.49 -18.60
N THR A 1110 -41.55 3.41 -18.24
CA THR A 1110 -42.20 2.22 -17.71
C THR A 1110 -41.60 1.89 -16.36
N GLU A 1111 -42.32 1.06 -15.61
CA GLU A 1111 -41.80 0.63 -14.32
C GLU A 1111 -40.48 -0.11 -14.49
N SER A 1112 -40.42 -1.05 -15.43
CA SER A 1112 -39.18 -1.80 -15.63
C SER A 1112 -38.05 -0.87 -16.05
N GLY A 1113 -38.34 0.08 -16.94
CA GLY A 1113 -37.33 1.06 -17.30
C GLY A 1113 -36.85 1.84 -16.10
N LEU A 1114 -37.77 2.24 -15.21
CA LEU A 1114 -37.37 2.95 -14.01
C LEU A 1114 -36.43 2.10 -13.16
N TYR A 1115 -36.77 0.83 -12.97
CA TYR A 1115 -35.94 -0.04 -12.16
C TYR A 1115 -34.56 -0.21 -12.78
N HIS A 1116 -34.49 -0.36 -14.11
CA HIS A 1116 -33.19 -0.45 -14.77
C HIS A 1116 -32.41 0.85 -14.64
N GLN A 1117 -33.07 2.00 -14.80
CA GLN A 1117 -32.37 3.28 -14.64
C GLN A 1117 -31.85 3.43 -13.23
N LEU A 1118 -32.70 3.12 -12.25
CA LEU A 1118 -32.29 3.24 -10.86
CA LEU A 1118 -32.29 3.22 -10.85
C LEU A 1118 -31.13 2.30 -10.55
N ALA A 1119 -31.17 1.09 -11.07
CA ALA A 1119 -30.07 0.16 -10.83
C ALA A 1119 -28.78 0.72 -11.42
N ALA A 1120 -28.84 1.26 -12.62
CA ALA A 1120 -27.63 1.80 -13.25
C ALA A 1120 -27.09 2.95 -12.41
N ALA A 1121 -27.97 3.85 -11.98
CA ALA A 1121 -27.53 5.02 -11.25
C ALA A 1121 -27.00 4.65 -9.87
N LEU A 1122 -27.69 3.74 -9.18
CA LEU A 1122 -27.27 3.38 -7.82
C LEU A 1122 -25.99 2.56 -7.85
N ALA A 1123 -25.84 1.70 -8.85
CA ALA A 1123 -24.64 0.88 -8.95
C ALA A 1123 -23.41 1.75 -9.14
N THR A 1124 -23.58 2.96 -9.65
CA THR A 1124 -22.47 3.87 -9.86
C THR A 1124 -22.41 4.93 -8.77
N GLY A 1125 -23.12 4.71 -7.67
CA GLY A 1125 -23.00 5.50 -6.47
C GLY A 1125 -23.81 6.77 -6.45
N ASN A 1126 -24.65 6.99 -7.45
CA ASN A 1126 -25.34 8.25 -7.57
C ASN A 1126 -26.63 8.27 -6.79
N SER A 1127 -27.08 9.48 -6.52
CA SER A 1127 -28.47 9.69 -6.16
C SER A 1127 -29.26 10.01 -7.42
N VAL A 1128 -30.57 10.06 -7.30
CA VAL A 1128 -31.41 10.28 -8.47
C VAL A 1128 -32.50 11.29 -8.15
N ALA A 1129 -32.93 11.99 -9.18
CA ALA A 1129 -34.18 12.72 -9.17
C ALA A 1129 -35.03 12.14 -10.29
N ILE A 1130 -36.17 11.57 -9.94
CA ILE A 1130 -37.03 10.88 -10.89
C ILE A 1130 -38.11 11.84 -11.36
N ASP A 1131 -38.30 11.91 -12.68
CA ASP A 1131 -39.36 12.72 -13.26
C ASP A 1131 -40.72 12.34 -12.68
N ALA A 1132 -41.31 13.26 -11.90
CA ALA A 1132 -42.62 13.00 -11.33
C ALA A 1132 -43.71 12.93 -12.39
N ALA A 1133 -43.50 13.56 -13.54
CA ALA A 1133 -44.48 13.49 -14.62
C ALA A 1133 -44.59 12.10 -15.23
N SER A 1134 -43.64 11.20 -14.91
CA SER A 1134 -43.73 9.81 -15.38
C SER A 1134 -44.92 9.07 -14.80
N GLY A 1135 -45.46 9.55 -13.68
CA GLY A 1135 -46.56 8.86 -13.02
C GLY A 1135 -46.20 7.52 -12.43
N LEU A 1136 -44.92 7.26 -12.18
CA LEU A 1136 -44.47 5.95 -11.72
C LEU A 1136 -44.23 5.91 -10.22
N GLN A 1137 -44.75 6.88 -9.46
CA GLN A 1137 -44.51 6.93 -8.03
C GLN A 1137 -44.91 5.64 -7.33
N ALA A 1138 -46.02 5.03 -7.74
CA ALA A 1138 -46.47 3.80 -7.10
C ALA A 1138 -45.55 2.62 -7.34
N SER A 1139 -44.56 2.76 -8.23
CA SER A 1139 -43.62 1.68 -8.48
C SER A 1139 -42.47 1.63 -7.48
N LEU A 1140 -42.34 2.65 -6.63
CA LEU A 1140 -41.25 2.73 -5.66
C LEU A 1140 -41.78 2.80 -4.23
N LYS A 1141 -42.85 2.06 -3.95
CA LYS A 1141 -43.42 2.07 -2.61
C LYS A 1141 -42.54 1.28 -1.66
N ASN A 1142 -42.41 1.79 -0.43
CA ASN A 1142 -41.77 1.07 0.67
C ASN A 1142 -40.28 0.81 0.43
N LEU A 1143 -39.59 1.78 -0.18
CA LEU A 1143 -38.17 1.61 -0.38
C LEU A 1143 -37.45 1.50 0.97
N PRO A 1144 -36.37 0.72 1.03
CA PRO A 1144 -35.52 0.79 2.22
C PRO A 1144 -35.03 2.22 2.41
N GLN A 1145 -34.85 2.61 3.67
CA GLN A 1145 -34.41 3.97 3.95
C GLN A 1145 -33.11 4.31 3.21
N THR A 1146 -32.19 3.35 3.10
CA THR A 1146 -30.92 3.64 2.41
C THR A 1146 -31.17 4.04 0.96
N VAL A 1147 -32.12 3.40 0.31
CA VAL A 1147 -32.42 3.76 -1.07
C VAL A 1147 -33.24 5.04 -1.14
N GLY A 1148 -34.23 5.17 -0.25
CA GLY A 1148 -35.01 6.41 -0.22
C GLY A 1148 -34.15 7.65 -0.05
N LEU A 1149 -33.07 7.55 0.74
CA LEU A 1149 -32.20 8.70 0.93
C LEU A 1149 -31.59 9.17 -0.38
N ARG A 1150 -31.47 8.26 -1.35
CA ARG A 1150 -30.87 8.58 -2.63
C ARG A 1150 -31.90 8.95 -3.69
N VAL A 1151 -33.19 8.84 -3.38
CA VAL A 1151 -34.25 9.02 -4.35
C VAL A 1151 -35.02 10.30 -4.02
N SER A 1152 -35.17 11.15 -5.02
CA SER A 1152 -36.11 12.25 -4.95
C SER A 1152 -36.95 12.23 -6.21
N TRP A 1153 -38.14 12.79 -6.10
CA TRP A 1153 -39.04 12.97 -7.24
C TRP A 1153 -39.09 14.44 -7.60
N SER A 1154 -39.05 14.72 -8.90
CA SER A 1154 -38.89 16.09 -9.39
C SER A 1154 -40.02 16.41 -10.34
N LYS A 1155 -40.85 17.39 -9.96
CA LYS A 1155 -41.85 17.94 -10.87
C LYS A 1155 -41.31 19.12 -11.67
N ASP A 1156 -40.29 19.80 -11.16
CA ASP A 1156 -39.68 20.96 -11.80
C ASP A 1156 -38.18 20.64 -11.85
N TRP A 1157 -37.73 20.06 -12.97
CA TRP A 1157 -36.35 19.61 -13.05
C TRP A 1157 -35.37 20.75 -12.84
N ALA A 1158 -35.68 21.94 -13.37
CA ALA A 1158 -34.76 23.06 -13.24
C ALA A 1158 -34.61 23.52 -11.80
N ALA A 1159 -35.60 23.24 -10.96
CA ALA A 1159 -35.54 23.61 -9.55
C ALA A 1159 -34.72 22.64 -8.71
N ASP A 1160 -34.54 21.40 -9.18
CA ASP A 1160 -33.95 20.34 -8.36
C ASP A 1160 -32.53 19.98 -8.79
N GLY A 1161 -31.95 20.71 -9.73
CA GLY A 1161 -30.59 20.50 -10.13
C GLY A 1161 -29.62 21.17 -9.17
N PRO A 1162 -28.34 21.22 -9.56
CA PRO A 1162 -27.78 20.70 -10.81
C PRO A 1162 -27.71 19.20 -10.79
N PHE A 1163 -27.97 18.59 -11.93
CA PHE A 1163 -27.77 17.17 -12.08
C PHE A 1163 -26.40 16.92 -12.67
N ALA A 1164 -25.98 15.66 -12.66
CA ALA A 1164 -24.66 15.30 -13.17
C ALA A 1164 -24.76 14.32 -14.34
N GLY A 1165 -25.97 14.07 -14.81
CA GLY A 1165 -26.21 13.21 -15.94
C GLY A 1165 -27.68 12.91 -15.97
N ALA A 1166 -28.10 12.16 -16.99
CA ALA A 1166 -29.51 11.84 -17.10
C ALA A 1166 -29.66 10.51 -17.81
N LEU A 1167 -30.71 9.78 -17.43
CA LEU A 1167 -31.11 8.55 -18.10
C LEU A 1167 -32.55 8.75 -18.56
N VAL A 1168 -32.80 8.45 -19.83
CA VAL A 1168 -34.09 8.71 -20.45
C VAL A 1168 -34.58 7.42 -21.08
N GLU A 1169 -35.86 7.14 -20.90
CA GLU A 1169 -36.52 6.01 -21.54
C GLU A 1169 -37.66 6.55 -22.40
N GLY A 1170 -37.72 6.10 -23.64
CA GLY A 1170 -38.85 6.47 -24.46
C GLY A 1170 -38.60 6.13 -25.92
N ASP A 1171 -39.64 6.33 -26.71
CA ASP A 1171 -39.45 6.25 -28.15
C ASP A 1171 -38.68 7.47 -28.64
N ALA A 1172 -38.39 7.50 -29.93
CA ALA A 1172 -37.51 8.52 -30.49
C ALA A 1172 -38.04 9.92 -30.21
N GLU A 1173 -39.34 10.15 -30.40
CA GLU A 1173 -39.84 11.50 -30.21
C GLU A 1173 -39.89 11.88 -28.75
N ARG A 1174 -40.15 10.91 -27.86
CA ARG A 1174 -40.06 11.19 -26.43
C ARG A 1174 -38.64 11.54 -26.04
N ILE A 1175 -37.66 10.79 -26.55
CA ILE A 1175 -36.25 11.10 -26.28
C ILE A 1175 -35.93 12.51 -26.77
N ARG A 1176 -36.35 12.85 -27.98
CA ARG A 1176 -36.05 14.17 -28.51
C ARG A 1176 -36.66 15.25 -27.62
N ALA A 1177 -37.92 15.08 -27.21
CA ALA A 1177 -38.57 16.06 -26.36
C ALA A 1177 -37.87 16.18 -25.02
N VAL A 1178 -37.52 15.05 -24.42
CA VAL A 1178 -36.82 15.08 -23.13
C VAL A 1178 -35.47 15.74 -23.29
N ASN A 1179 -34.75 15.41 -24.36
CA ASN A 1179 -33.43 15.98 -24.57
C ASN A 1179 -33.51 17.51 -24.68
N LYS A 1180 -34.57 18.02 -25.31
CA LYS A 1180 -34.74 19.47 -25.39
C LYS A 1180 -34.99 20.06 -24.00
N ALA A 1181 -35.84 19.42 -23.20
CA ALA A 1181 -36.08 19.91 -21.85
C ALA A 1181 -34.83 19.86 -21.00
N ILE A 1182 -34.03 18.80 -21.15
CA ILE A 1182 -32.80 18.69 -20.37
C ILE A 1182 -31.82 19.76 -20.78
N ALA A 1183 -31.68 20.01 -22.08
CA ALA A 1183 -30.77 21.04 -22.54
C ALA A 1183 -31.15 22.40 -21.98
N ALA A 1184 -32.44 22.62 -21.75
CA ALA A 1184 -32.90 23.91 -21.24
C ALA A 1184 -32.64 24.10 -19.76
N LEU A 1185 -32.20 23.05 -19.05
CA LEU A 1185 -31.96 23.19 -17.63
C LEU A 1185 -30.78 24.13 -17.39
N PRO A 1186 -30.84 24.96 -16.36
CA PRO A 1186 -29.71 25.85 -16.07
C PRO A 1186 -28.49 25.05 -15.65
N GLY A 1187 -27.34 25.62 -15.93
CA GLY A 1187 -26.11 25.12 -15.37
C GLY A 1187 -25.37 24.16 -16.28
N PRO A 1188 -24.93 23.04 -15.71
CA PRO A 1188 -23.99 22.19 -16.44
C PRO A 1188 -24.66 21.46 -17.58
N LEU A 1189 -23.87 21.21 -18.62
CA LEU A 1189 -24.30 20.29 -19.66
C LEU A 1189 -24.42 18.90 -19.04
N LEU A 1190 -25.50 18.21 -19.36
CA LEU A 1190 -25.73 16.89 -18.80
C LEU A 1190 -25.40 15.83 -19.85
N LEU A 1191 -24.64 14.84 -19.43
CA LEU A 1191 -24.40 13.67 -20.27
C LEU A 1191 -25.66 12.82 -20.17
N VAL A 1192 -26.43 12.81 -21.26
CA VAL A 1192 -27.71 12.11 -21.32
C VAL A 1192 -27.51 10.79 -22.04
N GLN A 1193 -28.09 9.73 -21.50
CA GLN A 1193 -28.19 8.46 -22.20
C GLN A 1193 -29.65 8.13 -22.34
N ALA A 1194 -30.05 7.70 -23.53
CA ALA A 1194 -31.44 7.39 -23.79
C ALA A 1194 -31.54 5.98 -24.33
N ALA A 1195 -32.66 5.34 -24.05
CA ALA A 1195 -32.93 4.02 -24.58
C ALA A 1195 -34.43 3.87 -24.71
N SER A 1196 -34.85 3.05 -25.66
CA SER A 1196 -36.25 2.68 -25.71
C SER A 1196 -36.53 1.59 -24.68
N SER A 1197 -37.82 1.39 -24.37
CA SER A 1197 -38.18 0.29 -23.49
C SER A 1197 -37.70 -1.04 -24.04
N GLY A 1198 -37.83 -1.25 -25.35
CA GLY A 1198 -37.38 -2.49 -25.95
C GLY A 1198 -35.87 -2.66 -25.86
N GLU A 1199 -35.13 -1.57 -26.04
CA GLU A 1199 -33.68 -1.62 -25.88
C GLU A 1199 -33.30 -1.99 -24.46
N ILE A 1200 -33.99 -1.41 -23.45
CA ILE A 1200 -33.75 -1.79 -22.08
C ILE A 1200 -33.97 -3.29 -21.89
N ALA A 1201 -35.01 -3.83 -22.53
CA ALA A 1201 -35.30 -5.25 -22.39
C ALA A 1201 -34.24 -6.11 -23.07
N ARG A 1202 -33.75 -5.67 -24.23
CA ARG A 1202 -32.85 -6.48 -25.04
C ARG A 1202 -31.38 -6.35 -24.63
N ASN A 1203 -30.95 -5.17 -24.22
CA ASN A 1203 -29.53 -4.89 -24.06
C ASN A 1203 -29.20 -4.56 -22.60
N PRO A 1204 -28.49 -5.44 -21.89
CA PRO A 1204 -28.13 -5.11 -20.50
C PRO A 1204 -27.29 -3.86 -20.37
N ASP A 1205 -26.63 -3.43 -21.44
CA ASP A 1205 -25.83 -2.21 -21.44
C ASP A 1205 -26.53 -1.05 -22.14
N ALA A 1206 -27.87 -1.09 -22.20
CA ALA A 1206 -28.63 0.01 -22.80
C ALA A 1206 -28.17 1.35 -22.23
N TYR A 1207 -27.98 1.41 -20.91
CA TYR A 1207 -27.35 2.54 -20.25
C TYR A 1207 -25.95 2.11 -19.85
N CYS A 1208 -24.95 2.80 -20.38
CA CYS A 1208 -23.57 2.42 -20.16
C CYS A 1208 -23.09 3.03 -18.85
N LEU A 1209 -22.54 2.18 -17.98
CA LEU A 1209 -22.11 2.64 -16.68
C LEU A 1209 -20.85 3.48 -16.73
N ASN A 1210 -20.10 3.43 -17.85
CA ASN A 1210 -18.92 4.27 -18.01
C ASN A 1210 -19.27 5.74 -17.78
N TRP A 1211 -20.46 6.16 -18.21
CA TRP A 1211 -20.83 7.57 -18.21
C TRP A 1211 -21.61 7.97 -16.98
N LEU A 1212 -21.75 7.06 -16.02
CA LEU A 1212 -22.45 7.32 -14.77
C LEU A 1212 -21.49 7.43 -13.60
N VAL A 1213 -20.20 7.32 -13.85
CA VAL A 1213 -19.18 7.60 -12.86
C VAL A 1213 -18.43 8.83 -13.30
N GLU A 1214 -17.74 9.43 -12.33
CA GLU A 1214 -16.96 10.62 -12.54
C GLU A 1214 -15.51 10.27 -12.27
N GLU A 1215 -14.65 10.58 -13.23
CA GLU A 1215 -13.22 10.36 -13.07
C GLU A 1215 -12.61 11.50 -12.27
N VAL A 1216 -11.73 11.16 -11.36
CA VAL A 1216 -10.98 12.16 -10.61
C VAL A 1216 -9.51 11.80 -10.70
N SER A 1217 -8.70 12.75 -11.08
CA SER A 1217 -7.26 12.59 -11.11
C SER A 1217 -6.69 13.43 -9.99
N ALA A 1218 -5.73 12.87 -9.25
CA ALA A 1218 -5.06 13.60 -8.19
C ALA A 1218 -3.57 13.42 -8.37
N SER A 1219 -2.84 14.52 -8.38
CA SER A 1219 -1.40 14.50 -8.55
C SER A 1219 -0.78 15.07 -7.28
N ILE A 1220 -0.01 14.24 -6.60
CA ILE A 1220 0.58 14.61 -5.32
C ILE A 1220 2.08 14.73 -5.49
N ASN A 1221 2.61 15.90 -5.18
CA ASN A 1221 4.06 16.10 -5.22
C ASN A 1221 4.63 15.53 -3.93
N THR A 1222 5.26 14.36 -4.02
CA THR A 1222 5.79 13.68 -2.85
C THR A 1222 7.23 14.08 -2.55
N ALA A 1223 7.78 15.01 -3.32
CA ALA A 1223 9.07 15.60 -3.03
C ALA A 1223 8.95 16.93 -2.31
N ALA A 1224 7.71 17.38 -2.02
CA ALA A 1224 7.52 18.75 -1.54
C ALA A 1224 8.21 18.98 -0.19
N ALA A 1225 8.36 17.93 0.62
CA ALA A 1225 9.05 18.10 1.90
C ALA A 1225 10.53 18.42 1.73
N GLY A 1226 11.06 18.30 0.51
CA GLY A 1226 12.46 18.61 0.24
C GLY A 1226 13.28 17.42 -0.23
N GLY A 1227 12.69 16.23 -0.32
CA GLY A 1227 13.42 15.08 -0.79
C GLY A 1227 12.45 13.99 -1.18
N ASN A 1228 12.99 12.96 -1.81
CA ASN A 1228 12.23 11.82 -2.31
C ASN A 1228 12.55 10.60 -1.45
N ALA A 1229 11.57 10.14 -0.68
CA ALA A 1229 11.80 9.01 0.22
C ALA A 1229 12.13 7.74 -0.56
N SER A 1230 11.38 7.47 -1.64
CA SER A 1230 11.61 6.24 -2.40
C SER A 1230 13.01 6.21 -3.00
N LEU A 1231 13.49 7.35 -3.50
CA LEU A 1231 14.83 7.39 -4.08
C LEU A 1231 15.94 7.37 -3.04
N MET A 1232 15.62 7.53 -1.76
CA MET A 1232 16.62 7.31 -0.73
C MET A 1232 17.07 5.85 -0.69
N ALA A 1233 16.26 4.93 -1.19
CA ALA A 1233 16.61 3.53 -1.30
C ALA A 1233 17.32 3.20 -2.61
N ILE A 1234 17.44 4.15 -3.53
CA ILE A 1234 18.04 3.93 -4.83
C ILE A 1234 19.47 4.47 -4.80
N GLY A 1235 20.43 3.56 -4.85
CA GLY A 1235 21.84 3.91 -4.92
C GLY A 1235 22.52 2.99 -5.90
N ALA B 16 -10.59 -47.52 36.03
CA ALA B 16 -10.29 -46.38 35.16
C ALA B 16 -8.79 -46.30 34.86
N PRO B 17 -8.45 -46.04 33.60
CA PRO B 17 -7.04 -45.92 33.24
C PRO B 17 -6.39 -44.73 33.96
N ALA B 18 -5.14 -44.93 34.37
CA ALA B 18 -4.43 -43.87 35.05
C ALA B 18 -4.26 -42.67 34.11
N PRO B 19 -4.43 -41.46 34.61
CA PRO B 19 -4.34 -40.29 33.72
C PRO B 19 -2.99 -40.21 33.04
N PHE B 20 -3.02 -40.00 31.72
CA PHE B 20 -1.84 -39.80 30.89
C PHE B 20 -0.95 -41.03 30.79
N ALA B 21 -1.43 -42.19 31.23
CA ALA B 21 -0.62 -43.40 31.18
C ALA B 21 -0.31 -43.84 29.76
N ASP B 22 -1.11 -43.41 28.78
CA ASP B 22 -0.89 -43.75 27.38
C ASP B 22 -0.96 -42.49 26.54
N PHE B 23 -0.38 -41.40 27.03
CA PHE B 23 -0.57 -40.11 26.39
C PHE B 23 -0.02 -40.10 24.97
N ALA B 24 1.27 -40.42 24.81
CA ALA B 24 1.87 -40.41 23.48
C ALA B 24 3.09 -41.31 23.41
N PRO B 25 2.95 -42.62 23.66
CA PRO B 25 4.11 -43.49 23.62
C PRO B 25 4.71 -43.52 22.23
N PRO B 26 6.02 -43.46 22.10
CA PRO B 26 6.64 -43.48 20.77
C PRO B 26 6.42 -44.83 20.11
N VAL B 27 6.50 -44.81 18.76
CA VAL B 27 6.36 -46.05 18.01
C VAL B 27 7.41 -47.06 18.43
N ARG B 28 8.62 -46.60 18.71
CA ARG B 28 9.69 -47.50 19.12
C ARG B 28 10.61 -46.73 20.04
N PRO B 29 11.41 -47.42 20.86
CA PRO B 29 12.45 -46.73 21.63
C PRO B 29 13.38 -45.98 20.69
N GLN B 30 13.71 -44.76 21.06
CA GLN B 30 14.50 -43.89 20.20
C GLN B 30 15.98 -44.23 20.33
N SER B 31 16.58 -44.64 19.22
CA SER B 31 18.00 -44.97 19.19
C SER B 31 18.83 -43.70 19.29
N THR B 32 20.14 -43.90 19.49
CA THR B 32 21.06 -42.77 19.51
C THR B 32 20.93 -41.92 18.24
N LEU B 33 20.86 -42.59 17.08
CA LEU B 33 20.76 -41.85 15.83
C LEU B 33 19.43 -41.13 15.72
N ARG B 34 18.33 -41.77 16.14
CA ARG B 34 17.04 -41.09 16.11
C ARG B 34 17.03 -39.90 17.06
N ARG B 35 17.64 -40.07 18.24
CA ARG B 35 17.71 -38.96 19.19
C ARG B 35 18.51 -37.80 18.62
N ALA B 36 19.56 -38.10 17.86
CA ALA B 36 20.34 -37.01 17.28
C ALA B 36 19.52 -36.23 16.27
N ILE B 37 18.62 -36.92 15.54
CA ILE B 37 17.70 -36.22 14.65
C ILE B 37 16.83 -35.28 15.45
N THR B 38 16.13 -35.81 16.47
CA THR B 38 15.20 -35.00 17.23
C THR B 38 15.89 -33.82 17.87
N ALA B 39 17.13 -34.01 18.34
CA ALA B 39 17.85 -32.94 19.01
C ALA B 39 18.09 -31.76 18.08
N ALA B 40 18.14 -32.00 16.78
CA ALA B 40 18.44 -30.96 15.81
C ALA B 40 17.19 -30.26 15.31
N TYR B 41 16.00 -30.71 15.72
CA TYR B 41 14.75 -30.30 15.08
C TYR B 41 14.68 -28.78 14.90
N ARG B 42 14.95 -28.02 15.96
CA ARG B 42 14.84 -26.57 15.91
C ARG B 42 16.13 -25.92 16.38
N ARG B 43 17.25 -26.56 16.05
CA ARG B 43 18.55 -26.05 16.49
C ARG B 43 18.78 -24.66 15.92
N PRO B 44 19.34 -23.74 16.70
CA PRO B 44 19.60 -22.40 16.18
C PRO B 44 20.41 -22.45 14.89
N GLU B 45 20.03 -21.58 13.96
CA GLU B 45 20.66 -21.54 12.66
C GLU B 45 22.17 -21.32 12.77
N THR B 46 22.59 -20.49 13.73
CA THR B 46 24.02 -20.25 13.92
C THR B 46 24.76 -21.48 14.41
N GLU B 47 24.08 -22.41 15.05
CA GLU B 47 24.69 -23.67 15.43
C GLU B 47 24.67 -24.68 14.28
N CYS B 48 23.67 -24.60 13.40
CA CYS B 48 23.59 -25.57 12.30
C CYS B 48 24.65 -25.33 11.25
N LEU B 49 24.93 -24.06 10.95
CA LEU B 49 25.70 -23.77 9.73
C LEU B 49 27.16 -24.18 9.81
N PRO B 50 27.91 -23.93 10.88
CA PRO B 50 29.36 -24.18 10.84
C PRO B 50 29.71 -25.60 10.45
N PRO B 51 29.08 -26.64 11.01
CA PRO B 51 29.43 -28.00 10.54
C PRO B 51 29.05 -28.26 9.10
N LEU B 52 27.97 -27.64 8.61
CA LEU B 52 27.62 -27.78 7.20
C LEU B 52 28.67 -27.10 6.32
N VAL B 53 29.09 -25.89 6.69
CA VAL B 53 30.14 -25.20 5.95
C VAL B 53 31.38 -26.08 5.85
N GLU B 54 31.77 -26.69 6.97
CA GLU B 54 32.94 -27.55 6.97
C GLU B 54 32.76 -28.73 6.03
N ALA B 55 31.60 -29.39 6.10
CA ALA B 55 31.34 -30.54 5.24
C ALA B 55 31.26 -30.14 3.77
N ALA B 56 30.79 -28.93 3.48
CA ALA B 56 30.59 -28.50 2.10
C ALA B 56 31.84 -27.94 1.45
N THR B 57 32.90 -27.74 2.23
CA THR B 57 34.09 -27.08 1.72
C THR B 57 34.78 -27.92 0.66
N GLN B 58 35.19 -27.28 -0.43
CA GLN B 58 35.94 -27.93 -1.50
C GLN B 58 37.17 -27.10 -1.83
N SER B 59 38.15 -27.75 -2.46
CA SER B 59 39.41 -27.11 -2.79
C SER B 59 39.19 -25.98 -3.80
N LYS B 60 40.18 -25.09 -3.88
CA LYS B 60 40.13 -24.02 -4.87
C LYS B 60 40.04 -24.57 -6.29
N GLU B 61 40.70 -25.71 -6.55
CA GLU B 61 40.65 -26.30 -7.88
C GLU B 61 39.24 -26.75 -8.22
N ILE B 62 38.62 -27.53 -7.33
CA ILE B 62 37.26 -27.99 -7.55
C ILE B 62 36.29 -26.82 -7.65
N ARG B 63 36.44 -25.83 -6.75
CA ARG B 63 35.58 -24.67 -6.77
C ARG B 63 35.68 -23.91 -8.10
N ASP B 64 36.90 -23.77 -8.63
CA ASP B 64 37.05 -23.12 -9.92
C ASP B 64 36.42 -23.96 -11.02
N ALA B 65 36.68 -25.28 -11.01
CA ALA B 65 36.09 -26.16 -12.01
C ALA B 65 34.56 -26.12 -11.95
N ALA B 66 33.98 -26.13 -10.74
CA ALA B 66 32.53 -26.09 -10.62
C ALA B 66 31.96 -24.77 -11.10
N ALA B 67 32.65 -23.67 -10.81
CA ALA B 67 32.16 -22.36 -11.26
C ALA B 67 32.16 -22.27 -12.78
N SER B 68 33.17 -22.87 -13.42
CA SER B 68 33.20 -22.91 -14.88
C SER B 68 32.09 -23.81 -15.43
N THR B 69 31.94 -25.01 -14.87
CA THR B 69 30.86 -25.91 -15.29
C THR B 69 29.50 -25.24 -15.10
N ALA B 70 29.29 -24.60 -13.95
CA ALA B 70 28.06 -23.86 -13.74
C ALA B 70 27.89 -22.76 -14.78
N ARG B 71 28.98 -22.07 -15.13
CA ARG B 71 28.90 -21.04 -16.16
C ARG B 71 28.46 -21.66 -17.48
N LYS B 72 29.06 -22.80 -17.85
CA LYS B 72 28.73 -23.46 -19.11
C LYS B 72 27.26 -23.87 -19.17
N LEU B 73 26.68 -24.23 -18.02
CA LEU B 73 25.27 -24.62 -18.00
C LEU B 73 24.36 -23.41 -18.10
N ILE B 74 24.69 -22.32 -17.41
CA ILE B 74 23.82 -21.16 -17.38
C ILE B 74 23.82 -20.44 -18.73
N GLU B 75 25.00 -20.32 -19.35
CA GLU B 75 25.07 -19.79 -20.70
C GLU B 75 24.23 -20.64 -21.66
N ALA B 76 24.38 -21.96 -21.58
CA ALA B 76 23.56 -22.85 -22.39
C ALA B 76 22.07 -22.63 -22.11
N LEU B 77 21.69 -22.48 -20.85
CA LEU B 77 20.28 -22.27 -20.51
C LEU B 77 19.79 -20.94 -21.06
N ARG B 78 20.54 -19.86 -20.84
CA ARG B 78 20.10 -18.54 -21.26
C ARG B 78 20.16 -18.35 -22.76
N GLY B 79 20.87 -19.22 -23.47
CA GLY B 79 21.02 -19.11 -24.90
C GLY B 79 19.94 -19.79 -25.72
N LYS B 80 19.03 -20.52 -25.09
CA LYS B 80 18.05 -21.29 -25.85
C LYS B 80 16.62 -21.06 -25.37
N GLY B 85 6.25 -20.32 -24.36
CA GLY B 85 4.92 -20.73 -24.78
C GLY B 85 3.87 -19.68 -24.49
N VAL B 86 3.61 -19.46 -23.21
CA VAL B 86 2.68 -18.40 -22.82
C VAL B 86 3.22 -17.04 -23.23
N GLU B 87 4.53 -16.84 -23.11
CA GLU B 87 5.12 -15.56 -23.49
C GLU B 87 4.83 -15.21 -24.94
N GLY B 88 4.96 -16.19 -25.83
CA GLY B 88 4.69 -15.94 -27.24
C GLY B 88 3.23 -15.62 -27.51
N LEU B 89 2.32 -16.27 -26.78
CA LEU B 89 0.91 -15.97 -26.93
C LEU B 89 0.60 -14.55 -26.46
N VAL B 90 1.16 -14.17 -25.30
CA VAL B 90 0.96 -12.81 -24.79
C VAL B 90 1.52 -11.79 -25.78
N GLN B 91 2.68 -12.07 -26.37
CA GLN B 91 3.27 -11.14 -27.33
C GLN B 91 2.42 -11.06 -28.59
N GLU B 92 2.00 -12.20 -29.13
CA GLU B 92 1.30 -12.21 -30.41
C GLU B 92 -0.01 -11.44 -30.35
N TYR B 93 -0.74 -11.54 -29.24
CA TYR B 93 -2.03 -10.87 -29.13
C TYR B 93 -1.97 -9.63 -28.26
N SER B 94 -0.77 -9.18 -27.88
CA SER B 94 -0.58 -7.96 -27.10
C SER B 94 -1.45 -7.99 -25.85
N LEU B 95 -1.40 -9.11 -25.15
CA LEU B 95 -2.22 -9.30 -23.96
C LEU B 95 -1.57 -8.63 -22.76
N SER B 96 -2.40 -8.03 -21.92
CA SER B 96 -1.91 -7.67 -20.60
C SER B 96 -1.77 -8.93 -19.76
N SER B 97 -1.14 -8.80 -18.60
CA SER B 97 -1.03 -9.93 -17.70
C SER B 97 -2.42 -10.46 -17.32
N GLN B 98 -3.32 -9.55 -16.93
CA GLN B 98 -4.67 -9.98 -16.55
C GLN B 98 -5.39 -10.63 -17.71
N GLU B 99 -5.16 -10.15 -18.93
CA GLU B 99 -5.76 -10.79 -20.08
C GLU B 99 -5.18 -12.17 -20.30
N GLY B 100 -3.87 -12.32 -20.15
CA GLY B 100 -3.27 -13.64 -20.25
C GLY B 100 -3.84 -14.60 -19.23
N VAL B 101 -3.99 -14.15 -17.99
CA VAL B 101 -4.56 -15.00 -16.94
C VAL B 101 -5.99 -15.35 -17.28
N ALA B 102 -6.80 -14.34 -17.64
CA ALA B 102 -8.21 -14.59 -17.94
C ALA B 102 -8.35 -15.55 -19.09
N LEU B 103 -7.48 -15.42 -20.11
CA LEU B 103 -7.53 -16.29 -21.26
C LEU B 103 -7.23 -17.74 -20.86
N MET B 104 -6.24 -17.94 -20.00
CA MET B 104 -5.93 -19.30 -19.59
C MET B 104 -7.03 -19.88 -18.74
N CYS B 105 -7.68 -19.07 -17.92
CA CYS B 105 -8.85 -19.55 -17.19
C CYS B 105 -9.95 -19.97 -18.15
N LEU B 106 -10.21 -19.14 -19.17
CA LEU B 106 -11.21 -19.51 -20.16
C LEU B 106 -10.82 -20.79 -20.86
N ALA B 107 -9.54 -20.92 -21.22
CA ALA B 107 -9.08 -22.11 -21.91
C ALA B 107 -9.24 -23.35 -21.03
N GLU B 108 -8.87 -23.23 -19.75
CA GLU B 108 -9.06 -24.31 -18.80
C GLU B 108 -10.52 -24.76 -18.78
N ALA B 109 -11.45 -23.80 -18.72
CA ALA B 109 -12.86 -24.15 -18.67
C ALA B 109 -13.30 -24.81 -19.97
N LEU B 110 -12.84 -24.30 -21.11
CA LEU B 110 -13.21 -24.90 -22.38
C LEU B 110 -12.67 -26.31 -22.52
N LEU B 111 -11.52 -26.59 -21.91
CA LEU B 111 -10.94 -27.92 -21.98
C LEU B 111 -11.68 -28.93 -21.12
N ARG B 112 -12.52 -28.46 -20.19
CA ARG B 112 -13.39 -29.38 -19.47
C ARG B 112 -14.52 -29.90 -20.35
N ILE B 113 -14.72 -29.31 -21.53
CA ILE B 113 -15.59 -29.89 -22.54
C ILE B 113 -14.77 -30.95 -23.27
N PRO B 114 -15.05 -32.24 -23.07
CA PRO B 114 -14.17 -33.27 -23.63
C PRO B 114 -14.26 -33.40 -25.14
N ASP B 115 -15.43 -33.15 -25.72
CA ASP B 115 -15.64 -33.36 -27.15
C ASP B 115 -15.14 -32.14 -27.92
N THR B 116 -14.14 -32.34 -28.79
CA THR B 116 -13.58 -31.25 -29.56
C THR B 116 -14.65 -30.52 -30.37
N ALA B 117 -15.54 -31.27 -31.01
CA ALA B 117 -16.58 -30.65 -31.82
C ALA B 117 -17.45 -29.71 -31.00
N THR B 118 -17.93 -30.20 -29.84
CA THR B 118 -18.77 -29.36 -28.99
C THR B 118 -18.02 -28.14 -28.51
N ARG B 119 -16.75 -28.32 -28.14
CA ARG B 119 -15.94 -27.19 -27.66
C ARG B 119 -15.72 -26.17 -28.76
N ASP B 120 -15.29 -26.60 -29.94
CA ASP B 120 -15.06 -25.68 -31.04
C ASP B 120 -16.35 -24.99 -31.47
N ALA B 121 -17.48 -25.67 -31.37
CA ALA B 121 -18.76 -25.04 -31.70
C ALA B 121 -19.09 -23.93 -30.70
N LEU B 122 -18.92 -24.20 -29.40
CA LEU B 122 -19.18 -23.19 -28.39
C LEU B 122 -18.26 -21.99 -28.59
N ILE B 123 -17.00 -22.24 -28.94
CA ILE B 123 -16.05 -21.16 -29.17
C ILE B 123 -16.51 -20.28 -30.32
N ARG B 124 -16.80 -20.90 -31.47
CA ARG B 124 -17.13 -20.12 -32.67
C ARG B 124 -18.49 -19.46 -32.56
N ASP B 125 -19.47 -20.15 -31.95
CA ASP B 125 -20.85 -19.67 -31.96
C ASP B 125 -21.24 -18.88 -30.71
N LYS B 126 -20.61 -19.13 -29.58
CA LYS B 126 -21.02 -18.48 -28.34
C LYS B 126 -19.93 -17.67 -27.66
N ILE B 127 -18.69 -18.16 -27.63
CA ILE B 127 -17.65 -17.47 -26.86
C ILE B 127 -17.05 -16.32 -27.66
N ALA B 128 -16.75 -16.55 -28.95
CA ALA B 128 -16.06 -15.53 -29.74
C ALA B 128 -16.91 -14.29 -29.93
N ASP B 129 -18.24 -14.42 -29.85
CA ASP B 129 -19.14 -13.28 -29.93
C ASP B 129 -19.44 -12.70 -28.56
N GLY B 130 -18.43 -12.59 -27.70
CA GLY B 130 -18.64 -12.13 -26.35
C GLY B 130 -19.61 -13.04 -25.60
N ASN B 131 -20.23 -12.47 -24.57
CA ASN B 131 -21.25 -13.18 -23.79
C ASN B 131 -20.73 -14.51 -23.25
N TRP B 132 -19.42 -14.61 -23.06
CA TRP B 132 -18.82 -15.80 -22.45
C TRP B 132 -19.38 -16.06 -21.05
N LYS B 133 -19.92 -15.03 -20.39
CA LYS B 133 -20.45 -15.21 -19.04
C LYS B 133 -21.66 -16.12 -19.04
N SER B 134 -22.60 -15.89 -19.97
CA SER B 134 -23.78 -16.73 -20.10
C SER B 134 -23.43 -18.05 -20.77
N HIS B 135 -22.43 -18.73 -20.21
CA HIS B 135 -21.90 -20.02 -20.67
C HIS B 135 -20.74 -20.35 -19.74
N LEU B 136 -20.38 -21.63 -19.70
CA LEU B 136 -19.29 -22.10 -18.85
C LEU B 136 -19.53 -21.79 -17.37
N ARG B 140 -20.04 -21.72 -11.12
CA ARG B 140 -18.67 -21.59 -10.65
C ARG B 140 -17.90 -20.58 -11.50
N SER B 141 -17.18 -19.67 -10.82
CA SER B 141 -16.44 -18.65 -11.53
C SER B 141 -15.46 -19.28 -12.51
N LEU B 142 -15.35 -18.67 -13.68
CA LEU B 142 -14.31 -19.07 -14.61
C LEU B 142 -12.93 -18.94 -13.99
N PHE B 143 -12.79 -18.10 -12.97
CA PHE B 143 -11.49 -17.67 -12.49
C PHE B 143 -11.09 -18.35 -11.18
N VAL B 144 -11.74 -19.47 -10.84
CA VAL B 144 -11.44 -20.21 -9.62
C VAL B 144 -9.95 -20.51 -9.49
N ASN B 145 -9.29 -20.87 -10.59
CA ASN B 145 -7.87 -21.22 -10.55
C ASN B 145 -6.97 -20.11 -11.06
N ALA B 146 -7.46 -18.87 -11.06
CA ALA B 146 -6.68 -17.78 -11.65
C ALA B 146 -5.39 -17.50 -10.89
N ALA B 147 -5.32 -17.80 -9.59
CA ALA B 147 -4.06 -17.59 -8.89
C ALA B 147 -2.97 -18.48 -9.48
N THR B 148 -3.34 -19.70 -9.84
CA THR B 148 -2.38 -20.61 -10.47
C THR B 148 -1.98 -20.10 -11.85
N TRP B 149 -2.95 -19.69 -12.66
CA TRP B 149 -2.60 -19.14 -13.97
C TRP B 149 -1.86 -17.83 -13.83
N GLY B 150 -2.16 -17.03 -12.79
CA GLY B 150 -1.38 -15.85 -12.54
C GLY B 150 0.09 -16.16 -12.34
N LEU B 151 0.37 -17.23 -11.59
CA LEU B 151 1.76 -17.66 -11.42
CA LEU B 151 1.77 -17.65 -11.42
C LEU B 151 2.37 -18.06 -12.76
N VAL B 152 1.60 -18.75 -13.59
CA VAL B 152 2.08 -19.17 -14.90
C VAL B 152 2.39 -17.96 -15.78
N VAL B 153 1.52 -16.96 -15.75
CA VAL B 153 1.61 -15.84 -16.69
C VAL B 153 2.60 -14.79 -16.19
N THR B 154 2.57 -14.48 -14.90
CA THR B 154 3.33 -13.37 -14.35
C THR B 154 4.48 -13.79 -13.46
N GLY B 155 4.50 -15.05 -13.02
CA GLY B 155 5.49 -15.47 -12.04
C GLY B 155 5.22 -15.01 -10.63
N LYS B 156 4.09 -14.36 -10.39
CA LYS B 156 3.72 -13.87 -9.08
C LYS B 156 2.47 -14.60 -8.61
N LEU B 157 2.43 -14.91 -7.32
CA LEU B 157 1.29 -15.58 -6.71
C LEU B 157 0.52 -14.59 -5.87
N THR B 158 -0.80 -14.59 -6.02
CA THR B 158 -1.69 -13.90 -5.10
C THR B 158 -2.58 -14.95 -4.45
N SER B 159 -3.01 -14.66 -3.23
CA SER B 159 -3.84 -15.61 -2.50
CA SER B 159 -3.84 -15.62 -2.51
C SER B 159 -5.27 -15.64 -3.04
N THR B 160 -5.77 -14.50 -3.49
CA THR B 160 -7.11 -14.41 -4.04
C THR B 160 -7.04 -13.69 -5.37
N VAL B 161 -8.18 -13.67 -6.04
CA VAL B 161 -8.28 -13.38 -7.46
C VAL B 161 -9.16 -12.16 -7.61
N ASN B 162 -8.70 -11.18 -8.39
CA ASN B 162 -9.55 -10.04 -8.68
C ASN B 162 -10.42 -10.45 -9.86
N ASP B 163 -11.57 -11.03 -9.54
CA ASP B 163 -12.45 -11.58 -10.57
C ASP B 163 -13.10 -10.50 -11.41
N ARG B 164 -13.26 -9.29 -10.88
CA ARG B 164 -13.80 -8.22 -11.71
CA ARG B 164 -13.79 -8.20 -11.70
C ARG B 164 -12.77 -7.75 -12.73
N SER B 165 -11.51 -7.65 -12.32
CA SER B 165 -10.44 -7.32 -13.25
C SER B 165 -10.30 -8.39 -14.31
N LEU B 166 -10.42 -9.66 -13.91
CA LEU B 166 -10.28 -10.74 -14.88
C LEU B 166 -11.47 -10.79 -15.83
N ALA B 167 -12.68 -10.58 -15.32
CA ALA B 167 -13.85 -10.55 -16.20
C ALA B 167 -13.73 -9.42 -17.22
N ALA B 168 -13.30 -8.23 -16.76
CA ALA B 168 -13.06 -7.12 -17.67
C ALA B 168 -11.99 -7.48 -18.70
N ALA B 169 -10.91 -8.13 -18.25
CA ALA B 169 -9.83 -8.47 -19.17
C ALA B 169 -10.30 -9.51 -20.19
N LEU B 170 -11.10 -10.49 -19.77
CA LEU B 170 -11.57 -11.50 -20.71
C LEU B 170 -12.50 -10.88 -21.74
N THR B 171 -13.44 -10.06 -21.30
CA THR B 171 -14.30 -9.36 -22.24
C THR B 171 -13.48 -8.52 -23.21
N ARG B 172 -12.48 -7.81 -22.68
CA ARG B 172 -11.68 -6.95 -23.53
C ARG B 172 -10.93 -7.76 -24.57
N LEU B 173 -10.27 -8.85 -24.14
CA LEU B 173 -9.47 -9.60 -25.10
C LEU B 173 -10.33 -10.28 -26.15
N ILE B 174 -11.51 -10.80 -25.76
CA ILE B 174 -12.36 -11.45 -26.75
C ILE B 174 -12.92 -10.44 -27.73
N SER B 175 -13.40 -9.29 -27.22
CA SER B 175 -13.94 -8.29 -28.12
C SER B 175 -12.87 -7.72 -29.03
N ARG B 176 -11.61 -7.77 -28.60
CA ARG B 176 -10.52 -7.22 -29.42
C ARG B 176 -10.01 -8.25 -30.43
N CYS B 177 -9.85 -9.51 -30.00
CA CYS B 177 -9.16 -10.50 -30.81
C CYS B 177 -10.03 -11.67 -31.26
N GLY B 178 -11.20 -11.87 -30.65
CA GLY B 178 -12.14 -12.82 -31.22
C GLY B 178 -11.71 -14.26 -31.09
N GLU B 179 -12.25 -15.08 -31.99
CA GLU B 179 -11.98 -16.51 -31.96
C GLU B 179 -10.51 -16.88 -32.04
N PRO B 180 -9.67 -16.22 -32.87
CA PRO B 180 -8.26 -16.64 -32.94
C PRO B 180 -7.53 -16.67 -31.61
N VAL B 181 -7.76 -15.70 -30.72
CA VAL B 181 -7.04 -15.74 -29.46
C VAL B 181 -7.57 -16.85 -28.57
N ILE B 182 -8.87 -17.13 -28.63
CA ILE B 182 -9.44 -18.21 -27.84
C ILE B 182 -8.86 -19.55 -28.28
N ARG B 183 -8.78 -19.76 -29.59
CA ARG B 183 -8.21 -20.98 -30.13
C ARG B 183 -6.76 -21.15 -29.68
N ARG B 184 -5.97 -20.09 -29.78
CA ARG B 184 -4.58 -20.17 -29.35
C ARG B 184 -4.48 -20.45 -27.85
N GLY B 185 -5.34 -19.84 -27.04
CA GLY B 185 -5.30 -20.08 -25.61
C GLY B 185 -5.68 -21.51 -25.26
N VAL B 186 -6.67 -22.06 -25.96
CA VAL B 186 -7.08 -23.44 -25.73
C VAL B 186 -5.94 -24.38 -26.08
N ASP B 187 -5.33 -24.19 -27.25
CA ASP B 187 -4.21 -25.05 -27.65
C ASP B 187 -3.05 -24.92 -26.68
N MET B 188 -2.79 -23.70 -26.20
CA MET B 188 -1.71 -23.48 -25.25
C MET B 188 -1.99 -24.19 -23.92
N ALA B 189 -3.18 -24.00 -23.37
CA ALA B 189 -3.51 -24.67 -22.11
C ALA B 189 -3.50 -26.17 -22.27
N MET B 190 -3.97 -26.67 -23.41
CA MET B 190 -3.94 -28.11 -23.67
C MET B 190 -2.51 -28.64 -23.62
N ARG B 191 -1.58 -27.95 -24.26
CA ARG B 191 -0.19 -28.39 -24.25
C ARG B 191 0.38 -28.33 -22.84
N MET B 192 0.11 -27.23 -22.14
CA MET B 192 0.68 -27.07 -20.80
C MET B 192 0.13 -28.12 -19.84
N MET B 193 -1.19 -28.27 -19.82
CA MET B 193 -1.82 -29.19 -18.87
CA MET B 193 -1.78 -29.19 -18.86
C MET B 193 -1.68 -30.64 -19.28
N GLY B 194 -1.43 -30.92 -20.56
CA GLY B 194 -1.35 -32.28 -21.03
C GLY B 194 0.07 -32.79 -21.18
N GLU B 195 1.02 -31.89 -21.37
CA GLU B 195 2.38 -32.28 -21.74
C GLU B 195 3.48 -31.64 -20.91
N GLN B 196 3.24 -30.50 -20.27
CA GLN B 196 4.25 -29.82 -19.47
C GLN B 196 4.04 -30.03 -17.98
N PHE B 197 2.85 -29.71 -17.48
CA PHE B 197 2.56 -29.89 -16.05
C PHE B 197 2.52 -31.37 -15.69
N VAL B 198 2.15 -32.22 -16.63
CA VAL B 198 2.18 -33.66 -16.43
C VAL B 198 2.88 -34.28 -17.64
N THR B 199 3.48 -35.45 -17.42
CA THR B 199 4.03 -36.21 -18.53
CA THR B 199 4.02 -36.19 -18.55
C THR B 199 2.93 -36.88 -19.35
N GLY B 200 1.77 -37.12 -18.73
CA GLY B 200 0.65 -37.70 -19.42
C GLY B 200 -0.53 -37.72 -18.49
N GLU B 201 -1.72 -37.89 -19.08
CA GLU B 201 -2.94 -37.96 -18.28
C GLU B 201 -3.15 -39.34 -17.67
N THR B 202 -2.59 -40.39 -18.28
CA THR B 202 -2.65 -41.73 -17.75
C THR B 202 -1.23 -42.27 -17.69
N ILE B 203 -1.05 -43.31 -16.87
CA ILE B 203 0.28 -43.91 -16.76
C ILE B 203 0.69 -44.52 -18.10
N ARG B 204 -0.27 -45.07 -18.84
CA ARG B 204 -0.05 -45.58 -20.19
C ARG B 204 0.58 -44.52 -21.07
N GLU B 205 -0.01 -43.33 -21.09
CA GLU B 205 0.48 -42.24 -21.93
C GLU B 205 1.84 -41.75 -21.44
N ALA B 206 1.98 -41.60 -20.13
CA ALA B 206 3.26 -41.16 -19.57
C ALA B 206 4.38 -42.10 -19.94
N LEU B 207 4.15 -43.41 -19.78
CA LEU B 207 5.17 -44.39 -20.11
C LEU B 207 5.53 -44.33 -21.59
N LYS B 208 4.53 -44.15 -22.46
CA LYS B 208 4.82 -44.08 -23.89
C LYS B 208 5.65 -42.84 -24.21
N ARG B 209 5.35 -41.71 -23.57
CA ARG B 209 6.09 -40.49 -23.83
C ARG B 209 7.47 -40.49 -23.20
N SER B 210 7.74 -41.44 -22.29
CA SER B 210 9.03 -41.48 -21.63
C SER B 210 10.12 -42.08 -22.50
N LYS B 211 9.76 -42.80 -23.56
CA LYS B 211 10.75 -43.52 -24.34
C LYS B 211 11.81 -42.58 -24.93
N GLU B 212 11.40 -41.39 -25.37
CA GLU B 212 12.31 -40.50 -26.08
C GLU B 212 13.50 -40.11 -25.19
N LEU B 213 13.22 -39.64 -23.98
CA LEU B 213 14.32 -39.25 -23.09
C LEU B 213 15.03 -40.45 -22.48
N GLU B 214 14.32 -41.57 -22.28
CA GLU B 214 14.99 -42.76 -21.79
C GLU B 214 16.06 -43.23 -22.75
N GLU B 215 15.77 -43.18 -24.06
CA GLU B 215 16.76 -43.54 -25.06
C GLU B 215 17.99 -42.64 -24.97
N LYS B 216 17.82 -41.41 -24.50
CA LYS B 216 18.94 -40.50 -24.34
C LYS B 216 19.68 -40.72 -23.02
N GLY B 217 19.14 -41.53 -22.11
CA GLY B 217 19.81 -41.82 -20.87
C GLY B 217 19.12 -41.30 -19.63
N PHE B 218 17.99 -40.61 -19.77
CA PHE B 218 17.19 -40.27 -18.61
C PHE B 218 16.46 -41.50 -18.09
N SER B 219 16.01 -41.39 -16.85
CA SER B 219 15.07 -42.34 -16.28
C SER B 219 13.89 -41.57 -15.73
N TYR B 220 12.93 -42.28 -15.14
CA TYR B 220 11.71 -41.66 -14.70
C TYR B 220 11.30 -42.18 -13.33
N SER B 221 10.61 -41.31 -12.60
CA SER B 221 9.90 -41.69 -11.39
C SER B 221 8.52 -41.04 -11.49
N TYR B 222 7.47 -41.86 -11.53
CA TYR B 222 6.13 -41.36 -11.79
C TYR B 222 5.40 -40.99 -10.51
N ASP B 223 4.68 -39.87 -10.58
CA ASP B 223 3.90 -39.33 -9.46
C ASP B 223 2.43 -39.34 -9.89
N MET B 224 1.64 -40.20 -9.28
CA MET B 224 0.23 -40.30 -9.63
C MET B 224 -0.64 -39.23 -8.96
N LEU B 225 0.00 -38.26 -8.32
CA LEU B 225 -0.60 -37.03 -7.78
C LEU B 225 -1.32 -37.21 -6.45
N GLY B 226 -1.37 -38.42 -5.89
CA GLY B 226 -2.04 -38.60 -4.61
C GLY B 226 -1.32 -37.84 -3.51
N GLU B 227 -2.11 -37.20 -2.66
CA GLU B 227 -1.52 -36.43 -1.57
C GLU B 227 -2.64 -36.06 -0.61
N ALA B 228 -2.32 -36.00 0.68
CA ALA B 228 -3.18 -35.38 1.67
C ALA B 228 -4.61 -35.90 1.59
N ALA B 229 -4.74 -37.22 1.71
CA ALA B 229 -6.07 -37.82 1.80
C ALA B 229 -6.86 -37.16 2.92
N THR B 230 -8.11 -36.83 2.62
CA THR B 230 -9.00 -36.24 3.61
C THR B 230 -9.94 -37.28 4.21
N THR B 231 -10.30 -38.29 3.44
CA THR B 231 -11.23 -39.32 3.86
C THR B 231 -10.60 -40.67 3.60
N ALA B 232 -11.19 -41.69 4.21
CA ALA B 232 -10.76 -43.06 3.93
C ALA B 232 -10.89 -43.39 2.46
N ALA B 233 -11.97 -42.91 1.81
CA ALA B 233 -12.14 -43.17 0.39
C ALA B 233 -11.02 -42.54 -0.43
N ASP B 234 -10.56 -41.35 -0.05
CA ASP B 234 -9.42 -40.75 -0.75
C ASP B 234 -8.22 -41.66 -0.67
N ALA B 235 -7.91 -42.11 0.56
CA ALA B 235 -6.71 -42.90 0.78
C ALA B 235 -6.79 -44.22 0.04
N GLU B 236 -7.97 -44.85 0.03
CA GLU B 236 -8.12 -46.10 -0.70
C GLU B 236 -7.96 -45.88 -2.18
N ARG B 237 -8.52 -44.79 -2.71
CA ARG B 237 -8.38 -44.49 -4.13
C ARG B 237 -6.91 -44.26 -4.48
N TYR B 238 -6.20 -43.45 -3.69
CA TYR B 238 -4.81 -43.19 -4.01
C TYR B 238 -3.99 -44.47 -3.92
N TYR B 239 -4.30 -45.33 -2.96
CA TYR B 239 -3.61 -46.61 -2.87
C TYR B 239 -3.82 -47.39 -4.15
N ARG B 240 -5.08 -47.51 -4.58
CA ARG B 240 -5.37 -48.29 -5.78
C ARG B 240 -4.70 -47.67 -7.01
N ASP B 241 -4.64 -46.34 -7.06
CA ASP B 241 -3.97 -45.68 -8.18
C ASP B 241 -2.48 -45.99 -8.17
N TYR B 242 -1.85 -45.98 -7.00
CA TYR B 242 -0.44 -46.36 -6.93
C TYR B 242 -0.26 -47.81 -7.35
N GLU B 243 -1.13 -48.69 -6.87
CA GLU B 243 -1.02 -50.10 -7.20
C GLU B 243 -1.13 -50.33 -8.71
N SER B 244 -2.13 -49.69 -9.32
CA SER B 244 -2.30 -49.82 -10.76
CA SER B 244 -2.30 -49.83 -10.77
C SER B 244 -1.09 -49.27 -11.51
N ALA B 245 -0.55 -48.14 -11.04
CA ALA B 245 0.61 -47.56 -11.69
C ALA B 245 1.83 -48.46 -11.55
N ILE B 246 2.00 -49.09 -10.39
CA ILE B 246 3.13 -49.99 -10.22
C ILE B 246 3.09 -51.12 -11.22
N HIS B 247 1.91 -51.72 -11.43
CA HIS B 247 1.80 -52.76 -12.45
C HIS B 247 2.20 -52.24 -13.82
N ALA B 248 1.75 -51.05 -14.19
CA ALA B 248 2.09 -50.53 -15.51
C ALA B 248 3.57 -50.18 -15.60
N ILE B 249 4.09 -49.49 -14.59
CA ILE B 249 5.50 -49.12 -14.59
C ILE B 249 6.37 -50.36 -14.53
N GLY B 250 5.98 -51.33 -13.71
CA GLY B 250 6.76 -52.54 -13.57
C GLY B 250 6.81 -53.33 -14.86
N LYS B 251 5.67 -53.49 -15.54
CA LYS B 251 5.68 -54.17 -16.82
C LYS B 251 6.50 -53.40 -17.85
N ALA B 252 6.39 -52.07 -17.84
CA ALA B 252 7.17 -51.26 -18.78
C ALA B 252 8.66 -51.32 -18.48
N SER B 253 9.02 -51.38 -17.20
CA SER B 253 10.43 -51.50 -16.84
C SER B 253 11.04 -52.72 -17.48
N ALA B 254 10.33 -53.85 -17.44
CA ALA B 254 10.72 -55.07 -18.14
C ALA B 254 12.13 -55.51 -17.77
N GLY B 255 12.40 -55.53 -16.46
CA GLY B 255 13.67 -56.01 -15.95
C GLY B 255 14.84 -55.06 -16.10
N ARG B 256 14.60 -53.80 -16.46
CA ARG B 256 15.70 -52.86 -16.56
C ARG B 256 16.32 -52.52 -15.22
N GLY B 257 15.67 -52.85 -14.12
CA GLY B 257 16.23 -52.61 -12.81
C GLY B 257 15.97 -51.20 -12.31
N ILE B 258 16.43 -50.94 -11.09
CA ILE B 258 16.03 -49.72 -10.40
C ILE B 258 16.76 -48.47 -10.88
N TYR B 259 17.89 -48.62 -11.60
CA TYR B 259 18.67 -47.48 -12.02
C TYR B 259 18.31 -47.02 -13.43
N GLU B 260 18.39 -47.93 -14.40
CA GLU B 260 17.99 -47.59 -15.76
C GLU B 260 16.48 -47.49 -15.87
N GLY B 261 15.77 -48.36 -15.16
CA GLY B 261 14.34 -48.48 -15.32
C GLY B 261 13.56 -47.49 -14.49
N PRO B 262 12.30 -47.31 -14.84
CA PRO B 262 11.47 -46.31 -14.16
C PRO B 262 11.06 -46.77 -12.77
N GLY B 263 10.69 -45.78 -11.96
CA GLY B 263 10.17 -46.06 -10.64
C GLY B 263 8.91 -45.28 -10.35
N ILE B 264 8.47 -45.34 -9.11
CA ILE B 264 7.30 -44.61 -8.68
C ILE B 264 7.64 -43.83 -7.42
N SER B 265 6.96 -42.71 -7.22
CA SER B 265 7.09 -41.90 -6.02
C SER B 265 5.73 -41.82 -5.37
N ILE B 266 5.68 -42.01 -4.06
CA ILE B 266 4.42 -41.96 -3.32
C ILE B 266 4.54 -40.94 -2.20
N LYS B 267 3.40 -40.49 -1.71
CA LYS B 267 3.34 -39.66 -0.52
C LYS B 267 2.57 -40.41 0.55
N LEU B 268 3.16 -40.53 1.74
CA LEU B 268 2.47 -41.20 2.82
C LEU B 268 1.15 -40.52 3.16
N SER B 269 1.07 -39.20 3.02
CA SER B 269 -0.18 -38.52 3.32
C SER B 269 -1.29 -38.92 2.36
N ALA B 270 -0.95 -39.45 1.18
CA ALA B 270 -1.97 -39.96 0.28
C ALA B 270 -2.62 -41.23 0.81
N LEU B 271 -1.93 -41.95 1.69
CA LEU B 271 -2.32 -43.31 2.01
C LEU B 271 -3.11 -43.41 3.30
N HIS B 272 -3.32 -42.31 4.02
CA HIS B 272 -4.12 -42.39 5.21
C HIS B 272 -4.60 -40.99 5.50
N PRO B 273 -5.87 -40.81 5.91
CA PRO B 273 -6.37 -39.47 6.20
C PRO B 273 -5.86 -38.89 7.52
N ARG B 274 -5.20 -39.67 8.36
CA ARG B 274 -4.68 -39.20 9.62
C ARG B 274 -3.21 -39.51 9.73
N TYR B 275 -2.45 -39.13 8.72
CA TYR B 275 -1.01 -39.33 8.73
C TYR B 275 -0.38 -38.23 9.59
N SER B 276 -0.17 -38.54 10.87
CA SER B 276 0.39 -37.54 11.77
C SER B 276 0.91 -38.26 13.01
N ARG B 277 1.83 -37.60 13.69
CA ARG B 277 2.39 -38.18 14.91
C ARG B 277 1.30 -38.41 15.94
N ALA B 278 0.30 -37.53 15.99
CA ALA B 278 -0.77 -37.69 16.96
C ALA B 278 -1.53 -38.99 16.73
N GLN B 279 -1.52 -39.50 15.50
CA GLN B 279 -2.19 -40.75 15.18
C GLN B 279 -1.18 -41.85 14.82
N ALA B 280 -0.02 -41.85 15.49
CA ALA B 280 1.04 -42.77 15.10
C ALA B 280 0.59 -44.22 15.13
N ALA B 281 -0.23 -44.60 16.11
CA ALA B 281 -0.68 -45.99 16.18
C ALA B 281 -1.47 -46.36 14.93
N ARG B 282 -2.36 -45.47 14.48
CA ARG B 282 -3.12 -45.75 13.27
C ARG B 282 -2.22 -45.75 12.05
N VAL B 283 -1.22 -44.88 12.03
CA VAL B 283 -0.27 -44.85 10.93
C VAL B 283 0.44 -46.19 10.81
N MET B 284 0.98 -46.68 11.92
CA MET B 284 1.69 -47.95 11.90
C MET B 284 0.75 -49.11 11.63
N GLY B 285 -0.48 -49.03 12.13
CA GLY B 285 -1.41 -50.14 11.98
C GLY B 285 -2.09 -50.20 10.64
N GLU B 286 -2.33 -49.05 10.01
CA GLU B 286 -3.16 -48.95 8.82
C GLU B 286 -2.42 -48.42 7.61
N LEU B 287 -1.57 -47.41 7.79
CA LEU B 287 -0.86 -46.84 6.65
C LEU B 287 0.30 -47.75 6.25
N LEU B 288 1.09 -48.18 7.23
CA LEU B 288 2.26 -49.01 6.96
C LEU B 288 1.94 -50.26 6.14
N PRO B 289 0.92 -51.06 6.45
CA PRO B 289 0.63 -52.22 5.59
C PRO B 289 0.37 -51.86 4.15
N ARG B 290 -0.22 -50.68 3.90
CA ARG B 290 -0.43 -50.24 2.52
CA ARG B 290 -0.43 -50.24 2.52
C ARG B 290 0.88 -49.95 1.83
N VAL B 291 1.81 -49.26 2.51
CA VAL B 291 3.11 -49.03 1.88
C VAL B 291 3.82 -50.34 1.65
N LYS B 292 3.76 -51.25 2.61
CA LYS B 292 4.43 -52.53 2.44
C LYS B 292 3.90 -53.26 1.21
N ALA B 293 2.58 -53.23 1.01
CA ALA B 293 2.00 -53.90 -0.14
C ALA B 293 2.49 -53.28 -1.44
N LEU B 294 2.54 -51.95 -1.50
CA LEU B 294 3.06 -51.30 -2.68
C LEU B 294 4.53 -51.60 -2.88
N ALA B 295 5.31 -51.58 -1.79
CA ALA B 295 6.73 -51.89 -1.90
C ALA B 295 6.93 -53.33 -2.35
N LEU B 296 6.10 -54.25 -1.88
CA LEU B 296 6.21 -55.64 -2.34
C LEU B 296 5.97 -55.74 -3.83
N LEU B 297 4.98 -55.00 -4.35
CA LEU B 297 4.76 -54.99 -5.78
C LEU B 297 5.96 -54.41 -6.53
N ALA B 298 6.49 -53.30 -6.02
CA ALA B 298 7.66 -52.70 -6.66
C ALA B 298 8.83 -53.65 -6.64
N LYS B 299 9.01 -54.36 -5.52
CA LYS B 299 10.07 -55.35 -5.44
C LYS B 299 9.90 -56.44 -6.48
N ASN B 300 8.66 -56.93 -6.65
CA ASN B 300 8.44 -58.02 -7.58
C ASN B 300 8.75 -57.62 -9.01
N TYR B 301 8.55 -56.35 -9.35
CA TYR B 301 8.93 -55.85 -10.67
C TYR B 301 10.34 -55.29 -10.69
N ASP B 302 11.02 -55.27 -9.55
CA ASP B 302 12.33 -54.65 -9.37
C ASP B 302 12.36 -53.22 -9.93
N ILE B 303 11.44 -52.40 -9.41
CA ILE B 303 11.43 -50.97 -9.69
C ILE B 303 11.67 -50.22 -8.40
N GLY B 304 12.04 -48.94 -8.53
CA GLY B 304 12.19 -48.10 -7.36
C GLY B 304 10.83 -47.61 -6.86
N LEU B 305 10.70 -47.54 -5.54
CA LEU B 305 9.52 -46.94 -4.91
C LEU B 305 10.05 -45.94 -3.91
N ASN B 306 9.77 -44.66 -4.16
CA ASN B 306 10.32 -43.56 -3.37
C ASN B 306 9.22 -42.96 -2.51
N ILE B 307 9.56 -42.67 -1.26
CA ILE B 307 8.67 -41.96 -0.35
C ILE B 307 9.06 -40.48 -0.38
N ASP B 308 8.18 -39.66 -0.96
CA ASP B 308 8.40 -38.23 -0.99
C ASP B 308 8.36 -37.67 0.42
N ALA B 309 9.09 -36.60 0.64
CA ALA B 309 9.14 -35.97 1.94
C ALA B 309 8.15 -34.82 1.99
N GLU B 310 7.44 -34.71 3.11
CA GLU B 310 6.37 -33.73 3.21
C GLU B 310 6.69 -32.72 4.30
N GLU B 311 5.71 -32.39 5.15
CA GLU B 311 5.92 -31.35 6.15
C GLU B 311 6.93 -31.82 7.20
N ALA B 312 7.57 -30.84 7.85
CA ALA B 312 8.59 -31.16 8.83
C ALA B 312 8.06 -32.04 9.95
N ASP B 313 6.79 -31.87 10.34
CA ASP B 313 6.26 -32.67 11.45
C ASP B 313 5.92 -34.10 11.05
N ARG B 314 6.19 -34.48 9.81
CA ARG B 314 6.01 -35.85 9.36
C ARG B 314 7.33 -36.55 9.12
N LEU B 315 8.45 -35.84 9.19
CA LEU B 315 9.74 -36.43 8.88
C LEU B 315 10.01 -37.63 9.76
N GLU B 316 10.03 -37.43 11.09
CA GLU B 316 10.48 -38.51 11.94
C GLU B 316 9.48 -39.66 11.96
N LEU B 317 8.18 -39.35 11.87
CA LEU B 317 7.20 -40.41 11.74
C LEU B 317 7.50 -41.28 10.52
N SER B 318 7.86 -40.66 9.39
CA SER B 318 8.13 -41.44 8.19
C SER B 318 9.31 -42.38 8.40
N LEU B 319 10.26 -42.01 9.26
CA LEU B 319 11.40 -42.89 9.51
C LEU B 319 10.98 -44.19 10.19
N ASP B 320 9.94 -44.15 11.01
CA ASP B 320 9.45 -45.38 11.62
C ASP B 320 8.91 -46.34 10.58
N LEU B 321 8.33 -45.83 9.50
CA LEU B 321 7.90 -46.71 8.43
C LEU B 321 9.09 -47.21 7.62
N LEU B 322 10.03 -46.32 7.33
CA LEU B 322 11.24 -46.73 6.61
C LEU B 322 11.95 -47.85 7.35
N GLU B 323 12.02 -47.74 8.68
CA GLU B 323 12.69 -48.75 9.50
C GLU B 323 12.05 -50.11 9.31
N VAL B 324 10.72 -50.18 9.41
CA VAL B 324 10.02 -51.45 9.26
C VAL B 324 10.25 -52.02 7.87
N LEU B 325 10.12 -51.18 6.84
CA LEU B 325 10.23 -51.66 5.47
C LEU B 325 11.63 -52.22 5.20
N CYS B 326 12.67 -51.56 5.71
CA CYS B 326 14.01 -52.05 5.48
C CYS B 326 14.32 -53.34 6.22
N LEU B 327 13.59 -53.63 7.31
CA LEU B 327 13.76 -54.86 8.06
C LEU B 327 12.77 -55.95 7.65
N ASP B 328 11.91 -55.67 6.68
CA ASP B 328 10.89 -56.64 6.26
C ASP B 328 11.50 -57.63 5.29
N GLY B 329 11.61 -58.90 5.71
CA GLY B 329 12.21 -59.92 4.86
C GLY B 329 11.47 -60.20 3.57
N ASP B 330 10.18 -59.82 3.50
CA ASP B 330 9.46 -59.94 2.23
C ASP B 330 10.11 -59.09 1.14
N LEU B 331 10.82 -58.03 1.53
CA LEU B 331 11.49 -57.15 0.58
C LEU B 331 12.96 -57.47 0.41
N SER B 332 13.37 -58.68 0.83
CA SER B 332 14.76 -59.10 0.83
C SER B 332 15.45 -58.81 -0.50
N GLY B 333 16.62 -58.20 -0.42
CA GLY B 333 17.46 -57.98 -1.58
C GLY B 333 17.01 -56.88 -2.51
N TRP B 334 15.93 -56.18 -2.21
CA TRP B 334 15.41 -55.13 -3.06
C TRP B 334 16.07 -53.80 -2.70
N ASN B 335 16.80 -53.22 -3.64
CA ASN B 335 17.48 -51.96 -3.40
C ASN B 335 16.69 -50.78 -3.91
N GLY B 336 15.41 -50.99 -4.19
CA GLY B 336 14.57 -49.96 -4.77
C GLY B 336 13.85 -49.08 -3.80
N MET B 337 13.93 -49.32 -2.49
CA MET B 337 13.31 -48.43 -1.53
CA MET B 337 13.30 -48.43 -1.54
C MET B 337 13.98 -47.07 -1.59
N GLY B 338 13.19 -46.04 -1.85
CA GLY B 338 13.69 -44.68 -1.95
C GLY B 338 13.10 -43.79 -0.88
N PHE B 339 13.87 -42.80 -0.47
CA PHE B 339 13.44 -41.96 0.63
C PHE B 339 14.03 -40.57 0.41
N VAL B 340 13.18 -39.56 0.48
CA VAL B 340 13.60 -38.18 0.26
C VAL B 340 14.04 -37.59 1.58
N VAL B 341 15.12 -36.81 1.53
CA VAL B 341 15.53 -35.99 2.66
C VAL B 341 15.67 -34.57 2.17
N GLN B 342 15.16 -33.63 2.96
CA GLN B 342 15.05 -32.22 2.59
C GLN B 342 16.19 -31.45 3.23
N ALA B 343 17.09 -30.92 2.40
CA ALA B 343 18.26 -30.22 2.89
C ALA B 343 17.90 -28.86 3.46
N TYR B 344 16.72 -28.32 3.18
CA TYR B 344 16.35 -27.10 3.89
C TYR B 344 16.04 -27.36 5.36
N GLY B 345 16.02 -28.63 5.76
CA GLY B 345 15.71 -28.99 7.13
C GLY B 345 16.97 -29.14 7.96
N LYS B 346 16.89 -28.67 9.20
CA LYS B 346 18.02 -28.71 10.10
C LYS B 346 18.40 -30.12 10.51
N ARG B 347 17.48 -31.07 10.39
CA ARG B 347 17.79 -32.44 10.76
C ARG B 347 18.44 -33.23 9.64
N CYS B 348 18.52 -32.64 8.45
CA CYS B 348 18.94 -33.37 7.25
C CYS B 348 20.19 -34.22 7.43
N PRO B 349 21.33 -33.68 7.87
CA PRO B 349 22.51 -34.56 8.01
C PRO B 349 22.31 -35.68 9.02
N PHE B 350 21.53 -35.44 10.07
CA PHE B 350 21.30 -36.47 11.08
C PHE B 350 20.33 -37.53 10.56
N VAL B 351 19.36 -37.12 9.76
CA VAL B 351 18.51 -38.10 9.06
C VAL B 351 19.35 -38.94 8.12
N LEU B 352 20.28 -38.32 7.41
CA LEU B 352 21.14 -39.08 6.51
C LEU B 352 21.98 -40.09 7.29
N ASP B 353 22.54 -39.68 8.43
CA ASP B 353 23.27 -40.61 9.28
C ASP B 353 22.39 -41.79 9.66
N PHE B 354 21.15 -41.52 10.05
CA PHE B 354 20.22 -42.59 10.40
C PHE B 354 19.98 -43.51 9.20
N ILE B 355 19.71 -42.93 8.03
CA ILE B 355 19.41 -43.74 6.84
C ILE B 355 20.62 -44.57 6.44
N ILE B 356 21.81 -43.95 6.45
CA ILE B 356 23.01 -44.67 6.06
C ILE B 356 23.24 -45.85 7.00
N ASP B 357 23.02 -45.63 8.29
CA ASP B 357 23.19 -46.72 9.25
C ASP B 357 22.12 -47.78 9.04
N LEU B 358 20.87 -47.37 8.80
CA LEU B 358 19.81 -48.34 8.55
C LEU B 358 20.16 -49.19 7.32
N ALA B 359 20.67 -48.54 6.27
CA ALA B 359 21.06 -49.27 5.07
C ALA B 359 22.14 -50.30 5.41
N ARG B 360 23.14 -49.88 6.18
CA ARG B 360 24.24 -50.78 6.54
C ARG B 360 23.74 -51.98 7.35
N ARG B 361 22.88 -51.74 8.34
CA ARG B 361 22.49 -52.84 9.21
C ARG B 361 21.39 -53.72 8.62
N SER B 362 20.64 -53.22 7.64
CA SER B 362 19.57 -54.00 7.03
C SER B 362 19.98 -54.71 5.75
N GLY B 363 21.15 -54.39 5.19
CA GLY B 363 21.54 -55.01 3.95
C GLY B 363 20.72 -54.55 2.77
N ARG B 364 20.30 -53.29 2.78
CA ARG B 364 19.53 -52.69 1.71
C ARG B 364 20.29 -51.45 1.26
N ARG B 365 20.54 -51.33 -0.03
CA ARG B 365 20.95 -50.03 -0.55
C ARG B 365 19.69 -49.20 -0.66
N ILE B 366 19.62 -48.11 0.09
CA ILE B 366 18.46 -47.24 0.07
C ILE B 366 18.75 -46.13 -0.92
N MET B 367 17.78 -45.84 -1.78
CA MET B 367 17.90 -44.72 -2.71
C MET B 367 17.51 -43.47 -1.95
N VAL B 368 18.40 -42.49 -1.91
CA VAL B 368 18.16 -41.29 -1.11
C VAL B 368 18.08 -40.10 -2.05
N ARG B 369 16.90 -39.52 -2.19
CA ARG B 369 16.73 -38.33 -2.98
C ARG B 369 16.99 -37.14 -2.07
N LEU B 370 18.07 -36.42 -2.36
CA LEU B 370 18.35 -35.18 -1.66
C LEU B 370 17.68 -34.05 -2.42
N VAL B 371 16.78 -33.35 -1.73
CA VAL B 371 16.10 -32.19 -2.28
C VAL B 371 16.40 -31.03 -1.36
N LYS B 372 16.05 -29.83 -1.81
CA LYS B 372 16.06 -28.72 -0.86
C LYS B 372 14.79 -28.75 -0.01
N GLY B 373 13.64 -28.55 -0.61
CA GLY B 373 12.39 -28.77 0.12
C GLY B 373 11.29 -27.88 -0.43
N ALA B 374 10.07 -28.40 -0.40
CA ALA B 374 8.95 -27.81 -1.13
C ALA B 374 7.98 -27.04 -0.24
N TYR B 375 8.18 -27.03 1.07
CA TYR B 375 7.20 -26.45 1.99
C TYR B 375 7.73 -25.25 2.75
N TRP B 376 8.70 -24.53 2.20
CA TRP B 376 9.42 -23.55 2.99
C TRP B 376 8.49 -22.51 3.59
N ASP B 377 7.70 -21.82 2.76
CA ASP B 377 6.85 -20.75 3.29
C ASP B 377 5.93 -21.29 4.37
N ALA B 378 5.39 -22.48 4.16
CA ALA B 378 4.45 -23.05 5.11
C ALA B 378 5.14 -23.40 6.42
N GLU B 379 6.40 -23.83 6.37
CA GLU B 379 7.10 -24.16 7.59
C GLU B 379 7.39 -22.91 8.41
N ILE B 380 7.70 -21.79 7.74
CA ILE B 380 7.91 -20.55 8.45
C ILE B 380 6.62 -20.14 9.17
N LYS B 381 5.52 -20.14 8.43
CA LYS B 381 4.24 -19.75 9.02
C LYS B 381 3.87 -20.65 10.17
N ARG B 382 4.05 -21.97 10.00
CA ARG B 382 3.59 -22.90 11.01
C ARG B 382 4.36 -22.72 12.31
N ALA B 383 5.66 -22.54 12.21
CA ALA B 383 6.45 -22.39 13.43
C ALA B 383 6.10 -21.09 14.13
N GLN B 384 5.83 -20.04 13.36
CA GLN B 384 5.39 -18.79 13.96
C GLN B 384 4.03 -18.94 14.63
N LEU B 385 3.07 -19.54 13.93
CA LEU B 385 1.76 -19.76 14.52
C LEU B 385 1.85 -20.54 15.82
N ASP B 386 2.71 -21.55 15.85
CA ASP B 386 2.76 -22.45 16.99
C ASP B 386 3.67 -21.94 18.10
N GLY B 387 4.34 -20.82 17.89
CA GLY B 387 5.20 -20.25 18.91
C GLY B 387 6.32 -21.16 19.32
N LEU B 388 6.92 -21.87 18.35
CA LEU B 388 7.93 -22.84 18.69
C LEU B 388 9.30 -22.19 18.77
N ALA B 389 10.27 -22.95 19.26
CA ALA B 389 11.54 -22.35 19.66
C ALA B 389 12.28 -21.77 18.47
N ASP B 390 12.18 -22.42 17.32
CA ASP B 390 12.86 -21.98 16.12
C ASP B 390 12.16 -22.66 14.96
N PHE B 391 12.63 -22.37 13.77
CA PHE B 391 12.12 -23.04 12.60
C PHE B 391 12.77 -24.40 12.45
N PRO B 392 12.10 -25.34 11.78
CA PRO B 392 12.71 -26.62 11.45
C PRO B 392 13.40 -26.62 10.11
N VAL B 393 13.43 -25.46 9.48
CA VAL B 393 14.12 -25.22 8.22
C VAL B 393 14.99 -23.99 8.38
N PHE B 394 15.93 -23.84 7.45
CA PHE B 394 16.72 -22.63 7.39
C PHE B 394 15.86 -21.45 6.93
N THR B 395 16.36 -20.24 7.21
CA THR B 395 15.64 -19.03 6.87
C THR B 395 16.36 -18.19 5.82
N ARG B 396 17.61 -18.51 5.51
CA ARG B 396 18.32 -17.90 4.39
C ARG B 396 18.52 -18.96 3.33
N LYS B 397 18.20 -18.61 2.08
CA LYS B 397 18.24 -19.60 1.02
C LYS B 397 19.64 -20.15 0.83
N ILE B 398 20.66 -19.28 1.01
CA ILE B 398 22.02 -19.73 0.89
C ILE B 398 22.36 -20.80 1.91
N HIS B 399 21.67 -20.80 3.07
CA HIS B 399 21.92 -21.83 4.08
C HIS B 399 21.42 -23.18 3.61
N THR B 400 20.25 -23.21 2.97
CA THR B 400 19.78 -24.46 2.37
C THR B 400 20.74 -24.93 1.30
N ASP B 401 21.31 -24.00 0.52
CA ASP B 401 22.26 -24.39 -0.50
C ASP B 401 23.51 -25.02 0.11
N VAL B 402 24.00 -24.43 1.19
CA VAL B 402 25.16 -25.00 1.86
C VAL B 402 24.80 -26.34 2.48
N SER B 403 23.63 -26.42 3.10
CA SER B 403 23.16 -27.66 3.68
C SER B 403 23.08 -28.76 2.63
N TYR B 404 22.55 -28.43 1.46
CA TYR B 404 22.46 -29.40 0.37
C TYR B 404 23.84 -29.89 -0.03
N ILE B 405 24.78 -28.98 -0.22
CA ILE B 405 26.12 -29.36 -0.63
C ILE B 405 26.82 -30.18 0.45
N ALA B 406 26.62 -29.80 1.72
CA ALA B 406 27.19 -30.58 2.82
C ALA B 406 26.60 -31.98 2.87
N CYS B 407 25.29 -32.09 2.67
CA CYS B 407 24.64 -33.39 2.70
C CYS B 407 24.99 -34.21 1.46
N ALA B 408 25.17 -33.56 0.31
CA ALA B 408 25.69 -34.23 -0.87
C ALA B 408 27.06 -34.81 -0.60
N ALA B 409 27.91 -34.08 0.13
CA ALA B 409 29.23 -34.60 0.46
C ALA B 409 29.11 -35.86 1.31
N LYS B 410 28.18 -35.86 2.28
CA LYS B 410 27.96 -37.04 3.08
C LYS B 410 27.44 -38.19 2.23
N LEU B 411 26.49 -37.90 1.34
CA LEU B 411 25.97 -38.96 0.48
C LEU B 411 27.04 -39.49 -0.47
N LEU B 412 27.84 -38.60 -1.05
CA LEU B 412 28.84 -39.04 -2.03
C LEU B 412 29.92 -39.87 -1.39
N ALA B 413 30.17 -39.66 -0.10
CA ALA B 413 31.09 -40.51 0.64
C ALA B 413 30.45 -41.83 1.06
N ALA B 414 29.17 -42.04 0.75
CA ALA B 414 28.49 -43.27 1.14
C ALA B 414 27.83 -43.97 -0.04
N THR B 415 28.32 -43.76 -1.26
CA THR B 415 27.69 -44.35 -2.44
C THR B 415 27.78 -45.87 -2.43
N ASP B 416 28.68 -46.45 -1.65
CA ASP B 416 28.70 -47.88 -1.46
C ASP B 416 27.53 -48.39 -0.64
N VAL B 417 26.80 -47.50 0.04
CA VAL B 417 25.81 -47.89 1.04
C VAL B 417 24.43 -47.38 0.66
N VAL B 418 24.36 -46.23 0.01
CA VAL B 418 23.11 -45.64 -0.44
C VAL B 418 23.29 -45.19 -1.88
N PHE B 419 22.18 -44.98 -2.55
CA PHE B 419 22.18 -44.48 -3.93
C PHE B 419 21.75 -43.03 -3.90
N PRO B 420 22.68 -42.09 -3.96
CA PRO B 420 22.30 -40.68 -3.86
C PRO B 420 21.65 -40.19 -5.14
N GLN B 421 20.58 -39.41 -4.99
CA GLN B 421 19.82 -38.89 -6.10
C GLN B 421 19.68 -37.40 -5.86
N PHE B 422 20.40 -36.60 -6.62
CA PHE B 422 20.52 -35.17 -6.34
C PHE B 422 19.49 -34.43 -7.18
N ALA B 423 18.33 -34.17 -6.57
CA ALA B 423 17.26 -33.44 -7.22
C ALA B 423 17.51 -31.95 -7.07
N THR B 424 17.79 -31.27 -8.19
CA THR B 424 17.97 -29.83 -8.16
C THR B 424 17.85 -29.30 -9.58
N HIS B 425 17.30 -28.10 -9.71
CA HIS B 425 17.32 -27.39 -10.98
C HIS B 425 18.37 -26.30 -11.01
N ASN B 426 19.15 -26.17 -9.95
CA ASN B 426 20.13 -25.11 -9.80
C ASN B 426 21.46 -25.57 -10.40
N ALA B 427 21.89 -24.89 -11.48
CA ALA B 427 23.12 -25.28 -12.15
C ALA B 427 24.35 -25.11 -11.27
N GLN B 428 24.32 -24.15 -10.34
CA GLN B 428 25.45 -24.02 -9.42
C GLN B 428 25.51 -25.22 -8.48
N THR B 429 24.37 -25.59 -7.90
CA THR B 429 24.33 -26.77 -7.03
C THR B 429 24.78 -28.02 -7.78
N LEU B 430 24.25 -28.22 -8.99
CA LEU B 430 24.61 -29.39 -9.79
C LEU B 430 26.11 -29.41 -10.05
N ALA B 431 26.66 -28.28 -10.49
CA ALA B 431 28.07 -28.22 -10.83
C ALA B 431 28.94 -28.54 -9.63
N ALA B 432 28.55 -28.04 -8.45
CA ALA B 432 29.31 -28.33 -7.23
C ALA B 432 29.33 -29.83 -6.94
N ILE B 433 28.19 -30.50 -7.09
CA ILE B 433 28.14 -31.93 -6.79
C ILE B 433 28.82 -32.73 -7.88
N TYR B 434 28.63 -32.33 -9.14
CA TYR B 434 29.28 -33.03 -10.25
C TYR B 434 30.79 -33.08 -10.04
N HIS B 435 31.39 -31.98 -9.61
CA HIS B 435 32.82 -31.98 -9.40
C HIS B 435 33.20 -32.60 -8.06
N MET B 436 32.37 -32.39 -7.03
CA MET B 436 32.60 -33.03 -5.76
C MET B 436 32.64 -34.55 -5.90
N ALA B 437 31.85 -35.10 -6.82
CA ALA B 437 31.80 -36.55 -7.00
C ALA B 437 33.06 -37.10 -7.64
N GLY B 438 33.84 -36.26 -8.30
CA GLY B 438 35.09 -36.71 -8.88
C GLY B 438 34.92 -37.31 -10.26
N LYS B 439 36.03 -37.84 -10.78
CA LYS B 439 36.08 -38.33 -12.14
C LYS B 439 35.48 -39.73 -12.29
N ASP B 440 35.51 -40.54 -11.24
CA ASP B 440 35.08 -41.93 -11.34
C ASP B 440 33.56 -41.98 -11.25
N PHE B 441 32.91 -42.42 -12.33
CA PHE B 441 31.46 -42.51 -12.35
C PHE B 441 31.01 -43.73 -13.13
N HIS B 442 29.89 -44.29 -12.68
CA HIS B 442 29.17 -45.32 -13.41
C HIS B 442 27.69 -45.18 -13.07
N VAL B 443 26.84 -45.69 -13.95
CA VAL B 443 25.42 -45.75 -13.62
C VAL B 443 25.23 -46.67 -12.42
N GLY B 444 24.48 -46.20 -11.43
CA GLY B 444 24.29 -46.91 -10.18
C GLY B 444 25.06 -46.31 -9.02
N LYS B 445 26.07 -45.46 -9.30
CA LYS B 445 26.80 -44.80 -8.23
C LYS B 445 25.94 -43.70 -7.60
N TYR B 446 25.45 -42.77 -8.41
CA TYR B 446 24.51 -41.75 -8.01
C TYR B 446 23.85 -41.24 -9.28
N GLU B 447 22.80 -40.44 -9.11
CA GLU B 447 22.17 -39.81 -10.25
C GLU B 447 21.71 -38.42 -9.84
N PHE B 448 21.41 -37.60 -10.85
CA PHE B 448 20.66 -36.39 -10.62
C PHE B 448 19.17 -36.66 -10.84
N GLN B 449 18.34 -35.71 -10.42
CA GLN B 449 16.91 -35.78 -10.67
C GLN B 449 16.41 -34.39 -10.97
N CYS B 450 15.31 -34.34 -11.72
CA CYS B 450 14.67 -33.06 -12.03
C CYS B 450 13.19 -33.30 -12.22
N LEU B 451 12.45 -32.21 -12.33
CA LEU B 451 11.02 -32.26 -12.55
C LEU B 451 10.74 -32.23 -14.04
N HIS B 452 9.79 -33.07 -14.46
CA HIS B 452 9.32 -33.04 -15.83
C HIS B 452 8.88 -31.63 -16.21
N GLY B 453 9.25 -31.21 -17.41
CA GLY B 453 8.79 -29.93 -17.91
C GLY B 453 9.36 -28.73 -17.19
N MET B 454 10.42 -28.93 -16.42
CA MET B 454 11.13 -27.84 -15.78
C MET B 454 12.63 -28.11 -15.89
N GLY B 455 13.03 -29.34 -15.62
CA GLY B 455 14.42 -29.69 -15.51
C GLY B 455 15.11 -30.08 -16.80
N GLU B 456 14.35 -30.37 -17.87
CA GLU B 456 14.97 -30.85 -19.10
C GLU B 456 15.98 -29.88 -19.71
N PRO B 457 15.70 -28.58 -19.85
CA PRO B 457 16.72 -27.68 -20.42
C PRO B 457 18.07 -27.78 -19.73
N LEU B 458 18.09 -27.81 -18.40
CA LEU B 458 19.34 -27.99 -17.69
C LEU B 458 19.92 -29.37 -17.95
N TYR B 459 19.10 -30.40 -17.80
CA TYR B 459 19.65 -31.75 -17.84
C TYR B 459 19.87 -32.27 -19.26
N GLU B 460 19.34 -31.60 -20.27
CA GLU B 460 19.80 -31.85 -21.63
C GLU B 460 21.27 -31.49 -21.79
N GLU B 461 21.80 -30.65 -20.90
CA GLU B 461 23.20 -30.29 -20.88
C GLU B 461 24.02 -31.19 -19.98
N VAL B 462 23.42 -32.24 -19.41
CA VAL B 462 24.07 -33.10 -18.43
C VAL B 462 24.09 -34.55 -18.90
N VAL B 463 22.92 -35.08 -19.29
CA VAL B 463 22.83 -36.47 -19.71
C VAL B 463 23.48 -36.62 -21.09
N GLY B 464 24.21 -37.72 -21.26
CA GLY B 464 24.76 -38.01 -22.56
C GLY B 464 26.27 -37.92 -22.58
N ARG B 465 26.89 -38.80 -23.35
CA ARG B 465 28.34 -38.76 -23.51
C ARG B 465 28.82 -37.41 -24.02
N GLY B 466 28.01 -36.74 -24.85
CA GLY B 466 28.36 -35.44 -25.37
C GLY B 466 28.25 -34.29 -24.39
N LYS B 467 27.73 -34.56 -23.19
CA LYS B 467 27.59 -33.55 -22.17
C LYS B 467 28.40 -33.95 -20.95
N LEU B 468 27.77 -33.94 -19.76
CA LEU B 468 28.49 -34.34 -18.55
C LEU B 468 28.47 -35.85 -18.33
N ASP B 469 27.69 -36.59 -19.13
CA ASP B 469 27.63 -38.05 -19.03
C ASP B 469 27.15 -38.50 -17.65
N ARG B 470 26.14 -37.81 -17.14
CA ARG B 470 25.55 -38.12 -15.85
C ARG B 470 24.05 -38.33 -16.03
N PRO B 471 23.49 -39.37 -15.42
CA PRO B 471 22.07 -39.67 -15.60
C PRO B 471 21.20 -38.73 -14.78
N CYS B 472 19.96 -38.59 -15.23
CA CYS B 472 18.98 -37.80 -14.53
C CYS B 472 17.66 -38.55 -14.55
N ARG B 473 17.03 -38.68 -13.39
CA ARG B 473 15.71 -39.28 -13.28
C ARG B 473 14.68 -38.15 -13.24
N ILE B 474 13.70 -38.24 -14.12
CA ILE B 474 12.69 -37.21 -14.26
C ILE B 474 11.52 -37.57 -13.37
N TYR B 475 11.19 -36.68 -12.44
CA TYR B 475 9.99 -36.82 -11.62
C TYR B 475 8.81 -36.44 -12.49
N ALA B 476 7.94 -37.40 -12.76
CA ALA B 476 6.95 -37.26 -13.83
C ALA B 476 5.53 -37.30 -13.26
N PRO B 477 4.87 -36.16 -13.09
CA PRO B 477 3.47 -36.16 -12.67
C PRO B 477 2.60 -36.77 -13.75
N VAL B 478 1.61 -37.54 -13.32
CA VAL B 478 0.71 -38.22 -14.22
C VAL B 478 -0.70 -37.98 -13.69
N GLY B 479 -1.56 -37.42 -14.53
CA GLY B 479 -2.94 -37.26 -14.12
C GLY B 479 -3.64 -36.18 -14.90
N THR B 480 -4.89 -35.95 -14.49
CA THR B 480 -5.82 -35.10 -15.22
C THR B 480 -5.55 -33.63 -14.92
N HIS B 481 -6.34 -32.75 -15.55
CA HIS B 481 -6.19 -31.32 -15.34
C HIS B 481 -6.57 -30.92 -13.93
N GLU B 482 -7.71 -31.42 -13.44
CA GLU B 482 -8.18 -31.04 -12.11
C GLU B 482 -7.19 -31.47 -11.04
N THR B 483 -6.59 -32.64 -11.20
CA THR B 483 -5.62 -33.12 -10.22
C THR B 483 -4.33 -32.32 -10.30
N LEU B 484 -3.81 -32.10 -11.51
CA LEU B 484 -2.56 -31.36 -11.67
C LEU B 484 -2.66 -29.95 -11.07
N LEU B 485 -3.81 -29.29 -11.26
CA LEU B 485 -3.96 -27.91 -10.81
C LEU B 485 -3.88 -27.79 -9.29
N ALA B 486 -4.19 -28.87 -8.56
CA ALA B 486 -4.37 -28.81 -7.11
C ALA B 486 -3.10 -28.51 -6.34
N TYR B 487 -1.93 -28.41 -6.98
CA TYR B 487 -0.69 -28.10 -6.29
C TYR B 487 0.40 -27.67 -7.26
N LEU B 488 -0.01 -27.22 -8.45
CA LEU B 488 0.89 -26.80 -9.53
C LEU B 488 1.88 -25.73 -9.11
N VAL B 489 1.70 -25.14 -7.92
CA VAL B 489 2.58 -24.11 -7.42
C VAL B 489 4.02 -24.61 -7.24
N ARG B 490 4.21 -25.92 -7.14
CA ARG B 490 5.55 -26.45 -6.90
C ARG B 490 6.45 -26.30 -8.12
N ARG B 491 5.92 -26.58 -9.32
CA ARG B 491 6.75 -26.44 -10.52
C ARG B 491 7.30 -25.03 -10.65
N LEU B 492 6.55 -24.01 -10.21
CA LEU B 492 6.90 -22.62 -10.42
C LEU B 492 7.40 -21.93 -9.15
N LEU B 493 6.60 -21.91 -8.08
CA LEU B 493 7.02 -21.17 -6.88
C LEU B 493 8.36 -21.70 -6.36
N GLU B 494 8.66 -22.96 -6.62
CA GLU B 494 10.02 -23.46 -6.47
C GLU B 494 10.71 -23.31 -7.81
N ALA B 497 9.36 -18.12 -7.03
CA ALA B 497 9.90 -17.24 -6.01
C ALA B 497 11.12 -16.50 -6.52
N ASN B 498 11.26 -15.23 -6.12
CA ASN B 498 12.37 -14.41 -6.60
C ASN B 498 13.72 -15.04 -6.31
N SER B 499 13.83 -15.73 -5.17
CA SER B 499 15.09 -16.34 -4.77
C SER B 499 15.38 -17.65 -5.49
N SER B 500 14.43 -18.17 -6.26
CA SER B 500 14.62 -19.47 -6.89
C SER B 500 15.41 -19.34 -8.18
N PHE B 501 16.27 -20.31 -8.43
CA PHE B 501 17.05 -20.36 -9.67
C PHE B 501 16.13 -20.31 -10.90
N VAL B 502 14.98 -20.99 -10.84
CA VAL B 502 14.09 -21.04 -11.99
C VAL B 502 13.47 -19.68 -12.32
N HIS B 503 13.43 -18.76 -11.36
CA HIS B 503 13.05 -17.38 -11.67
C HIS B 503 14.28 -16.53 -12.00
N ARG B 504 15.40 -16.80 -11.34
CA ARG B 504 16.60 -15.98 -11.51
C ARG B 504 17.28 -16.25 -12.85
N ILE B 505 17.19 -17.48 -13.36
CA ILE B 505 17.79 -17.80 -14.66
C ILE B 505 17.17 -16.96 -15.77
N ASN B 506 15.94 -16.48 -15.58
CA ASN B 506 15.22 -15.72 -16.59
C ASN B 506 15.14 -14.23 -16.27
N ASP B 507 15.80 -13.77 -15.21
CA ASP B 507 15.81 -12.36 -14.89
C ASP B 507 17.09 -11.75 -15.43
N PRO B 508 17.04 -10.93 -16.49
CA PRO B 508 18.29 -10.40 -17.07
C PRO B 508 19.05 -9.49 -16.12
N LYS B 509 18.42 -8.98 -15.07
CA LYS B 509 19.15 -8.19 -14.07
C LYS B 509 20.09 -9.05 -13.24
N VAL B 510 19.99 -10.37 -13.34
CA VAL B 510 20.83 -11.29 -12.57
C VAL B 510 21.89 -11.85 -13.51
N SER B 511 23.15 -11.55 -13.23
CA SER B 511 24.24 -11.98 -14.08
C SER B 511 24.56 -13.45 -13.84
N ILE B 512 25.32 -14.04 -14.77
CA ILE B 512 25.79 -15.40 -14.59
C ILE B 512 26.79 -15.48 -13.45
N ASP B 513 27.52 -14.38 -13.19
CA ASP B 513 28.45 -14.34 -12.06
C ASP B 513 27.69 -14.53 -10.74
N GLU B 514 26.58 -13.83 -10.57
CA GLU B 514 25.76 -14.00 -9.38
C GLU B 514 25.25 -15.43 -9.26
N LEU B 515 24.78 -16.01 -10.38
CA LEU B 515 24.24 -17.36 -10.35
C LEU B 515 25.32 -18.39 -10.03
N ILE B 516 26.59 -18.10 -10.36
CA ILE B 516 27.67 -19.03 -10.10
C ILE B 516 28.31 -18.84 -8.73
N ALA B 517 27.86 -17.86 -7.96
CA ALA B 517 28.42 -17.61 -6.63
C ALA B 517 28.35 -18.86 -5.78
N ASP B 518 29.47 -19.17 -5.11
CA ASP B 518 29.57 -20.34 -4.27
C ASP B 518 28.88 -20.05 -2.94
N PRO B 519 27.77 -20.72 -2.64
CA PRO B 519 27.10 -20.47 -1.35
C PRO B 519 27.98 -20.78 -0.16
N VAL B 520 28.84 -21.80 -0.28
CA VAL B 520 29.68 -22.19 0.85
C VAL B 520 30.63 -21.07 1.24
N GLU B 521 31.31 -20.49 0.23
CA GLU B 521 32.26 -19.43 0.53
C GLU B 521 31.55 -18.13 0.93
N VAL B 522 30.36 -17.87 0.40
CA VAL B 522 29.63 -16.68 0.81
C VAL B 522 29.22 -16.81 2.27
N VAL B 523 28.68 -17.97 2.66
CA VAL B 523 28.31 -18.19 4.06
C VAL B 523 29.53 -18.10 4.97
N ARG B 524 30.65 -18.73 4.56
CA ARG B 524 31.83 -18.73 5.40
C ARG B 524 32.31 -17.32 5.71
N ALA B 525 32.07 -16.38 4.82
CA ALA B 525 32.60 -15.03 4.94
C ALA B 525 31.66 -14.07 5.64
N MET B 526 30.46 -14.51 6.00
CA MET B 526 29.53 -13.64 6.71
CA MET B 526 29.53 -13.63 6.70
C MET B 526 30.04 -13.35 8.11
N PRO B 527 29.76 -12.15 8.65
CA PRO B 527 30.29 -11.82 9.98
C PRO B 527 29.82 -12.77 11.07
N VAL B 528 28.58 -13.27 10.97
CA VAL B 528 28.07 -14.28 11.87
C VAL B 528 27.59 -15.44 11.01
N VAL B 529 28.36 -16.53 10.98
CA VAL B 529 28.00 -17.67 10.14
C VAL B 529 26.66 -18.23 10.60
N GLY B 530 25.72 -18.30 9.68
CA GLY B 530 24.46 -18.94 9.98
C GLY B 530 23.43 -18.07 10.66
N ALA B 531 23.60 -16.76 10.64
CA ALA B 531 22.60 -15.88 11.24
C ALA B 531 21.26 -16.03 10.53
N LYS B 532 20.18 -16.01 11.31
CA LYS B 532 18.83 -16.02 10.79
C LYS B 532 18.65 -14.88 9.80
N HIS B 533 17.76 -15.09 8.84
CA HIS B 533 17.35 -14.01 7.95
C HIS B 533 16.90 -12.81 8.76
N ASP B 534 17.39 -11.63 8.37
CA ASP B 534 17.09 -10.40 9.10
C ASP B 534 15.61 -10.04 9.05
N ARG B 535 14.87 -10.54 8.06
CA ARG B 535 13.50 -10.11 7.85
C ARG B 535 12.48 -11.21 8.16
N ILE B 536 12.90 -12.29 8.81
CA ILE B 536 12.02 -13.35 9.25
C ILE B 536 12.12 -13.43 10.75
N ALA B 537 11.02 -13.20 11.43
CA ALA B 537 11.05 -13.17 12.89
C ALA B 537 11.01 -14.59 13.43
N LEU B 538 11.85 -14.87 14.41
CA LEU B 538 11.63 -16.06 15.21
C LEU B 538 10.24 -15.98 15.81
N PRO B 539 9.60 -17.13 16.06
CA PRO B 539 8.26 -17.11 16.68
C PRO B 539 8.22 -16.27 17.93
N ALA B 540 9.25 -16.33 18.77
CA ALA B 540 9.24 -15.55 19.99
C ALA B 540 9.26 -14.05 19.73
N GLU B 541 9.71 -13.65 18.54
CA GLU B 541 9.97 -12.25 18.23
C GLU B 541 8.94 -11.64 17.28
N LEU B 542 7.76 -12.27 17.15
CA LEU B 542 6.77 -11.78 16.19
C LEU B 542 6.38 -10.34 16.46
N PHE B 543 6.42 -9.92 17.73
CA PHE B 543 5.99 -8.60 18.11
C PHE B 543 7.15 -7.65 18.37
N GLY B 544 8.37 -8.08 18.02
CA GLY B 544 9.52 -7.20 18.15
C GLY B 544 9.71 -6.75 19.58
N ASP B 545 10.02 -5.45 19.73
CA ASP B 545 10.34 -4.91 21.04
C ASP B 545 9.12 -4.75 21.93
N ALA B 546 7.91 -4.88 21.38
CA ALA B 546 6.71 -4.65 22.20
C ALA B 546 6.57 -5.69 23.31
N ARG B 547 6.75 -6.96 22.99
CA ARG B 547 6.57 -8.02 23.96
C ARG B 547 7.07 -9.31 23.35
N THR B 548 7.32 -10.27 24.21
CA THR B 548 7.73 -11.61 23.78
C THR B 548 6.50 -12.45 23.51
N ASN B 549 6.44 -13.08 22.35
CA ASN B 549 5.34 -13.95 22.03
C ASN B 549 5.35 -15.16 22.95
N SER B 550 4.15 -15.60 23.35
CA SER B 550 4.09 -16.85 24.09
C SER B 550 4.67 -17.98 23.25
N ALA B 551 5.22 -18.97 23.94
CA ALA B 551 5.77 -20.15 23.31
C ALA B 551 4.86 -21.35 23.51
N GLY B 552 4.76 -22.17 22.48
CA GLY B 552 4.02 -23.40 22.54
C GLY B 552 4.93 -24.57 22.82
N LEU B 553 4.42 -25.75 22.53
CA LEU B 553 5.17 -26.99 22.70
C LEU B 553 4.97 -27.79 21.43
N ASP B 554 6.03 -28.44 20.98
CA ASP B 554 5.99 -29.15 19.71
C ASP B 554 5.57 -30.59 19.97
N LEU B 555 4.32 -30.90 19.68
CA LEU B 555 3.81 -32.24 19.95
C LEU B 555 4.22 -33.24 18.88
N SER B 556 5.10 -32.87 17.96
CA SER B 556 5.74 -33.83 17.06
C SER B 556 7.16 -34.14 17.48
N ASN B 557 7.65 -33.53 18.54
CA ASN B 557 9.00 -33.71 19.02
C ASN B 557 9.00 -34.79 20.10
N GLU B 558 9.70 -35.90 19.86
CA GLU B 558 9.67 -37.01 20.81
C GLU B 558 10.22 -36.61 22.16
N GLU B 559 11.25 -35.76 22.19
CA GLU B 559 11.75 -35.28 23.48
C GLU B 559 10.65 -34.53 24.21
N THR B 560 9.96 -33.65 23.49
CA THR B 560 8.87 -32.91 24.11
C THR B 560 7.78 -33.84 24.58
N LEU B 561 7.41 -34.83 23.77
CA LEU B 561 6.35 -35.73 24.17
C LEU B 561 6.75 -36.53 25.40
N ALA B 562 8.00 -36.98 25.47
CA ALA B 562 8.44 -37.75 26.62
C ALA B 562 8.45 -36.89 27.87
N SER B 563 8.97 -35.67 27.78
CA SER B 563 8.99 -34.83 28.97
C SER B 563 7.60 -34.38 29.35
N LEU B 564 6.77 -34.06 28.36
CA LEU B 564 5.40 -33.67 28.65
C LEU B 564 4.63 -34.81 29.30
N THR B 565 4.80 -36.04 28.80
CA THR B 565 4.16 -37.19 29.41
C THR B 565 4.44 -37.24 30.91
N GLU B 566 5.70 -37.07 31.28
CA GLU B 566 6.04 -37.13 32.69
C GLU B 566 5.42 -35.97 33.46
N ALA B 567 5.44 -34.77 32.88
CA ALA B 567 4.84 -33.62 33.56
C ALA B 567 3.34 -33.79 33.69
N LEU B 568 2.71 -34.35 32.68
CA LEU B 568 1.26 -34.57 32.73
C LEU B 568 0.92 -35.60 33.79
N ARG B 569 1.64 -36.73 33.81
CA ARG B 569 1.44 -37.72 34.84
C ARG B 569 1.62 -37.11 36.22
N GLU B 570 2.69 -36.34 36.39
CA GLU B 570 2.93 -35.72 37.69
C GLU B 570 1.83 -34.74 38.06
N SER B 571 1.25 -34.07 37.06
CA SER B 571 0.20 -33.10 37.36
C SER B 571 -1.01 -33.81 37.93
N ALA B 572 -1.25 -35.04 37.50
CA ALA B 572 -2.42 -35.76 37.99
C ALA B 572 -2.22 -36.26 39.40
N ALA B 573 -0.98 -36.32 39.88
CA ALA B 573 -0.71 -36.75 41.25
C ALA B 573 -0.77 -35.60 42.25
N MET B 574 -0.90 -34.36 41.79
CA MET B 574 -0.95 -33.22 42.68
C MET B 574 -2.34 -33.08 43.28
N LYS B 575 -2.39 -32.53 44.49
CA LYS B 575 -3.65 -32.19 45.14
C LYS B 575 -4.06 -30.81 44.64
N TRP B 576 -5.01 -30.77 43.72
CA TRP B 576 -5.51 -29.53 43.16
C TRP B 576 -6.73 -29.07 43.96
N THR B 577 -6.67 -27.85 44.43
CA THR B 577 -7.76 -27.28 45.21
C THR B 577 -8.07 -25.90 44.68
N ALA B 578 -9.27 -25.43 45.02
CA ALA B 578 -9.65 -24.07 44.76
C ALA B 578 -10.47 -23.62 45.96
N LEU B 579 -10.04 -22.55 46.59
CA LEU B 579 -10.62 -22.07 47.82
C LEU B 579 -11.05 -20.62 47.66
N PRO B 580 -11.98 -20.15 48.50
CA PRO B 580 -12.23 -18.71 48.57
C PRO B 580 -11.02 -18.06 49.18
N GLN B 581 -10.20 -17.46 48.33
CA GLN B 581 -8.93 -16.87 48.75
C GLN B 581 -9.18 -15.40 48.96
N LEU B 582 -9.52 -15.04 50.20
CA LEU B 582 -9.71 -13.65 50.55
C LEU B 582 -8.35 -13.04 50.91
N ALA B 583 -8.34 -11.72 51.07
CA ALA B 583 -7.08 -11.04 51.38
C ALA B 583 -6.49 -11.56 52.68
N THR B 584 -7.34 -11.95 53.62
CA THR B 584 -6.92 -12.40 54.94
C THR B 584 -6.64 -13.89 54.99
N GLY B 585 -6.76 -14.58 53.86
CA GLY B 585 -6.51 -16.01 53.82
C GLY B 585 -7.72 -16.74 53.27
N PRO B 586 -7.59 -18.06 53.08
CA PRO B 586 -8.72 -18.83 52.56
C PRO B 586 -9.83 -18.92 53.58
N ALA B 587 -11.05 -18.85 53.09
CA ALA B 587 -12.23 -18.96 53.93
C ALA B 587 -12.82 -20.35 53.81
N ALA B 588 -13.56 -20.72 54.85
CA ALA B 588 -14.29 -21.99 54.83
C ALA B 588 -15.49 -21.87 53.90
N GLY B 589 -15.94 -23.01 53.40
CA GLY B 589 -17.13 -23.02 52.59
C GLY B 589 -17.55 -24.44 52.28
N GLU B 590 -18.57 -24.56 51.43
CA GLU B 590 -19.02 -25.87 50.98
C GLU B 590 -18.04 -26.42 49.95
N THR B 591 -17.61 -27.66 50.16
CA THR B 591 -16.59 -28.28 49.34
C THR B 591 -17.17 -29.44 48.54
N ARG B 592 -16.75 -29.55 47.30
CA ARG B 592 -17.14 -30.69 46.47
C ARG B 592 -15.96 -31.06 45.57
N THR B 593 -16.05 -32.26 45.01
CA THR B 593 -15.02 -32.71 44.08
C THR B 593 -15.25 -32.13 42.70
N VAL B 594 -14.15 -32.00 41.97
CA VAL B 594 -14.16 -31.62 40.56
C VAL B 594 -13.77 -32.88 39.79
N LEU B 595 -14.65 -33.30 38.89
CA LEU B 595 -14.50 -34.55 38.15
C LEU B 595 -14.14 -34.26 36.71
N ASN B 596 -13.35 -35.14 36.13
CA ASN B 596 -13.01 -35.04 34.72
C ASN B 596 -14.28 -35.20 33.89
N PRO B 597 -14.66 -34.22 33.08
CA PRO B 597 -15.88 -34.38 32.27
C PRO B 597 -15.81 -35.54 31.31
N GLY B 598 -14.62 -35.99 30.93
CA GLY B 598 -14.50 -37.12 30.06
C GLY B 598 -14.53 -38.45 30.76
N ASP B 599 -14.49 -38.45 32.08
CA ASP B 599 -14.52 -39.67 32.87
C ASP B 599 -14.71 -39.29 34.32
N HIS B 600 -15.95 -39.39 34.79
CA HIS B 600 -16.24 -38.95 36.15
C HIS B 600 -15.52 -39.78 37.20
N ARG B 601 -14.95 -40.93 36.84
CA ARG B 601 -14.15 -41.68 37.82
C ARG B 601 -12.82 -40.98 38.11
N ASP B 602 -12.40 -40.06 37.25
CA ASP B 602 -11.14 -39.34 37.41
C ASP B 602 -11.42 -38.09 38.23
N VAL B 603 -11.08 -38.13 39.51
CA VAL B 603 -11.23 -36.97 40.38
C VAL B 603 -10.04 -36.05 40.16
N VAL B 604 -10.31 -34.83 39.71
CA VAL B 604 -9.24 -33.89 39.41
C VAL B 604 -8.84 -33.11 40.65
N GLY B 605 -9.80 -32.75 41.49
CA GLY B 605 -9.47 -31.93 42.64
C GLY B 605 -10.71 -31.61 43.42
N SER B 606 -10.61 -30.58 44.25
CA SER B 606 -11.70 -30.20 45.13
CA SER B 606 -11.68 -30.21 45.15
CA SER B 606 -11.66 -30.20 45.18
C SER B 606 -11.83 -28.70 45.13
N VAL B 607 -13.08 -28.23 45.18
CA VAL B 607 -13.37 -26.80 45.21
C VAL B 607 -14.18 -26.50 46.45
N THR B 608 -13.76 -25.47 47.18
CA THR B 608 -14.52 -24.94 48.28
C THR B 608 -15.16 -23.64 47.79
N GLU B 609 -16.48 -23.60 47.81
CA GLU B 609 -17.16 -22.48 47.20
C GLU B 609 -17.45 -21.39 48.22
N THR B 610 -17.62 -20.18 47.71
CA THR B 610 -17.65 -18.97 48.53
C THR B 610 -19.07 -18.71 49.01
N SER B 611 -19.21 -18.41 50.29
CA SER B 611 -20.52 -17.95 50.76
C SER B 611 -20.77 -16.53 50.27
N GLU B 612 -22.05 -16.19 50.12
CA GLU B 612 -22.38 -14.82 49.72
C GLU B 612 -21.83 -13.81 50.72
N GLU B 613 -21.83 -14.16 52.01
CA GLU B 613 -21.26 -13.26 53.01
C GLU B 613 -19.77 -13.04 52.75
N ASP B 614 -19.05 -14.11 52.42
CA ASP B 614 -17.61 -13.94 52.16
C ASP B 614 -17.37 -13.23 50.84
N ALA B 615 -18.27 -13.38 49.87
CA ALA B 615 -18.12 -12.59 48.65
C ALA B 615 -18.22 -11.11 48.95
N ARG B 616 -19.19 -10.70 49.76
CA ARG B 616 -19.29 -9.30 50.14
C ARG B 616 -18.08 -8.86 50.96
N ARG B 617 -17.63 -9.70 51.88
CA ARG B 617 -16.43 -9.39 52.65
C ARG B 617 -15.24 -9.18 51.73
N ALA B 618 -15.11 -10.01 50.70
CA ALA B 618 -14.00 -9.85 49.77
C ALA B 618 -14.04 -8.48 49.10
N VAL B 619 -15.23 -8.03 48.69
CA VAL B 619 -15.31 -6.73 48.04
C VAL B 619 -14.91 -5.63 49.00
N ARG B 620 -15.32 -5.74 50.26
CA ARG B 620 -14.90 -4.76 51.26
C ARG B 620 -13.38 -4.77 51.44
N LEU B 621 -12.78 -5.96 51.50
CA LEU B 621 -11.32 -6.03 51.60
C LEU B 621 -10.65 -5.43 50.39
N ALA B 622 -11.22 -5.65 49.20
CA ALA B 622 -10.66 -5.06 47.99
C ALA B 622 -10.77 -3.53 48.03
N ALA B 623 -11.91 -3.02 48.49
CA ALA B 623 -12.07 -1.57 48.59
C ALA B 623 -11.05 -0.98 49.55
N ASP B 624 -10.82 -1.65 50.68
CA ASP B 624 -9.85 -1.14 51.65
C ASP B 624 -8.47 -1.05 51.04
N ALA B 625 -8.09 -2.03 50.22
CA ALA B 625 -6.76 -2.10 49.64
C ALA B 625 -6.66 -1.35 48.32
N ALA B 626 -7.77 -0.82 47.81
CA ALA B 626 -7.73 -0.20 46.49
C ALA B 626 -6.70 0.92 46.41
N PRO B 627 -6.58 1.84 47.37
CA PRO B 627 -5.58 2.89 47.21
C PRO B 627 -4.15 2.37 47.16
N ASP B 628 -3.83 1.34 47.94
CA ASP B 628 -2.46 0.83 47.95
C ASP B 628 -2.09 0.21 46.62
N TRP B 629 -3.04 -0.47 45.98
CA TRP B 629 -2.69 -1.05 44.69
C TRP B 629 -2.65 0.01 43.61
N ALA B 630 -3.55 1.00 43.68
CA ALA B 630 -3.52 2.07 42.69
C ALA B 630 -2.21 2.83 42.77
N ALA B 631 -1.59 2.85 43.95
CA ALA B 631 -0.36 3.59 44.14
C ALA B 631 0.87 2.84 43.63
N VAL B 632 0.75 1.56 43.31
CA VAL B 632 1.85 0.86 42.65
C VAL B 632 1.97 1.40 41.24
N PRO B 633 3.14 1.89 40.83
CA PRO B 633 3.25 2.52 39.53
C PRO B 633 2.82 1.57 38.43
N PRO B 634 2.20 2.09 37.37
CA PRO B 634 1.80 1.22 36.25
C PRO B 634 2.91 0.32 35.74
N SER B 635 4.14 0.82 35.61
CA SER B 635 5.20 -0.05 35.11
C SER B 635 5.47 -1.21 36.05
N GLU B 636 5.32 -0.99 37.36
CA GLU B 636 5.52 -2.09 38.30
C GLU B 636 4.33 -3.04 38.30
N ARG B 637 3.12 -2.53 38.13
CA ARG B 637 1.99 -3.44 37.96
C ARG B 637 2.18 -4.28 36.71
N ALA B 638 2.65 -3.64 35.63
CA ALA B 638 2.92 -4.37 34.40
C ALA B 638 4.01 -5.41 34.61
N ALA B 639 5.03 -5.10 35.43
CA ALA B 639 6.08 -6.08 35.68
C ALA B 639 5.54 -7.32 36.38
N CYS B 640 4.52 -7.16 37.24
CA CYS B 640 3.87 -8.31 37.83
C CYS B 640 3.23 -9.18 36.76
N LEU B 641 2.54 -8.57 35.81
CA LEU B 641 1.94 -9.35 34.73
C LEU B 641 3.00 -10.09 33.95
N ASP B 642 4.10 -9.41 33.62
CA ASP B 642 5.18 -10.07 32.88
C ASP B 642 5.78 -11.20 33.68
N ARG B 643 5.96 -11.02 34.99
CA ARG B 643 6.48 -12.12 35.80
C ARG B 643 5.49 -13.29 35.81
N ALA B 644 4.20 -12.98 35.89
CA ALA B 644 3.22 -14.06 35.86
C ALA B 644 3.28 -14.80 34.55
N ALA B 645 3.50 -14.08 33.45
CA ALA B 645 3.58 -14.74 32.16
C ALA B 645 4.78 -15.67 32.10
N GLU B 646 5.91 -15.25 32.68
CA GLU B 646 7.08 -16.11 32.73
C GLU B 646 6.78 -17.39 33.50
N LEU B 647 6.06 -17.27 34.61
CA LEU B 647 5.75 -18.43 35.42
C LEU B 647 4.81 -19.37 34.68
N MET B 648 3.79 -18.83 34.03
CA MET B 648 2.89 -19.67 33.26
C MET B 648 3.62 -20.35 32.11
N GLN B 649 4.56 -19.64 31.48
CA GLN B 649 5.31 -20.26 30.40
C GLN B 649 6.14 -21.42 30.92
N ALA B 650 6.84 -21.22 32.03
CA ALA B 650 7.68 -22.28 32.57
C ALA B 650 6.87 -23.46 33.08
N ARG B 651 5.66 -23.21 33.57
CA ARG B 651 4.82 -24.24 34.14
C ARG B 651 3.77 -24.74 33.18
N MET B 652 3.85 -24.35 31.92
CA MET B 652 2.87 -24.78 30.93
C MET B 652 2.61 -26.28 30.96
N PRO B 653 3.61 -27.17 31.03
CA PRO B 653 3.29 -28.61 31.01
C PRO B 653 2.35 -29.02 32.13
N THR B 654 2.57 -28.51 33.35
CA THR B 654 1.68 -28.83 34.47
C THR B 654 0.30 -28.21 34.26
N LEU B 655 0.25 -26.94 33.85
CA LEU B 655 -1.03 -26.30 33.57
C LEU B 655 -1.82 -27.05 32.52
N LEU B 656 -1.14 -27.55 31.48
CA LEU B 656 -1.82 -28.34 30.45
C LEU B 656 -2.52 -29.54 31.06
N GLY B 657 -1.82 -30.26 31.93
CA GLY B 657 -2.41 -31.42 32.53
C GLY B 657 -3.68 -31.10 33.27
N LEU B 658 -3.68 -29.99 34.01
CA LEU B 658 -4.89 -29.61 34.72
C LEU B 658 -6.00 -29.24 33.76
N ILE B 659 -5.68 -28.46 32.72
CA ILE B 659 -6.70 -28.01 31.79
C ILE B 659 -7.28 -29.19 31.03
N ILE B 660 -6.42 -30.13 30.63
CA ILE B 660 -6.87 -31.32 29.92
C ILE B 660 -7.91 -32.06 30.74
N ARG B 661 -7.63 -32.26 32.02
CA ARG B 661 -8.48 -33.09 32.85
C ARG B 661 -9.68 -32.35 33.42
N GLU B 662 -9.54 -31.05 33.70
CA GLU B 662 -10.65 -30.33 34.30
C GLU B 662 -11.65 -29.83 33.26
N ALA B 663 -11.18 -29.40 32.10
CA ALA B 663 -12.02 -28.72 31.14
C ALA B 663 -12.25 -29.52 29.86
N GLY B 664 -11.78 -30.77 29.80
CA GLY B 664 -12.03 -31.58 28.62
C GLY B 664 -11.30 -31.15 27.37
N LYS B 665 -10.18 -30.45 27.52
CA LYS B 665 -9.44 -29.97 26.37
C LYS B 665 -8.42 -31.00 25.92
N SER B 666 -8.17 -31.01 24.61
CA SER B 666 -7.03 -31.73 24.10
C SER B 666 -5.74 -31.00 24.41
N ALA B 667 -4.62 -31.70 24.26
CA ALA B 667 -3.33 -31.09 24.54
C ALA B 667 -3.09 -29.85 23.69
N LEU B 668 -3.40 -29.92 22.39
CA LEU B 668 -3.19 -28.73 21.55
C LEU B 668 -4.02 -27.56 22.03
N ASN B 669 -5.27 -27.83 22.42
CA ASN B 669 -6.12 -26.73 22.85
C ASN B 669 -5.74 -26.23 24.23
N ALA B 670 -5.19 -27.11 25.07
CA ALA B 670 -4.67 -26.66 26.36
C ALA B 670 -3.44 -25.80 26.18
N ILE B 671 -2.56 -26.15 25.24
CA ILE B 671 -1.41 -25.30 24.91
C ILE B 671 -1.90 -23.92 24.47
N ALA B 672 -2.87 -23.90 23.57
CA ALA B 672 -3.39 -22.62 23.09
C ALA B 672 -3.98 -21.82 24.23
N GLU B 673 -4.63 -22.49 25.17
CA GLU B 673 -5.22 -21.83 26.33
C GLU B 673 -4.15 -21.15 27.17
N VAL B 674 -3.08 -21.88 27.51
CA VAL B 674 -2.02 -21.29 28.32
C VAL B 674 -1.31 -20.19 27.55
N ARG B 675 -1.05 -20.40 26.27
CA ARG B 675 -0.40 -19.37 25.48
C ARG B 675 -1.22 -18.09 25.47
N GLU B 676 -2.54 -18.22 25.34
CA GLU B 676 -3.39 -17.05 25.32
CA GLU B 676 -3.37 -17.04 25.32
C GLU B 676 -3.33 -16.29 26.64
N ALA B 677 -3.30 -17.02 27.76
CA ALA B 677 -3.15 -16.35 29.05
C ALA B 677 -1.84 -15.59 29.13
N ILE B 678 -0.75 -16.22 28.68
CA ILE B 678 0.55 -15.58 28.65
C ILE B 678 0.49 -14.31 27.81
N ASP B 679 -0.13 -14.42 26.63
CA ASP B 679 -0.22 -13.28 25.73
C ASP B 679 -1.06 -12.17 26.31
N PHE B 680 -2.16 -12.48 26.97
CA PHE B 680 -2.92 -11.42 27.65
C PHE B 680 -2.04 -10.71 28.65
N LEU B 681 -1.32 -11.47 29.47
CA LEU B 681 -0.49 -10.87 30.50
C LEU B 681 0.49 -9.91 29.86
N ARG B 682 1.20 -10.37 28.84
CA ARG B 682 2.26 -9.56 28.26
C ARG B 682 1.69 -8.42 27.45
N TYR B 683 0.54 -8.63 26.81
CA TYR B 683 -0.06 -7.58 26.01
C TYR B 683 -0.58 -6.45 26.91
N TYR B 684 -1.35 -6.80 27.95
CA TYR B 684 -1.82 -5.74 28.83
C TYR B 684 -0.67 -5.05 29.55
N ALA B 685 0.41 -5.77 29.85
CA ALA B 685 1.59 -5.14 30.43
C ALA B 685 2.15 -4.12 29.47
N GLU B 686 2.33 -4.51 28.21
CA GLU B 686 2.90 -3.56 27.26
C GLU B 686 1.93 -2.40 27.01
N GLN B 687 0.64 -2.68 26.86
CA GLN B 687 -0.29 -1.57 26.64
C GLN B 687 -0.26 -0.60 27.81
N THR B 688 -0.12 -1.13 29.03
CA THR B 688 0.03 -0.27 30.19
C THR B 688 1.27 0.60 30.06
N ARG B 689 2.40 0.00 29.72
CA ARG B 689 3.63 0.78 29.58
C ARG B 689 3.51 1.84 28.50
N ARG B 690 2.66 1.62 27.50
CA ARG B 690 2.45 2.60 26.45
C ARG B 690 1.51 3.72 26.85
N THR B 691 0.66 3.54 27.88
CA THR B 691 -0.44 4.49 28.04
C THR B 691 -0.62 5.06 29.45
N LEU B 692 -0.51 4.25 30.50
CA LEU B 692 -1.08 4.69 31.76
C LEU B 692 -0.19 5.66 32.52
N GLY B 693 -0.78 6.77 32.92
CA GLY B 693 -0.10 7.78 33.68
C GLY B 693 -0.93 8.18 34.88
N PRO B 694 -0.49 9.20 35.59
CA PRO B 694 -1.13 9.53 36.88
C PRO B 694 -2.59 9.93 36.75
N GLY B 695 -2.99 10.51 35.63
CA GLY B 695 -4.36 10.94 35.42
C GLY B 695 -5.32 9.85 35.02
N HIS B 696 -4.84 8.61 34.85
CA HIS B 696 -5.71 7.50 34.50
C HIS B 696 -5.96 6.67 35.75
N GLY B 697 -6.82 7.22 36.60
CA GLY B 697 -7.11 6.61 37.88
C GLY B 697 -7.93 5.35 37.73
N PRO B 698 -7.75 4.40 38.64
CA PRO B 698 -8.52 3.16 38.57
C PRO B 698 -9.97 3.40 38.96
N LEU B 699 -10.82 2.46 38.55
CA LEU B 699 -12.21 2.50 38.97
C LEU B 699 -12.35 2.15 40.44
N GLY B 700 -11.59 1.17 40.90
CA GLY B 700 -11.81 0.56 42.20
C GLY B 700 -11.98 -0.93 42.03
N PRO B 701 -12.56 -1.60 43.01
CA PRO B 701 -12.69 -3.05 42.96
C PRO B 701 -13.46 -3.47 41.71
N ILE B 702 -12.86 -4.37 40.95
CA ILE B 702 -13.49 -4.88 39.74
CA ILE B 702 -13.47 -4.89 39.73
C ILE B 702 -13.82 -6.35 39.95
N VAL B 703 -15.06 -6.71 39.65
CA VAL B 703 -15.49 -8.09 39.69
C VAL B 703 -15.30 -8.69 38.31
N CYS B 704 -14.53 -9.76 38.23
CA CYS B 704 -14.23 -10.42 36.98
C CYS B 704 -14.90 -11.78 37.00
N ILE B 705 -15.85 -11.97 36.12
CA ILE B 705 -16.66 -13.17 36.07
C ILE B 705 -16.40 -13.82 34.72
N SER B 706 -16.01 -15.08 34.74
CA SER B 706 -15.47 -15.72 33.56
C SER B 706 -16.18 -17.01 33.25
N PRO B 707 -16.13 -17.43 31.99
CA PRO B 707 -16.82 -18.63 31.54
C PRO B 707 -15.93 -19.86 31.76
N TRP B 708 -16.56 -21.03 31.66
CA TRP B 708 -15.79 -22.24 31.89
C TRP B 708 -14.91 -22.60 30.71
N ASN B 709 -15.26 -22.15 29.50
CA ASN B 709 -14.77 -22.85 28.33
C ASN B 709 -13.37 -22.43 27.91
N PHE B 710 -12.94 -21.24 28.31
CA PHE B 710 -11.55 -20.81 28.21
C PHE B 710 -11.15 -20.53 29.64
N PRO B 711 -10.93 -21.59 30.42
CA PRO B 711 -10.92 -21.45 31.89
C PRO B 711 -9.68 -20.79 32.45
N LEU B 712 -8.60 -20.68 31.68
CA LEU B 712 -7.45 -19.92 32.10
C LEU B 712 -7.26 -18.66 31.28
N ALA B 713 -7.55 -18.70 30.00
CA ALA B 713 -7.20 -17.57 29.13
C ALA B 713 -8.08 -16.36 29.40
N ILE B 714 -9.41 -16.52 29.28
CA ILE B 714 -10.28 -15.38 29.52
C ILE B 714 -10.23 -14.98 30.99
N PHE B 715 -10.17 -15.99 31.86
CA PHE B 715 -10.01 -15.75 33.29
C PHE B 715 -8.83 -14.83 33.55
N THR B 716 -7.66 -15.18 33.01
CA THR B 716 -6.44 -14.39 33.23
C THR B 716 -6.54 -13.04 32.53
N GLY B 717 -7.08 -13.01 31.32
CA GLY B 717 -7.14 -11.76 30.58
C GLY B 717 -7.90 -10.68 31.32
N GLN B 718 -9.10 -11.00 31.79
CA GLN B 718 -9.88 -9.98 32.46
C GLN B 718 -9.19 -9.51 33.72
N ILE B 719 -8.68 -10.45 34.51
CA ILE B 719 -8.06 -10.12 35.77
C ILE B 719 -6.81 -9.29 35.54
N ALA B 720 -6.01 -9.71 34.58
CA ALA B 720 -4.75 -9.02 34.32
C ALA B 720 -5.02 -7.58 33.93
N ALA B 721 -5.98 -7.37 33.01
CA ALA B 721 -6.28 -6.02 32.58
C ALA B 721 -6.75 -5.16 33.74
N ALA B 722 -7.68 -5.69 34.54
CA ALA B 722 -8.18 -4.92 35.66
C ALA B 722 -7.06 -4.58 36.63
N LEU B 723 -6.23 -5.58 36.96
CA LEU B 723 -5.13 -5.34 37.89
C LEU B 723 -4.15 -4.32 37.36
N VAL B 724 -3.76 -4.46 36.09
CA VAL B 724 -2.70 -3.58 35.59
C VAL B 724 -3.21 -2.16 35.45
N ALA B 725 -4.52 -2.00 35.25
CA ALA B 725 -5.14 -0.68 35.25
C ALA B 725 -5.23 -0.09 36.66
N GLY B 726 -4.81 -0.82 37.68
CA GLY B 726 -4.75 -0.29 39.02
C GLY B 726 -5.91 -0.66 39.91
N ASN B 727 -6.70 -1.65 39.52
CA ASN B 727 -7.90 -2.04 40.24
C ASN B 727 -7.65 -3.35 40.97
N PRO B 728 -8.03 -3.47 42.22
CA PRO B 728 -8.05 -4.78 42.85
C PRO B 728 -9.19 -5.57 42.25
N VAL B 729 -9.03 -6.89 42.25
CA VAL B 729 -9.91 -7.77 41.51
C VAL B 729 -10.52 -8.80 42.44
N LEU B 730 -11.81 -9.04 42.23
CA LEU B 730 -12.52 -10.18 42.78
C LEU B 730 -12.75 -11.13 41.61
N ALA B 731 -12.08 -12.26 41.61
CA ALA B 731 -12.09 -13.18 40.50
C ALA B 731 -13.07 -14.30 40.81
N LYS B 732 -14.14 -14.37 40.03
CA LYS B 732 -15.18 -15.39 40.19
C LYS B 732 -15.16 -16.30 38.97
N PRO B 733 -14.48 -17.43 39.06
CA PRO B 733 -14.38 -18.32 37.90
C PRO B 733 -15.66 -19.14 37.79
N ALA B 734 -15.87 -19.66 36.59
CA ALA B 734 -17.04 -20.51 36.37
C ALA B 734 -17.02 -21.69 37.32
N GLU B 735 -18.22 -22.15 37.68
CA GLU B 735 -18.30 -23.22 38.66
C GLU B 735 -17.72 -24.53 38.13
N GLU B 736 -17.69 -24.70 36.81
CA GLU B 736 -17.21 -25.95 36.24
C GLU B 736 -15.69 -26.06 36.31
N THR B 737 -14.96 -24.94 36.32
CA THR B 737 -13.51 -24.95 36.12
C THR B 737 -12.77 -24.10 37.15
N PRO B 738 -12.99 -24.34 38.43
CA PRO B 738 -12.32 -23.51 39.45
C PRO B 738 -10.87 -23.83 39.64
N LEU B 739 -10.40 -25.05 39.29
CA LEU B 739 -9.06 -25.44 39.69
C LEU B 739 -8.01 -24.67 38.90
N ILE B 740 -8.18 -24.58 37.59
CA ILE B 740 -7.18 -23.86 36.81
C ILE B 740 -7.24 -22.37 37.15
N ALA B 741 -8.42 -21.86 37.49
CA ALA B 741 -8.52 -20.47 37.90
C ALA B 741 -7.75 -20.24 39.19
N ALA B 742 -7.88 -21.17 40.14
CA ALA B 742 -7.14 -21.06 41.38
C ALA B 742 -5.65 -21.04 41.09
N GLU B 743 -5.21 -21.86 40.13
CA GLU B 743 -3.81 -21.88 39.77
C GLU B 743 -3.40 -20.56 39.13
N GLY B 744 -4.25 -19.98 38.29
CA GLY B 744 -3.95 -18.66 37.76
C GLY B 744 -3.75 -17.63 38.85
N VAL B 745 -4.61 -17.65 39.86
CA VAL B 745 -4.46 -16.70 40.96
C VAL B 745 -3.20 -16.96 41.75
N ARG B 746 -2.86 -18.24 41.96
CA ARG B 746 -1.60 -18.55 42.64
C ARG B 746 -0.43 -17.94 41.89
N ILE B 747 -0.45 -18.06 40.57
CA ILE B 747 0.68 -17.59 39.78
C ILE B 747 0.73 -16.07 39.80
N LEU B 748 -0.42 -15.40 39.66
CA LEU B 748 -0.40 -13.95 39.73
C LEU B 748 0.06 -13.45 41.08
N ARG B 749 -0.40 -14.08 42.17
CA ARG B 749 0.09 -13.67 43.48
C ARG B 749 1.59 -13.93 43.60
N GLU B 750 2.05 -15.08 43.10
CA GLU B 750 3.47 -15.38 43.17
C GLU B 750 4.28 -14.35 42.41
N ALA B 751 3.71 -13.82 41.33
CA ALA B 751 4.37 -12.83 40.49
C ALA B 751 4.36 -11.44 41.10
N GLY B 752 3.68 -11.24 42.21
CA GLY B 752 3.73 -9.97 42.91
C GLY B 752 2.39 -9.29 43.13
N ILE B 753 1.28 -9.84 42.63
CA ILE B 753 -0.01 -9.21 42.88
C ILE B 753 -0.36 -9.44 44.35
N PRO B 754 -0.56 -8.38 45.13
CA PRO B 754 -0.86 -8.56 46.56
C PRO B 754 -2.15 -9.35 46.75
N ALA B 755 -2.21 -10.09 47.85
CA ALA B 755 -3.40 -10.88 48.11
C ALA B 755 -4.65 -10.00 48.20
N SER B 756 -4.50 -8.78 48.72
CA SER B 756 -5.66 -7.90 48.80
C SER B 756 -6.08 -7.38 47.44
N ALA B 757 -5.18 -7.39 46.45
CA ALA B 757 -5.52 -6.96 45.11
C ALA B 757 -6.12 -8.06 44.25
N LEU B 758 -6.03 -9.31 44.68
CA LEU B 758 -6.52 -10.41 43.83
C LEU B 758 -7.05 -11.52 44.73
N GLN B 759 -8.37 -11.59 44.83
CA GLN B 759 -9.05 -12.57 45.64
C GLN B 759 -9.82 -13.48 44.72
N LEU B 760 -9.79 -14.78 45.03
CA LEU B 760 -10.48 -15.79 44.24
C LEU B 760 -11.74 -16.21 45.00
N LEU B 761 -12.89 -16.15 44.33
CA LEU B 761 -14.17 -16.53 44.95
C LEU B 761 -14.81 -17.61 44.09
N PRO B 762 -14.45 -18.87 44.31
CA PRO B 762 -15.11 -19.94 43.55
C PRO B 762 -16.58 -20.03 43.92
N GLY B 763 -17.36 -20.54 42.99
CA GLY B 763 -18.75 -20.84 43.23
C GLY B 763 -19.56 -20.61 41.98
N ASP B 764 -20.86 -20.68 42.14
CA ASP B 764 -21.75 -20.61 40.99
C ASP B 764 -22.20 -19.17 40.76
N GLY B 765 -23.28 -19.01 40.01
CA GLY B 765 -23.71 -17.68 39.64
C GLY B 765 -24.18 -16.85 40.82
N ARG B 766 -24.58 -17.50 41.92
CA ARG B 766 -24.97 -16.75 43.11
C ARG B 766 -23.78 -15.99 43.69
N VAL B 767 -22.59 -16.57 43.57
CA VAL B 767 -21.39 -15.88 44.03
C VAL B 767 -21.10 -14.72 43.11
N GLY B 768 -21.20 -14.92 41.80
CA GLY B 768 -21.04 -13.81 40.88
C GLY B 768 -22.03 -12.70 41.17
N ALA B 769 -23.30 -13.07 41.41
CA ALA B 769 -24.31 -12.05 41.65
C ALA B 769 -24.03 -11.29 42.93
N ALA B 770 -23.56 -11.98 43.97
CA ALA B 770 -23.27 -11.32 45.23
C ALA B 770 -22.13 -10.33 45.07
N LEU B 771 -21.13 -10.68 44.26
CA LEU B 771 -20.03 -9.77 44.00
C LEU B 771 -20.51 -8.55 43.23
N VAL B 772 -21.30 -8.78 42.19
CA VAL B 772 -21.79 -7.68 41.34
C VAL B 772 -22.60 -6.69 42.16
N ALA B 773 -23.43 -7.20 43.07
CA ALA B 773 -24.31 -6.34 43.84
C ALA B 773 -23.62 -5.62 44.99
N ALA B 774 -22.39 -6.02 45.33
CA ALA B 774 -21.73 -5.47 46.50
C ALA B 774 -21.50 -3.97 46.35
N ALA B 775 -21.60 -3.26 47.48
CA ALA B 775 -21.65 -1.81 47.44
C ALA B 775 -20.40 -1.20 46.82
N GLU B 776 -19.24 -1.80 47.08
CA GLU B 776 -17.98 -1.21 46.66
C GLU B 776 -17.52 -1.65 45.27
N THR B 777 -18.26 -2.54 44.61
CA THR B 777 -17.89 -2.94 43.26
C THR B 777 -17.98 -1.75 42.33
N ALA B 778 -16.87 -1.46 41.65
CA ALA B 778 -16.73 -0.28 40.83
C ALA B 778 -16.72 -0.59 39.34
N GLY B 779 -16.69 -1.86 38.97
CA GLY B 779 -16.77 -2.25 37.58
C GLY B 779 -16.88 -3.74 37.51
N VAL B 780 -17.41 -4.22 36.40
CA VAL B 780 -17.59 -5.65 36.20
C VAL B 780 -17.09 -6.01 34.83
N MET B 781 -16.29 -7.06 34.77
CA MET B 781 -15.84 -7.64 33.51
C MET B 781 -16.47 -9.02 33.45
N PHE B 782 -17.36 -9.21 32.49
CA PHE B 782 -18.10 -10.45 32.37
C PHE B 782 -17.85 -11.03 31.00
N THR B 783 -17.56 -12.32 30.96
CA THR B 783 -17.61 -13.07 29.72
C THR B 783 -18.43 -14.32 30.00
N GLY B 784 -19.41 -14.57 29.14
CA GLY B 784 -20.34 -15.67 29.39
C GLY B 784 -21.55 -15.50 28.50
N SER B 785 -22.64 -16.12 28.91
CA SER B 785 -23.83 -16.08 28.08
C SER B 785 -24.47 -14.69 28.11
N THR B 786 -25.15 -14.37 27.00
CA THR B 786 -25.87 -13.11 26.95
C THR B 786 -26.94 -13.04 28.02
N GLU B 787 -27.59 -14.17 28.31
CA GLU B 787 -28.66 -14.19 29.31
C GLU B 787 -28.14 -13.77 30.68
N VAL B 788 -26.96 -14.29 31.08
CA VAL B 788 -26.40 -13.94 32.37
C VAL B 788 -25.93 -12.49 32.36
N ALA B 789 -25.37 -12.03 31.23
CA ALA B 789 -24.92 -10.66 31.15
C ALA B 789 -26.06 -9.69 31.40
N ARG B 790 -27.26 -10.00 30.90
CA ARG B 790 -28.39 -9.12 31.12
C ARG B 790 -28.74 -9.03 32.59
N LEU B 791 -28.60 -10.13 33.32
CA LEU B 791 -28.89 -10.11 34.75
C LEU B 791 -27.91 -9.21 35.49
N ILE B 792 -26.63 -9.30 35.12
CA ILE B 792 -25.61 -8.46 35.73
C ILE B 792 -25.86 -7.00 35.39
N GLN B 793 -26.18 -6.74 34.12
CA GLN B 793 -26.47 -5.39 33.69
C GLN B 793 -27.62 -4.79 34.49
N ALA B 794 -28.65 -5.58 34.74
CA ALA B 794 -29.76 -5.09 35.54
C ALA B 794 -29.34 -4.78 36.97
N GLN B 795 -28.55 -5.66 37.58
CA GLN B 795 -28.07 -5.39 38.95
C GLN B 795 -27.30 -4.07 38.98
N LEU B 796 -26.44 -3.86 37.99
CA LEU B 796 -25.56 -2.69 38.05
C LEU B 796 -26.32 -1.40 37.83
N ALA B 797 -27.38 -1.44 37.02
CA ALA B 797 -28.12 -0.21 36.72
C ALA B 797 -28.83 0.33 37.95
N ASP B 798 -29.01 -0.49 38.99
CA ASP B 798 -29.57 0.03 40.23
C ASP B 798 -28.59 0.91 40.98
N ARG B 799 -27.30 0.82 40.66
CA ARG B 799 -26.26 1.46 41.44
C ARG B 799 -25.59 2.56 40.63
N LEU B 800 -24.92 3.45 41.36
CA LEU B 800 -24.02 4.43 40.78
C LEU B 800 -22.73 4.40 41.57
N SER B 801 -21.66 4.85 40.93
CA SER B 801 -20.40 5.04 41.62
C SER B 801 -20.58 6.15 42.65
N PRO B 802 -19.63 6.28 43.59
CA PRO B 802 -19.68 7.44 44.50
C PRO B 802 -19.65 8.76 43.77
N ALA B 803 -19.07 8.81 42.57
CA ALA B 803 -19.10 9.98 41.71
C ALA B 803 -20.46 10.17 41.03
N GLY B 804 -21.41 9.26 41.22
CA GLY B 804 -22.71 9.40 40.61
C GLY B 804 -22.78 9.00 39.15
N ARG B 805 -22.00 8.02 38.73
CA ARG B 805 -21.92 7.62 37.33
C ARG B 805 -22.11 6.12 37.22
N PRO B 806 -22.51 5.63 36.03
CA PRO B 806 -22.77 4.21 35.89
C PRO B 806 -21.53 3.38 36.13
N ILE B 807 -21.73 2.22 36.74
CA ILE B 807 -20.67 1.25 36.96
C ILE B 807 -20.36 0.60 35.63
N PRO B 808 -19.11 0.67 35.15
CA PRO B 808 -18.81 0.10 33.83
C PRO B 808 -18.96 -1.41 33.81
N LEU B 809 -19.51 -1.92 32.71
CA LEU B 809 -19.64 -3.34 32.49
C LEU B 809 -19.06 -3.63 31.13
N ILE B 810 -18.10 -4.54 31.07
CA ILE B 810 -17.70 -5.16 29.82
C ILE B 810 -18.38 -6.50 29.82
N ALA B 811 -19.21 -6.76 28.82
CA ALA B 811 -19.98 -8.00 28.78
C ALA B 811 -19.77 -8.59 27.40
N GLU B 812 -18.95 -9.62 27.35
CA GLU B 812 -18.56 -10.29 26.10
C GLU B 812 -19.29 -11.62 26.10
N THR B 813 -20.17 -11.79 25.13
CA THR B 813 -21.22 -12.78 25.25
C THR B 813 -21.23 -13.74 24.06
N GLY B 814 -22.38 -14.32 23.75
CA GLY B 814 -22.39 -15.46 22.86
C GLY B 814 -22.30 -15.10 21.39
N GLY B 815 -22.30 -16.14 20.57
CA GLY B 815 -22.25 -15.96 19.13
C GLY B 815 -23.18 -16.95 18.46
N GLN B 816 -23.50 -16.66 17.21
CA GLN B 816 -24.20 -17.59 16.34
C GLN B 816 -23.46 -17.57 15.02
N ASN B 817 -22.27 -18.13 15.03
CA ASN B 817 -21.24 -17.77 14.06
C ASN B 817 -21.41 -18.58 12.79
N ALA B 818 -21.32 -17.89 11.65
CA ALA B 818 -21.47 -18.51 10.36
C ALA B 818 -20.15 -18.51 9.61
N MET B 819 -20.05 -19.43 8.65
CA MET B 819 -19.01 -19.42 7.65
C MET B 819 -19.70 -19.57 6.31
N ILE B 820 -19.43 -18.66 5.40
CA ILE B 820 -19.98 -18.73 4.06
C ILE B 820 -18.91 -19.28 3.13
N VAL B 821 -19.27 -20.28 2.33
CA VAL B 821 -18.35 -20.96 1.43
C VAL B 821 -18.95 -20.89 0.05
N ASP B 822 -18.20 -20.34 -0.90
CA ASP B 822 -18.70 -20.31 -2.27
C ASP B 822 -18.05 -21.42 -3.09
N SER B 823 -18.43 -21.49 -4.36
CA SER B 823 -17.95 -22.58 -5.20
C SER B 823 -16.49 -22.42 -5.61
N SER B 824 -15.85 -21.31 -5.28
CA SER B 824 -14.44 -21.15 -5.59
C SER B 824 -13.54 -21.66 -4.47
N ALA B 825 -14.10 -21.97 -3.31
CA ALA B 825 -13.30 -22.40 -2.18
C ALA B 825 -12.74 -23.80 -2.42
N LEU B 826 -11.60 -24.08 -1.80
CA LEU B 826 -11.00 -25.40 -1.89
C LEU B 826 -11.63 -26.29 -0.82
N ALA B 827 -12.31 -27.36 -1.25
CA ALA B 827 -13.08 -28.19 -0.33
C ALA B 827 -12.22 -28.71 0.82
N GLU B 828 -11.01 -29.18 0.53
CA GLU B 828 -10.17 -29.72 1.60
C GLU B 828 -9.88 -28.66 2.66
N GLN B 829 -9.65 -27.42 2.22
CA GLN B 829 -9.35 -26.36 3.19
C GLN B 829 -10.58 -26.03 4.01
N VAL B 830 -11.71 -25.91 3.34
CA VAL B 830 -12.98 -25.69 4.03
C VAL B 830 -13.18 -26.76 5.08
N VAL B 831 -13.02 -28.03 4.69
CA VAL B 831 -13.32 -29.12 5.60
C VAL B 831 -12.43 -29.07 6.83
N GLY B 832 -11.13 -28.84 6.65
CA GLY B 832 -10.26 -28.74 7.79
C GLY B 832 -10.64 -27.59 8.70
N ASP B 833 -11.03 -26.46 8.10
CA ASP B 833 -11.37 -25.29 8.90
C ASP B 833 -12.72 -25.45 9.56
N VAL B 834 -13.64 -26.17 8.93
CA VAL B 834 -14.91 -26.45 9.56
C VAL B 834 -14.72 -27.38 10.75
N ILE B 835 -13.93 -28.43 10.58
CA ILE B 835 -13.71 -29.35 11.69
C ILE B 835 -13.11 -28.64 12.88
N THR B 836 -12.07 -27.85 12.64
CA THR B 836 -11.44 -27.07 13.70
C THR B 836 -12.46 -26.14 14.35
N SER B 837 -13.21 -25.41 13.53
CA SER B 837 -14.05 -24.35 14.05
C SER B 837 -15.31 -24.89 14.71
N ALA B 838 -15.88 -25.95 14.17
CA ALA B 838 -17.16 -26.44 14.67
C ALA B 838 -17.01 -27.50 15.75
N PHE B 839 -15.98 -28.34 15.66
CA PHE B 839 -15.98 -29.55 16.46
C PHE B 839 -14.79 -29.67 17.40
N ASP B 840 -13.70 -28.98 17.14
CA ASP B 840 -12.67 -28.93 18.17
C ASP B 840 -13.26 -28.36 19.45
N SER B 841 -12.76 -28.86 20.58
CA SER B 841 -13.31 -28.55 21.89
C SER B 841 -14.78 -28.89 21.98
N ALA B 842 -15.22 -29.84 21.16
CA ALA B 842 -16.62 -30.20 21.07
C ALA B 842 -17.50 -28.96 20.87
N GLY B 843 -17.00 -28.02 20.07
CA GLY B 843 -17.76 -26.83 19.77
C GLY B 843 -17.95 -25.90 20.93
N GLN B 844 -17.19 -26.10 22.00
CA GLN B 844 -17.33 -25.29 23.22
C GLN B 844 -16.39 -24.10 23.21
N ARG B 845 -16.47 -23.33 22.14
CA ARG B 845 -15.83 -22.03 22.02
C ARG B 845 -16.90 -21.03 21.64
N CYS B 846 -16.86 -19.83 22.23
CA CYS B 846 -17.80 -18.82 21.80
C CYS B 846 -17.67 -18.52 20.32
N SER B 847 -16.45 -18.66 19.80
CA SER B 847 -16.13 -18.41 18.40
C SER B 847 -16.49 -19.56 17.48
N ALA B 848 -17.02 -20.66 18.01
CA ALA B 848 -17.15 -21.88 17.23
C ALA B 848 -18.11 -21.67 16.08
N LEU B 849 -17.85 -22.40 14.99
CA LEU B 849 -18.72 -22.36 13.83
C LEU B 849 -20.04 -23.06 14.13
N ARG B 850 -21.13 -22.32 14.00
CA ARG B 850 -22.46 -22.84 14.26
C ARG B 850 -23.26 -23.06 12.99
N VAL B 851 -23.03 -22.26 11.96
CA VAL B 851 -23.81 -22.34 10.73
C VAL B 851 -22.87 -22.30 9.54
N LEU B 852 -22.78 -23.42 8.84
CA LEU B 852 -21.96 -23.53 7.64
C LEU B 852 -22.87 -23.30 6.46
N CYS B 853 -22.58 -22.28 5.67
CA CYS B 853 -23.41 -21.90 4.53
C CYS B 853 -22.66 -22.26 3.26
N LEU B 854 -23.18 -23.21 2.51
CA LEU B 854 -22.49 -23.76 1.35
C LEU B 854 -23.25 -23.38 0.10
N GLN B 855 -22.54 -22.83 -0.86
CA GLN B 855 -23.16 -22.58 -2.15
C GLN B 855 -23.68 -23.90 -2.69
N GLU B 856 -24.89 -23.85 -3.27
CA GLU B 856 -25.63 -25.07 -3.54
C GLU B 856 -24.85 -26.02 -4.43
N ASP B 857 -24.09 -25.48 -5.37
CA ASP B 857 -23.41 -26.32 -6.38
C ASP B 857 -22.25 -27.12 -5.79
N VAL B 858 -21.71 -26.72 -4.64
CA VAL B 858 -20.62 -27.44 -4.03
C VAL B 858 -21.02 -28.10 -2.72
N ALA B 859 -22.27 -27.93 -2.29
CA ALA B 859 -22.67 -28.36 -0.96
C ALA B 859 -22.50 -29.85 -0.78
N ASP B 860 -22.98 -30.66 -1.74
CA ASP B 860 -22.93 -32.11 -1.57
C ASP B 860 -21.51 -32.61 -1.50
N ARG B 861 -20.62 -32.11 -2.37
CA ARG B 861 -19.24 -32.57 -2.36
C ARG B 861 -18.55 -32.17 -1.06
N ILE B 862 -18.80 -30.95 -0.59
CA ILE B 862 -18.18 -30.54 0.67
C ILE B 862 -18.72 -31.37 1.84
N LEU B 863 -20.03 -31.61 1.88
CA LEU B 863 -20.59 -32.37 3.00
C LEU B 863 -20.11 -33.81 2.98
N THR B 864 -19.99 -34.40 1.79
CA THR B 864 -19.45 -35.74 1.73
C THR B 864 -18.03 -35.79 2.29
N MET B 865 -17.22 -34.79 1.94
CA MET B 865 -15.85 -34.76 2.40
C MET B 865 -15.79 -34.51 3.91
N LEU B 866 -16.62 -33.56 4.38
CA LEU B 866 -16.68 -33.26 5.80
C LEU B 866 -17.06 -34.51 6.59
N LYS B 867 -18.08 -35.23 6.13
CA LYS B 867 -18.49 -36.43 6.86
C LYS B 867 -17.40 -37.49 6.84
N GLY B 868 -16.72 -37.63 5.71
CA GLY B 868 -15.60 -38.57 5.67
C GLY B 868 -14.50 -38.19 6.63
N ALA B 869 -14.21 -36.89 6.72
CA ALA B 869 -13.21 -36.43 7.66
C ALA B 869 -13.67 -36.62 9.10
N LEU B 870 -14.97 -36.42 9.37
CA LEU B 870 -15.47 -36.60 10.73
C LEU B 870 -15.35 -38.04 11.17
N HIS B 871 -15.47 -38.98 10.24
CA HIS B 871 -15.34 -40.38 10.60
CA HIS B 871 -15.33 -40.40 10.55
C HIS B 871 -13.95 -40.75 11.07
N GLU B 872 -12.96 -39.89 10.83
CA GLU B 872 -11.59 -40.16 11.24
C GLU B 872 -11.24 -39.56 12.58
N LEU B 873 -12.18 -38.87 13.24
CA LEU B 873 -11.88 -38.24 14.51
C LEU B 873 -12.02 -39.24 15.64
N HIS B 874 -11.18 -39.07 16.65
CA HIS B 874 -11.23 -39.86 17.87
C HIS B 874 -11.87 -39.00 18.94
N ILE B 875 -13.00 -39.44 19.46
CA ILE B 875 -13.72 -38.78 20.55
C ILE B 875 -13.43 -39.56 21.82
N GLY B 876 -13.00 -38.88 22.87
CA GLY B 876 -12.78 -39.58 24.11
C GLY B 876 -12.14 -38.68 25.15
N ARG B 877 -11.74 -39.33 26.24
CA ARG B 877 -11.06 -38.64 27.32
C ARG B 877 -9.75 -38.08 26.79
N THR B 878 -9.47 -36.82 27.11
CA THR B 878 -8.48 -36.03 26.38
C THR B 878 -7.05 -36.22 26.84
N ASP B 879 -6.79 -37.16 27.75
CA ASP B 879 -5.43 -37.41 28.21
C ASP B 879 -4.67 -38.37 27.30
N ARG B 880 -5.04 -38.42 26.03
CA ARG B 880 -4.30 -39.15 25.01
C ARG B 880 -4.12 -38.21 23.84
N LEU B 881 -2.89 -38.12 23.33
CA LEU B 881 -2.60 -37.27 22.18
C LEU B 881 -3.48 -37.62 20.98
N SER B 882 -3.88 -38.88 20.85
CA SER B 882 -4.68 -39.29 19.71
C SER B 882 -6.12 -38.81 19.77
N VAL B 883 -6.56 -38.16 20.85
CA VAL B 883 -7.96 -37.74 20.97
C VAL B 883 -8.14 -36.38 20.32
N ASP B 884 -9.12 -36.30 19.42
CA ASP B 884 -9.42 -35.09 18.68
C ASP B 884 -10.51 -34.26 19.32
N VAL B 885 -11.56 -34.91 19.82
CA VAL B 885 -12.75 -34.25 20.33
C VAL B 885 -12.98 -34.76 21.75
N GLY B 886 -13.00 -33.85 22.70
CA GLY B 886 -13.25 -34.21 24.08
C GLY B 886 -14.71 -34.12 24.46
N PRO B 887 -14.95 -34.21 25.75
CA PRO B 887 -16.32 -34.24 26.26
C PRO B 887 -16.95 -32.85 26.29
N VAL B 888 -18.27 -32.85 26.46
CA VAL B 888 -18.93 -31.63 26.87
C VAL B 888 -18.81 -31.51 28.39
N ILE B 889 -18.92 -30.27 28.88
CA ILE B 889 -18.42 -29.98 30.22
C ILE B 889 -19.24 -30.62 31.33
N THR B 890 -20.56 -30.74 31.16
CA THR B 890 -21.39 -31.28 32.22
C THR B 890 -22.53 -32.06 31.60
N SER B 891 -23.17 -32.86 32.44
CA SER B 891 -24.39 -33.55 32.02
CA SER B 891 -24.38 -33.55 32.00
CA SER B 891 -24.38 -33.55 32.00
C SER B 891 -25.47 -32.55 31.64
N GLU B 892 -25.55 -31.43 32.36
CA GLU B 892 -26.52 -30.40 32.04
C GLU B 892 -26.28 -29.83 30.65
N ALA B 893 -25.02 -29.54 30.32
CA ALA B 893 -24.70 -29.06 28.99
C ALA B 893 -25.09 -30.10 27.94
N LYS B 894 -24.73 -31.36 28.20
CA LYS B 894 -25.08 -32.44 27.28
C LYS B 894 -26.58 -32.49 27.04
N ASP B 895 -27.37 -32.42 28.11
CA ASP B 895 -28.82 -32.45 27.97
C ASP B 895 -29.32 -31.25 27.17
N ASN B 896 -28.73 -30.08 27.40
CA ASN B 896 -29.12 -28.88 26.70
C ASN B 896 -28.87 -29.05 25.19
N ILE B 897 -27.68 -29.53 24.84
CA ILE B 897 -27.34 -29.74 23.45
C ILE B 897 -28.26 -30.80 22.84
N GLU B 898 -28.44 -31.90 23.55
CA GLU B 898 -29.28 -32.98 23.04
C GLU B 898 -30.72 -32.55 22.88
N LYS B 899 -31.21 -31.65 23.74
CA LYS B 899 -32.57 -31.17 23.58
C LYS B 899 -32.73 -30.44 22.26
N HIS B 900 -31.72 -29.65 21.90
CA HIS B 900 -31.77 -28.96 20.62
C HIS B 900 -31.75 -29.95 19.47
N ILE B 901 -30.84 -30.92 19.53
CA ILE B 901 -30.72 -31.91 18.47
C ILE B 901 -32.04 -32.62 18.28
N GLU B 902 -32.65 -33.05 19.38
CA GLU B 902 -33.92 -33.77 19.30
C GLU B 902 -35.02 -32.85 18.82
N ARG B 903 -35.00 -31.57 19.18
CA ARG B 903 -36.00 -30.66 18.65
CA ARG B 903 -36.00 -30.66 18.65
C ARG B 903 -35.89 -30.52 17.15
N MET B 904 -34.67 -30.38 16.64
CA MET B 904 -34.46 -30.33 15.19
C MET B 904 -34.90 -31.65 14.55
N ARG B 905 -34.56 -32.77 15.16
CA ARG B 905 -34.96 -34.05 14.60
C ARG B 905 -36.48 -34.15 14.55
N GLY B 906 -37.15 -33.74 15.63
CA GLY B 906 -38.60 -33.85 15.67
C GLY B 906 -39.30 -32.92 14.72
N LEU B 907 -38.64 -31.87 14.29
CA LEU B 907 -39.17 -30.97 13.28
C LEU B 907 -38.88 -31.44 11.86
N GLY B 908 -38.23 -32.59 11.71
CA GLY B 908 -37.99 -33.16 10.40
C GLY B 908 -36.70 -32.75 9.75
N ARG B 909 -35.85 -31.99 10.44
CA ARG B 909 -34.56 -31.60 9.89
C ARG B 909 -33.65 -32.82 9.82
N LYS B 910 -32.83 -32.87 8.78
CA LYS B 910 -31.89 -33.98 8.66
C LYS B 910 -30.80 -33.80 9.71
N VAL B 911 -30.61 -34.82 10.54
CA VAL B 911 -29.64 -34.80 11.63
C VAL B 911 -28.73 -36.01 11.47
N GLU B 912 -27.44 -35.78 11.41
CA GLU B 912 -26.47 -36.86 11.32
C GLU B 912 -25.45 -36.71 12.42
N GLN B 913 -25.10 -37.81 13.07
CA GLN B 913 -24.09 -37.81 14.10
C GLN B 913 -23.03 -38.83 13.77
N ILE B 914 -21.78 -38.46 13.96
CA ILE B 914 -20.66 -39.28 13.52
C ILE B 914 -19.68 -39.44 14.66
N GLU B 919 -16.52 -46.33 25.69
CA GLU B 919 -15.55 -45.66 26.57
C GLU B 919 -16.09 -44.31 27.01
N THR B 920 -16.92 -43.71 26.16
CA THR B 920 -17.45 -42.38 26.47
C THR B 920 -18.52 -42.40 27.55
N GLY B 921 -19.10 -43.57 27.86
CA GLY B 921 -20.20 -43.65 28.80
C GLY B 921 -19.86 -43.18 30.21
N VAL B 922 -18.58 -43.19 30.57
CA VAL B 922 -18.16 -42.73 31.89
C VAL B 922 -18.03 -41.22 31.99
N GLY B 923 -18.12 -40.51 30.87
CA GLY B 923 -18.10 -39.06 30.88
C GLY B 923 -19.30 -38.51 30.13
N THR B 924 -19.29 -37.23 29.81
CA THR B 924 -20.40 -36.59 29.14
C THR B 924 -19.94 -36.16 27.74
N PHE B 925 -20.35 -36.92 26.73
CA PHE B 925 -19.93 -36.66 25.37
C PHE B 925 -21.14 -36.47 24.47
N VAL B 926 -21.00 -35.57 23.51
CA VAL B 926 -21.92 -35.44 22.39
C VAL B 926 -21.06 -35.57 21.14
N PRO B 927 -21.40 -36.43 20.18
CA PRO B 927 -20.56 -36.57 19.00
C PRO B 927 -20.81 -35.42 18.05
N PRO B 928 -19.86 -35.13 17.16
CA PRO B 928 -20.09 -34.17 16.10
C PRO B 928 -21.41 -34.45 15.39
N THR B 929 -22.20 -33.40 15.26
CA THR B 929 -23.56 -33.49 14.79
C THR B 929 -23.74 -32.45 13.69
N ILE B 930 -24.36 -32.87 12.59
CA ILE B 930 -24.63 -31.98 11.46
C ILE B 930 -26.13 -31.96 11.27
N ILE B 931 -26.69 -30.76 11.26
CA ILE B 931 -28.13 -30.58 11.10
C ILE B 931 -28.36 -29.67 9.91
N GLU B 932 -29.15 -30.14 8.94
CA GLU B 932 -29.47 -29.32 7.77
C GLU B 932 -30.67 -28.44 8.10
N LEU B 933 -30.51 -27.14 7.90
CA LEU B 933 -31.60 -26.21 8.12
C LEU B 933 -32.16 -25.76 6.79
N GLU B 934 -33.44 -25.41 6.80
CA GLU B 934 -34.03 -24.75 5.63
C GLU B 934 -33.70 -23.28 5.63
N LYS B 935 -33.67 -22.65 6.80
CA LYS B 935 -33.42 -21.23 6.93
C LYS B 935 -32.67 -21.01 8.22
N LEU B 936 -31.81 -19.99 8.24
CA LEU B 936 -31.05 -19.70 9.45
C LEU B 936 -32.00 -19.42 10.61
N SER B 937 -33.16 -18.84 10.35
CA SER B 937 -34.11 -18.54 11.42
C SER B 937 -34.65 -19.78 12.11
N ASP B 938 -34.39 -20.98 11.57
CA ASP B 938 -34.72 -22.20 12.29
C ASP B 938 -33.95 -22.30 13.60
N LEU B 939 -32.82 -21.63 13.69
CA LEU B 939 -31.95 -21.70 14.85
C LEU B 939 -32.22 -20.45 15.68
N GLN B 940 -32.64 -20.63 16.93
CA GLN B 940 -33.09 -19.52 17.76
C GLN B 940 -32.23 -19.26 18.99
N ARG B 941 -31.24 -20.09 19.26
CA ARG B 941 -30.40 -19.88 20.44
C ARG B 941 -29.01 -20.42 20.14
N GLU B 942 -28.03 -19.91 20.86
CA GLU B 942 -26.68 -20.43 20.78
C GLU B 942 -26.65 -21.79 21.44
N VAL B 943 -26.29 -22.82 20.69
CA VAL B 943 -26.20 -24.18 21.19
C VAL B 943 -24.73 -24.49 21.34
N PHE B 944 -24.28 -24.57 22.59
CA PHE B 944 -22.86 -24.52 22.91
C PHE B 944 -22.31 -25.95 22.96
N GLY B 945 -22.19 -26.53 21.78
CA GLY B 945 -21.76 -27.90 21.67
C GLY B 945 -21.39 -28.20 20.24
N PRO B 946 -21.11 -29.47 19.96
CA PRO B 946 -20.54 -29.83 18.65
C PRO B 946 -21.64 -30.05 17.62
N VAL B 947 -22.41 -29.01 17.37
CA VAL B 947 -23.59 -29.09 16.54
C VAL B 947 -23.43 -28.07 15.42
N LEU B 948 -23.16 -28.56 14.22
CA LEU B 948 -22.99 -27.71 13.05
C LEU B 948 -24.27 -27.72 12.26
N HIS B 949 -24.79 -26.54 11.96
CA HIS B 949 -25.97 -26.39 11.14
C HIS B 949 -25.54 -26.04 9.73
N VAL B 950 -26.23 -26.59 8.75
CA VAL B 950 -25.84 -26.42 7.36
C VAL B 950 -26.97 -25.76 6.61
N ILE B 951 -26.63 -24.71 5.87
CA ILE B 951 -27.55 -24.02 4.99
C ILE B 951 -26.95 -24.08 3.60
N ARG B 952 -27.78 -24.37 2.61
CA ARG B 952 -27.38 -24.28 1.21
CA ARG B 952 -27.40 -24.29 1.21
C ARG B 952 -27.95 -23.00 0.62
N TYR B 953 -27.16 -22.34 -0.21
CA TYR B 953 -27.65 -21.09 -0.77
C TYR B 953 -27.28 -20.98 -2.24
N ARG B 954 -28.10 -20.23 -2.99
CA ARG B 954 -27.77 -19.87 -4.36
C ARG B 954 -26.94 -18.60 -4.34
N ARG B 955 -25.94 -18.53 -5.23
CA ARG B 955 -25.04 -17.38 -5.23
C ARG B 955 -25.79 -16.07 -5.37
N ASP B 956 -26.88 -16.05 -6.15
CA ASP B 956 -27.64 -14.82 -6.30
CA ASP B 956 -27.61 -14.80 -6.29
C ASP B 956 -28.32 -14.38 -5.01
N ASP B 957 -28.40 -15.27 -4.02
CA ASP B 957 -28.99 -14.96 -2.74
C ASP B 957 -27.95 -14.62 -1.69
N LEU B 958 -26.70 -14.42 -2.09
CA LEU B 958 -25.63 -14.20 -1.12
C LEU B 958 -25.93 -13.00 -0.22
N ASP B 959 -26.39 -11.90 -0.80
CA ASP B 959 -26.64 -10.72 0.03
C ASP B 959 -27.73 -10.99 1.05
N ARG B 960 -28.79 -11.67 0.64
CA ARG B 960 -29.84 -12.05 1.58
C ARG B 960 -29.30 -13.00 2.65
N LEU B 961 -28.41 -13.91 2.26
CA LEU B 961 -27.80 -14.80 3.24
C LEU B 961 -27.04 -14.02 4.30
N VAL B 962 -26.29 -13.02 3.88
CA VAL B 962 -25.59 -12.17 4.84
C VAL B 962 -26.59 -11.52 5.79
N ASP B 963 -27.72 -11.04 5.24
CA ASP B 963 -28.77 -10.52 6.11
C ASP B 963 -29.23 -11.56 7.11
N ASP B 964 -29.39 -12.79 6.65
CA ASP B 964 -29.87 -13.84 7.54
C ASP B 964 -28.88 -14.10 8.66
N VAL B 965 -27.57 -14.08 8.35
CA VAL B 965 -26.57 -14.23 9.39
C VAL B 965 -26.67 -13.08 10.38
N ASN B 966 -26.79 -11.84 9.87
CA ASN B 966 -26.87 -10.69 10.76
C ASN B 966 -28.15 -10.70 11.58
N ALA B 967 -29.21 -11.31 11.04
CA ALA B 967 -30.53 -11.23 11.64
C ALA B 967 -30.63 -11.97 12.96
N THR B 968 -29.65 -12.82 13.30
CA THR B 968 -29.70 -13.49 14.59
C THR B 968 -29.53 -12.50 15.73
N GLY B 969 -28.94 -11.34 15.44
CA GLY B 969 -28.63 -10.36 16.46
C GLY B 969 -27.25 -10.52 17.05
N TYR B 970 -26.61 -11.66 16.79
CA TYR B 970 -25.24 -11.88 17.24
C TYR B 970 -24.27 -11.29 16.22
N GLY B 971 -23.01 -11.22 16.59
CA GLY B 971 -22.00 -10.69 15.71
C GLY B 971 -20.64 -10.90 16.28
N LEU B 972 -20.26 -12.16 16.50
CA LEU B 972 -18.99 -12.49 17.13
C LEU B 972 -18.00 -12.86 16.04
N THR B 973 -17.95 -14.13 15.64
CA THR B 973 -17.02 -14.53 14.60
C THR B 973 -17.77 -14.83 13.31
N PHE B 974 -17.04 -14.71 12.20
CA PHE B 974 -17.61 -14.97 10.90
C PHE B 974 -16.49 -15.37 9.95
N GLY B 975 -16.72 -16.42 9.17
CA GLY B 975 -15.74 -16.87 8.20
C GLY B 975 -16.27 -16.80 6.77
N LEU B 976 -15.35 -16.59 5.85
CA LEU B 976 -15.68 -16.61 4.44
C LEU B 976 -14.58 -17.38 3.73
N HIS B 977 -14.97 -18.39 2.98
CA HIS B 977 -14.04 -19.13 2.12
C HIS B 977 -14.41 -18.84 0.68
N THR B 978 -13.51 -18.14 0.00
CA THR B 978 -13.68 -17.80 -1.40
C THR B 978 -12.34 -17.36 -1.94
N ARG B 979 -12.14 -17.55 -3.23
CA ARG B 979 -10.95 -17.02 -3.86
C ARG B 979 -11.21 -15.68 -4.54
N LEU B 980 -12.42 -15.17 -4.48
CA LEU B 980 -12.86 -14.09 -5.36
C LEU B 980 -12.93 -12.78 -4.60
N ASP B 981 -12.14 -11.80 -5.04
CA ASP B 981 -12.07 -10.54 -4.34
C ASP B 981 -13.42 -9.82 -4.28
N GLU B 982 -14.24 -9.95 -5.33
CA GLU B 982 -15.52 -9.26 -5.28
C GLU B 982 -16.39 -9.84 -4.19
N THR B 983 -16.36 -11.16 -4.03
CA THR B 983 -17.13 -11.79 -2.98
C THR B 983 -16.61 -11.38 -1.60
N ILE B 984 -15.28 -11.29 -1.47
CA ILE B 984 -14.69 -10.84 -0.20
C ILE B 984 -15.16 -9.44 0.12
N ALA B 985 -15.08 -8.54 -0.87
CA ALA B 985 -15.46 -7.16 -0.62
C ALA B 985 -16.94 -7.07 -0.26
N HIS B 986 -17.78 -7.79 -1.01
CA HIS B 986 -19.21 -7.75 -0.77
C HIS B 986 -19.51 -8.27 0.65
N VAL B 987 -19.05 -9.47 0.94
CA VAL B 987 -19.43 -10.11 2.19
C VAL B 987 -18.87 -9.34 3.38
N THR B 988 -17.60 -8.95 3.32
CA THR B 988 -17.05 -8.24 4.47
C THR B 988 -17.65 -6.85 4.62
N SER B 989 -18.14 -6.22 3.55
CA SER B 989 -18.79 -4.92 3.69
C SER B 989 -20.18 -5.02 4.31
N ARG B 990 -20.81 -6.20 4.26
CA ARG B 990 -22.19 -6.36 4.67
C ARG B 990 -22.37 -7.14 5.97
N ILE B 991 -21.42 -8.01 6.31
CA ILE B 991 -21.51 -8.77 7.56
C ILE B 991 -21.27 -7.82 8.73
N LYS B 992 -21.91 -8.11 9.85
CA LYS B 992 -21.77 -7.28 11.04
C LYS B 992 -21.28 -8.18 12.16
N ALA B 993 -19.98 -8.46 12.15
CA ALA B 993 -19.38 -9.27 13.19
C ALA B 993 -18.05 -8.66 13.57
N GLY B 994 -17.63 -8.91 14.81
CA GLY B 994 -16.43 -8.28 15.30
C GLY B 994 -15.15 -8.94 14.86
N ASN B 995 -15.19 -10.21 14.51
CA ASN B 995 -14.00 -10.95 14.12
C ASN B 995 -14.30 -11.69 12.83
N LEU B 996 -13.64 -11.29 11.77
CA LEU B 996 -13.83 -11.88 10.45
C LEU B 996 -12.60 -12.68 10.10
N TYR B 997 -12.80 -13.76 9.34
CA TYR B 997 -11.72 -14.66 8.98
C TYR B 997 -11.93 -15.06 7.54
N ILE B 998 -10.90 -14.91 6.74
CA ILE B 998 -11.00 -15.18 5.33
C ILE B 998 -10.08 -16.34 5.00
N ASN B 999 -10.66 -17.44 4.50
CA ASN B 999 -9.92 -18.60 4.03
C ASN B 999 -9.11 -19.26 5.15
N ARG B 1000 -9.70 -19.30 6.34
CA ARG B 1000 -9.08 -19.95 7.48
C ARG B 1000 -10.19 -20.30 8.46
N ASN B 1001 -9.80 -20.90 9.59
CA ASN B 1001 -10.80 -21.19 10.62
C ASN B 1001 -11.25 -19.89 11.28
N ILE B 1002 -12.31 -19.97 12.06
CA ILE B 1002 -12.90 -18.78 12.65
C ILE B 1002 -12.68 -18.70 14.16
N ILE B 1003 -11.68 -19.40 14.67
CA ILE B 1003 -11.49 -19.44 16.11
C ILE B 1003 -10.28 -18.64 16.57
N GLY B 1004 -9.68 -17.85 15.69
CA GLY B 1004 -8.49 -17.09 16.03
C GLY B 1004 -8.80 -15.94 16.97
N ALA B 1005 -8.10 -15.91 18.08
CA ALA B 1005 -8.22 -14.83 19.03
C ALA B 1005 -6.85 -14.44 19.52
N VAL B 1006 -5.86 -14.47 18.62
CA VAL B 1006 -4.50 -14.21 19.05
C VAL B 1006 -4.42 -12.80 19.58
N VAL B 1007 -4.01 -12.68 20.84
CA VAL B 1007 -3.99 -11.40 21.52
C VAL B 1007 -3.16 -10.39 20.74
N GLY B 1008 -3.74 -9.20 20.54
CA GLY B 1008 -3.04 -8.15 19.82
C GLY B 1008 -2.87 -8.40 18.34
N VAL B 1009 -3.40 -9.51 17.82
CA VAL B 1009 -3.32 -9.85 16.40
C VAL B 1009 -4.71 -9.99 15.81
N GLN B 1010 -5.58 -10.78 16.46
CA GLN B 1010 -7.02 -10.71 16.29
C GLN B 1010 -7.63 -10.27 17.62
N PRO B 1011 -7.58 -8.97 17.94
CA PRO B 1011 -8.35 -8.48 19.09
C PRO B 1011 -9.76 -9.02 18.96
N PHE B 1012 -10.27 -9.55 20.05
CA PHE B 1012 -11.40 -10.45 19.97
C PHE B 1012 -12.60 -9.86 20.68
N GLY B 1013 -13.74 -9.88 20.02
CA GLY B 1013 -14.98 -9.49 20.65
C GLY B 1013 -15.93 -9.00 19.60
N GLY B 1014 -17.21 -9.14 19.88
CA GLY B 1014 -18.20 -8.80 18.89
C GLY B 1014 -19.17 -7.74 19.30
N ARG B 1015 -20.26 -7.65 18.55
CA ARG B 1015 -21.25 -6.60 18.68
C ARG B 1015 -22.62 -7.23 18.80
N GLY B 1016 -23.64 -6.39 18.92
CA GLY B 1016 -24.99 -6.90 19.06
C GLY B 1016 -25.11 -7.72 20.32
N LEU B 1017 -25.75 -8.89 20.21
CA LEU B 1017 -25.87 -9.79 21.33
C LEU B 1017 -24.55 -10.42 21.74
N SER B 1018 -23.46 -10.16 21.01
CA SER B 1018 -22.18 -10.77 21.29
C SER B 1018 -21.25 -9.93 22.12
N GLY B 1019 -21.53 -8.66 22.36
CA GLY B 1019 -20.60 -7.91 23.19
C GLY B 1019 -20.96 -6.46 23.31
N THR B 1020 -20.46 -5.87 24.41
CA THR B 1020 -20.42 -4.43 24.54
C THR B 1020 -19.14 -3.84 23.99
N GLY B 1021 -18.08 -4.63 23.93
CA GLY B 1021 -16.77 -4.09 23.74
C GLY B 1021 -16.34 -3.37 25.00
N PRO B 1022 -15.14 -2.84 25.00
CA PRO B 1022 -14.13 -2.94 23.95
C PRO B 1022 -13.58 -4.36 23.86
N LYS B 1023 -12.90 -4.68 22.76
CA LYS B 1023 -12.38 -6.02 22.56
C LYS B 1023 -11.28 -6.35 23.53
N ALA B 1024 -11.35 -7.55 24.09
CA ALA B 1024 -10.23 -8.12 24.80
C ALA B 1024 -9.07 -8.33 23.84
N GLY B 1025 -7.85 -8.18 24.35
CA GLY B 1025 -6.69 -8.37 23.51
C GLY B 1025 -6.54 -7.30 22.47
N GLY B 1026 -7.18 -6.16 22.68
CA GLY B 1026 -7.09 -5.03 21.80
C GLY B 1026 -6.75 -3.77 22.57
N PRO B 1027 -6.48 -2.70 21.84
CA PRO B 1027 -5.88 -1.51 22.45
C PRO B 1027 -6.88 -0.62 23.17
N LEU B 1028 -8.19 -0.84 23.04
CA LEU B 1028 -9.16 -0.01 23.74
C LEU B 1028 -9.52 -0.56 25.10
N TYR B 1029 -9.06 -1.76 25.42
CA TYR B 1029 -9.57 -2.51 26.56
C TYR B 1029 -9.21 -1.84 27.88
N LEU B 1030 -7.92 -1.53 28.07
CA LEU B 1030 -7.52 -1.02 29.38
C LEU B 1030 -8.20 0.29 29.70
N GLY B 1031 -8.50 1.09 28.68
CA GLY B 1031 -9.09 2.39 28.91
C GLY B 1031 -10.48 2.33 29.50
N ARG B 1032 -11.13 1.18 29.41
CA ARG B 1032 -12.42 1.02 30.04
C ARG B 1032 -12.31 0.79 31.54
N LEU B 1033 -11.11 0.51 32.04
CA LEU B 1033 -10.91 0.09 33.42
C LEU B 1033 -10.28 1.19 34.24
N VAL B 1034 -10.27 2.42 33.71
CA VAL B 1034 -9.80 3.60 34.40
C VAL B 1034 -10.86 4.67 34.22
N THR B 1035 -10.83 5.69 35.08
CA THR B 1035 -11.89 6.67 35.05
C THR B 1035 -11.73 7.68 33.92
N THR B 1036 -10.51 7.83 33.40
CA THR B 1036 -10.25 8.65 32.23
C THR B 1036 -9.45 7.80 31.27
N ALA B 1037 -9.99 7.55 30.08
CA ALA B 1037 -9.32 6.67 29.14
C ALA B 1037 -8.08 7.35 28.57
N PRO B 1038 -6.97 6.62 28.44
CA PRO B 1038 -5.82 7.15 27.70
C PRO B 1038 -6.07 7.06 26.21
N VAL B 1039 -5.16 7.66 25.46
CA VAL B 1039 -5.13 7.53 24.01
C VAL B 1039 -4.36 6.26 23.69
N PRO B 1040 -4.99 5.24 23.14
CA PRO B 1040 -4.28 3.99 22.90
C PRO B 1040 -3.19 4.17 21.85
N PRO B 1041 -2.20 3.29 21.84
CA PRO B 1041 -1.21 3.31 20.75
C PRO B 1041 -1.92 3.21 19.41
N GLN B 1042 -1.42 3.99 18.46
CA GLN B 1042 -1.88 3.97 17.07
C GLN B 1042 -3.32 4.42 16.90
N HIS B 1043 -3.94 4.98 17.93
CA HIS B 1043 -5.37 5.25 17.89
C HIS B 1043 -5.60 6.66 17.39
N SER B 1044 -5.75 6.80 16.08
CA SER B 1044 -6.07 8.07 15.46
C SER B 1044 -6.58 7.77 14.07
N SER B 1045 -7.12 8.79 13.43
CA SER B 1045 -7.53 8.67 12.04
C SER B 1045 -7.43 10.03 11.39
N VAL B 1046 -7.02 10.06 10.11
CA VAL B 1046 -6.99 11.32 9.40
C VAL B 1046 -8.33 11.68 8.79
N HIS B 1047 -9.32 10.80 8.91
CA HIS B 1047 -10.60 11.06 8.31
CA HIS B 1047 -10.64 11.00 8.33
C HIS B 1047 -11.50 11.81 9.27
N THR B 1048 -12.26 12.74 8.72
CA THR B 1048 -13.23 13.49 9.49
C THR B 1048 -14.61 13.17 8.95
N ASP B 1049 -15.51 12.81 9.85
CA ASP B 1049 -16.85 12.48 9.41
C ASP B 1049 -17.49 13.70 8.74
N PRO B 1050 -18.05 13.55 7.55
CA PRO B 1050 -18.55 14.75 6.85
C PRO B 1050 -19.82 15.30 7.45
N VAL B 1051 -20.62 14.45 8.09
CA VAL B 1051 -21.82 14.94 8.76
C VAL B 1051 -21.44 15.73 10.00
N LEU B 1052 -20.44 15.26 10.73
CA LEU B 1052 -19.86 16.06 11.80
C LEU B 1052 -19.46 17.45 11.29
N LEU B 1053 -18.77 17.50 10.15
CA LEU B 1053 -18.36 18.79 9.60
C LEU B 1053 -19.57 19.67 9.30
N ASP B 1054 -20.63 19.09 8.73
CA ASP B 1054 -21.82 19.89 8.44
C ASP B 1054 -22.48 20.35 9.74
N PHE B 1055 -22.44 19.52 10.78
CA PHE B 1055 -23.00 19.90 12.05
C PHE B 1055 -22.21 21.06 12.65
N ALA B 1056 -20.89 21.02 12.57
CA ALA B 1056 -20.08 22.11 13.09
C ALA B 1056 -20.40 23.42 12.40
N LYS B 1057 -20.56 23.40 11.08
CA LYS B 1057 -20.91 24.62 10.36
C LYS B 1057 -22.26 25.14 10.80
N TRP B 1058 -23.23 24.24 10.98
CA TRP B 1058 -24.54 24.63 11.47
C TRP B 1058 -24.43 25.27 12.86
N LEU B 1059 -23.66 24.66 13.76
CA LEU B 1059 -23.44 25.27 15.06
C LEU B 1059 -22.81 26.65 14.92
N ASP B 1060 -21.79 26.76 14.06
CA ASP B 1060 -21.17 28.05 13.77
C ASP B 1060 -22.24 29.09 13.42
N GLY B 1061 -23.11 28.74 12.46
CA GLY B 1061 -24.11 29.69 12.01
C GLY B 1061 -25.07 30.13 13.10
N LYS B 1062 -25.32 29.26 14.08
CA LYS B 1062 -26.17 29.59 15.22
C LYS B 1062 -25.45 30.37 16.29
N GLY B 1063 -24.15 30.60 16.14
CA GLY B 1063 -23.39 31.22 17.21
C GLY B 1063 -23.10 30.33 18.39
N ALA B 1064 -23.38 29.03 18.28
CA ALA B 1064 -23.06 28.07 19.34
C ALA B 1064 -21.56 27.78 19.28
N ARG B 1065 -20.78 28.77 19.72
CA ARG B 1065 -19.34 28.77 19.45
C ARG B 1065 -18.64 27.65 20.22
N ALA B 1066 -18.93 27.51 21.50
CA ALA B 1066 -18.31 26.44 22.28
C ALA B 1066 -18.66 25.08 21.71
N GLU B 1067 -19.93 24.90 21.30
CA GLU B 1067 -20.36 23.60 20.79
C GLU B 1067 -19.71 23.31 19.44
N ALA B 1068 -19.62 24.32 18.57
CA ALA B 1068 -18.94 24.13 17.29
C ALA B 1068 -17.48 23.74 17.51
N GLU B 1069 -16.82 24.37 18.47
CA GLU B 1069 -15.44 24.00 18.80
C GLU B 1069 -15.38 22.56 19.29
N ALA B 1070 -16.28 22.18 20.20
CA ALA B 1070 -16.31 20.81 20.66
C ALA B 1070 -16.56 19.85 19.49
N ALA B 1071 -17.41 20.25 18.55
CA ALA B 1071 -17.68 19.39 17.40
C ALA B 1071 -16.43 19.21 16.56
N ARG B 1072 -15.73 20.30 16.25
CA ARG B 1072 -14.50 20.19 15.46
CA ARG B 1072 -14.50 20.18 15.46
C ARG B 1072 -13.47 19.34 16.19
N ASN B 1073 -13.32 19.54 17.50
CA ASN B 1073 -12.38 18.75 18.26
C ASN B 1073 -12.74 17.27 18.24
N ALA B 1074 -14.02 16.96 18.38
CA ALA B 1074 -14.45 15.57 18.30
C ALA B 1074 -14.16 15.00 16.92
N GLY B 1075 -14.45 15.78 15.88
CA GLY B 1075 -14.16 15.32 14.53
C GLY B 1075 -12.70 14.94 14.36
N SER B 1076 -11.80 15.71 14.97
CA SER B 1076 -10.37 15.44 14.82
C SER B 1076 -9.93 14.29 15.72
N SER B 1077 -10.41 14.23 16.95
CA SER B 1077 -9.95 13.22 17.91
CA SER B 1077 -9.89 13.20 17.85
C SER B 1077 -10.52 11.85 17.61
N SER B 1078 -11.70 11.80 16.99
CA SER B 1078 -12.32 10.54 16.62
C SER B 1078 -11.33 9.69 15.83
N ALA B 1079 -11.32 8.39 16.12
CA ALA B 1079 -10.48 7.46 15.39
C ALA B 1079 -11.27 6.68 14.38
N LEU B 1080 -12.51 7.09 14.12
CA LEU B 1080 -13.30 6.48 13.05
C LEU B 1080 -12.50 6.47 11.77
N GLY B 1081 -12.42 5.29 11.16
CA GLY B 1081 -11.67 5.15 9.92
C GLY B 1081 -10.27 4.63 10.10
N LEU B 1082 -9.81 4.46 11.34
CA LEU B 1082 -8.54 3.80 11.57
CA LEU B 1082 -8.54 3.80 11.57
C LEU B 1082 -8.54 2.46 10.86
N ASP B 1083 -7.43 2.14 10.20
CA ASP B 1083 -7.38 0.95 9.37
C ASP B 1083 -5.93 0.49 9.39
N LEU B 1084 -5.62 -0.46 10.26
CA LEU B 1084 -4.27 -0.86 10.57
C LEU B 1084 -4.06 -2.33 10.22
N GLU B 1085 -2.84 -2.66 9.83
CA GLU B 1085 -2.40 -4.04 9.81
C GLU B 1085 -1.56 -4.29 11.05
N LEU B 1086 -1.92 -5.31 11.80
CA LEU B 1086 -1.26 -5.65 13.05
C LEU B 1086 -0.15 -6.66 12.79
N PRO B 1087 0.96 -6.53 13.51
CA PRO B 1087 2.05 -7.51 13.37
C PRO B 1087 1.59 -8.90 13.74
N GLY B 1088 2.03 -9.89 12.97
CA GLY B 1088 1.65 -11.25 13.21
C GLY B 1088 2.48 -12.18 12.38
N PRO B 1089 2.00 -13.41 12.22
CA PRO B 1089 2.76 -14.39 11.44
C PRO B 1089 2.74 -14.07 9.96
N VAL B 1090 3.75 -14.60 9.27
CA VAL B 1090 3.74 -14.55 7.83
C VAL B 1090 2.57 -15.35 7.30
N GLY B 1091 2.20 -15.10 6.06
CA GLY B 1091 1.12 -15.84 5.44
C GLY B 1091 -0.24 -15.47 5.95
N GLU B 1092 -0.36 -14.35 6.65
CA GLU B 1092 -1.62 -13.90 7.18
C GLU B 1092 -1.57 -12.38 7.19
N ARG B 1093 -2.71 -11.76 6.92
CA ARG B 1093 -2.86 -10.32 7.09
C ARG B 1093 -3.91 -10.12 8.15
N ASN B 1094 -3.54 -9.46 9.22
CA ASN B 1094 -4.42 -9.28 10.38
C ASN B 1094 -4.70 -7.81 10.48
N LEU B 1095 -5.95 -7.43 10.20
CA LEU B 1095 -6.36 -6.06 10.06
C LEU B 1095 -7.25 -5.67 11.22
N TYR B 1096 -7.19 -4.39 11.56
CA TYR B 1096 -7.93 -3.85 12.69
C TYR B 1096 -8.46 -2.51 12.25
N THR B 1097 -9.77 -2.34 12.33
CA THR B 1097 -10.41 -1.16 11.76
C THR B 1097 -11.45 -0.65 12.74
N LEU B 1098 -11.66 0.66 12.73
CA LEU B 1098 -12.65 1.29 13.58
C LEU B 1098 -13.76 1.85 12.72
N HIS B 1099 -14.96 1.39 12.98
CA HIS B 1099 -16.17 1.76 12.25
C HIS B 1099 -17.10 2.46 13.21
N ALA B 1100 -18.15 3.07 12.66
CA ALA B 1100 -19.20 3.58 13.52
C ALA B 1100 -19.83 2.43 14.30
N ARG B 1101 -20.30 2.75 15.51
CA ARG B 1101 -21.06 1.79 16.29
C ARG B 1101 -22.40 1.48 15.65
N GLY B 1102 -23.05 2.48 15.08
CA GLY B 1102 -24.38 2.30 14.53
C GLY B 1102 -25.26 3.47 14.92
N ARG B 1103 -26.38 3.19 15.58
CA ARG B 1103 -27.26 4.23 16.07
C ARG B 1103 -27.11 4.34 17.57
N ILE B 1104 -26.84 5.55 18.04
CA ILE B 1104 -26.60 5.82 19.44
C ILE B 1104 -27.85 6.46 20.02
N LEU B 1105 -28.30 5.95 21.16
CA LEU B 1105 -29.40 6.57 21.89
C LEU B 1105 -28.87 7.79 22.63
N LEU B 1106 -29.44 8.95 22.36
CA LEU B 1106 -29.05 10.18 23.03
C LEU B 1106 -30.14 10.54 24.02
N VAL B 1107 -29.75 10.73 25.28
CA VAL B 1107 -30.69 11.12 26.30
C VAL B 1107 -30.17 12.44 26.86
N PRO B 1108 -30.43 13.54 26.18
CA PRO B 1108 -29.95 14.83 26.67
C PRO B 1108 -30.88 15.40 27.72
N ALA B 1109 -30.36 16.38 28.45
CA ALA B 1109 -31.16 17.21 29.33
C ALA B 1109 -31.25 18.64 28.84
N THR B 1110 -30.18 19.17 28.27
CA THR B 1110 -30.12 20.56 27.85
C THR B 1110 -29.74 20.64 26.39
N GLU B 1111 -30.02 21.80 25.79
CA GLU B 1111 -29.67 22.01 24.41
C GLU B 1111 -28.17 21.86 24.18
N SER B 1112 -27.36 22.49 25.02
CA SER B 1112 -25.91 22.36 24.86
C SER B 1112 -25.48 20.92 25.04
N GLY B 1113 -26.06 20.23 26.02
CA GLY B 1113 -25.74 18.82 26.20
C GLY B 1113 -26.05 18.02 24.96
N LEU B 1114 -27.22 18.28 24.36
CA LEU B 1114 -27.58 17.60 23.13
C LEU B 1114 -26.58 17.90 22.02
N TYR B 1115 -26.17 19.16 21.89
CA TYR B 1115 -25.20 19.49 20.84
C TYR B 1115 -23.89 18.74 21.08
N HIS B 1116 -23.44 18.66 22.34
CA HIS B 1116 -22.22 17.92 22.63
C HIS B 1116 -22.40 16.44 22.35
N GLN B 1117 -23.55 15.87 22.72
CA GLN B 1117 -23.79 14.46 22.45
C GLN B 1117 -23.81 14.19 20.95
N LEU B 1118 -24.49 15.05 20.20
CA LEU B 1118 -24.52 14.91 18.75
C LEU B 1118 -23.13 14.99 18.18
N ALA B 1119 -22.31 15.92 18.66
CA ALA B 1119 -20.96 16.06 18.15
C ALA B 1119 -20.19 14.77 18.35
N ALA B 1120 -20.26 14.21 19.56
CA ALA B 1120 -19.54 12.97 19.84
C ALA B 1120 -20.01 11.85 18.92
N ALA B 1121 -21.33 11.69 18.79
CA ALA B 1121 -21.85 10.58 18.01
C ALA B 1121 -21.59 10.76 16.52
N LEU B 1122 -21.78 11.98 16.01
CA LEU B 1122 -21.55 12.20 14.58
C LEU B 1122 -20.08 12.06 14.23
N ALA B 1123 -19.20 12.54 15.10
CA ALA B 1123 -17.77 12.49 14.84
C ALA B 1123 -17.29 11.06 14.72
N THR B 1124 -18.01 10.12 15.32
CA THR B 1124 -17.66 8.72 15.27
C THR B 1124 -18.52 7.95 14.27
N GLY B 1125 -19.20 8.67 13.37
CA GLY B 1125 -19.87 8.09 12.23
C GLY B 1125 -21.25 7.56 12.50
N ASN B 1126 -21.79 7.82 13.67
CA ASN B 1126 -23.03 7.20 14.09
C ASN B 1126 -24.21 8.04 13.66
N SER B 1127 -25.35 7.35 13.57
CA SER B 1127 -26.65 8.02 13.60
C SER B 1127 -27.10 8.05 15.05
N VAL B 1128 -28.18 8.80 15.30
CA VAL B 1128 -28.67 8.94 16.66
C VAL B 1128 -30.18 8.83 16.69
N ALA B 1129 -30.67 8.35 17.82
CA ALA B 1129 -32.06 8.49 18.20
C ALA B 1129 -32.07 9.32 19.47
N ILE B 1130 -32.69 10.48 19.42
CA ILE B 1130 -32.72 11.41 20.53
C ILE B 1130 -34.01 11.18 21.31
N ASP B 1131 -33.88 11.10 22.63
CA ASP B 1131 -35.04 10.95 23.49
C ASP B 1131 -36.02 12.11 23.32
N ALA B 1132 -37.21 11.81 22.81
CA ALA B 1132 -38.21 12.86 22.59
C ALA B 1132 -38.67 13.48 23.90
N ALA B 1133 -38.61 12.72 24.99
CA ALA B 1133 -39.05 13.25 26.28
C ALA B 1133 -38.15 14.37 26.77
N SER B 1134 -36.99 14.58 26.15
CA SER B 1134 -36.13 15.70 26.48
C SER B 1134 -36.78 17.03 26.15
N GLY B 1135 -37.74 17.03 25.22
CA GLY B 1135 -38.40 18.26 24.82
C GLY B 1135 -37.52 19.22 24.04
N LEU B 1136 -36.41 18.74 23.48
CA LEU B 1136 -35.41 19.59 22.86
C LEU B 1136 -35.57 19.69 21.34
N GLN B 1137 -36.72 19.28 20.81
CA GLN B 1137 -36.91 19.25 19.35
C GLN B 1137 -36.61 20.59 18.70
N ALA B 1138 -37.01 21.69 19.35
CA ALA B 1138 -36.80 23.01 18.78
C ALA B 1138 -35.32 23.35 18.65
N SER B 1139 -34.45 22.66 19.37
CA SER B 1139 -33.02 22.95 19.31
C SER B 1139 -32.38 22.52 18.00
N LEU B 1140 -33.06 21.67 17.24
CA LEU B 1140 -32.56 21.21 15.94
C LEU B 1140 -33.32 21.81 14.78
N LYS B 1141 -33.89 23.00 14.97
CA LYS B 1141 -34.58 23.69 13.89
C LYS B 1141 -33.58 24.05 12.80
N ASN B 1142 -33.96 23.83 11.55
CA ASN B 1142 -33.16 24.20 10.38
C ASN B 1142 -31.86 23.42 10.28
N LEU B 1143 -31.83 22.22 10.86
CA LEU B 1143 -30.66 21.37 10.74
C LEU B 1143 -30.43 21.03 9.27
N PRO B 1144 -29.19 21.02 8.79
CA PRO B 1144 -28.92 20.60 7.41
C PRO B 1144 -29.40 19.18 7.18
N GLN B 1145 -29.88 18.92 5.95
CA GLN B 1145 -30.41 17.60 5.62
C GLN B 1145 -29.36 16.51 5.84
N THR B 1146 -28.09 16.82 5.56
CA THR B 1146 -27.04 15.82 5.79
C THR B 1146 -27.02 15.39 7.24
N VAL B 1147 -27.20 16.34 8.15
CA VAL B 1147 -27.23 15.98 9.56
C VAL B 1147 -28.57 15.36 9.92
N GLY B 1148 -29.67 15.93 9.43
CA GLY B 1148 -30.98 15.40 9.75
C GLY B 1148 -31.16 13.95 9.35
N LEU B 1149 -30.52 13.54 8.25
CA LEU B 1149 -30.62 12.15 7.80
C LEU B 1149 -30.11 11.18 8.85
N ARG B 1150 -29.20 11.64 9.72
CA ARG B 1150 -28.63 10.82 10.78
C ARG B 1150 -29.41 10.93 12.09
N VAL B 1151 -30.41 11.80 12.15
CA VAL B 1151 -31.08 12.13 13.40
C VAL B 1151 -32.50 11.60 13.35
N SER B 1152 -32.90 10.87 14.38
CA SER B 1152 -34.29 10.56 14.61
C SER B 1152 -34.61 10.89 16.06
N TRP B 1153 -35.90 11.05 16.33
CA TRP B 1153 -36.39 11.31 17.67
C TRP B 1153 -37.18 10.09 18.10
N SER B 1154 -36.94 9.64 19.32
CA SER B 1154 -37.56 8.41 19.79
C SER B 1154 -38.45 8.72 20.98
N LYS B 1155 -39.73 8.35 20.87
CA LYS B 1155 -40.67 8.31 21.98
C LYS B 1155 -40.84 6.89 22.50
N ASP B 1156 -40.02 5.96 22.05
CA ASP B 1156 -40.16 4.56 22.42
C ASP B 1156 -38.79 3.92 22.19
N TRP B 1157 -37.95 3.94 23.22
CA TRP B 1157 -36.57 3.53 23.01
C TRP B 1157 -36.49 2.05 22.63
N ALA B 1158 -37.31 1.23 23.29
CA ALA B 1158 -37.23 -0.20 23.05
C ALA B 1158 -37.70 -0.57 21.65
N ALA B 1159 -38.68 0.17 21.12
CA ALA B 1159 -39.17 -0.12 19.78
C ALA B 1159 -38.24 0.40 18.69
N ASP B 1160 -37.45 1.42 19.00
CA ASP B 1160 -36.68 2.13 18.00
C ASP B 1160 -35.24 1.64 17.91
N GLY B 1161 -34.85 0.68 18.73
CA GLY B 1161 -33.55 0.07 18.64
C GLY B 1161 -33.49 -0.96 17.54
N PRO B 1162 -32.43 -1.77 17.52
CA PRO B 1162 -31.34 -1.81 18.49
C PRO B 1162 -30.40 -0.64 18.33
N PHE B 1163 -29.92 -0.15 19.45
CA PHE B 1163 -28.88 0.85 19.47
C PHE B 1163 -27.55 0.15 19.72
N ALA B 1164 -26.47 0.93 19.61
CA ALA B 1164 -25.13 0.40 19.82
C ALA B 1164 -24.38 1.19 20.88
N GLY B 1165 -25.10 2.01 21.65
CA GLY B 1165 -24.52 2.79 22.72
C GLY B 1165 -25.51 3.84 23.13
N ALA B 1166 -25.18 4.54 24.21
CA ALA B 1166 -26.06 5.59 24.68
C ALA B 1166 -25.23 6.67 25.34
N LEU B 1167 -25.63 7.91 25.12
CA LEU B 1167 -25.06 9.06 25.81
C LEU B 1167 -26.17 9.70 26.62
N VAL B 1168 -25.89 9.93 27.89
CA VAL B 1168 -26.91 10.39 28.83
C VAL B 1168 -26.38 11.64 29.51
N GLU B 1169 -27.24 12.64 29.65
CA GLU B 1169 -26.93 13.85 30.37
C GLU B 1169 -27.94 13.99 31.52
N GLY B 1170 -27.45 14.29 32.70
CA GLY B 1170 -28.36 14.50 33.81
C GLY B 1170 -27.64 14.46 35.14
N ASP B 1171 -28.40 14.77 36.20
CA ASP B 1171 -27.87 14.62 37.54
C ASP B 1171 -27.84 13.14 37.90
N ALA B 1172 -27.29 12.84 39.08
CA ALA B 1172 -27.09 11.44 39.45
C ALA B 1172 -28.38 10.65 39.38
N GLU B 1173 -29.47 11.19 39.92
CA GLU B 1173 -30.70 10.41 39.94
C GLU B 1173 -31.30 10.25 38.54
N ARG B 1174 -31.16 11.27 37.69
CA ARG B 1174 -31.56 11.11 36.29
C ARG B 1174 -30.73 10.03 35.62
N ILE B 1175 -29.42 10.05 35.84
CA ILE B 1175 -28.55 9.03 35.26
C ILE B 1175 -28.97 7.64 35.73
N ARG B 1176 -29.25 7.47 37.02
CA ARG B 1176 -29.64 6.15 37.50
C ARG B 1176 -30.93 5.70 36.85
N ALA B 1177 -31.92 6.59 36.74
CA ALA B 1177 -33.19 6.22 36.15
C ALA B 1177 -33.03 5.86 34.68
N VAL B 1178 -32.20 6.62 33.96
CA VAL B 1178 -31.99 6.32 32.55
C VAL B 1178 -31.24 5.02 32.39
N ASN B 1179 -30.23 4.81 33.23
CA ASN B 1179 -29.44 3.60 33.16
C ASN B 1179 -30.32 2.38 33.42
N LYS B 1180 -31.23 2.48 34.39
CA LYS B 1180 -32.16 1.37 34.62
C LYS B 1180 -33.03 1.13 33.40
N ALA B 1181 -33.55 2.20 32.79
CA ALA B 1181 -34.39 2.02 31.60
C ALA B 1181 -33.58 1.40 30.47
N ILE B 1182 -32.33 1.82 30.31
CA ILE B 1182 -31.50 1.26 29.25
C ILE B 1182 -31.21 -0.21 29.51
N ALA B 1183 -30.94 -0.57 30.77
CA ALA B 1183 -30.68 -1.97 31.08
C ALA B 1183 -31.88 -2.85 30.77
N ALA B 1184 -33.07 -2.29 30.77
CA ALA B 1184 -34.29 -3.03 30.48
C ALA B 1184 -34.60 -3.10 29.00
N LEU B 1185 -33.82 -2.46 28.15
CA LEU B 1185 -34.11 -2.51 26.72
C LEU B 1185 -33.81 -3.92 26.19
N PRO B 1186 -34.61 -4.42 25.26
CA PRO B 1186 -34.30 -5.70 24.64
C PRO B 1186 -33.10 -5.54 23.72
N GLY B 1187 -32.54 -6.69 23.35
CA GLY B 1187 -31.47 -6.71 22.38
C GLY B 1187 -30.11 -6.53 23.02
N PRO B 1188 -29.21 -5.85 22.32
CA PRO B 1188 -27.84 -5.74 22.80
C PRO B 1188 -27.74 -4.97 24.10
N LEU B 1189 -26.75 -5.33 24.91
CA LEU B 1189 -26.43 -4.56 26.10
C LEU B 1189 -25.72 -3.29 25.67
N LEU B 1190 -26.27 -2.14 26.02
CA LEU B 1190 -25.71 -0.90 25.52
C LEU B 1190 -24.59 -0.39 26.41
N LEU B 1191 -23.52 0.05 25.76
CA LEU B 1191 -22.45 0.74 26.44
C LEU B 1191 -22.89 2.18 26.68
N VAL B 1192 -23.17 2.50 27.94
CA VAL B 1192 -23.75 3.77 28.36
C VAL B 1192 -22.65 4.69 28.86
N GLN B 1193 -22.69 5.94 28.43
CA GLN B 1193 -21.84 6.98 28.96
C GLN B 1193 -22.72 8.09 29.49
N ALA B 1194 -22.48 8.50 30.72
CA ALA B 1194 -23.30 9.52 31.34
C ALA B 1194 -22.41 10.66 31.83
N ALA B 1195 -22.99 11.85 31.85
CA ALA B 1195 -22.30 13.04 32.33
C ALA B 1195 -23.36 14.00 32.81
N SER B 1196 -23.02 14.80 33.80
CA SER B 1196 -23.88 15.90 34.17
C SER B 1196 -23.69 17.05 33.19
N SER B 1197 -24.64 17.98 33.21
CA SER B 1197 -24.52 19.17 32.38
C SER B 1197 -23.24 19.94 32.72
N GLY B 1198 -22.92 20.04 34.00
CA GLY B 1198 -21.70 20.74 34.38
C GLY B 1198 -20.46 20.03 33.89
N GLU B 1199 -20.47 18.70 33.92
CA GLU B 1199 -19.33 17.93 33.43
C GLU B 1199 -19.15 18.15 31.93
N ILE B 1200 -20.25 18.17 31.18
CA ILE B 1200 -20.16 18.44 29.74
C ILE B 1200 -19.53 19.81 29.47
N ALA B 1201 -19.90 20.81 30.29
CA ALA B 1201 -19.37 22.15 30.08
C ALA B 1201 -17.91 22.24 30.47
N ARG B 1202 -17.49 21.48 31.50
CA ARG B 1202 -16.14 21.61 32.05
C ARG B 1202 -15.13 20.69 31.40
N ASN B 1203 -15.56 19.51 30.95
CA ASN B 1203 -14.65 18.43 30.55
C ASN B 1203 -14.83 18.12 29.08
N PRO B 1204 -13.84 18.45 28.23
CA PRO B 1204 -13.95 18.09 26.81
C PRO B 1204 -14.11 16.61 26.56
N ASP B 1205 -13.67 15.77 27.49
CA ASP B 1205 -13.76 14.32 27.34
C ASP B 1205 -14.86 13.73 28.22
N ALA B 1206 -15.89 14.53 28.52
CA ALA B 1206 -17.01 14.02 29.29
C ALA B 1206 -17.59 12.76 28.67
N TYR B 1207 -17.70 12.75 27.34
CA TYR B 1207 -18.05 11.54 26.60
C TYR B 1207 -16.81 11.08 25.84
N CYS B 1208 -16.50 9.80 25.95
CA CYS B 1208 -15.28 9.24 25.40
C CYS B 1208 -15.59 8.67 24.03
N LEU B 1209 -14.85 9.12 23.01
CA LEU B 1209 -15.10 8.65 21.66
C LEU B 1209 -14.59 7.23 21.44
N ASN B 1210 -13.75 6.71 22.34
CA ASN B 1210 -13.27 5.35 22.20
C ASN B 1210 -14.43 4.37 22.18
N TRP B 1211 -15.51 4.68 22.89
CA TRP B 1211 -16.61 3.73 23.03
C TRP B 1211 -17.67 3.92 21.96
N LEU B 1212 -17.52 4.93 21.11
CA LEU B 1212 -18.51 5.26 20.11
C LEU B 1212 -18.13 4.74 18.74
N VAL B 1213 -17.03 4.02 18.64
CA VAL B 1213 -16.67 3.31 17.43
C VAL B 1213 -16.73 1.83 17.73
N GLU B 1214 -16.91 1.03 16.67
CA GLU B 1214 -16.86 -0.42 16.75
C GLU B 1214 -15.55 -0.91 16.16
N GLU B 1215 -14.86 -1.77 16.91
CA GLU B 1215 -13.67 -2.42 16.41
C GLU B 1215 -14.05 -3.63 15.59
N VAL B 1216 -13.38 -3.80 14.45
CA VAL B 1216 -13.53 -5.00 13.64
C VAL B 1216 -12.14 -5.54 13.36
N SER B 1217 -11.94 -6.82 13.63
CA SER B 1217 -10.72 -7.52 13.31
C SER B 1217 -10.99 -8.43 12.12
N ALA B 1218 -10.08 -8.45 11.16
CA ALA B 1218 -10.21 -9.35 10.04
C ALA B 1218 -8.88 -10.06 9.87
N SER B 1219 -8.91 -11.39 9.83
CA SER B 1219 -7.71 -12.18 9.65
C SER B 1219 -7.82 -12.91 8.32
N ILE B 1220 -6.92 -12.60 7.40
CA ILE B 1220 -6.94 -13.15 6.06
C ILE B 1220 -5.76 -14.09 5.93
N ASN B 1221 -6.03 -15.34 5.59
CA ASN B 1221 -4.97 -16.30 5.29
C ASN B 1221 -4.48 -16.03 3.87
N THR B 1222 -3.30 -15.44 3.75
CA THR B 1222 -2.74 -15.10 2.45
C THR B 1222 -1.87 -16.20 1.87
N ALA B 1223 -1.80 -17.35 2.54
CA ALA B 1223 -1.15 -18.53 2.00
C ALA B 1223 -2.14 -19.51 1.40
N ALA B 1224 -3.43 -19.14 1.33
CA ALA B 1224 -4.48 -20.12 1.02
C ALA B 1224 -4.39 -20.63 -0.42
N ALA B 1225 -3.73 -19.90 -1.32
CA ALA B 1225 -3.58 -20.35 -2.70
C ALA B 1225 -2.46 -21.37 -2.88
N GLY B 1226 -1.73 -21.71 -1.82
CA GLY B 1226 -0.67 -22.70 -1.90
C GLY B 1226 0.72 -22.18 -1.57
N GLY B 1227 0.89 -20.90 -1.29
CA GLY B 1227 2.19 -20.35 -0.96
C GLY B 1227 2.05 -18.91 -0.52
N ASN B 1228 3.20 -18.31 -0.21
CA ASN B 1228 3.27 -16.94 0.31
C ASN B 1228 3.91 -16.04 -0.74
N ALA B 1229 3.19 -14.98 -1.11
CA ALA B 1229 3.74 -14.01 -2.07
C ALA B 1229 4.91 -13.24 -1.48
N SER B 1230 4.75 -12.75 -0.24
CA SER B 1230 5.79 -11.92 0.37
C SER B 1230 7.08 -12.69 0.56
N LEU B 1231 6.98 -13.95 1.01
CA LEU B 1231 8.18 -14.72 1.31
C LEU B 1231 8.88 -15.25 0.07
N MET B 1232 8.26 -15.16 -1.11
CA MET B 1232 8.99 -15.44 -2.35
C MET B 1232 10.15 -14.49 -2.53
N ALA B 1233 9.98 -13.23 -2.12
CA ALA B 1233 11.04 -12.23 -2.20
C ALA B 1233 12.00 -12.28 -1.01
N ILE B 1234 11.81 -13.21 -0.09
CA ILE B 1234 12.65 -13.34 1.10
C ILE B 1234 13.59 -14.51 0.89
N GLY B 1235 14.87 -14.21 0.61
CA GLY B 1235 15.88 -15.23 0.42
C GLY B 1235 17.09 -14.99 1.29
PA FAD C . 28.45 9.96 0.42
O1A FAD C . 27.46 9.12 1.28
O2A FAD C . 29.74 9.43 0.04
O5B FAD C . 27.87 10.44 -0.85
C5B FAD C . 26.46 10.70 -0.93
C4B FAD C . 26.20 11.42 -2.25
O4B FAD C . 26.18 10.52 -3.31
C3B FAD C . 24.91 12.15 -2.36
O3B FAD C . 24.91 13.37 -1.67
C2B FAD C . 24.80 12.32 -3.83
O2B FAD C . 25.59 13.36 -4.32
C1B FAD C . 25.40 11.06 -4.32
N9A FAD C . 24.43 10.05 -4.69
C8A FAD C . 23.54 9.42 -3.83
N7A FAD C . 22.82 8.54 -4.54
C5A FAD C . 23.22 8.57 -5.87
C6A FAD C . 22.84 7.89 -7.02
N6A FAD C . 21.81 6.88 -7.01
N1A FAD C . 23.45 8.17 -8.16
C2A FAD C . 24.44 9.10 -8.25
N3A FAD C . 24.84 9.78 -7.15
C4A FAD C . 24.25 9.53 -5.97
N1 FAD C . 26.44 19.98 -2.51
C2 FAD C . 25.99 20.85 -3.54
O2 FAD C . 25.18 20.41 -4.47
N3 FAD C . 26.39 22.16 -3.57
C4 FAD C . 27.23 22.66 -2.62
O4 FAD C . 27.61 23.95 -2.72
C4X FAD C . 27.75 21.80 -1.54
N5 FAD C . 28.62 22.24 -0.57
C5X FAD C . 29.09 21.34 0.39
C6 FAD C . 29.97 21.74 1.38
C7 FAD C . 30.44 20.84 2.33
C7M FAD C . 31.41 21.30 3.37
C8 FAD C . 30.02 19.51 2.33
C8M FAD C . 30.51 18.54 3.36
C9 FAD C . 29.12 19.10 1.34
C9A FAD C . 28.67 20.01 0.39
N10 FAD C . 27.75 19.55 -0.58
C10 FAD C . 27.29 20.43 -1.56
C1' FAD C . 27.39 18.13 -0.65
C2' FAD C . 26.04 17.62 -0.31
O2' FAD C . 25.44 18.51 0.53
C3' FAD C . 26.36 16.27 0.37
O3' FAD C . 26.95 16.55 1.57
C4' FAD C . 27.33 15.37 -0.36
O4' FAD C . 26.96 15.16 -1.68
C5' FAD C . 27.44 14.05 0.40
O5' FAD C . 28.57 13.35 -0.08
P FAD C . 29.54 12.61 0.95
O1P FAD C . 29.81 13.37 2.28
O2P FAD C . 30.76 12.25 0.03
O3P FAD C . 28.79 11.18 1.17
C1 PGE D . -12.19 6.20 -3.96
O1 PGE D . -11.51 4.97 -3.74
C2 PGE D . -13.25 6.03 -5.02
O2 PGE D . -14.28 5.19 -4.52
C3 PGE D . -15.58 5.71 -4.64
C4 PGE D . -16.65 4.83 -4.06
O4 PGE D . -14.87 1.51 -1.48
C6 PGE D . -15.93 2.43 -1.37
C5 PGE D . -16.29 2.90 -2.78
O3 PGE D . -16.26 4.30 -2.82
C FMT E . 7.70 40.16 -38.93
O1 FMT E . 7.32 39.22 -39.65
O2 FMT E . 8.84 40.65 -38.80
C FMT F . 18.29 17.50 -23.54
O1 FMT F . 17.72 16.45 -23.88
O2 FMT F . 19.35 18.02 -23.99
C02 A1BDV G . 26.09 21.01 2.80
C03 A1BDV G . 25.74 21.96 1.64
C04 A1BDV G . 26.45 23.15 1.50
C05 A1BDV G . 26.14 24.01 0.47
C06 A1BDV G . 25.11 23.70 -0.44
C08 A1BDV G . 23.72 23.55 -2.22
C10 A1BDV G . 24.41 22.53 -0.31
C11 A1BDV G . 24.72 21.64 0.75
O01 A1BDV G . 24.89 20.61 3.39
O07 A1BDV G . 24.61 24.40 -1.57
O09 A1BDV G . 23.44 22.48 -1.34
PA NAD H . -14.51 29.41 -27.37
O1A NAD H . -15.76 28.89 -26.62
O2A NAD H . -14.44 30.84 -27.61
O5B NAD H . -14.26 28.83 -28.72
C5B NAD H . -13.99 27.46 -28.86
C4B NAD H . -14.37 26.87 -30.22
O4B NAD H . -15.77 26.88 -30.41
C3B NAD H . -13.75 27.57 -31.40
O3B NAD H . -13.28 26.67 -32.35
C2B NAD H . -14.85 28.44 -31.85
O2B NAD H . -14.71 28.84 -33.18
C1B NAD H . -15.99 27.54 -31.64
N9A NAD H . -17.30 28.16 -31.58
C8A NAD H . -17.66 29.42 -31.15
N7A NAD H . -18.98 29.56 -31.22
C5A NAD H . -19.54 28.38 -31.70
C6A NAD H . -20.82 27.94 -31.98
N6A NAD H . -21.95 28.79 -31.78
N1A NAD H . -20.99 26.70 -32.44
C2A NAD H . -19.97 25.83 -32.65
N3A NAD H . -18.70 26.23 -32.39
C4A NAD H . -18.48 27.48 -31.93
O3 NAD H . -13.25 29.16 -26.59
PN NAD H . -11.73 29.62 -26.77
O1N NAD H . -11.66 31.07 -26.42
O2N NAD H . -11.18 29.23 -28.11
O5D NAD H . -11.00 28.79 -25.64
C5D NAD H . -11.02 29.21 -24.30
C4D NAD H . -12.01 28.43 -23.46
O4D NAD H . -11.81 27.05 -23.58
C3D NAD H . -11.93 28.78 -22.02
O3D NAD H . -13.18 28.94 -21.50
C2D NAD H . -11.28 27.60 -21.43
O2D NAD H . -11.55 27.41 -20.07
C1D NAD H . -11.85 26.52 -22.28
N1N NAD H . -11.00 25.37 -22.27
C2N NAD H . -11.38 24.20 -21.56
C3N NAD H . -10.50 23.13 -21.59
C7N NAD H . -10.80 21.86 -20.88
O7N NAD H . -10.04 20.91 -21.00
N7N NAD H . -11.94 21.80 -20.05
C4N NAD H . -9.29 23.22 -22.31
C5N NAD H . -8.91 24.41 -22.97
C6N NAD H . -9.78 25.48 -22.94
S SO4 I . -5.66 -4.84 -17.75
O1 SO4 I . -6.53 -4.68 -16.54
O2 SO4 I . -4.24 -4.85 -17.31
O3 SO4 I . -5.97 -6.16 -18.42
O4 SO4 I . -5.98 -3.71 -18.67
S SO4 J . -37.98 -0.90 -29.55
O1 SO4 J . -38.68 -0.30 -28.37
O2 SO4 J . -36.56 -0.39 -29.60
O3 SO4 J . -37.97 -2.39 -29.42
O4 SO4 J . -38.69 -0.50 -30.81
S SO4 K . -46.52 -2.48 -4.76
O1 SO4 K . -46.10 -2.30 -3.34
O2 SO4 K . -45.58 -1.74 -5.67
O3 SO4 K . -46.52 -3.94 -5.10
O4 SO4 K . -47.90 -1.92 -4.94
S SO4 L . -6.43 31.41 11.42
O1 SO4 L . -7.63 30.60 11.05
O2 SO4 L . -5.82 30.82 12.65
O3 SO4 L . -5.42 31.41 10.32
O4 SO4 L . -6.87 32.83 11.70
S SO4 M . 34.80 -5.73 9.44
O1 SO4 M . 33.59 -4.98 9.90
O2 SO4 M . 35.99 -5.25 10.21
O3 SO4 M . 34.62 -7.19 9.69
O4 SO4 M . 34.99 -5.53 7.96
MG MG N . -14.46 32.68 -28.68
PA FAD O . 16.79 -23.39 -5.87
O1A FAD O . 16.22 -22.08 -6.42
O2A FAD O . 18.23 -23.63 -5.83
O5B FAD O . 16.42 -23.70 -4.45
C5B FAD O . 15.12 -23.33 -4.01
C4B FAD O . 14.85 -23.88 -2.62
O4B FAD O . 15.52 -23.17 -1.61
C3B FAD O . 13.40 -23.78 -2.23
O3B FAD O . 12.58 -24.72 -2.85
C2B FAD O . 13.49 -23.98 -0.77
O2B FAD O . 13.76 -25.28 -0.43
C1B FAD O . 14.72 -23.22 -0.45
N9A FAD O . 14.54 -21.87 0.03
C8A FAD O . 13.95 -20.81 -0.62
N7A FAD O . 14.01 -19.71 0.14
C5A FAD O . 14.65 -20.03 1.34
C6A FAD O . 15.02 -19.32 2.47
N6A FAD O . 14.70 -17.92 2.58
N1A FAD O . 15.64 -19.97 3.46
C2A FAD O . 15.98 -21.27 3.38
N3A FAD O . 15.66 -22.00 2.28
C4A FAD O . 15.01 -21.40 1.27
N1 FAD O . 10.74 -31.30 -2.05
C2 FAD O . 10.13 -31.92 -0.94
O2 FAD O . 9.88 -31.17 0.12
N3 FAD O . 9.79 -33.25 -0.94
C4 FAD O . 10.03 -34.03 -2.02
O4 FAD O . 9.71 -35.35 -1.96
C4X FAD O . 10.67 -33.44 -3.22
N5 FAD O . 10.94 -34.19 -4.33
C5X FAD O . 11.57 -33.57 -5.40
C6 FAD O . 11.87 -34.33 -6.54
C7 FAD O . 12.50 -33.71 -7.61
C7M FAD O . 12.82 -34.50 -8.85
C8 FAD O . 12.83 -32.38 -7.56
C8M FAD O . 13.52 -31.72 -8.71
C9 FAD O . 12.56 -31.62 -6.42
C9A FAD O . 11.92 -32.23 -5.36
N10 FAD O . 11.61 -31.44 -4.22
C10 FAD O . 11.00 -32.05 -3.15
C1' FAD O . 12.08 -30.03 -4.12
C2' FAD O . 11.16 -28.85 -4.26
O2' FAD O . 10.01 -29.22 -4.92
C3' FAD O . 11.93 -27.78 -5.04
O3' FAD O . 12.02 -28.14 -6.36
C4' FAD O . 13.36 -27.54 -4.57
O4' FAD O . 13.36 -27.16 -3.23
C5' FAD O . 14.01 -26.49 -5.45
O5' FAD O . 15.41 -26.49 -5.25
P FAD O . 16.34 -26.14 -6.52
O1P FAD O . 15.85 -26.85 -7.84
O2P FAD O . 17.78 -26.40 -5.98
O3P FAD O . 16.25 -24.55 -6.60
C FMT P . -15.41 -2.09 19.87
O1 FMT P . -15.22 -1.75 21.06
O2 FMT P . -16.39 -2.64 19.29
C1 PGE Q . -14.20 6.75 4.96
O1 PGE Q . -12.79 6.69 4.87
C2 PGE Q . -14.64 6.65 6.40
O2 PGE Q . -14.90 5.31 6.74
C3 PGE Q . -15.07 5.06 8.11
C4 PGE Q . -14.82 3.64 8.53
O4 PGE Q . -11.62 1.82 6.70
C6 PGE Q . -12.68 1.10 7.28
C5 PGE Q . -13.24 1.91 8.44
O3 PGE Q . -13.62 3.18 7.96
OH2 1PE R . -36.27 -28.68 28.86
C12 1PE R . -35.43 -29.27 29.81
C22 1PE R . -34.60 -28.23 30.52
OH3 1PE R . -33.73 -27.57 29.63
C13 1PE R . -32.25 -25.76 29.23
C23 1PE R . -33.23 -26.38 30.18
OH4 1PE R . -32.92 -25.22 28.11
C14 1PE R . -32.79 -23.67 26.26
C24 1PE R . -32.07 -24.34 27.41
OH5 1PE R . -34.01 -24.29 25.98
C15 1PE R . -36.17 -23.43 25.43
C25 1PE R . -34.73 -23.57 25.01
OH6 1PE R . -36.73 -24.69 25.66
C16 1PE R . -38.70 -26.01 25.75
C26 1PE R . -38.14 -24.62 25.70
OH7 1PE R . -37.89 -26.81 26.59
C1 PEG S . -23.67 19.50 37.70
O1 PEG S . -24.22 19.85 36.46
C2 PEG S . -22.26 20.02 37.90
O2 PEG S . -21.35 18.97 38.09
C3 PEG S . -21.85 17.91 38.87
C4 PEG S . -20.92 16.73 38.80
O4 PEG S . -21.68 15.54 38.78
C FMT T . 9.76 -26.36 20.20
O1 FMT T . 10.51 -27.34 20.35
O2 FMT T . 9.85 -25.22 20.64
C02 A1BDV U . 8.77 -31.66 -7.14
C03 A1BDV U . 8.23 -32.35 -5.89
C04 A1BDV U . 8.19 -33.75 -5.86
C05 A1BDV U . 7.71 -34.42 -4.74
C06 A1BDV U . 7.25 -33.68 -3.63
C08 A1BDV U . 6.45 -32.95 -1.64
C10 A1BDV U . 7.29 -32.31 -3.65
C11 A1BDV U . 7.78 -31.62 -4.80
O01 A1BDV U . 7.90 -30.62 -7.47
O07 A1BDV U . 6.73 -34.11 -2.39
O09 A1BDV U . 6.78 -31.84 -2.42
PA NAD V . -22.34 -18.65 31.73
O1A NAD V . -23.14 -17.41 31.34
O2A NAD V . -23.09 -19.87 32.08
O5B NAD V . -21.53 -18.42 32.97
C5B NAD V . -20.50 -17.46 32.94
C4B NAD V . -20.15 -16.96 34.33
O4B NAD V . -21.20 -16.17 34.87
C3B NAD V . -19.81 -18.04 35.32
O3B NAD V . -18.75 -17.65 36.14
C2B NAD V . -21.07 -18.15 36.08
O2B NAD V . -20.94 -18.69 37.36
C1B NAD V . -21.46 -16.73 36.15
N9A NAD V . -22.85 -16.50 36.46
C8A NAD V . -23.94 -17.31 36.18
N7A NAD V . -25.05 -16.69 36.61
C5A NAD V . -24.72 -15.46 37.17
C6A NAD V . -25.40 -14.41 37.73
N6A NAD V . -26.83 -14.49 37.86
N1A NAD V . -24.77 -13.33 38.16
C2A NAD V . -23.43 -13.20 38.07
N3A NAD V . -22.72 -14.21 37.52
C4A NAD V . -23.31 -15.32 37.06
O3 NAD V . -21.34 -19.05 30.68
PN NAD V . -20.44 -20.33 30.45
O1N NAD V . -21.35 -21.51 30.24
O2N NAD V . -19.48 -20.48 31.61
O5D NAD V . -19.62 -19.99 29.16
C5D NAD V . -20.19 -20.14 27.87
C4D NAD V . -20.76 -18.84 27.34
O4D NAD V . -19.74 -17.85 27.33
C3D NAD V . -21.26 -18.99 25.93
O3D NAD V . -22.43 -18.26 25.77
C2D NAD V . -20.14 -18.38 25.17
O2D NAD V . -20.44 -17.92 23.89
C1D NAD V . -19.73 -17.27 26.07
N1N NAD V . -18.40 -16.84 25.78
C2N NAD V . -18.18 -15.60 25.17
C3N NAD V . -16.87 -15.27 24.87
C7N NAD V . -16.55 -13.98 24.21
O7N NAD V . -15.37 -13.64 24.12
N7N NAD V . -17.57 -13.18 23.65
C4N NAD V . -15.82 -16.11 25.27
C5N NAD V . -16.06 -17.38 25.85
C6N NAD V . -17.37 -17.72 26.13
S SO4 W . 2.04 5.30 18.30
O1 SO4 W . 1.44 4.42 19.36
O2 SO4 W . 2.65 6.49 18.97
O3 SO4 W . 3.08 4.55 17.54
O4 SO4 W . 0.94 5.75 17.42
MG MG X . -23.53 -21.57 33.23
C1 PEG Y . -4.08 -9.84 55.95
O1 PEG Y . -3.43 -8.85 56.72
C2 PEG Y . -3.16 -11.03 55.78
O2 PEG Y . -2.88 -11.24 54.42
C3 PEG Y . -1.50 -11.37 54.16
C4 PEG Y . -1.11 -10.69 52.87
O4 PEG Y . 0.28 -10.51 52.84
#